data_3KLE
#
_entry.id   3KLE
#
_cell.length_a   78.738
_cell.length_b   283.330
_cell.length_c   155.233
_cell.angle_alpha   90.00
_cell.angle_beta   89.73
_cell.angle_gamma   90.00
#
_symmetry.space_group_name_H-M   'P 1 21 1'
#
loop_
_entity.id
_entity.type
_entity.pdbx_description
1 polymer 'Reverse transcriptase/ribonuclease H'
2 polymer 'p51 RT'
3 polymer 'DNA (25-MER)'
4 polymer "DNA (5'-D(*AP*CP*AP*GP*TP*CP*CP*CP*TP*GP*TP*TP*CP*GP*GP*(MRG)P*CP*GP*CP*CP*(2DA))-3')"
5 branched alpha-D-fructofuranose-(2-1)-alpha-D-glucopyranose
6 non-polymer 'MAGNESIUM ION'
7 non-polymer '[[[[(2R,3S,4R,5R)-5-(6-aminopurin-9-yl)-3,4-dihydroxy-oxolan-2-yl]methoxy-hydroxy-phosphoryl]oxy-hydroxy-phosphoryl]oxy-hydroxy-phosphoryl] [(2S,3S,5R)-3-azido-5-(5-methyl-2,4-dioxo-pyrimidin-1-yl)oxolan-2-yl]methyl hydrogen phosphate'
8 non-polymer GLYCEROL
9 water water
#
loop_
_entity_poly.entity_id
_entity_poly.type
_entity_poly.pdbx_seq_one_letter_code
_entity_poly.pdbx_strand_id
1 'polypeptide(L)'
;MVPISPIETVPVKLKPGMDGPKVKQWPLTEEKIKALVEICTELEKEGKISKIGPENPYNTPVFAIKKKNSTRWRKLVDFR
ELNKRTQDFWEVQLGIPHPAGLKKKKSVTVLDVGDAYFSVPLDEDFRKYTAFTIPSINNETPGIRYQYNVLPQGWKGSPA
IFQSSMTKILEPFKKQNPDIVIYQYMDDLYVGSDLEIGQHRTKIEELRQHLLRWGLYTPDQKHQKEPPFLWMGYELHPDK
WTVQPIVLPEKDSWTVNDICKLVGKLNWASQIYPGIKVRQLSKLLRGTKALTEVIPLTEEAELELAENREILKEPVHGVY
YDPSKDLIAEIQKQGQGQWTYQIYQEPFKNLKTGKYARMRGAHTNDVKQLTEAVQKITTESIVIWGKTPKFKLPIQKETW
ETWWTEYWQATWIPEWEFVNTPPLVKLWYQLEKEPIVGAETFYVDGAANRETKLGKAGYVTNKGRQKVVPLTNTTNQKTE
LQAIYLALQDSGLEVNIVTDSQYALGIIQAQPDKSESELVNQIIEQLIKKEKVYLAWVPAHKGIGGNEQVDKLVSAGIRK
VL
;
A,E,I,M
2 'polypeptide(L)'
;PISPIETVPVKLKPGMDGPKVKQWPLTEEKIKALVEICTEMEKEGKISKIGPENPYNTPVFAIKKKDSTKWRKLVDFREL
NKRTQDFWEVQLGIPHPAGLKKKKSVTVLDVGDAYFSVPLDEDFRKYTAFTIPSINNETPGIRYQYNVLPQGWKGSPAIF
QSSMTKILEPFKKQNPDIVIYQYMDDLYVGSDLEIGQHRTKIEELRQHLLRWGLTTPDKKHQKEPPFLWMGYELHPDKWT
VQPIVLPEKDSWTVNDIQKLVGKLNWASQIYPGIKVRQLSKLLRGTKALTEVIPLTEEAELELAENREILKEPVHGVYYD
PSKDLIAEIQKQGQGQWTYQIYQEPFKNLKTGKYARMRGAHTNDVKQLTEAVQKITTESIVIWGKTPKFKLPIQKETWET
WWTEYWQATWIPEWEFVNTPPLVKLWYQGGHHHHHHH
;
B,F,J,N
3 'polydeoxyribonucleotide'
;(DA)(DT)(DG)(DC)(DA)(DT)(DG)(DG)(DC)(DG)(DC)(DC)(DC)(DG)(DA)(DA)(DC)(DA)(DG)(DG)
(DG)(DA)(DC)(DT)(DG)(DT)(DG)
;
C,G,K,O
4 'polydeoxyribonucleotide'
;(DA)(DC)(DA)(DG)(DT)(DC)(DC)(DC)(DT)(DG)(DT)(DT)(DC)(DG)(DG)(MRG)(DC)(DG)(DC)
(DC)(2DA)
;
D,H,L,P
#
# COMPACT_ATOMS: atom_id res chain seq x y z
N PRO A 3 19.25 -36.49 3.39
CA PRO A 3 18.01 -36.33 4.14
C PRO A 3 17.68 -34.86 4.37
N ILE A 4 16.40 -34.50 4.23
CA ILE A 4 15.97 -33.14 4.43
C ILE A 4 15.97 -32.94 5.94
N SER A 5 15.52 -31.79 6.42
CA SER A 5 15.50 -31.57 7.86
C SER A 5 14.09 -31.65 8.50
N PRO A 6 14.04 -32.05 9.79
CA PRO A 6 12.80 -32.19 10.57
C PRO A 6 12.49 -30.90 11.38
N ILE A 7 13.15 -29.79 11.03
CA ILE A 7 12.96 -28.50 11.69
C ILE A 7 11.77 -27.73 11.08
N GLU A 8 10.90 -27.16 11.92
CA GLU A 8 9.74 -26.41 11.47
C GLU A 8 10.11 -25.36 10.45
N THR A 9 9.32 -25.27 9.40
CA THR A 9 9.57 -24.29 8.36
C THR A 9 9.18 -22.90 8.84
N VAL A 10 9.86 -21.88 8.33
CA VAL A 10 9.53 -20.52 8.69
C VAL A 10 8.45 -20.01 7.72
N PRO A 11 7.33 -19.51 8.24
CA PRO A 11 6.21 -19.00 7.46
C PRO A 11 6.54 -17.73 6.68
N VAL A 12 6.35 -17.78 5.36
CA VAL A 12 6.67 -16.67 4.48
C VAL A 12 5.47 -16.34 3.63
N LYS A 13 5.35 -15.08 3.25
CA LYS A 13 4.26 -14.64 2.42
C LYS A 13 4.68 -13.60 1.39
N LEU A 14 3.86 -13.41 0.37
CA LEU A 14 4.13 -12.42 -0.66
C LEU A 14 3.52 -11.09 -0.21
N LYS A 15 3.98 -9.98 -0.74
CA LYS A 15 3.39 -8.71 -0.34
C LYS A 15 1.96 -8.62 -0.87
N PRO A 16 1.05 -8.03 -0.11
CA PRO A 16 -0.36 -7.86 -0.43
C PRO A 16 -0.64 -7.36 -1.82
N GLY A 17 -1.63 -7.98 -2.47
CA GLY A 17 -2.01 -7.57 -3.81
C GLY A 17 -1.14 -8.13 -4.92
N MET A 18 -0.01 -8.73 -4.56
CA MET A 18 0.92 -9.27 -5.54
C MET A 18 0.83 -10.78 -5.66
N ASP A 19 1.05 -11.27 -6.88
CA ASP A 19 1.02 -12.68 -7.19
C ASP A 19 2.41 -13.19 -7.51
N GLY A 20 2.54 -14.47 -7.82
CA GLY A 20 3.83 -15.06 -8.13
C GLY A 20 4.55 -14.53 -9.37
N PRO A 21 5.78 -15.02 -9.65
CA PRO A 21 6.54 -14.58 -10.81
C PRO A 21 6.26 -15.49 -11.97
N LYS A 22 6.19 -14.91 -13.16
CA LYS A 22 5.95 -15.66 -14.37
C LYS A 22 6.95 -15.18 -15.44
N VAL A 23 8.23 -15.26 -15.10
CA VAL A 23 9.29 -14.86 -16.01
C VAL A 23 9.88 -16.11 -16.70
N LYS A 24 9.96 -16.09 -18.04
CA LYS A 24 10.45 -17.24 -18.80
C LYS A 24 11.92 -17.58 -18.64
N GLN A 25 12.27 -18.83 -18.99
CA GLN A 25 13.63 -19.34 -18.90
C GLN A 25 14.41 -18.80 -20.07
N TRP A 26 15.60 -18.27 -19.80
CA TRP A 26 16.44 -17.71 -20.87
C TRP A 26 17.45 -18.73 -21.42
N PRO A 27 18.04 -18.45 -22.60
CA PRO A 27 19.04 -19.29 -23.29
C PRO A 27 20.23 -19.77 -22.42
N LEU A 28 20.37 -21.09 -22.33
CA LEU A 28 21.45 -21.67 -21.52
C LEU A 28 22.41 -22.52 -22.34
N THR A 29 23.66 -22.53 -21.90
CA THR A 29 24.74 -23.32 -22.50
C THR A 29 24.29 -24.77 -22.54
N GLU A 30 24.32 -25.39 -23.72
CA GLU A 30 23.92 -26.80 -23.81
C GLU A 30 24.77 -27.62 -22.82
N GLU A 31 26.06 -27.28 -22.78
CA GLU A 31 27.02 -27.92 -21.90
C GLU A 31 26.58 -27.69 -20.46
N LYS A 32 26.37 -26.43 -20.10
CA LYS A 32 25.95 -26.08 -18.74
C LYS A 32 24.68 -26.82 -18.32
N ILE A 33 23.65 -26.74 -19.17
CA ILE A 33 22.39 -27.40 -18.91
C ILE A 33 22.64 -28.75 -18.25
N LYS A 34 23.58 -29.49 -18.84
CA LYS A 34 23.92 -30.82 -18.34
C LYS A 34 24.00 -30.77 -16.84
N ALA A 35 24.82 -29.85 -16.36
CA ALA A 35 25.05 -29.66 -14.95
C ALA A 35 23.74 -29.63 -14.14
N LEU A 36 22.84 -28.73 -14.53
CA LEU A 36 21.55 -28.57 -13.84
C LEU A 36 20.71 -29.85 -13.88
N VAL A 37 20.60 -30.45 -15.07
CA VAL A 37 19.84 -31.69 -15.26
C VAL A 37 20.42 -32.77 -14.34
N GLU A 38 21.75 -32.77 -14.23
CA GLU A 38 22.45 -33.71 -13.37
C GLU A 38 21.96 -33.45 -11.97
N ILE A 39 22.21 -32.22 -11.52
CA ILE A 39 21.84 -31.74 -10.19
C ILE A 39 20.38 -31.96 -9.81
N CYS A 40 19.48 -31.57 -10.71
CA CYS A 40 18.05 -31.71 -10.43
C CYS A 40 17.59 -33.14 -10.26
N THR A 41 18.33 -34.08 -10.84
CA THR A 41 17.98 -35.48 -10.76
C THR A 41 18.35 -35.99 -9.38
N GLU A 42 19.38 -35.38 -8.81
CA GLU A 42 19.88 -35.71 -7.48
C GLU A 42 18.92 -35.12 -6.42
N LEU A 43 18.70 -33.81 -6.49
CA LEU A 43 17.82 -33.10 -5.56
C LEU A 43 16.41 -33.68 -5.61
N GLU A 44 16.11 -34.41 -6.69
CA GLU A 44 14.81 -35.03 -6.86
C GLU A 44 14.71 -36.24 -5.95
N LYS A 45 15.61 -37.20 -6.14
CA LYS A 45 15.59 -38.41 -5.34
C LYS A 45 15.81 -38.09 -3.87
N GLU A 46 16.54 -37.01 -3.63
CA GLU A 46 16.81 -36.60 -2.26
C GLU A 46 15.58 -35.93 -1.64
N GLY A 47 14.60 -35.63 -2.49
CA GLY A 47 13.37 -35.00 -2.06
C GLY A 47 13.49 -33.54 -1.77
N LYS A 48 14.55 -32.91 -2.28
CA LYS A 48 14.78 -31.49 -2.03
C LYS A 48 13.92 -30.62 -2.94
N ILE A 49 13.56 -31.16 -4.09
CA ILE A 49 12.68 -30.46 -5.02
C ILE A 49 11.68 -31.49 -5.48
N SER A 50 10.76 -31.08 -6.34
CA SER A 50 9.71 -31.97 -6.82
C SER A 50 9.27 -31.57 -8.21
N LYS A 51 8.93 -32.57 -9.01
CA LYS A 51 8.48 -32.30 -10.37
C LYS A 51 7.06 -31.75 -10.19
N ILE A 52 6.62 -30.87 -11.07
CA ILE A 52 5.29 -30.34 -10.90
C ILE A 52 4.43 -30.41 -12.16
N GLY A 53 3.10 -30.37 -11.94
CA GLY A 53 2.13 -30.43 -13.01
C GLY A 53 2.02 -29.15 -13.85
N PRO A 54 1.10 -29.16 -14.80
CA PRO A 54 0.80 -28.08 -15.75
C PRO A 54 0.14 -26.84 -15.14
N GLU A 55 -0.77 -27.05 -14.18
CA GLU A 55 -1.48 -25.97 -13.50
C GLU A 55 -0.61 -24.83 -12.93
N ASN A 56 0.60 -25.15 -12.43
CA ASN A 56 1.48 -24.12 -11.88
C ASN A 56 1.98 -23.12 -12.93
N PRO A 57 1.42 -21.89 -12.92
CA PRO A 57 1.74 -20.80 -13.84
C PRO A 57 3.02 -20.02 -13.59
N TYR A 58 3.71 -20.33 -12.50
CA TYR A 58 4.91 -19.59 -12.18
C TYR A 58 6.18 -20.22 -12.70
N ASN A 59 7.20 -19.38 -12.85
CA ASN A 59 8.50 -19.81 -13.31
C ASN A 59 9.52 -18.74 -13.06
N THR A 60 10.78 -19.14 -13.10
CA THR A 60 11.89 -18.24 -12.85
C THR A 60 13.16 -18.77 -13.47
N PRO A 61 13.82 -17.97 -14.33
CA PRO A 61 15.06 -18.45 -14.95
C PRO A 61 16.10 -18.93 -13.96
N VAL A 62 16.78 -20.02 -14.30
CA VAL A 62 17.79 -20.60 -13.45
C VAL A 62 19.11 -20.69 -14.19
N PHE A 63 20.17 -21.05 -13.48
CA PHE A 63 21.48 -21.16 -14.10
C PHE A 63 22.52 -21.72 -13.14
N ALA A 64 23.69 -22.06 -13.70
CA ALA A 64 24.78 -22.62 -12.90
C ALA A 64 25.97 -21.66 -12.85
N ILE A 65 26.96 -22.00 -12.04
CA ILE A 65 28.16 -21.17 -11.90
C ILE A 65 29.22 -22.06 -11.26
N LYS A 66 30.46 -21.90 -11.71
CA LYS A 66 31.57 -22.69 -11.18
C LYS A 66 31.59 -22.52 -9.67
N LYS A 67 32.09 -23.53 -8.97
CA LYS A 67 32.18 -23.48 -7.51
C LYS A 67 33.56 -23.02 -7.03
N LYS A 68 33.89 -23.36 -5.79
CA LYS A 68 35.17 -22.98 -5.21
C LYS A 68 36.33 -23.60 -5.98
N ASN A 69 36.25 -24.91 -6.22
CA ASN A 69 37.29 -25.62 -6.95
C ASN A 69 36.92 -25.88 -8.41
N SER A 70 35.87 -25.23 -8.87
CA SER A 70 35.40 -25.39 -10.25
C SER A 70 35.26 -26.88 -10.57
N THR A 71 35.29 -27.70 -9.53
CA THR A 71 35.16 -29.15 -9.70
C THR A 71 33.69 -29.57 -9.80
N ARG A 72 32.80 -28.64 -9.37
CA ARG A 72 31.36 -28.91 -9.42
C ARG A 72 30.64 -27.63 -9.79
N TRP A 73 29.32 -27.68 -9.66
CA TRP A 73 28.50 -26.52 -9.99
C TRP A 73 27.36 -26.25 -9.00
N ARG A 74 27.14 -24.98 -8.69
CA ARG A 74 26.07 -24.59 -7.77
C ARG A 74 24.89 -24.00 -8.53
N LYS A 75 23.74 -24.65 -8.42
CA LYS A 75 22.55 -24.20 -9.10
C LYS A 75 22.13 -22.86 -8.48
N LEU A 76 21.84 -21.87 -9.30
CA LEU A 76 21.36 -20.58 -8.80
C LEU A 76 20.02 -20.31 -9.46
N VAL A 77 19.19 -19.47 -8.85
CA VAL A 77 17.91 -19.20 -9.44
C VAL A 77 17.82 -17.70 -9.53
N ASP A 78 17.14 -17.15 -10.53
CA ASP A 78 17.03 -15.68 -10.61
C ASP A 78 15.69 -15.20 -10.10
N PHE A 79 15.48 -15.42 -8.81
CA PHE A 79 14.25 -15.00 -8.15
C PHE A 79 14.17 -13.48 -7.97
N ARG A 80 14.94 -12.74 -8.76
CA ARG A 80 14.94 -11.32 -8.63
C ARG A 80 13.56 -10.79 -8.74
N GLU A 81 12.75 -11.43 -9.56
CA GLU A 81 11.39 -10.95 -9.69
C GLU A 81 10.58 -11.44 -8.51
N LEU A 82 10.97 -12.58 -7.92
CA LEU A 82 10.21 -13.10 -6.80
C LEU A 82 10.48 -12.27 -5.58
N ASN A 83 11.75 -11.99 -5.36
CA ASN A 83 12.14 -11.22 -4.20
C ASN A 83 11.41 -9.88 -4.05
N LYS A 84 11.13 -9.20 -5.15
CA LYS A 84 10.44 -7.92 -5.08
C LYS A 84 8.98 -8.08 -4.66
N ARG A 85 8.44 -9.27 -4.85
CA ARG A 85 7.05 -9.55 -4.52
C ARG A 85 6.96 -10.31 -3.21
N THR A 86 8.10 -10.42 -2.55
CA THR A 86 8.15 -11.13 -1.31
C THR A 86 8.31 -10.25 -0.07
N GLN A 87 7.61 -10.63 0.99
CA GLN A 87 7.63 -9.94 2.28
C GLN A 87 9.06 -9.63 2.67
N ASP A 88 9.27 -8.59 3.47
CA ASP A 88 10.62 -8.22 3.91
C ASP A 88 11.03 -9.07 5.10
N PHE A 89 12.33 -9.20 5.31
CA PHE A 89 12.81 -10.00 6.44
C PHE A 89 13.77 -9.11 7.21
N TRP A 90 13.96 -9.35 8.50
CA TRP A 90 14.93 -8.53 9.17
C TRP A 90 16.16 -9.40 9.17
N GLU A 91 17.28 -8.91 8.64
CA GLU A 91 18.48 -9.74 8.62
C GLU A 91 19.05 -9.95 10.04
N VAL A 92 19.45 -11.19 10.32
CA VAL A 92 19.98 -11.52 11.61
C VAL A 92 21.50 -11.58 11.58
N GLN A 93 22.09 -11.40 10.41
CA GLN A 93 23.56 -11.38 10.30
C GLN A 93 24.03 -9.94 10.57
N LEU A 94 24.56 -9.70 11.76
CA LEU A 94 24.94 -8.36 12.13
C LEU A 94 26.33 -7.87 11.78
N GLY A 95 27.29 -8.77 11.64
CA GLY A 95 28.64 -8.33 11.31
C GLY A 95 29.46 -9.54 10.93
N ILE A 96 30.75 -9.36 10.81
CA ILE A 96 31.61 -10.47 10.43
C ILE A 96 32.68 -10.77 11.48
N PRO A 97 32.83 -12.04 11.84
CA PRO A 97 33.84 -12.42 12.81
C PRO A 97 35.19 -11.89 12.37
N HIS A 98 36.13 -11.86 13.29
CA HIS A 98 37.45 -11.38 12.96
C HIS A 98 38.45 -12.12 13.83
N PRO A 99 39.50 -12.67 13.22
CA PRO A 99 40.55 -13.43 13.93
C PRO A 99 41.16 -12.69 15.13
N ALA A 100 41.39 -11.40 14.98
CA ALA A 100 41.97 -10.61 16.04
C ALA A 100 41.07 -10.55 17.26
N GLY A 101 39.84 -11.01 17.11
CA GLY A 101 38.88 -10.99 18.20
C GLY A 101 38.76 -12.36 18.81
N LEU A 102 39.54 -13.30 18.26
CA LEU A 102 39.57 -14.68 18.71
C LEU A 102 40.57 -14.94 19.82
N LYS A 103 40.19 -15.84 20.76
CA LYS A 103 41.04 -16.22 21.90
C LYS A 103 41.65 -17.60 21.60
N LYS A 104 42.74 -17.92 22.31
CA LYS A 104 43.41 -19.20 22.08
C LYS A 104 42.67 -20.34 22.73
N LYS A 105 42.76 -21.50 22.09
CA LYS A 105 42.13 -22.72 22.57
C LYS A 105 43.05 -23.88 22.23
N LYS A 106 43.31 -24.73 23.22
CA LYS A 106 44.19 -25.88 23.06
C LYS A 106 43.85 -26.70 21.79
N SER A 107 42.57 -26.90 21.53
CA SER A 107 42.12 -27.66 20.36
C SER A 107 41.11 -26.89 19.50
N VAL A 108 41.19 -27.10 18.20
CA VAL A 108 40.31 -26.42 17.26
C VAL A 108 39.91 -27.27 16.04
N THR A 109 38.75 -26.97 15.49
CA THR A 109 38.25 -27.67 14.31
C THR A 109 37.28 -26.75 13.61
N VAL A 110 37.04 -27.00 12.34
CA VAL A 110 36.11 -26.19 11.58
C VAL A 110 35.37 -27.08 10.59
N LEU A 111 34.04 -26.99 10.59
CA LEU A 111 33.24 -27.82 9.69
C LEU A 111 32.38 -26.97 8.80
N ASP A 112 31.86 -27.60 7.75
CA ASP A 112 31.00 -26.93 6.78
C ASP A 112 29.87 -27.88 6.54
N VAL A 113 28.73 -27.36 6.08
CA VAL A 113 27.54 -28.17 5.84
C VAL A 113 27.33 -28.40 4.34
N GLY A 114 27.44 -29.65 3.92
CA GLY A 114 27.17 -30.02 2.54
C GLY A 114 25.76 -29.64 2.10
N ASP A 115 25.68 -28.87 1.03
CA ASP A 115 24.39 -28.39 0.52
C ASP A 115 23.55 -27.80 1.65
N ALA A 116 24.02 -26.71 2.23
CA ALA A 116 23.50 -26.23 3.51
C ALA A 116 22.07 -25.76 3.37
N TYR A 117 21.86 -24.69 2.59
CA TYR A 117 20.53 -24.27 2.21
C TYR A 117 19.63 -25.46 1.92
N PHE A 118 20.14 -26.41 1.16
CA PHE A 118 19.31 -27.48 0.59
C PHE A 118 18.88 -28.47 1.66
N SER A 119 19.26 -28.18 2.90
CA SER A 119 18.94 -29.07 4.02
C SER A 119 17.93 -28.46 4.99
N VAL A 120 17.38 -27.30 4.64
CA VAL A 120 16.43 -26.64 5.51
C VAL A 120 15.13 -26.56 4.80
N PRO A 121 14.10 -27.22 5.30
CA PRO A 121 12.78 -27.19 4.65
C PRO A 121 12.23 -25.80 4.33
N LEU A 122 11.64 -25.66 3.15
CA LEU A 122 11.05 -24.39 2.74
C LEU A 122 9.57 -24.39 3.03
N ASP A 123 9.10 -23.34 3.68
CA ASP A 123 7.69 -23.22 3.98
C ASP A 123 6.88 -23.81 2.83
N GLU A 124 5.94 -24.68 3.17
CA GLU A 124 5.13 -25.35 2.18
C GLU A 124 4.43 -24.45 1.16
N ASP A 125 3.37 -23.78 1.59
CA ASP A 125 2.62 -22.93 0.67
C ASP A 125 3.43 -21.96 -0.15
N PHE A 126 4.62 -21.61 0.31
CA PHE A 126 5.41 -20.67 -0.46
C PHE A 126 6.06 -21.38 -1.63
N ARG A 127 6.24 -22.68 -1.52
CA ARG A 127 6.89 -23.46 -2.56
C ARG A 127 6.41 -23.20 -3.99
N LYS A 128 5.12 -22.96 -4.14
CA LYS A 128 4.53 -22.69 -5.46
C LYS A 128 5.39 -21.81 -6.36
N TYR A 129 5.70 -20.63 -5.86
CA TYR A 129 6.47 -19.62 -6.56
C TYR A 129 7.91 -19.97 -6.85
N THR A 130 8.46 -20.96 -6.15
CA THR A 130 9.84 -21.31 -6.40
C THR A 130 9.93 -22.18 -7.64
N ALA A 131 8.87 -22.22 -8.43
CA ALA A 131 8.84 -23.06 -9.61
C ALA A 131 9.75 -22.56 -10.70
N PHE A 132 10.46 -23.48 -11.34
CA PHE A 132 11.36 -23.15 -12.45
C PHE A 132 11.23 -24.20 -13.54
N THR A 133 12.03 -24.05 -14.58
CA THR A 133 11.99 -25.00 -15.71
C THR A 133 13.38 -25.33 -16.31
N ILE A 134 13.71 -26.62 -16.37
CA ILE A 134 15.00 -27.05 -16.92
C ILE A 134 14.85 -27.49 -18.36
N PRO A 135 15.57 -26.83 -19.27
CA PRO A 135 15.50 -27.16 -20.69
C PRO A 135 16.08 -28.53 -21.05
N SER A 136 15.59 -29.08 -22.17
CA SER A 136 16.04 -30.39 -22.68
C SER A 136 17.44 -30.17 -23.31
N ILE A 137 18.26 -31.22 -23.33
CA ILE A 137 19.63 -31.14 -23.88
C ILE A 137 19.70 -30.56 -25.29
N ASN A 138 18.62 -30.73 -26.04
CA ASN A 138 18.59 -30.22 -27.40
C ASN A 138 17.51 -29.17 -27.64
N ASN A 139 16.69 -28.91 -26.62
CA ASN A 139 15.65 -27.88 -26.69
C ASN A 139 14.50 -28.17 -27.68
N GLU A 140 14.20 -29.44 -27.89
CA GLU A 140 13.09 -29.83 -28.78
C GLU A 140 11.72 -29.53 -28.14
N THR A 141 11.51 -30.03 -26.92
CA THR A 141 10.27 -29.85 -26.19
C THR A 141 10.54 -29.41 -24.75
N PRO A 142 9.53 -28.79 -24.12
CA PRO A 142 9.67 -28.30 -22.73
C PRO A 142 10.31 -29.35 -21.83
N GLY A 143 11.29 -28.90 -21.04
CA GLY A 143 11.98 -29.80 -20.13
C GLY A 143 11.11 -30.15 -18.94
N ILE A 144 11.73 -30.32 -17.79
CA ILE A 144 10.99 -30.64 -16.59
C ILE A 144 10.79 -29.45 -15.68
N ARG A 145 9.54 -29.25 -15.27
CA ARG A 145 9.22 -28.16 -14.38
C ARG A 145 9.39 -28.70 -12.95
N TYR A 146 10.25 -28.04 -12.19
CA TYR A 146 10.55 -28.41 -10.81
C TYR A 146 10.12 -27.27 -9.88
N GLN A 147 9.98 -27.57 -8.59
CA GLN A 147 9.58 -26.57 -7.61
C GLN A 147 10.32 -26.80 -6.29
N TYR A 148 11.19 -25.88 -5.87
CA TYR A 148 11.96 -26.09 -4.63
C TYR A 148 11.15 -26.46 -3.40
N ASN A 149 11.75 -27.28 -2.54
CA ASN A 149 11.11 -27.71 -1.29
C ASN A 149 12.04 -27.33 -0.16
N VAL A 150 13.16 -26.76 -0.53
CA VAL A 150 14.11 -26.37 0.47
C VAL A 150 14.61 -24.94 0.10
N LEU A 151 15.38 -24.34 0.99
CA LEU A 151 15.91 -22.99 0.75
C LEU A 151 16.64 -22.92 -0.58
N PRO A 152 16.14 -22.09 -1.49
CA PRO A 152 16.76 -21.92 -2.82
C PRO A 152 17.66 -20.69 -2.86
N GLN A 153 18.88 -20.87 -3.37
CA GLN A 153 19.83 -19.78 -3.48
C GLN A 153 19.31 -18.68 -4.41
N GLY A 154 19.43 -17.43 -3.97
CA GLY A 154 18.99 -16.30 -4.76
C GLY A 154 17.68 -15.72 -4.26
N TRP A 155 17.38 -15.98 -2.98
CA TRP A 155 16.15 -15.49 -2.37
C TRP A 155 16.45 -14.66 -1.13
N LYS A 156 15.68 -13.60 -0.92
CA LYS A 156 15.87 -12.72 0.23
C LYS A 156 15.86 -13.57 1.50
N GLY A 157 15.06 -14.63 1.48
CA GLY A 157 14.69 -15.33 2.69
C GLY A 157 15.71 -16.37 3.09
N SER A 158 16.44 -16.89 2.11
CA SER A 158 17.27 -18.07 2.31
C SER A 158 18.32 -17.82 3.40
N PRO A 159 19.18 -16.83 3.17
CA PRO A 159 20.28 -16.55 4.09
C PRO A 159 19.80 -16.42 5.53
N ALA A 160 18.78 -15.61 5.74
CA ALA A 160 18.31 -15.28 7.08
C ALA A 160 17.55 -16.45 7.70
N ILE A 161 16.69 -17.06 6.91
CA ILE A 161 16.02 -18.30 7.32
C ILE A 161 17.02 -19.31 7.86
N PHE A 162 17.96 -19.72 7.01
CA PHE A 162 18.98 -20.69 7.39
C PHE A 162 19.68 -20.27 8.68
N GLN A 163 20.37 -19.14 8.64
CA GLN A 163 21.16 -18.67 9.77
C GLN A 163 20.35 -18.74 11.06
N SER A 164 19.09 -18.33 10.99
CA SER A 164 18.19 -18.39 12.14
C SER A 164 17.90 -19.84 12.53
N SER A 165 17.62 -20.66 11.53
CA SER A 165 17.33 -22.08 11.77
C SER A 165 18.58 -22.83 12.20
N MET A 166 19.74 -22.41 11.71
CA MET A 166 21.02 -23.04 12.07
C MET A 166 21.39 -22.71 13.50
N THR A 167 20.84 -21.62 14.02
CA THR A 167 21.10 -21.22 15.38
C THR A 167 20.21 -22.04 16.31
N LYS A 168 18.98 -22.29 15.87
CA LYS A 168 18.06 -23.08 16.67
C LYS A 168 18.62 -24.47 16.86
N ILE A 169 19.24 -25.01 15.82
CA ILE A 169 19.85 -26.33 15.85
C ILE A 169 20.97 -26.42 16.85
N LEU A 170 21.82 -25.42 16.88
CA LEU A 170 22.94 -25.43 17.78
C LEU A 170 22.61 -25.05 19.22
N GLU A 171 21.37 -24.65 19.49
CA GLU A 171 20.97 -24.23 20.84
C GLU A 171 21.12 -25.30 21.94
N PRO A 172 20.59 -26.51 21.67
CA PRO A 172 20.71 -27.57 22.66
C PRO A 172 22.18 -27.77 22.89
N PHE A 173 22.87 -28.23 21.84
CA PHE A 173 24.30 -28.50 21.95
C PHE A 173 25.10 -27.46 22.71
N LYS A 174 24.79 -26.19 22.47
CA LYS A 174 25.48 -25.08 23.11
C LYS A 174 25.22 -25.10 24.61
N LYS A 175 23.98 -25.38 24.98
CA LYS A 175 23.60 -25.46 26.41
C LYS A 175 24.42 -26.49 27.18
N GLN A 176 24.45 -27.71 26.67
CA GLN A 176 25.19 -28.79 27.31
C GLN A 176 26.68 -28.53 27.45
N ASN A 177 27.31 -27.94 26.44
CA ASN A 177 28.73 -27.69 26.50
C ASN A 177 29.08 -26.22 26.53
N PRO A 178 28.63 -25.52 27.58
CA PRO A 178 28.89 -24.08 27.73
C PRO A 178 30.32 -23.70 27.44
N ASP A 179 31.22 -24.61 27.78
CA ASP A 179 32.65 -24.36 27.58
C ASP A 179 33.18 -24.49 26.17
N ILE A 180 32.37 -24.92 25.22
CA ILE A 180 32.87 -25.01 23.84
C ILE A 180 32.60 -23.68 23.17
N VAL A 181 33.48 -23.29 22.24
CA VAL A 181 33.29 -22.02 21.52
C VAL A 181 32.94 -22.32 20.08
N ILE A 182 31.80 -21.80 19.62
CA ILE A 182 31.37 -22.03 18.26
C ILE A 182 31.00 -20.76 17.50
N TYR A 183 31.81 -20.45 16.49
CA TYR A 183 31.56 -19.31 15.66
C TYR A 183 30.78 -19.79 14.45
N GLN A 184 29.58 -19.25 14.23
CA GLN A 184 28.79 -19.67 13.09
C GLN A 184 28.48 -18.54 12.11
N TYR A 185 29.03 -18.72 10.91
CA TYR A 185 28.84 -17.80 9.84
C TYR A 185 28.16 -18.71 8.85
N MET A 186 26.88 -18.49 8.63
CA MET A 186 26.13 -19.34 7.72
C MET A 186 26.18 -20.79 8.20
N ASP A 187 26.75 -21.67 7.39
CA ASP A 187 26.83 -23.09 7.71
C ASP A 187 28.26 -23.37 8.13
N ASP A 188 29.07 -22.33 8.20
CA ASP A 188 30.46 -22.53 8.57
C ASP A 188 30.66 -22.54 10.05
N LEU A 189 31.14 -23.67 10.56
CA LEU A 189 31.37 -23.82 11.97
C LEU A 189 32.83 -23.90 12.39
N TYR A 190 33.19 -23.10 13.39
CA TYR A 190 34.53 -23.10 13.97
C TYR A 190 34.29 -23.50 15.43
N VAL A 191 34.77 -24.67 15.83
CA VAL A 191 34.58 -25.09 17.21
C VAL A 191 35.94 -25.19 17.88
N GLY A 192 36.14 -24.38 18.90
CA GLY A 192 37.42 -24.39 19.61
C GLY A 192 37.25 -24.58 21.10
N SER A 193 38.08 -25.46 21.67
CA SER A 193 38.02 -25.77 23.10
C SER A 193 39.38 -25.94 23.77
N ASP A 194 39.35 -26.16 25.07
CA ASP A 194 40.56 -26.33 25.83
C ASP A 194 40.70 -27.76 26.35
N LEU A 195 40.04 -28.67 25.66
CA LEU A 195 40.12 -30.09 26.00
C LEU A 195 41.40 -30.64 25.34
N GLU A 196 41.60 -31.96 25.42
CA GLU A 196 42.76 -32.55 24.79
C GLU A 196 42.34 -33.04 23.41
N ILE A 197 43.29 -33.03 22.48
CA ILE A 197 43.01 -33.42 21.10
C ILE A 197 41.95 -34.51 20.97
N GLY A 198 42.14 -35.60 21.68
CA GLY A 198 41.18 -36.70 21.62
C GLY A 198 39.80 -36.35 22.13
N GLN A 199 39.76 -35.79 23.34
CA GLN A 199 38.50 -35.41 23.94
C GLN A 199 37.76 -34.48 22.97
N HIS A 200 38.54 -33.59 22.35
CA HIS A 200 38.00 -32.64 21.40
C HIS A 200 37.21 -33.45 20.36
N ARG A 201 37.94 -34.22 19.58
CA ARG A 201 37.38 -35.06 18.53
C ARG A 201 36.04 -35.65 18.94
N THR A 202 35.96 -36.02 20.22
CA THR A 202 34.73 -36.61 20.75
C THR A 202 33.56 -35.63 20.56
N LYS A 203 33.66 -34.48 21.21
CA LYS A 203 32.63 -33.47 21.13
C LYS A 203 32.30 -33.23 19.66
N ILE A 204 33.36 -33.04 18.89
CA ILE A 204 33.20 -32.78 17.46
C ILE A 204 32.34 -33.89 16.84
N GLU A 205 32.43 -35.08 17.41
CA GLU A 205 31.67 -36.21 16.90
C GLU A 205 30.24 -36.08 17.32
N GLU A 206 30.04 -35.59 18.53
CA GLU A 206 28.70 -35.37 19.07
C GLU A 206 27.99 -34.39 18.13
N LEU A 207 28.64 -33.23 18.01
CA LEU A 207 28.20 -32.11 17.20
C LEU A 207 27.87 -32.59 15.78
N ARG A 208 28.88 -33.13 15.10
CA ARG A 208 28.74 -33.61 13.72
C ARG A 208 27.55 -34.56 13.60
N GLN A 209 27.31 -35.31 14.66
CA GLN A 209 26.22 -36.27 14.70
C GLN A 209 24.94 -35.49 15.04
N HIS A 210 25.07 -34.64 16.05
CA HIS A 210 23.96 -33.80 16.49
C HIS A 210 23.30 -33.18 15.26
N LEU A 211 24.13 -32.63 14.37
CA LEU A 211 23.64 -32.00 13.13
C LEU A 211 22.94 -33.04 12.28
N LEU A 212 23.61 -34.17 12.13
CA LEU A 212 23.09 -35.26 11.31
C LEU A 212 21.66 -35.67 11.69
N ARG A 213 21.32 -35.53 12.96
CA ARG A 213 19.98 -35.89 13.36
C ARG A 213 19.05 -34.82 12.86
N TRP A 214 19.61 -33.66 12.57
CA TRP A 214 18.80 -32.57 12.07
C TRP A 214 18.81 -32.37 10.53
N GLY A 215 19.54 -33.24 9.83
CA GLY A 215 19.59 -33.14 8.38
C GLY A 215 20.85 -32.47 7.91
N LEU A 216 21.58 -31.87 8.84
CA LEU A 216 22.82 -31.18 8.48
C LEU A 216 23.94 -32.17 8.28
N TYR A 217 24.04 -32.66 7.05
CA TYR A 217 25.07 -33.63 6.66
C TYR A 217 26.42 -32.98 6.90
N THR A 218 27.48 -33.75 7.07
CA THR A 218 28.78 -33.10 7.25
C THR A 218 29.93 -33.84 6.56
N PRO A 219 30.16 -33.51 5.28
CA PRO A 219 31.24 -34.17 4.52
C PRO A 219 32.59 -34.06 5.22
N ASP A 220 33.51 -34.97 4.88
CA ASP A 220 34.83 -34.97 5.51
C ASP A 220 35.80 -33.94 4.97
N GLN A 221 35.23 -32.85 4.48
CA GLN A 221 36.02 -31.73 3.97
C GLN A 221 35.87 -30.59 4.98
N LYS A 222 36.41 -30.86 6.17
CA LYS A 222 36.43 -29.94 7.29
C LYS A 222 37.76 -30.19 7.99
N HIS A 223 38.46 -29.10 8.25
CA HIS A 223 39.77 -29.18 8.89
C HIS A 223 39.68 -29.88 10.23
N GLN A 224 40.60 -30.83 10.43
CA GLN A 224 40.68 -31.61 11.68
C GLN A 224 41.94 -31.28 12.48
N LYS A 225 43.02 -32.00 12.20
CA LYS A 225 44.29 -31.78 12.91
C LYS A 225 45.27 -30.98 12.04
N GLU A 226 44.88 -29.73 11.69
CA GLU A 226 45.76 -28.93 10.85
C GLU A 226 45.96 -27.56 11.44
N PRO A 227 47.21 -27.18 11.63
CA PRO A 227 47.52 -25.86 12.18
C PRO A 227 47.02 -24.76 11.23
N PRO A 228 47.33 -24.87 9.91
CA PRO A 228 46.81 -23.79 9.05
C PRO A 228 45.32 -24.05 8.80
N PHE A 229 44.49 -23.35 9.58
CA PHE A 229 43.04 -23.44 9.47
C PHE A 229 42.58 -22.39 8.49
N LEU A 230 41.86 -22.82 7.46
CA LEU A 230 41.34 -21.89 6.47
C LEU A 230 39.95 -21.48 6.97
N TRP A 231 39.85 -20.24 7.46
CA TRP A 231 38.61 -19.74 8.04
C TRP A 231 38.30 -18.30 7.70
N MET A 232 37.08 -18.07 7.22
CA MET A 232 36.61 -16.72 6.88
C MET A 232 37.60 -15.92 6.04
N GLY A 233 38.41 -16.60 5.22
CA GLY A 233 39.39 -15.90 4.39
C GLY A 233 40.73 -15.67 5.08
N TYR A 234 41.00 -16.41 6.14
CA TYR A 234 42.26 -16.27 6.84
C TYR A 234 42.91 -17.63 7.06
N GLU A 235 44.14 -17.59 7.56
CA GLU A 235 44.92 -18.78 7.88
C GLU A 235 45.10 -18.67 9.40
N LEU A 236 44.42 -19.55 10.13
CA LEU A 236 44.45 -19.58 11.59
C LEU A 236 45.50 -20.53 12.15
N HIS A 237 46.54 -19.96 12.74
CA HIS A 237 47.64 -20.72 13.32
C HIS A 237 47.55 -20.76 14.84
N PRO A 238 48.15 -21.79 15.47
CA PRO A 238 48.11 -21.95 16.93
C PRO A 238 48.29 -20.66 17.71
N ASP A 239 49.27 -19.86 17.33
CA ASP A 239 49.55 -18.62 18.03
C ASP A 239 49.34 -17.38 17.18
N LYS A 240 49.35 -17.52 15.85
CA LYS A 240 49.18 -16.37 14.93
C LYS A 240 48.21 -16.61 13.78
N TRP A 241 47.89 -15.53 13.06
CA TRP A 241 47.02 -15.62 11.89
C TRP A 241 47.46 -14.66 10.80
N THR A 242 46.83 -14.75 9.64
CA THR A 242 47.04 -13.79 8.57
C THR A 242 45.99 -13.94 7.47
N VAL A 243 45.90 -12.94 6.60
CA VAL A 243 45.09 -13.04 5.39
C VAL A 243 45.55 -14.20 4.52
N GLN A 244 44.63 -14.77 3.76
CA GLN A 244 44.98 -15.80 2.78
C GLN A 244 45.58 -15.18 1.52
N PRO A 245 46.38 -15.97 0.82
CA PRO A 245 47.20 -15.44 -0.29
C PRO A 245 46.50 -14.30 -1.02
N ILE A 246 47.07 -13.11 -0.95
CA ILE A 246 46.47 -11.93 -1.54
C ILE A 246 47.19 -11.52 -2.82
N VAL A 247 46.51 -11.64 -3.96
CA VAL A 247 47.15 -11.56 -5.26
C VAL A 247 46.71 -10.31 -6.02
N LEU A 248 47.54 -9.28 -5.96
CA LEU A 248 47.29 -8.05 -6.71
C LEU A 248 47.43 -8.29 -8.21
N PRO A 249 46.51 -7.74 -8.99
CA PRO A 249 46.54 -7.89 -10.45
C PRO A 249 47.70 -7.13 -11.08
N GLU A 250 48.27 -7.69 -12.14
CA GLU A 250 49.42 -7.08 -12.80
C GLU A 250 49.15 -6.84 -14.28
N LYS A 251 49.04 -5.58 -14.66
CA LYS A 251 48.69 -5.21 -16.04
C LYS A 251 49.19 -3.83 -16.42
N ASP A 252 49.50 -3.67 -17.72
CA ASP A 252 49.99 -2.44 -18.32
C ASP A 252 48.97 -1.28 -18.21
N SER A 253 47.86 -1.40 -18.93
CA SER A 253 46.81 -0.40 -18.90
C SER A 253 45.64 -0.92 -18.03
N TRP A 254 44.89 0.00 -17.42
CA TRP A 254 43.79 -0.41 -16.55
C TRP A 254 42.46 0.26 -16.88
N THR A 255 41.38 -0.48 -16.62
CA THR A 255 40.04 0.05 -16.84
C THR A 255 39.49 0.45 -15.47
N VAL A 256 38.47 1.30 -15.47
CA VAL A 256 37.83 1.73 -14.25
C VAL A 256 37.66 0.54 -13.32
N ASN A 257 36.86 -0.43 -13.73
CA ASN A 257 36.62 -1.61 -12.94
C ASN A 257 37.91 -2.23 -12.38
N ASP A 258 38.97 -2.23 -13.18
CA ASP A 258 40.24 -2.81 -12.75
C ASP A 258 40.75 -2.08 -11.51
N ILE A 259 40.56 -0.78 -11.47
CA ILE A 259 41.00 0.01 -10.34
C ILE A 259 40.23 -0.35 -9.08
N CYS A 260 38.92 -0.64 -9.26
CA CYS A 260 38.04 -1.04 -8.18
C CYS A 260 38.62 -2.32 -7.57
N LYS A 261 38.59 -3.41 -8.35
CA LYS A 261 39.14 -4.68 -7.89
C LYS A 261 40.45 -4.47 -7.13
N LEU A 262 41.26 -3.53 -7.60
CA LEU A 262 42.52 -3.24 -6.95
C LEU A 262 42.33 -2.70 -5.54
N VAL A 263 41.78 -1.50 -5.43
CA VAL A 263 41.54 -0.86 -4.15
C VAL A 263 40.77 -1.75 -3.18
N GLY A 264 39.83 -2.50 -3.70
CA GLY A 264 39.09 -3.36 -2.82
C GLY A 264 40.02 -4.42 -2.27
N LYS A 265 40.98 -4.85 -3.07
CA LYS A 265 41.93 -5.87 -2.65
C LYS A 265 42.80 -5.17 -1.63
N LEU A 266 43.42 -4.08 -2.03
CA LEU A 266 44.29 -3.39 -1.10
C LEU A 266 43.62 -3.04 0.23
N ASN A 267 42.36 -2.64 0.18
CA ASN A 267 41.71 -2.24 1.42
C ASN A 267 41.51 -3.43 2.34
N TRP A 268 41.28 -4.60 1.76
CA TRP A 268 41.09 -5.83 2.52
C TRP A 268 42.39 -6.28 3.14
N ALA A 269 43.47 -5.73 2.63
CA ALA A 269 44.77 -6.06 3.14
C ALA A 269 45.10 -5.11 4.30
N SER A 270 44.44 -3.96 4.36
CA SER A 270 44.68 -2.98 5.41
C SER A 270 44.42 -3.58 6.79
N GLN A 271 43.81 -4.76 6.81
CA GLN A 271 43.48 -5.48 8.03
C GLN A 271 44.68 -5.66 8.89
N ILE A 272 45.76 -6.06 8.25
CA ILE A 272 46.98 -6.36 8.96
C ILE A 272 48.23 -5.74 8.33
N TYR A 273 48.19 -5.50 7.03
CA TYR A 273 49.34 -4.91 6.36
C TYR A 273 49.33 -3.41 6.63
N PRO A 274 50.16 -2.94 7.58
CA PRO A 274 50.23 -1.52 7.92
C PRO A 274 50.63 -0.62 6.77
N GLY A 275 50.20 0.63 6.89
CA GLY A 275 50.51 1.66 5.89
C GLY A 275 49.96 1.58 4.48
N ILE A 276 49.09 0.62 4.19
CA ILE A 276 48.54 0.55 2.84
C ILE A 276 47.68 1.79 2.60
N LYS A 277 47.89 2.43 1.44
CA LYS A 277 47.14 3.63 1.06
C LYS A 277 46.53 3.45 -0.30
N VAL A 278 45.30 3.91 -0.47
CA VAL A 278 44.63 3.83 -1.77
C VAL A 278 44.09 5.20 -2.21
N ARG A 279 44.46 6.24 -1.45
CA ARG A 279 44.01 7.59 -1.72
C ARG A 279 44.02 7.98 -3.19
N GLN A 280 45.24 8.18 -3.72
CA GLN A 280 45.41 8.58 -5.10
C GLN A 280 44.73 7.62 -6.02
N LEU A 281 45.06 6.35 -5.90
CA LEU A 281 44.43 5.35 -6.75
C LEU A 281 42.92 5.56 -6.87
N SER A 282 42.31 5.99 -5.78
CA SER A 282 40.88 6.20 -5.76
C SER A 282 40.39 7.41 -6.56
N LYS A 283 41.24 8.43 -6.66
CA LYS A 283 40.88 9.64 -7.41
C LYS A 283 40.64 9.34 -8.88
N LEU A 284 41.30 8.31 -9.36
CA LEU A 284 41.14 7.93 -10.75
C LEU A 284 39.68 7.67 -11.10
N LEU A 285 38.92 7.15 -10.14
CA LEU A 285 37.52 6.85 -10.42
C LEU A 285 36.61 7.98 -10.01
N ARG A 286 37.15 9.20 -9.96
CA ARG A 286 36.30 10.32 -9.57
C ARG A 286 35.42 10.69 -10.73
N GLY A 287 34.25 11.23 -10.41
CA GLY A 287 33.31 11.62 -11.46
C GLY A 287 32.74 10.43 -12.22
N THR A 288 31.53 10.60 -12.74
CA THR A 288 30.87 9.55 -13.50
C THR A 288 31.88 8.91 -14.44
N LYS A 289 31.94 7.59 -14.47
CA LYS A 289 32.84 6.88 -15.39
C LYS A 289 32.08 5.62 -15.72
N ALA A 290 32.77 4.64 -16.29
CA ALA A 290 32.14 3.37 -16.60
C ALA A 290 33.16 2.30 -16.31
N LEU A 291 32.69 1.17 -15.82
CA LEU A 291 33.59 0.07 -15.51
C LEU A 291 34.56 -0.23 -16.66
N THR A 292 34.06 -0.22 -17.90
CA THR A 292 34.90 -0.50 -19.08
C THR A 292 35.92 0.58 -19.41
N GLU A 293 35.49 1.85 -19.44
CA GLU A 293 36.38 2.96 -19.76
C GLU A 293 37.79 2.66 -19.27
N VAL A 294 38.80 3.02 -20.07
CA VAL A 294 40.17 2.75 -19.69
C VAL A 294 40.88 3.96 -19.14
N ILE A 295 40.86 4.10 -17.83
CA ILE A 295 41.50 5.25 -17.23
C ILE A 295 43.01 5.01 -17.10
N PRO A 296 43.81 6.08 -17.25
CA PRO A 296 45.29 6.06 -17.15
C PRO A 296 45.86 6.36 -15.77
N LEU A 297 46.79 5.51 -15.32
CA LEU A 297 47.41 5.66 -13.99
C LEU A 297 48.35 6.85 -13.91
N THR A 298 47.89 7.90 -13.25
CA THR A 298 48.66 9.10 -13.10
C THR A 298 50.00 8.88 -12.42
N GLU A 299 50.70 9.98 -12.13
CA GLU A 299 52.00 9.91 -11.47
C GLU A 299 51.82 9.16 -10.15
N GLU A 300 51.21 9.86 -9.19
CA GLU A 300 50.99 9.29 -7.85
C GLU A 300 50.58 7.84 -7.87
N ALA A 301 49.40 7.59 -8.45
CA ALA A 301 48.85 6.25 -8.54
C ALA A 301 49.93 5.22 -8.89
N GLU A 302 50.66 5.47 -9.97
CA GLU A 302 51.71 4.57 -10.41
C GLU A 302 52.65 4.33 -9.25
N LEU A 303 52.98 5.43 -8.57
CA LEU A 303 53.90 5.40 -7.43
C LEU A 303 53.28 4.68 -6.22
N GLU A 304 52.07 5.11 -5.85
CA GLU A 304 51.34 4.52 -4.73
C GLU A 304 51.24 3.02 -4.92
N LEU A 305 50.58 2.59 -6.01
CA LEU A 305 50.42 1.17 -6.29
C LEU A 305 51.75 0.46 -6.08
N ALA A 306 52.82 1.19 -6.37
CA ALA A 306 54.17 0.64 -6.24
C ALA A 306 54.60 0.43 -4.79
N GLU A 307 54.62 1.54 -4.04
CA GLU A 307 55.01 1.53 -2.64
C GLU A 307 54.08 0.57 -1.91
N ASN A 308 52.83 0.57 -2.35
CA ASN A 308 51.79 -0.27 -1.77
C ASN A 308 52.04 -1.69 -2.17
N ARG A 309 52.76 -1.87 -3.26
CA ARG A 309 53.05 -3.21 -3.76
C ARG A 309 54.27 -3.81 -3.07
N GLU A 310 55.14 -2.92 -2.61
CA GLU A 310 56.35 -3.34 -1.93
C GLU A 310 56.08 -3.70 -0.48
N ILE A 311 54.87 -3.42 -0.01
CA ILE A 311 54.49 -3.73 1.37
C ILE A 311 53.99 -5.16 1.44
N LEU A 312 53.26 -5.59 0.42
CA LEU A 312 52.73 -6.95 0.39
C LEU A 312 53.82 -7.98 0.09
N LYS A 313 55.05 -7.51 0.03
CA LYS A 313 56.19 -8.38 -0.24
C LYS A 313 56.39 -9.28 0.98
N GLU A 314 56.87 -8.68 2.06
CA GLU A 314 57.14 -9.42 3.30
C GLU A 314 55.84 -9.58 4.07
N PRO A 315 55.25 -10.79 4.02
CA PRO A 315 53.99 -11.09 4.72
C PRO A 315 54.01 -10.79 6.21
N VAL A 316 52.84 -10.44 6.74
CA VAL A 316 52.69 -10.14 8.14
C VAL A 316 51.73 -11.12 8.79
N HIS A 317 51.62 -11.05 10.11
CA HIS A 317 50.75 -11.92 10.88
C HIS A 317 50.12 -11.11 12.01
N GLY A 318 48.99 -11.58 12.50
CA GLY A 318 48.35 -10.90 13.60
C GLY A 318 48.32 -11.86 14.77
N VAL A 319 48.33 -11.32 15.98
CA VAL A 319 48.30 -12.13 17.19
C VAL A 319 46.91 -12.12 17.84
N TYR A 320 46.51 -13.26 18.39
CA TYR A 320 45.15 -13.42 18.89
C TYR A 320 44.90 -12.55 20.11
N TYR A 321 43.68 -12.62 20.66
CA TYR A 321 43.25 -11.69 21.69
C TYR A 321 43.42 -12.29 23.07
N ASP A 322 43.97 -11.49 23.98
CA ASP A 322 44.10 -11.90 25.38
C ASP A 322 43.37 -10.94 26.31
N PRO A 323 42.25 -11.39 26.86
CA PRO A 323 41.38 -10.53 27.66
C PRO A 323 42.06 -10.10 28.96
N SER A 324 43.24 -10.64 29.23
CA SER A 324 43.86 -10.51 30.54
C SER A 324 44.61 -9.19 30.67
N LYS A 325 44.52 -8.36 29.63
CA LYS A 325 45.23 -7.09 29.60
C LYS A 325 44.60 -6.12 28.61
N ASP A 326 44.36 -4.89 29.03
CA ASP A 326 43.67 -3.91 28.22
C ASP A 326 44.34 -3.74 26.87
N LEU A 327 43.60 -3.22 25.89
CA LEU A 327 44.09 -3.08 24.54
C LEU A 327 44.76 -1.73 24.32
N ILE A 328 45.54 -1.62 23.24
CA ILE A 328 46.15 -0.35 22.86
C ILE A 328 45.97 -0.08 21.37
N ALA A 329 45.49 1.12 21.04
CA ALA A 329 45.42 1.55 19.65
C ALA A 329 46.26 2.81 19.43
N GLU A 330 47.14 2.76 18.43
CA GLU A 330 48.02 3.87 18.13
C GLU A 330 47.72 4.33 16.71
N ILE A 331 47.76 5.65 16.51
CA ILE A 331 47.47 6.22 15.22
C ILE A 331 48.58 7.18 14.84
N GLN A 332 48.81 7.37 13.55
CA GLN A 332 49.83 8.30 13.05
C GLN A 332 49.29 8.97 11.82
N LYS A 333 49.78 10.18 11.53
CA LYS A 333 49.33 10.90 10.35
C LYS A 333 50.06 10.43 9.06
N GLN A 334 49.38 9.64 8.25
CA GLN A 334 49.96 9.10 7.02
C GLN A 334 50.38 10.17 6.03
N GLY A 335 49.40 10.94 5.59
CA GLY A 335 49.67 11.97 4.63
C GLY A 335 48.59 12.98 4.87
N GLN A 336 48.54 14.02 4.04
CA GLN A 336 47.53 15.05 4.21
C GLN A 336 46.19 14.34 4.08
N GLY A 337 45.44 14.36 5.18
CA GLY A 337 44.14 13.71 5.21
C GLY A 337 44.19 12.25 5.65
N GLN A 338 45.21 11.49 5.23
CA GLN A 338 45.32 10.07 5.60
C GLN A 338 45.89 9.73 6.98
N TRP A 339 45.33 8.68 7.58
CA TRP A 339 45.73 8.17 8.90
C TRP A 339 45.73 6.64 8.96
N THR A 340 46.71 6.07 9.63
CA THR A 340 46.80 4.63 9.79
C THR A 340 46.94 4.34 11.26
N TYR A 341 46.43 3.18 11.68
CA TYR A 341 46.50 2.77 13.09
C TYR A 341 46.72 1.27 13.23
N GLN A 342 47.03 0.85 14.45
CA GLN A 342 47.18 -0.55 14.76
C GLN A 342 46.87 -0.74 16.23
N ILE A 343 46.15 -1.81 16.52
CA ILE A 343 45.74 -2.14 17.87
C ILE A 343 46.54 -3.37 18.30
N TYR A 344 47.16 -3.28 19.47
CA TYR A 344 47.96 -4.38 20.00
C TYR A 344 47.83 -4.55 21.51
N GLN A 345 48.39 -5.65 22.02
CA GLN A 345 48.41 -5.90 23.46
C GLN A 345 49.90 -5.92 23.86
N GLU A 346 50.72 -6.48 22.98
CA GLU A 346 52.15 -6.47 23.21
C GLU A 346 52.72 -5.56 22.14
N PRO A 347 53.71 -4.72 22.50
CA PRO A 347 54.34 -3.79 21.57
C PRO A 347 54.55 -4.12 20.10
N PHE A 348 55.21 -5.22 19.80
CA PHE A 348 55.47 -5.58 18.41
C PHE A 348 54.35 -6.42 17.85
N LYS A 349 53.66 -7.15 18.70
CA LYS A 349 52.61 -8.05 18.24
C LYS A 349 51.31 -7.28 17.95
N ASN A 350 51.17 -6.79 16.71
CA ASN A 350 49.99 -6.05 16.33
C ASN A 350 48.81 -7.01 16.36
N LEU A 351 47.72 -6.56 16.96
CA LEU A 351 46.52 -7.37 17.06
C LEU A 351 45.76 -7.27 15.77
N LYS A 352 45.76 -6.07 15.21
CA LYS A 352 45.08 -5.75 13.96
C LYS A 352 45.43 -4.31 13.53
N THR A 353 45.45 -4.02 12.23
CA THR A 353 45.74 -2.66 11.79
C THR A 353 44.62 -2.12 10.95
N GLY A 354 44.75 -0.86 10.55
CA GLY A 354 43.73 -0.23 9.72
C GLY A 354 44.14 1.16 9.35
N LYS A 355 43.24 1.88 8.70
CA LYS A 355 43.50 3.26 8.29
C LYS A 355 42.20 4.05 8.27
N TYR A 356 42.29 5.37 8.29
CA TYR A 356 41.11 6.20 8.20
C TYR A 356 41.45 7.40 7.35
N ALA A 357 40.88 7.44 6.15
CA ALA A 357 41.13 8.54 5.21
C ALA A 357 39.93 9.44 4.95
N ARG A 358 38.73 8.90 5.11
CA ARG A 358 37.52 9.66 4.86
C ARG A 358 37.75 11.11 5.30
N MET A 359 37.63 12.02 4.34
CA MET A 359 37.78 13.43 4.65
C MET A 359 36.33 13.96 4.64
N ARG A 360 35.85 14.33 5.83
CA ARG A 360 34.48 14.82 6.05
C ARG A 360 34.37 16.34 6.27
N GLY A 361 33.70 17.03 5.35
CA GLY A 361 33.54 18.47 5.46
C GLY A 361 34.30 19.20 4.35
N ALA A 362 34.10 20.51 4.25
CA ALA A 362 34.78 21.33 3.24
C ALA A 362 36.12 21.80 3.83
N HIS A 363 36.03 22.48 4.95
CA HIS A 363 37.21 22.96 5.66
C HIS A 363 37.27 22.35 7.07
N THR A 364 38.36 21.68 7.38
CA THR A 364 38.55 21.12 8.72
C THR A 364 40.04 21.26 9.04
N ASN A 365 40.51 20.49 10.01
CA ASN A 365 41.91 20.53 10.37
C ASN A 365 42.29 19.15 10.83
N ASP A 366 43.48 19.02 11.41
CA ASP A 366 43.91 17.72 11.82
C ASP A 366 43.31 17.22 13.11
N VAL A 367 43.18 18.10 14.10
CA VAL A 367 42.60 17.69 15.38
C VAL A 367 41.29 17.00 15.15
N LYS A 368 40.37 17.69 14.50
CA LYS A 368 39.04 17.15 14.22
C LYS A 368 39.06 15.80 13.47
N GLN A 369 39.93 15.67 12.50
CA GLN A 369 40.03 14.43 11.76
C GLN A 369 40.62 13.38 12.69
N LEU A 370 41.58 13.80 13.51
CA LEU A 370 42.23 12.89 14.44
C LEU A 370 41.16 12.34 15.33
N THR A 371 40.31 13.24 15.81
CA THR A 371 39.21 12.89 16.67
C THR A 371 38.32 11.88 15.96
N GLU A 372 38.10 12.09 14.68
CA GLU A 372 37.25 11.19 13.92
C GLU A 372 37.77 9.77 13.95
N ALA A 373 39.05 9.59 13.65
CA ALA A 373 39.65 8.25 13.68
C ALA A 373 39.47 7.58 15.05
N VAL A 374 39.75 8.33 16.10
CA VAL A 374 39.59 7.84 17.45
C VAL A 374 38.22 7.21 17.56
N GLN A 375 37.20 7.96 17.14
CA GLN A 375 35.83 7.49 17.22
C GLN A 375 35.55 6.30 16.32
N LYS A 376 36.20 6.30 15.16
CA LYS A 376 36.02 5.24 14.20
C LYS A 376 36.57 3.96 14.78
N ILE A 377 37.77 4.05 15.35
CA ILE A 377 38.40 2.88 15.95
C ILE A 377 37.64 2.40 17.21
N THR A 378 37.28 3.36 18.06
CA THR A 378 36.57 3.05 19.27
C THR A 378 35.43 2.13 18.89
N THR A 379 34.58 2.58 18.00
CA THR A 379 33.46 1.73 17.57
C THR A 379 33.95 0.37 17.10
N GLU A 380 34.77 0.34 16.06
CA GLU A 380 35.26 -0.91 15.54
C GLU A 380 35.80 -1.84 16.61
N SER A 381 36.35 -1.25 17.68
CA SER A 381 36.91 -2.04 18.79
C SER A 381 35.81 -2.71 19.64
N ILE A 382 34.74 -1.98 19.89
CA ILE A 382 33.64 -2.52 20.67
C ILE A 382 33.00 -3.67 19.87
N VAL A 383 33.02 -3.56 18.55
CA VAL A 383 32.42 -4.60 17.75
C VAL A 383 33.21 -5.87 17.83
N ILE A 384 34.53 -5.75 17.92
CA ILE A 384 35.35 -6.95 17.97
C ILE A 384 35.65 -7.45 19.34
N TRP A 385 35.95 -6.54 20.26
CA TRP A 385 36.29 -6.94 21.61
C TRP A 385 35.30 -6.55 22.67
N GLY A 386 34.47 -5.57 22.38
CA GLY A 386 33.47 -5.17 23.36
C GLY A 386 33.92 -4.10 24.33
N LYS A 387 35.13 -3.59 24.14
CA LYS A 387 35.59 -2.54 25.01
C LYS A 387 36.24 -1.47 24.16
N THR A 388 36.60 -0.37 24.79
CA THR A 388 37.28 0.70 24.10
C THR A 388 38.74 0.64 24.56
N PRO A 389 39.68 0.66 23.62
CA PRO A 389 41.09 0.60 23.97
C PRO A 389 41.65 1.94 24.39
N LYS A 390 42.88 1.90 24.90
CA LYS A 390 43.59 3.09 25.34
C LYS A 390 44.25 3.60 24.08
N PHE A 391 44.36 4.92 23.95
CA PHE A 391 44.94 5.51 22.75
C PHE A 391 46.28 6.17 22.92
N LYS A 392 47.15 5.91 21.95
CA LYS A 392 48.48 6.51 21.89
C LYS A 392 48.37 7.46 20.70
N LEU A 393 48.23 8.76 20.98
CA LEU A 393 48.05 9.75 19.91
C LEU A 393 49.19 10.76 19.73
N PRO A 394 49.61 10.98 18.48
CA PRO A 394 50.67 11.92 18.19
C PRO A 394 50.22 13.35 18.33
N ILE A 395 49.71 13.72 19.49
CA ILE A 395 49.25 15.08 19.70
C ILE A 395 49.49 15.55 21.12
N GLN A 396 50.04 16.77 21.24
CA GLN A 396 50.35 17.35 22.54
C GLN A 396 49.19 17.49 23.50
N LYS A 397 49.35 16.96 24.71
CA LYS A 397 48.28 17.06 25.68
C LYS A 397 47.85 18.50 25.83
N GLU A 398 48.79 19.40 25.58
CA GLU A 398 48.46 20.80 25.73
C GLU A 398 47.68 21.25 24.50
N THR A 399 48.09 20.78 23.33
CA THR A 399 47.42 21.16 22.10
C THR A 399 45.92 20.92 22.26
N TRP A 400 45.59 19.66 22.54
CA TRP A 400 44.21 19.22 22.68
C TRP A 400 43.41 19.98 23.70
N GLU A 401 43.97 20.19 24.88
CA GLU A 401 43.24 20.91 25.92
C GLU A 401 42.82 22.26 25.39
N THR A 402 43.75 22.97 24.77
CA THR A 402 43.46 24.29 24.22
C THR A 402 42.20 24.11 23.37
N TRP A 403 42.28 23.16 22.45
CA TRP A 403 41.19 22.86 21.54
C TRP A 403 39.81 22.66 22.15
N TRP A 404 39.64 21.56 22.87
CA TRP A 404 38.34 21.24 23.46
C TRP A 404 37.79 22.30 24.40
N THR A 405 38.69 23.12 24.91
CA THR A 405 38.27 24.16 25.81
C THR A 405 38.01 25.44 25.05
N GLU A 406 38.20 25.42 23.72
CA GLU A 406 37.95 26.62 22.97
C GLU A 406 36.98 26.43 21.81
N TYR A 407 36.82 25.18 21.40
CA TYR A 407 35.90 24.87 20.33
C TYR A 407 34.49 24.97 20.88
N TRP A 408 33.55 25.48 20.10
CA TRP A 408 32.21 25.63 20.61
C TRP A 408 31.36 24.40 20.69
N GLN A 409 31.79 23.32 20.04
CA GLN A 409 31.02 22.08 20.08
C GLN A 409 31.53 21.19 21.20
N ALA A 410 30.70 20.30 21.72
CA ALA A 410 31.16 19.42 22.78
C ALA A 410 32.15 18.48 22.12
N THR A 411 33.11 17.96 22.85
CA THR A 411 34.04 17.05 22.22
C THR A 411 34.81 16.25 23.22
N TRP A 412 35.33 15.09 22.84
CA TRP A 412 36.09 14.29 23.79
C TRP A 412 36.78 13.05 23.21
N ILE A 413 37.89 12.70 23.86
CA ILE A 413 38.71 11.55 23.52
C ILE A 413 38.85 10.73 24.80
N PRO A 414 38.80 9.39 24.71
CA PRO A 414 38.91 8.54 25.90
C PRO A 414 40.28 8.64 26.54
N GLU A 415 40.61 7.67 27.39
CA GLU A 415 41.91 7.70 28.05
C GLU A 415 42.94 7.61 26.94
N TRP A 416 43.85 8.57 26.88
CA TRP A 416 44.88 8.56 25.85
C TRP A 416 46.17 9.18 26.35
N GLU A 417 47.29 8.77 25.79
CA GLU A 417 48.58 9.31 26.18
C GLU A 417 49.34 9.87 24.99
N PHE A 418 50.19 10.88 25.25
CA PHE A 418 50.97 11.48 24.17
C PHE A 418 52.17 10.65 23.74
N VAL A 419 52.40 10.60 22.43
CA VAL A 419 53.53 9.86 21.85
C VAL A 419 54.21 10.81 20.85
N ASN A 420 55.51 11.06 21.04
CA ASN A 420 56.23 11.97 20.14
C ASN A 420 56.75 11.31 18.87
N THR A 421 55.85 10.76 18.06
CA THR A 421 56.23 10.10 16.81
C THR A 421 55.76 10.90 15.59
N PRO A 422 56.60 11.86 15.13
CA PRO A 422 56.40 12.77 14.00
C PRO A 422 55.88 12.11 12.74
N PRO A 423 55.01 12.81 11.99
CA PRO A 423 54.51 14.17 12.27
C PRO A 423 53.65 14.27 13.52
N LEU A 424 53.38 15.49 13.95
CA LEU A 424 52.55 15.69 15.13
C LEU A 424 51.40 16.64 14.83
N VAL A 425 50.24 16.34 15.38
CA VAL A 425 49.09 17.19 15.15
C VAL A 425 49.14 18.42 16.04
N LYS A 426 48.80 19.58 15.46
CA LYS A 426 48.81 20.84 16.19
C LYS A 426 48.02 21.89 15.45
N LEU A 427 47.42 22.81 16.18
CA LEU A 427 46.68 23.89 15.53
C LEU A 427 47.73 24.83 14.92
N TRP A 428 47.55 25.24 13.66
CA TRP A 428 48.51 26.09 13.00
C TRP A 428 48.50 27.56 13.28
N TYR A 429 47.56 28.03 14.08
CA TYR A 429 47.48 29.44 14.47
C TYR A 429 46.27 29.61 15.33
N GLN A 430 46.20 30.70 16.05
CA GLN A 430 45.07 30.94 16.93
C GLN A 430 44.68 32.38 16.79
N LEU A 431 43.37 32.64 16.78
CA LEU A 431 42.92 34.02 16.70
C LEU A 431 43.01 34.63 18.09
N GLU A 432 43.45 35.89 18.13
CA GLU A 432 43.57 36.61 19.39
C GLU A 432 42.22 36.75 20.06
N LYS A 433 42.21 36.73 21.37
CA LYS A 433 40.98 36.85 22.13
C LYS A 433 40.53 38.30 22.17
N GLU A 434 41.51 39.21 22.31
CA GLU A 434 41.25 40.66 22.38
C GLU A 434 41.98 41.41 21.25
N PRO A 435 41.44 42.58 20.81
CA PRO A 435 42.07 43.36 19.73
C PRO A 435 43.53 43.69 20.03
N ILE A 436 44.36 43.80 19.00
CA ILE A 436 45.77 44.12 19.20
C ILE A 436 45.98 45.62 19.12
N VAL A 437 46.55 46.19 20.16
CA VAL A 437 46.83 47.62 20.19
C VAL A 437 47.85 47.99 19.11
N GLY A 438 47.71 49.20 18.56
CA GLY A 438 48.64 49.70 17.57
C GLY A 438 48.83 48.75 16.41
N ALA A 439 47.72 48.29 15.85
CA ALA A 439 47.76 47.56 14.58
C ALA A 439 46.65 48.04 13.63
N GLU A 440 46.97 48.10 12.35
CA GLU A 440 45.99 48.45 11.34
C GLU A 440 44.70 47.68 11.53
N THR A 441 43.60 48.40 11.71
CA THR A 441 42.29 47.77 11.86
C THR A 441 41.53 47.75 10.54
N PHE A 442 41.59 46.60 9.86
CA PHE A 442 40.95 46.46 8.55
C PHE A 442 39.46 46.17 8.70
N TYR A 443 38.63 47.13 8.30
CA TYR A 443 37.23 46.88 8.02
C TYR A 443 37.04 46.38 6.59
N VAL A 444 36.46 45.19 6.47
CA VAL A 444 36.40 44.50 5.17
C VAL A 444 34.97 44.10 4.84
N ASP A 445 34.63 44.17 3.55
CA ASP A 445 33.43 43.53 3.04
C ASP A 445 33.56 43.21 1.56
N GLY A 446 32.46 42.77 0.95
CA GLY A 446 32.41 42.57 -0.48
C GLY A 446 30.96 42.31 -0.79
N ALA A 447 30.59 42.32 -2.05
CA ALA A 447 29.21 42.08 -2.46
C ALA A 447 29.22 41.58 -3.87
N ALA A 448 28.06 41.14 -4.35
CA ALA A 448 28.03 40.64 -5.71
C ALA A 448 26.63 40.65 -6.30
N ASN A 449 26.56 40.61 -7.63
CA ASN A 449 25.26 40.60 -8.29
C ASN A 449 24.91 39.19 -8.73
N ARG A 450 23.88 38.66 -8.11
CA ARG A 450 23.43 37.31 -8.40
C ARG A 450 22.86 37.12 -9.80
N GLU A 451 23.15 38.06 -10.69
CA GLU A 451 22.66 37.96 -12.07
C GLU A 451 23.82 38.19 -13.02
N THR A 452 24.70 39.12 -12.67
CA THR A 452 25.85 39.43 -13.50
C THR A 452 27.04 38.64 -12.98
N LYS A 453 26.91 38.21 -11.73
CA LYS A 453 27.95 37.43 -11.07
C LYS A 453 29.21 38.23 -10.83
N LEU A 454 29.13 39.55 -11.03
CA LEU A 454 30.26 40.43 -10.76
C LEU A 454 30.28 40.87 -9.30
N GLY A 455 31.45 41.28 -8.84
CA GLY A 455 31.69 41.40 -7.41
C GLY A 455 32.85 42.34 -7.10
N LYS A 456 32.72 43.09 -6.01
CA LYS A 456 33.79 43.95 -5.54
C LYS A 456 34.09 43.56 -4.09
N ALA A 457 35.34 43.22 -3.82
CA ALA A 457 35.77 42.88 -2.47
C ALA A 457 36.83 43.89 -2.05
N GLY A 458 36.55 44.62 -0.96
CA GLY A 458 37.33 45.79 -0.63
C GLY A 458 37.58 45.92 0.87
N TYR A 459 38.62 46.65 1.24
CA TYR A 459 38.88 46.96 2.63
C TYR A 459 39.22 48.44 2.81
N VAL A 460 39.19 48.90 4.06
CA VAL A 460 39.50 50.29 4.37
C VAL A 460 39.90 50.23 5.85
N THR A 461 40.94 50.97 6.19
CA THR A 461 41.58 50.83 7.50
C THR A 461 41.39 52.17 8.19
N ASN A 462 41.81 52.25 9.45
CA ASN A 462 41.76 53.49 10.20
C ASN A 462 42.90 54.43 9.83
N LYS A 463 43.99 53.85 9.34
CA LYS A 463 45.15 54.64 8.90
C LYS A 463 44.92 55.19 7.49
N GLY A 464 43.69 55.06 6.99
CA GLY A 464 43.27 55.79 5.81
C GLY A 464 43.55 55.04 4.53
N ARG A 465 44.31 53.97 4.63
CA ARG A 465 44.47 53.03 3.53
C ARG A 465 43.22 52.29 3.06
N GLN A 466 43.17 52.00 1.76
CA GLN A 466 41.92 51.58 1.12
C GLN A 466 42.13 50.85 -0.19
N LYS A 467 41.21 49.94 -0.51
CA LYS A 467 41.36 49.08 -1.68
C LYS A 467 40.04 48.38 -2.00
N VAL A 468 39.70 48.32 -3.29
CA VAL A 468 38.64 47.45 -3.77
C VAL A 468 39.03 46.77 -5.07
N VAL A 469 38.74 45.48 -5.18
CA VAL A 469 39.03 44.72 -6.39
C VAL A 469 37.75 44.20 -7.03
N PRO A 470 37.74 44.11 -8.35
CA PRO A 470 36.58 43.58 -9.08
C PRO A 470 36.71 42.09 -9.36
N LEU A 471 35.58 41.39 -9.40
CA LEU A 471 35.58 39.93 -9.47
C LEU A 471 34.65 39.44 -10.56
N THR A 472 35.16 38.58 -11.45
CA THR A 472 34.37 38.09 -12.59
C THR A 472 33.02 37.49 -12.28
N ASN A 473 33.02 36.26 -11.76
CA ASN A 473 31.80 35.58 -11.41
C ASN A 473 32.01 34.97 -10.04
N THR A 474 31.44 35.63 -9.04
CA THR A 474 31.61 35.22 -7.67
C THR A 474 30.28 35.13 -6.95
N THR A 475 30.35 34.76 -5.68
CA THR A 475 29.17 34.61 -4.85
C THR A 475 29.25 35.63 -3.74
N ASN A 476 28.10 36.16 -3.37
CA ASN A 476 28.06 37.15 -2.30
C ASN A 476 28.89 36.70 -1.10
N GLN A 477 29.06 35.40 -0.97
CA GLN A 477 29.80 34.85 0.13
C GLN A 477 31.29 34.96 -0.11
N LYS A 478 31.74 34.40 -1.22
CA LYS A 478 33.16 34.42 -1.56
C LYS A 478 33.80 35.80 -1.43
N THR A 479 33.08 36.82 -1.88
CA THR A 479 33.60 38.18 -1.83
C THR A 479 34.02 38.50 -0.42
N GLU A 480 33.11 38.27 0.53
CA GLU A 480 33.38 38.50 1.94
C GLU A 480 34.66 37.77 2.30
N LEU A 481 34.82 36.58 1.74
CA LEU A 481 36.05 35.84 1.92
C LEU A 481 37.23 36.60 1.34
N GLN A 482 37.18 36.87 0.03
CA GLN A 482 38.22 37.65 -0.67
C GLN A 482 38.66 38.84 0.15
N ALA A 483 37.70 39.68 0.53
CA ALA A 483 37.99 40.83 1.35
C ALA A 483 38.99 40.43 2.45
N ILE A 484 38.59 39.54 3.32
CA ILE A 484 39.50 39.12 4.39
C ILE A 484 40.88 38.68 3.84
N TYR A 485 40.90 38.15 2.63
CA TYR A 485 42.17 37.71 2.06
C TYR A 485 42.98 38.95 1.82
N LEU A 486 42.43 39.85 1.02
CA LEU A 486 43.08 41.13 0.71
C LEU A 486 43.58 41.75 2.00
N ALA A 487 42.67 41.94 2.96
CA ALA A 487 43.02 42.51 4.25
C ALA A 487 44.20 41.79 4.88
N LEU A 488 44.30 40.48 4.67
CA LEU A 488 45.41 39.74 5.24
C LEU A 488 46.66 39.88 4.41
N GLN A 489 46.51 39.94 3.09
CA GLN A 489 47.68 40.12 2.20
C GLN A 489 48.30 41.47 2.56
N ASP A 490 47.58 42.53 2.23
CA ASP A 490 48.03 43.87 2.49
C ASP A 490 48.15 44.13 3.96
N SER A 491 47.87 43.14 4.79
CA SER A 491 47.96 43.36 6.23
C SER A 491 49.40 43.43 6.69
N GLY A 492 49.58 43.67 7.98
CA GLY A 492 50.93 43.74 8.54
C GLY A 492 51.33 42.40 9.11
N LEU A 493 51.72 42.40 10.38
CA LEU A 493 52.15 41.19 11.04
C LEU A 493 51.23 41.02 12.22
N GLU A 494 50.54 42.11 12.55
CA GLU A 494 49.59 42.15 13.66
C GLU A 494 48.42 42.94 13.09
N VAL A 495 47.30 42.27 12.84
CA VAL A 495 46.17 42.97 12.28
C VAL A 495 44.84 42.71 12.94
N ASN A 496 43.93 43.64 12.74
CA ASN A 496 42.60 43.53 13.27
C ASN A 496 41.70 43.59 12.07
N ILE A 497 40.80 42.62 11.99
CA ILE A 497 39.88 42.53 10.87
C ILE A 497 38.44 42.39 11.34
N VAL A 498 37.61 43.40 11.04
CA VAL A 498 36.22 43.28 11.41
C VAL A 498 35.44 42.94 10.14
N THR A 499 34.36 42.18 10.31
CA THR A 499 33.55 41.77 9.18
C THR A 499 32.10 41.60 9.60
N ASP A 500 31.21 41.45 8.62
CA ASP A 500 29.78 41.27 8.84
C ASP A 500 29.41 39.85 8.39
N SER A 501 30.37 39.18 7.79
CA SER A 501 30.14 37.84 7.30
C SER A 501 30.36 36.77 8.32
N GLN A 502 29.26 36.21 8.82
CA GLN A 502 29.36 35.12 9.77
C GLN A 502 29.97 33.96 9.00
N TYR A 503 29.42 33.70 7.82
CA TYR A 503 29.89 32.63 6.95
C TYR A 503 31.39 32.58 6.96
N ALA A 504 32.02 33.70 6.63
CA ALA A 504 33.47 33.80 6.62
C ALA A 504 33.94 33.57 8.03
N LEU A 505 33.61 34.50 8.89
CA LEU A 505 34.00 34.41 10.28
C LEU A 505 33.94 32.98 10.79
N GLY A 506 32.86 32.30 10.44
CA GLY A 506 32.66 30.95 10.88
C GLY A 506 33.75 30.01 10.46
N ILE A 507 34.07 30.01 9.18
CA ILE A 507 35.10 29.10 8.69
C ILE A 507 36.39 29.32 9.43
N ILE A 508 36.79 30.58 9.51
CA ILE A 508 38.04 30.89 10.16
C ILE A 508 38.14 30.55 11.64
N GLN A 509 37.06 30.71 12.39
CA GLN A 509 37.07 30.47 13.84
C GLN A 509 37.31 29.04 14.27
N ALA A 510 37.08 28.11 13.36
CA ALA A 510 37.30 26.73 13.69
C ALA A 510 38.75 26.33 13.37
N GLN A 511 39.57 27.33 13.09
CA GLN A 511 40.99 27.11 12.78
C GLN A 511 41.21 25.96 11.80
N PRO A 512 40.96 26.21 10.52
CA PRO A 512 41.13 25.19 9.52
C PRO A 512 42.59 25.08 9.13
N ASP A 513 43.00 23.91 8.67
CA ASP A 513 44.38 23.69 8.19
C ASP A 513 44.33 22.92 6.87
N LYS A 514 43.23 22.76 6.31
CA LYS A 514 42.97 22.10 5.03
C LYS A 514 41.66 22.60 4.42
N SER A 515 41.36 22.35 3.25
CA SER A 515 40.12 22.83 2.65
C SER A 515 40.06 22.48 1.17
N GLU A 516 38.85 22.39 0.65
CA GLU A 516 38.67 22.09 -0.75
C GLU A 516 38.56 23.43 -1.46
N SER A 517 38.54 24.53 -0.70
CA SER A 517 38.41 25.85 -1.32
C SER A 517 39.71 26.57 -1.51
N GLU A 518 40.11 26.73 -2.77
CA GLU A 518 41.34 27.41 -3.14
C GLU A 518 41.57 28.60 -2.21
N LEU A 519 40.65 29.55 -2.29
CA LEU A 519 40.69 30.78 -1.51
C LEU A 519 41.07 30.56 -0.05
N VAL A 520 40.34 29.66 0.62
CA VAL A 520 40.57 29.39 2.03
C VAL A 520 41.98 28.95 2.35
N ASN A 521 42.56 28.12 1.49
CA ASN A 521 43.93 27.66 1.71
C ASN A 521 44.85 28.87 1.68
N GLN A 522 44.51 29.83 0.82
CA GLN A 522 45.30 31.04 0.71
C GLN A 522 45.12 31.80 2.04
N ILE A 523 43.88 31.95 2.48
CA ILE A 523 43.61 32.64 3.73
C ILE A 523 44.32 31.94 4.84
N ILE A 524 44.26 30.61 4.80
CA ILE A 524 44.91 29.76 5.79
C ILE A 524 46.39 30.14 5.81
N GLU A 525 47.07 29.81 4.70
CA GLU A 525 48.49 30.09 4.53
C GLU A 525 48.82 31.44 5.11
N GLN A 526 48.12 32.47 4.63
CA GLN A 526 48.35 33.83 5.09
C GLN A 526 48.24 33.97 6.61
N LEU A 527 47.33 33.23 7.22
CA LEU A 527 47.15 33.31 8.66
C LEU A 527 48.32 32.74 9.42
N ILE A 528 48.84 31.61 8.97
CA ILE A 528 50.01 31.02 9.63
C ILE A 528 51.11 32.06 9.71
N LYS A 529 51.46 32.61 8.54
CA LYS A 529 52.48 33.64 8.42
C LYS A 529 52.26 34.79 9.40
N LYS A 530 51.01 35.13 9.68
CA LYS A 530 50.75 36.23 10.60
C LYS A 530 51.31 35.94 11.98
N GLU A 531 51.25 36.94 12.86
CA GLU A 531 51.77 36.79 14.22
C GLU A 531 50.66 36.95 15.25
N LYS A 532 49.77 37.89 15.01
CA LYS A 532 48.66 38.15 15.93
C LYS A 532 47.43 38.67 15.19
N VAL A 533 46.55 37.75 14.79
CA VAL A 533 45.34 38.12 14.08
C VAL A 533 44.15 38.21 15.04
N TYR A 534 43.11 38.92 14.63
CA TYR A 534 41.92 39.09 15.46
C TYR A 534 40.80 39.56 14.54
N LEU A 535 39.88 38.66 14.21
CA LEU A 535 38.75 38.99 13.34
C LEU A 535 37.55 39.32 14.22
N ALA A 536 36.85 40.39 13.87
CA ALA A 536 35.68 40.82 14.62
C ALA A 536 34.42 40.73 13.77
N TRP A 537 33.26 40.78 14.41
CA TRP A 537 31.98 40.71 13.72
C TRP A 537 31.13 41.95 13.97
N VAL A 538 30.34 42.33 12.97
CA VAL A 538 29.48 43.50 13.08
C VAL A 538 28.26 43.37 12.19
N PRO A 539 27.08 43.54 12.79
CA PRO A 539 25.81 43.43 12.05
C PRO A 539 25.85 44.25 10.75
N ALA A 540 25.66 43.58 9.63
CA ALA A 540 25.67 44.24 8.33
C ALA A 540 24.57 45.31 8.32
N HIS A 541 24.63 46.21 7.34
CA HIS A 541 23.67 47.30 7.18
C HIS A 541 23.14 47.89 8.50
N LYS A 542 24.07 48.27 9.37
CA LYS A 542 23.68 48.84 10.65
C LYS A 542 24.43 50.16 10.88
N GLY A 543 25.18 50.57 9.84
CA GLY A 543 25.95 51.82 9.86
C GLY A 543 27.00 51.91 10.95
N ILE A 544 27.75 50.84 11.16
CA ILE A 544 28.76 50.82 12.21
C ILE A 544 30.21 51.04 11.91
N GLY A 545 30.75 52.12 12.48
CA GLY A 545 32.15 52.43 12.30
C GLY A 545 32.55 52.33 10.84
N GLY A 546 33.63 51.60 10.57
CA GLY A 546 34.07 51.51 9.20
C GLY A 546 33.27 50.55 8.37
N ASN A 547 32.61 49.63 9.03
CA ASN A 547 31.80 48.69 8.29
C ASN A 547 30.93 49.42 7.27
N GLU A 548 30.30 50.51 7.71
CA GLU A 548 29.44 51.30 6.84
C GLU A 548 30.15 51.66 5.54
N GLN A 549 31.40 52.10 5.66
CA GLN A 549 32.13 52.66 4.53
C GLN A 549 32.41 51.60 3.48
N VAL A 550 33.23 50.61 3.84
CA VAL A 550 33.56 49.51 2.93
C VAL A 550 32.37 49.12 2.07
N ASP A 551 31.24 48.84 2.73
CA ASP A 551 30.00 48.54 2.03
C ASP A 551 29.76 49.52 0.89
N LYS A 552 29.49 50.78 1.25
CA LYS A 552 29.35 51.85 0.27
C LYS A 552 30.27 51.62 -0.93
N LEU A 553 31.55 51.42 -0.65
CA LEU A 553 32.53 51.11 -1.69
C LEU A 553 32.14 49.85 -2.45
N VAL A 554 32.25 48.71 -1.79
CA VAL A 554 32.28 47.42 -2.47
C VAL A 554 30.98 47.17 -3.23
N SER A 555 29.89 47.71 -2.70
CA SER A 555 28.57 47.55 -3.32
C SER A 555 28.22 48.74 -4.20
N ALA A 556 29.22 49.26 -4.90
CA ALA A 556 29.02 50.42 -5.78
C ALA A 556 28.08 50.32 -6.97
N GLY A 557 28.40 49.44 -7.90
CA GLY A 557 27.58 49.25 -9.10
C GLY A 557 26.81 47.95 -9.18
N ILE A 558 26.23 47.53 -8.05
CA ILE A 558 25.46 46.30 -7.99
C ILE A 558 24.12 46.40 -7.28
N ARG A 559 23.82 47.57 -6.75
CA ARG A 559 22.56 47.78 -6.04
C ARG A 559 22.16 49.26 -6.06
N LYS A 560 22.65 49.99 -7.06
CA LYS A 560 22.36 51.41 -7.20
C LYS A 560 20.89 51.63 -7.51
N VAL A 561 20.47 51.24 -8.72
CA VAL A 561 19.09 51.39 -9.15
C VAL A 561 18.60 50.15 -9.89
N LEU A 562 17.32 50.15 -10.25
CA LEU A 562 16.73 49.03 -10.97
C LEU A 562 16.49 49.37 -12.44
N SER B 3 -10.07 -17.81 34.95
CA SER B 3 -9.76 -16.36 35.14
C SER B 3 -8.81 -15.81 34.07
N PRO B 4 -9.38 -15.32 32.93
CA PRO B 4 -8.47 -14.79 31.88
C PRO B 4 -8.05 -13.31 32.15
N ILE B 5 -7.07 -12.82 31.41
CA ILE B 5 -6.66 -11.45 31.58
C ILE B 5 -6.57 -10.84 30.16
N GLU B 6 -7.42 -9.87 29.96
CA GLU B 6 -7.68 -9.10 28.75
C GLU B 6 -6.54 -8.37 28.09
N THR B 7 -6.81 -7.73 26.95
CA THR B 7 -5.79 -6.91 26.27
C THR B 7 -6.45 -5.80 25.48
N VAL B 8 -5.71 -4.72 25.29
CA VAL B 8 -6.20 -3.59 24.53
C VAL B 8 -5.58 -3.63 23.14
N PRO B 9 -6.41 -3.64 22.08
CA PRO B 9 -5.84 -3.67 20.72
C PRO B 9 -5.21 -2.30 20.41
N VAL B 10 -4.01 -2.32 19.83
CA VAL B 10 -3.30 -1.11 19.47
C VAL B 10 -3.32 -0.87 17.96
N LYS B 11 -4.38 -0.23 17.51
CA LYS B 11 -4.55 0.08 16.10
C LYS B 11 -3.38 0.96 15.72
N LEU B 12 -2.64 0.56 14.70
CA LEU B 12 -1.52 1.38 14.26
C LEU B 12 -2.11 2.37 13.24
N LYS B 13 -1.53 3.58 13.16
CA LYS B 13 -2.02 4.62 12.22
C LYS B 13 -1.95 4.19 10.75
N PRO B 14 -2.98 4.55 9.96
CA PRO B 14 -3.02 4.19 8.54
C PRO B 14 -1.74 4.65 7.81
N GLY B 15 -1.30 3.84 6.84
CA GLY B 15 -0.10 4.19 6.09
C GLY B 15 1.10 4.30 6.99
N MET B 16 1.05 3.59 8.10
CA MET B 16 2.16 3.60 9.04
C MET B 16 2.76 2.21 9.05
N ASP B 17 4.08 2.19 8.84
CA ASP B 17 4.81 0.93 8.81
C ASP B 17 5.54 0.88 10.14
N GLY B 18 5.76 -0.33 10.65
CA GLY B 18 6.45 -0.48 11.92
C GLY B 18 7.87 0.08 11.90
N PRO B 19 8.64 -0.08 12.97
CA PRO B 19 9.99 0.44 12.95
C PRO B 19 10.96 -0.64 12.45
N LYS B 20 12.02 -0.19 11.78
CA LYS B 20 13.05 -1.08 11.28
C LYS B 20 14.37 -0.39 11.51
N VAL B 21 14.90 -0.48 12.71
CA VAL B 21 16.16 0.13 13.03
C VAL B 21 17.24 -0.92 13.27
N LYS B 22 18.44 -0.74 12.71
CA LYS B 22 19.53 -1.72 12.93
C LYS B 22 19.99 -1.59 14.38
N GLN B 23 20.55 -2.67 14.92
CA GLN B 23 21.03 -2.67 16.30
C GLN B 23 22.41 -2.10 16.39
N TRP B 24 22.65 -1.23 17.35
CA TRP B 24 23.98 -0.68 17.45
C TRP B 24 24.81 -1.47 18.38
N PRO B 25 26.03 -1.86 17.96
CA PRO B 25 26.99 -2.65 18.73
C PRO B 25 27.16 -2.24 20.21
N LEU B 26 26.98 -3.21 21.12
CA LEU B 26 27.09 -2.95 22.55
C LEU B 26 28.42 -3.45 23.07
N THR B 27 28.79 -3.02 24.26
CA THR B 27 30.05 -3.44 24.88
C THR B 27 29.98 -4.83 25.55
N GLU B 28 31.14 -5.32 25.99
CA GLU B 28 31.23 -6.62 26.65
C GLU B 28 30.19 -6.75 27.76
N GLU B 29 30.24 -5.85 28.72
CA GLU B 29 29.30 -5.91 29.84
C GLU B 29 27.87 -5.67 29.41
N LYS B 30 27.63 -4.55 28.74
CA LYS B 30 26.30 -4.26 28.25
C LYS B 30 25.64 -5.53 27.67
N ILE B 31 26.32 -6.23 26.78
CA ILE B 31 25.77 -7.44 26.18
C ILE B 31 25.53 -8.46 27.24
N LYS B 32 26.59 -8.85 27.95
CA LYS B 32 26.46 -9.84 29.03
C LYS B 32 25.17 -9.62 29.78
N ALA B 33 25.09 -8.49 30.48
CA ALA B 33 23.91 -8.12 31.29
C ALA B 33 22.60 -8.18 30.53
N LEU B 34 22.65 -7.79 29.27
CA LEU B 34 21.48 -7.78 28.46
C LEU B 34 21.03 -9.18 28.17
N VAL B 35 21.97 -10.09 27.99
CA VAL B 35 21.61 -11.48 27.68
C VAL B 35 20.91 -12.12 28.87
N GLU B 36 21.42 -11.80 30.05
CA GLU B 36 20.87 -12.31 31.30
C GLU B 36 19.47 -11.76 31.47
N ILE B 37 19.35 -10.43 31.46
CA ILE B 37 18.05 -9.81 31.62
C ILE B 37 17.07 -10.49 30.68
N CYS B 38 17.53 -10.83 29.49
CA CYS B 38 16.64 -11.42 28.53
C CYS B 38 16.28 -12.86 28.78
N THR B 39 17.19 -13.62 29.36
CA THR B 39 16.89 -15.03 29.62
C THR B 39 15.73 -15.13 30.60
N GLU B 40 15.82 -14.38 31.68
CA GLU B 40 14.74 -14.40 32.66
C GLU B 40 13.44 -13.90 32.04
N MET B 41 13.46 -12.69 31.52
CA MET B 41 12.26 -12.17 30.89
C MET B 41 11.62 -13.20 29.98
N GLU B 42 12.45 -14.02 29.35
CA GLU B 42 11.92 -15.02 28.45
C GLU B 42 11.35 -16.18 29.22
N LYS B 43 11.89 -16.37 30.43
CA LYS B 43 11.49 -17.45 31.36
C LYS B 43 10.20 -17.07 32.03
N GLU B 44 10.14 -15.83 32.53
CA GLU B 44 8.94 -15.30 33.16
C GLU B 44 7.89 -14.99 32.08
N GLY B 45 8.10 -15.49 30.86
CA GLY B 45 7.17 -15.26 29.77
C GLY B 45 6.91 -13.83 29.35
N LYS B 46 7.78 -12.91 29.73
CA LYS B 46 7.59 -11.53 29.35
C LYS B 46 7.76 -11.38 27.84
N ILE B 47 8.83 -12.00 27.31
CA ILE B 47 9.17 -11.95 25.89
C ILE B 47 9.33 -13.35 25.32
N SER B 48 9.35 -13.45 24.00
CA SER B 48 9.47 -14.73 23.32
C SER B 48 10.40 -14.62 22.13
N LYS B 49 11.08 -15.71 21.76
CA LYS B 49 12.00 -15.67 20.65
C LYS B 49 11.25 -15.69 19.33
N ILE B 50 11.71 -14.86 18.39
CA ILE B 50 11.11 -14.75 17.08
C ILE B 50 12.14 -15.04 16.02
N GLY B 51 11.68 -15.15 14.77
CA GLY B 51 12.59 -15.38 13.68
C GLY B 51 12.81 -14.15 12.79
N PRO B 52 13.18 -14.38 11.54
CA PRO B 52 13.41 -13.26 10.64
C PRO B 52 12.19 -13.00 9.79
N GLU B 53 11.15 -13.81 9.95
CA GLU B 53 9.92 -13.61 9.19
C GLU B 53 9.32 -12.29 9.65
N ASN B 54 9.68 -11.86 10.86
CA ASN B 54 9.22 -10.60 11.42
C ASN B 54 10.12 -9.53 10.80
N PRO B 55 9.55 -8.57 10.09
CA PRO B 55 10.37 -7.53 9.47
C PRO B 55 10.69 -6.33 10.31
N TYR B 56 10.36 -6.33 11.59
CA TYR B 56 10.62 -5.13 12.38
C TYR B 56 11.77 -5.21 13.39
N ASN B 57 12.21 -4.03 13.83
CA ASN B 57 13.25 -3.96 14.83
C ASN B 57 13.33 -2.64 15.53
N THR B 58 13.96 -2.67 16.68
CA THR B 58 14.21 -1.51 17.55
C THR B 58 15.46 -1.82 18.34
N PRO B 59 16.31 -0.81 18.54
CA PRO B 59 17.52 -1.12 19.27
C PRO B 59 17.33 -1.20 20.74
N VAL B 60 18.25 -1.85 21.42
CA VAL B 60 18.20 -1.98 22.88
C VAL B 60 19.58 -1.84 23.43
N PHE B 61 19.66 -1.51 24.69
CA PHE B 61 20.95 -1.43 25.36
C PHE B 61 20.68 -1.55 26.85
N ALA B 62 21.71 -1.30 27.66
CA ALA B 62 21.58 -1.38 29.11
C ALA B 62 22.24 -0.18 29.79
N ILE B 63 21.89 0.04 31.06
CA ILE B 63 22.43 1.16 31.81
C ILE B 63 22.54 0.82 33.30
N LYS B 64 23.47 1.48 33.99
CA LYS B 64 23.61 1.32 35.43
C LYS B 64 23.40 2.65 36.15
N LYS B 65 22.34 2.72 36.95
CA LYS B 65 21.87 4.01 37.47
C LYS B 65 22.69 4.44 38.68
N LYS B 66 22.49 5.68 39.11
CA LYS B 66 23.09 6.17 40.35
C LYS B 66 22.57 5.40 41.55
N ASP B 67 23.45 5.15 42.51
CA ASP B 67 23.08 4.46 43.74
C ASP B 67 22.66 3.01 43.46
N SER B 68 22.75 2.62 42.19
CA SER B 68 22.31 1.29 41.77
C SER B 68 23.45 0.51 41.13
N THR B 69 23.56 -0.76 41.48
CA THR B 69 24.51 -1.66 40.82
C THR B 69 23.78 -2.84 40.17
N LYS B 70 22.60 -2.57 39.62
CA LYS B 70 21.91 -3.55 38.80
C LYS B 70 21.62 -2.98 37.40
N TRP B 71 21.85 -3.81 36.38
CA TRP B 71 21.68 -3.36 35.00
C TRP B 71 20.21 -3.36 34.60
N ARG B 72 19.78 -2.30 33.92
CA ARG B 72 18.40 -2.17 33.48
C ARG B 72 18.31 -2.18 31.95
N LYS B 73 17.45 -3.05 31.43
CA LYS B 73 17.27 -3.17 29.99
C LYS B 73 16.66 -1.87 29.56
N LEU B 74 16.99 -1.42 28.36
CA LEU B 74 16.43 -0.19 27.86
C LEU B 74 16.21 -0.27 26.36
N VAL B 75 14.95 -0.17 25.96
CA VAL B 75 14.63 -0.25 24.55
C VAL B 75 14.44 1.16 24.06
N ASP B 76 14.85 1.42 22.82
CA ASP B 76 14.69 2.72 22.18
C ASP B 76 13.43 2.77 21.30
N PHE B 77 12.28 2.50 21.91
CA PHE B 77 11.02 2.52 21.19
C PHE B 77 10.65 3.93 20.67
N ARG B 78 11.63 4.83 20.75
CA ARG B 78 11.45 6.22 20.37
C ARG B 78 10.74 6.35 19.06
N GLU B 79 11.11 5.46 18.15
CA GLU B 79 10.56 5.43 16.79
C GLU B 79 9.20 4.75 16.74
N LEU B 80 8.97 3.84 17.67
CA LEU B 80 7.68 3.15 17.73
C LEU B 80 6.69 4.12 18.37
N ASN B 81 7.17 4.87 19.34
CA ASN B 81 6.35 5.84 20.01
C ASN B 81 5.78 6.77 18.97
N LYS B 82 6.64 7.23 18.06
CA LYS B 82 6.25 8.17 17.01
C LYS B 82 5.15 7.64 16.12
N ARG B 83 5.22 6.35 15.83
CA ARG B 83 4.24 5.72 14.96
C ARG B 83 2.99 5.27 15.71
N THR B 84 3.06 5.27 17.03
CA THR B 84 1.91 4.89 17.83
C THR B 84 1.35 6.08 18.67
N GLN B 85 1.61 7.32 18.25
CA GLN B 85 1.16 8.53 18.95
C GLN B 85 -0.32 8.72 19.11
N ASP B 86 -1.09 8.58 18.04
CA ASP B 86 -2.52 8.76 18.18
C ASP B 86 -3.05 7.85 19.30
N PHE B 87 -2.44 6.68 19.45
CA PHE B 87 -2.85 5.74 20.49
C PHE B 87 -2.65 6.28 21.90
N TRP B 88 -1.46 6.70 22.24
CA TRP B 88 -1.23 7.20 23.58
C TRP B 88 -1.41 8.68 23.76
N GLU B 89 -1.71 9.42 22.71
CA GLU B 89 -1.88 10.85 22.92
C GLU B 89 -3.32 11.22 22.68
N VAL B 90 -4.10 10.27 22.17
CA VAL B 90 -5.49 10.55 21.90
C VAL B 90 -6.42 9.51 22.50
N GLN B 91 -6.40 8.28 22.01
CA GLN B 91 -7.30 7.26 22.57
C GLN B 91 -7.16 7.21 24.08
N LEU B 92 -5.97 6.90 24.58
CA LEU B 92 -5.71 6.81 26.01
C LEU B 92 -4.57 7.73 26.44
N GLY B 93 -4.88 8.96 26.84
CA GLY B 93 -3.80 9.84 27.24
C GLY B 93 -3.72 10.30 28.69
N ILE B 94 -2.56 10.11 29.30
CA ILE B 94 -2.31 10.55 30.66
C ILE B 94 -2.31 12.09 30.70
N PRO B 95 -3.21 12.71 31.48
CA PRO B 95 -3.29 14.17 31.60
C PRO B 95 -2.20 14.73 32.51
N HIS B 96 -1.68 15.90 32.14
CA HIS B 96 -0.61 16.57 32.89
C HIS B 96 -1.16 17.67 33.76
N PRO B 97 -1.01 17.53 35.08
CA PRO B 97 -1.49 18.51 36.04
C PRO B 97 -0.45 19.60 36.25
N ALA B 98 -0.88 20.86 36.18
CA ALA B 98 0.03 21.99 36.37
C ALA B 98 0.60 22.05 37.79
N GLY B 99 0.20 21.10 38.61
CA GLY B 99 0.63 21.09 40.00
C GLY B 99 2.09 21.03 40.38
N LEU B 100 2.75 19.90 40.13
CA LEU B 100 4.14 19.75 40.58
C LEU B 100 5.05 20.79 40.00
N LYS B 101 4.57 21.49 38.98
CA LYS B 101 5.40 22.54 38.44
C LYS B 101 5.61 23.47 39.64
N LYS B 102 4.54 23.59 40.45
CA LYS B 102 4.47 24.45 41.64
C LYS B 102 4.94 23.86 42.97
N LYS B 103 4.72 22.57 43.20
CA LYS B 103 5.14 21.93 44.45
C LYS B 103 6.57 22.30 44.88
N LYS B 104 6.87 22.15 46.16
CA LYS B 104 8.20 22.48 46.66
C LYS B 104 9.19 21.35 46.52
N SER B 105 8.69 20.14 46.28
CA SER B 105 9.56 18.99 46.10
C SER B 105 8.86 17.86 45.35
N VAL B 106 9.58 17.28 44.38
CA VAL B 106 9.09 16.18 43.55
C VAL B 106 10.09 15.05 43.57
N THR B 107 9.60 13.83 43.70
CA THR B 107 10.46 12.64 43.67
C THR B 107 9.98 11.82 42.47
N VAL B 108 10.89 11.06 41.88
CA VAL B 108 10.58 10.25 40.73
C VAL B 108 10.78 8.76 41.02
N LEU B 109 9.75 7.95 40.84
CA LEU B 109 9.84 6.54 41.10
C LEU B 109 9.79 5.72 39.84
N ASP B 110 10.64 4.71 39.74
CA ASP B 110 10.65 3.82 38.58
C ASP B 110 9.56 2.75 38.70
N VAL B 111 8.31 3.18 38.59
CA VAL B 111 7.18 2.28 38.76
C VAL B 111 7.02 1.36 37.55
N GLY B 112 7.85 1.57 36.54
CA GLY B 112 7.61 1.02 35.22
C GLY B 112 7.41 -0.49 35.26
N ASP B 113 8.05 -1.15 36.22
CA ASP B 113 8.05 -2.60 36.28
C ASP B 113 6.62 -3.15 36.34
N ALA B 114 5.68 -2.29 36.72
CA ALA B 114 4.28 -2.69 36.82
C ALA B 114 3.78 -3.28 35.50
N TYR B 115 4.31 -2.77 34.39
CA TYR B 115 3.69 -2.96 33.09
C TYR B 115 3.81 -4.41 32.63
N PHE B 116 4.88 -5.07 33.05
CA PHE B 116 5.09 -6.49 32.73
C PHE B 116 3.88 -7.32 33.13
N SER B 117 3.00 -6.73 33.94
CA SER B 117 1.91 -7.48 34.57
C SER B 117 0.77 -7.71 33.59
N VAL B 118 0.48 -6.70 32.77
CA VAL B 118 -0.52 -6.82 31.73
C VAL B 118 0.08 -7.39 30.44
N PRO B 119 -0.69 -8.23 29.76
CA PRO B 119 -0.24 -8.84 28.52
C PRO B 119 -0.50 -7.83 27.40
N LEU B 120 0.37 -7.83 26.39
CA LEU B 120 0.28 -6.92 25.26
C LEU B 120 -0.55 -7.55 24.21
N ASP B 121 -1.28 -6.74 23.43
CA ASP B 121 -2.09 -7.30 22.36
C ASP B 121 -1.26 -8.22 21.48
N GLU B 122 -1.87 -9.26 20.91
CA GLU B 122 -1.14 -10.16 20.05
C GLU B 122 -0.71 -9.48 18.76
N ASP B 123 -1.61 -8.80 18.08
CA ASP B 123 -1.25 -8.15 16.82
C ASP B 123 -0.14 -7.11 16.95
N PHE B 124 -0.25 -6.21 17.92
CA PHE B 124 0.77 -5.18 18.09
C PHE B 124 2.14 -5.72 18.49
N ARG B 125 2.17 -6.98 18.92
CA ARG B 125 3.42 -7.56 19.35
C ARG B 125 4.48 -7.64 18.32
N LYS B 126 4.13 -7.97 17.10
CA LYS B 126 5.15 -8.02 16.06
C LYS B 126 6.09 -6.81 16.10
N TYR B 127 5.58 -5.64 16.45
CA TYR B 127 6.36 -4.38 16.46
C TYR B 127 7.34 -4.14 17.60
N THR B 128 7.31 -5.01 18.58
CA THR B 128 8.18 -4.84 19.71
C THR B 128 9.43 -5.60 19.54
N ALA B 129 9.66 -6.12 18.35
CA ALA B 129 10.86 -6.90 18.10
C ALA B 129 12.14 -6.19 18.42
N PHE B 130 13.14 -6.94 18.85
CA PHE B 130 14.45 -6.37 19.11
C PHE B 130 15.48 -7.46 18.89
N THR B 131 16.71 -7.08 18.57
CA THR B 131 17.73 -8.09 18.26
C THR B 131 18.98 -7.92 19.11
N ILE B 132 19.35 -8.94 19.89
CA ILE B 132 20.58 -8.82 20.69
C ILE B 132 21.79 -9.23 19.86
N PRO B 133 22.81 -8.36 19.81
CA PRO B 133 24.03 -8.64 19.05
C PRO B 133 24.95 -9.54 19.85
N SER B 134 26.04 -9.97 19.22
CA SER B 134 27.02 -10.84 19.87
C SER B 134 28.42 -10.26 19.69
N ILE B 135 29.29 -10.41 20.69
CA ILE B 135 30.64 -9.89 20.57
C ILE B 135 31.42 -10.55 19.42
N ASN B 136 32.20 -9.73 18.70
CA ASN B 136 32.97 -10.19 17.53
C ASN B 136 32.13 -11.08 16.62
N ASN B 137 30.82 -10.95 16.77
CA ASN B 137 29.90 -11.69 15.98
C ASN B 137 30.11 -13.15 16.03
N GLU B 138 30.02 -13.76 17.21
CA GLU B 138 30.17 -15.21 17.28
C GLU B 138 28.98 -15.82 16.54
N THR B 139 27.81 -15.23 16.79
CA THR B 139 26.55 -15.72 16.26
C THR B 139 25.62 -14.65 15.82
N PRO B 140 24.71 -14.99 14.91
CA PRO B 140 23.72 -14.06 14.37
C PRO B 140 22.81 -13.64 15.45
N GLY B 141 22.54 -12.36 15.52
CA GLY B 141 21.69 -11.82 16.57
C GLY B 141 20.41 -12.56 16.92
N ILE B 142 20.13 -12.62 18.21
CA ILE B 142 18.94 -13.30 18.66
C ILE B 142 17.83 -12.27 18.67
N ARG B 143 16.64 -12.71 18.26
CA ARG B 143 15.49 -11.80 18.18
C ARG B 143 14.37 -12.24 19.08
N TYR B 144 13.80 -11.24 19.75
CA TYR B 144 12.71 -11.43 20.68
C TYR B 144 11.67 -10.31 20.47
N GLN B 145 10.48 -10.53 21.04
CA GLN B 145 9.39 -9.55 20.99
C GLN B 145 8.60 -9.66 22.29
N TYR B 146 8.09 -8.53 22.79
CA TYR B 146 7.34 -8.52 24.04
C TYR B 146 5.95 -9.12 23.91
N ASN B 147 5.45 -9.65 25.01
CA ASN B 147 4.14 -10.27 25.09
C ASN B 147 3.36 -9.55 26.15
N VAL B 148 4.01 -8.56 26.75
CA VAL B 148 3.45 -7.77 27.82
C VAL B 148 3.86 -6.31 27.60
N LEU B 149 3.16 -5.37 28.22
CA LEU B 149 3.50 -3.97 28.08
C LEU B 149 4.97 -3.85 28.32
N PRO B 150 5.69 -3.17 27.42
CA PRO B 150 7.14 -3.04 27.61
C PRO B 150 7.62 -1.74 28.21
N GLN B 151 8.76 -1.78 28.90
CA GLN B 151 9.27 -0.59 29.54
C GLN B 151 9.90 0.39 28.55
N GLY B 152 9.21 1.47 28.22
CA GLY B 152 9.79 2.43 27.29
C GLY B 152 8.85 2.88 26.20
N TRP B 153 7.81 2.08 25.94
CA TRP B 153 6.81 2.44 24.95
C TRP B 153 5.82 3.40 25.60
N LYS B 154 5.46 4.48 24.96
CA LYS B 154 4.52 5.38 25.59
C LYS B 154 3.15 4.74 25.67
N GLY B 155 2.91 3.73 24.85
CA GLY B 155 1.64 3.06 24.86
C GLY B 155 1.44 2.22 26.13
N SER B 156 2.52 1.82 26.79
CA SER B 156 2.37 1.02 28.00
C SER B 156 1.73 1.86 29.06
N PRO B 157 2.28 3.03 29.36
CA PRO B 157 1.61 3.79 30.39
C PRO B 157 0.21 4.15 30.01
N ALA B 158 -0.09 4.16 28.72
CA ALA B 158 -1.46 4.47 28.30
C ALA B 158 -2.44 3.38 28.73
N ILE B 159 -2.05 2.11 28.60
CA ILE B 159 -2.89 1.00 28.97
C ILE B 159 -3.11 0.87 30.47
N PHE B 160 -2.02 0.84 31.22
CA PHE B 160 -2.03 0.71 32.69
C PHE B 160 -2.76 1.81 33.44
N GLN B 161 -3.00 2.93 32.77
CA GLN B 161 -3.72 4.06 33.33
C GLN B 161 -4.91 3.60 34.16
N SER B 162 -5.69 2.70 33.57
CA SER B 162 -6.89 2.13 34.20
C SER B 162 -6.54 1.60 35.56
N SER B 163 -5.53 0.76 35.60
CA SER B 163 -5.06 0.18 36.85
C SER B 163 -4.42 1.19 37.76
N MET B 164 -3.29 1.74 37.35
CA MET B 164 -2.59 2.70 38.19
C MET B 164 -3.50 3.62 38.95
N THR B 165 -4.52 4.18 38.28
CA THR B 165 -5.43 5.09 38.97
C THR B 165 -6.07 4.42 40.17
N LYS B 166 -6.59 3.21 39.99
CA LYS B 166 -7.21 2.47 41.09
C LYS B 166 -6.18 2.26 42.20
N ILE B 167 -4.98 1.76 41.88
CA ILE B 167 -3.96 1.55 42.88
C ILE B 167 -3.71 2.79 43.69
N LEU B 168 -3.91 3.93 43.07
CA LEU B 168 -3.67 5.17 43.77
C LEU B 168 -4.85 5.88 44.49
N GLU B 169 -6.09 5.57 44.10
CA GLU B 169 -7.27 6.24 44.74
C GLU B 169 -7.16 6.31 46.26
N PRO B 170 -6.68 5.24 46.91
CA PRO B 170 -6.54 5.28 48.35
C PRO B 170 -5.50 6.33 48.70
N PHE B 171 -4.26 6.09 48.30
CA PHE B 171 -3.18 7.02 48.63
C PHE B 171 -3.52 8.47 48.35
N LYS B 172 -4.19 8.69 47.22
CA LYS B 172 -4.60 10.03 46.82
C LYS B 172 -5.69 10.55 47.75
N LYS B 173 -6.41 9.63 48.39
CA LYS B 173 -7.45 10.04 49.33
C LYS B 173 -6.86 10.54 50.66
N GLN B 174 -6.04 9.74 51.34
CA GLN B 174 -5.45 10.15 52.60
C GLN B 174 -4.50 11.35 52.45
N ASN B 175 -3.84 11.49 51.28
CA ASN B 175 -2.95 12.64 51.04
C ASN B 175 -3.51 13.48 49.88
N PRO B 176 -4.46 14.37 50.19
CA PRO B 176 -5.09 15.24 49.19
C PRO B 176 -4.25 16.37 48.64
N ASP B 177 -3.01 16.47 49.05
CA ASP B 177 -2.20 17.54 48.52
C ASP B 177 -1.11 17.05 47.59
N ILE B 178 -0.62 15.85 47.83
CA ILE B 178 0.41 15.30 46.98
C ILE B 178 -0.13 15.10 45.57
N VAL B 179 0.64 15.57 44.57
CA VAL B 179 0.30 15.41 43.16
C VAL B 179 1.26 14.40 42.57
N ILE B 180 0.69 13.50 41.78
CA ILE B 180 1.46 12.46 41.18
C ILE B 180 1.22 12.49 39.71
N TYR B 181 2.31 12.47 38.93
CA TYR B 181 2.21 12.48 37.48
C TYR B 181 2.88 11.24 36.93
N GLN B 182 2.25 10.58 35.99
CA GLN B 182 2.87 9.41 35.41
C GLN B 182 3.26 9.66 33.96
N TYR B 183 4.56 9.76 33.71
CA TYR B 183 5.08 9.96 32.37
C TYR B 183 5.96 8.76 32.05
N MET B 184 5.47 7.91 31.17
CA MET B 184 6.17 6.71 30.80
C MET B 184 6.46 5.88 32.03
N ASP B 185 7.62 5.28 32.05
CA ASP B 185 8.05 4.44 33.14
C ASP B 185 8.20 5.13 34.49
N ASP B 186 7.84 6.40 34.57
CA ASP B 186 8.02 7.09 35.85
C ASP B 186 6.81 7.70 36.51
N LEU B 187 6.99 8.00 37.79
CA LEU B 187 5.95 8.59 38.60
C LEU B 187 6.58 9.77 39.28
N TYR B 188 6.08 10.95 39.00
CA TYR B 188 6.62 12.13 39.64
C TYR B 188 5.71 12.44 40.83
N VAL B 189 6.25 12.32 42.05
CA VAL B 189 5.47 12.57 43.26
C VAL B 189 5.92 13.87 43.92
N GLY B 190 5.03 14.86 43.91
CA GLY B 190 5.36 16.15 44.47
C GLY B 190 4.48 16.68 45.59
N SER B 191 5.11 17.29 46.60
CA SER B 191 4.42 17.81 47.78
C SER B 191 5.06 19.09 48.25
N ASP B 192 4.37 19.77 49.17
CA ASP B 192 4.86 21.01 49.76
C ASP B 192 5.43 20.71 51.15
N LEU B 193 5.24 19.48 51.61
CA LEU B 193 5.74 19.04 52.91
C LEU B 193 7.22 19.29 53.11
N GLU B 194 7.69 18.97 54.31
CA GLU B 194 9.09 19.16 54.58
C GLU B 194 9.82 17.95 54.07
N ILE B 195 11.04 18.19 53.59
CA ILE B 195 11.86 17.14 53.03
C ILE B 195 11.82 15.84 53.81
N GLY B 196 11.96 15.95 55.13
CA GLY B 196 11.95 14.75 55.96
C GLY B 196 10.63 14.00 55.84
N GLN B 197 9.54 14.76 55.93
CA GLN B 197 8.19 14.22 55.86
C GLN B 197 7.90 13.80 54.43
N HIS B 198 8.44 14.58 53.49
CA HIS B 198 8.24 14.28 52.07
C HIS B 198 8.78 12.90 51.76
N ARG B 199 10.06 12.72 52.03
CA ARG B 199 10.68 11.45 51.80
C ARG B 199 9.82 10.35 52.41
N THR B 200 9.38 10.57 53.64
CA THR B 200 8.58 9.59 54.34
C THR B 200 7.32 9.24 53.57
N LYS B 201 6.63 10.27 53.05
CA LYS B 201 5.39 10.06 52.29
C LYS B 201 5.70 9.25 51.07
N ILE B 202 6.91 9.44 50.58
CA ILE B 202 7.37 8.73 49.42
C ILE B 202 7.51 7.26 49.84
N GLU B 203 8.20 7.06 50.97
CA GLU B 203 8.44 5.72 51.48
C GLU B 203 7.13 5.03 51.70
N GLU B 204 6.14 5.81 52.05
CA GLU B 204 4.81 5.26 52.26
C GLU B 204 4.23 4.86 50.88
N LEU B 205 4.51 5.68 49.86
CA LEU B 205 3.98 5.41 48.53
C LEU B 205 4.62 4.13 48.01
N ARG B 206 5.93 4.00 48.22
CA ARG B 206 6.63 2.80 47.75
C ARG B 206 5.86 1.63 48.34
N GLN B 207 5.65 1.70 49.66
CA GLN B 207 4.93 0.68 50.41
C GLN B 207 3.57 0.39 49.79
N HIS B 208 2.75 1.44 49.69
CA HIS B 208 1.42 1.33 49.12
C HIS B 208 1.50 0.49 47.86
N LEU B 209 2.52 0.75 47.05
CA LEU B 209 2.70 0.02 45.81
C LEU B 209 2.96 -1.49 46.04
N LEU B 210 3.81 -1.81 47.00
CA LEU B 210 4.10 -3.20 47.28
C LEU B 210 2.88 -4.00 47.58
N ARG B 211 1.94 -3.43 48.34
CA ARG B 211 0.77 -4.21 48.68
C ARG B 211 0.01 -4.61 47.42
N TRP B 212 0.17 -3.85 46.35
CA TRP B 212 -0.50 -4.18 45.10
C TRP B 212 0.50 -4.79 44.11
N GLY B 213 1.36 -5.64 44.67
CA GLY B 213 2.37 -6.35 43.92
C GLY B 213 3.36 -5.58 43.07
N LEU B 214 3.26 -4.26 43.02
CA LEU B 214 4.20 -3.50 42.18
C LEU B 214 5.61 -3.32 42.78
N THR B 215 6.65 -3.54 41.98
CA THR B 215 8.02 -3.40 42.46
C THR B 215 8.66 -2.06 42.06
N THR B 216 9.47 -1.52 42.97
CA THR B 216 10.17 -0.26 42.74
C THR B 216 11.62 -0.48 43.11
N PRO B 217 12.48 -0.76 42.12
CA PRO B 217 13.91 -0.98 42.38
C PRO B 217 14.44 -0.06 43.47
N ASP B 218 15.17 -0.64 44.42
CA ASP B 218 15.74 0.09 45.56
C ASP B 218 17.22 0.28 45.32
N LYS B 219 17.78 1.34 45.90
CA LYS B 219 19.19 1.65 45.72
C LYS B 219 20.13 1.15 46.85
N LYS B 220 21.43 1.07 46.51
CA LYS B 220 22.51 0.64 47.43
C LYS B 220 22.80 1.79 48.41
N HIS B 221 22.01 2.84 48.25
CA HIS B 221 22.05 4.04 49.09
C HIS B 221 23.45 4.63 49.41
N GLN B 222 24.37 4.61 48.45
CA GLN B 222 25.71 5.17 48.71
C GLN B 222 26.37 4.52 49.93
N GLY B 231 18.42 17.17 47.85
CA GLY B 231 19.32 16.09 47.50
C GLY B 231 19.00 15.53 46.12
N TYR B 232 18.57 14.25 46.06
CA TYR B 232 18.21 13.58 44.80
C TYR B 232 17.00 14.28 44.17
N GLU B 233 15.87 14.23 44.88
CA GLU B 233 14.63 14.83 44.41
C GLU B 233 14.73 16.23 43.77
N LEU B 234 13.84 16.53 42.83
CA LEU B 234 13.84 17.81 42.14
C LEU B 234 13.06 18.83 42.95
N HIS B 235 13.54 20.07 42.96
CA HIS B 235 12.90 21.17 43.68
C HIS B 235 12.55 22.29 42.70
N PRO B 236 11.34 22.25 42.11
CA PRO B 236 10.80 23.22 41.15
C PRO B 236 10.73 24.64 41.66
N ASP B 237 11.62 24.98 42.58
CA ASP B 237 11.63 26.33 43.12
C ASP B 237 12.94 27.00 42.71
N LYS B 238 14.04 26.31 42.99
CA LYS B 238 15.34 26.86 42.63
C LYS B 238 15.50 26.94 41.10
N TRP B 239 14.41 26.66 40.37
CA TRP B 239 14.43 26.77 38.92
C TRP B 239 14.09 28.25 38.62
N THR B 240 15.04 28.98 38.05
CA THR B 240 14.83 30.40 37.71
C THR B 240 15.23 30.69 36.27
N VAL B 241 14.31 31.32 35.55
CA VAL B 241 14.59 31.69 34.16
C VAL B 241 15.46 32.95 34.33
N GLN B 242 16.70 32.86 33.82
CA GLN B 242 17.69 33.93 33.86
C GLN B 242 18.05 34.28 32.39
N PRO B 243 17.78 35.54 31.97
CA PRO B 243 18.06 36.01 30.60
C PRO B 243 19.38 36.79 30.36
N ILE B 244 19.47 37.41 29.17
CA ILE B 244 20.65 38.18 28.73
C ILE B 244 20.97 39.43 29.55
N VAL B 245 22.27 39.63 29.79
CA VAL B 245 22.78 40.75 30.56
C VAL B 245 23.95 41.52 29.88
N LEU B 246 23.67 42.77 29.48
CA LEU B 246 24.64 43.65 28.84
C LEU B 246 25.77 44.00 29.82
N PRO B 247 27.00 43.64 29.45
CA PRO B 247 28.15 43.93 30.32
C PRO B 247 28.22 45.37 30.74
N GLU B 248 28.72 45.62 31.95
CA GLU B 248 28.87 47.00 32.40
C GLU B 248 30.32 47.24 32.81
N LYS B 249 30.92 48.21 32.13
CA LYS B 249 32.33 48.58 32.32
C LYS B 249 32.48 50.08 32.57
N ASP B 250 33.62 50.45 33.16
CA ASP B 250 33.95 51.85 33.46
C ASP B 250 34.18 52.62 32.16
N SER B 251 35.17 52.19 31.40
CA SER B 251 35.49 52.81 30.11
C SER B 251 35.02 51.90 28.99
N TRP B 252 35.05 52.41 27.75
CA TRP B 252 34.61 51.64 26.58
C TRP B 252 35.49 51.87 25.36
N THR B 253 35.70 50.80 24.59
CA THR B 253 36.49 50.91 23.38
C THR B 253 35.58 50.62 22.22
N VAL B 254 36.01 51.00 21.02
CA VAL B 254 35.22 50.74 19.81
C VAL B 254 34.83 49.27 19.75
N ASN B 255 35.82 48.40 19.88
CA ASN B 255 35.57 46.98 19.86
C ASN B 255 34.37 46.68 20.74
N ASP B 256 34.42 47.17 21.96
CA ASP B 256 33.36 46.97 22.95
C ASP B 256 31.98 47.43 22.51
N ILE B 257 31.91 48.66 22.03
CA ILE B 257 30.64 49.20 21.59
C ILE B 257 30.11 48.37 20.46
N GLN B 258 31.00 47.96 19.55
CA GLN B 258 30.58 47.13 18.41
C GLN B 258 29.93 45.88 18.98
N LYS B 259 30.70 45.09 19.73
CA LYS B 259 30.18 43.88 20.34
C LYS B 259 28.85 44.18 21.02
N LEU B 260 28.82 45.22 21.86
CA LEU B 260 27.57 45.58 22.54
C LEU B 260 26.45 45.70 21.51
N VAL B 261 26.66 46.49 20.47
CA VAL B 261 25.62 46.64 19.45
C VAL B 261 25.30 45.25 18.90
N GLY B 262 26.28 44.37 18.98
CA GLY B 262 26.06 43.02 18.52
C GLY B 262 24.87 42.47 19.28
N LYS B 263 25.10 42.14 20.55
CA LYS B 263 24.05 41.59 21.41
C LYS B 263 22.74 42.35 21.26
N LEU B 264 22.80 43.64 21.50
CA LEU B 264 21.63 44.47 21.41
C LEU B 264 20.91 44.20 20.12
N ASN B 265 21.65 44.13 19.04
CA ASN B 265 20.99 43.91 17.78
C ASN B 265 20.29 42.58 17.75
N TRP B 266 20.99 41.55 18.19
CA TRP B 266 20.43 40.20 18.26
C TRP B 266 19.22 40.21 19.20
N ALA B 267 19.37 40.93 20.31
CA ALA B 267 18.32 41.05 21.30
C ALA B 267 17.06 41.65 20.71
N SER B 268 17.22 42.70 19.90
CA SER B 268 16.06 43.34 19.28
C SER B 268 15.13 42.32 18.62
N GLN B 269 15.62 41.08 18.42
CA GLN B 269 14.82 40.01 17.82
C GLN B 269 13.87 39.46 18.90
N ILE B 270 14.38 39.29 20.12
CA ILE B 270 13.56 38.78 21.22
C ILE B 270 12.57 39.85 21.65
N TYR B 271 13.11 40.93 22.23
CA TYR B 271 12.32 42.08 22.69
C TYR B 271 12.43 43.13 21.58
N PRO B 272 11.31 43.72 21.15
CA PRO B 272 11.39 44.74 20.08
C PRO B 272 11.71 46.15 20.60
N GLY B 273 11.77 46.28 21.93
CA GLY B 273 12.07 47.57 22.52
C GLY B 273 13.50 48.08 22.36
N ILE B 274 14.44 47.15 22.24
CA ILE B 274 15.84 47.53 22.10
C ILE B 274 16.03 48.52 20.99
N LYS B 275 16.73 49.61 21.33
CA LYS B 275 17.06 50.65 20.38
C LYS B 275 18.58 50.72 20.34
N VAL B 276 19.13 50.87 19.14
CA VAL B 276 20.58 50.94 18.99
C VAL B 276 21.04 52.30 18.43
N ARG B 277 20.08 53.07 17.92
CA ARG B 277 20.32 54.38 17.34
C ARG B 277 21.50 55.19 17.91
N GLN B 278 21.34 55.65 19.15
CA GLN B 278 22.35 56.47 19.82
C GLN B 278 23.74 55.82 19.94
N LEU B 279 23.76 54.57 20.37
CA LEU B 279 25.03 53.89 20.52
C LEU B 279 25.75 53.80 19.16
N SER B 280 24.98 53.55 18.11
CA SER B 280 25.55 53.45 16.76
C SER B 280 26.36 54.71 16.45
N LYS B 281 25.78 55.86 16.78
CA LYS B 281 26.45 57.15 16.56
C LYS B 281 27.86 57.16 17.13
N LEU B 282 28.06 56.46 18.24
CA LEU B 282 29.40 56.44 18.85
C LEU B 282 30.50 55.93 17.92
N LEU B 283 30.12 55.05 17.01
CA LEU B 283 31.06 54.47 16.05
C LEU B 283 30.88 55.16 14.72
N ARG B 284 30.36 56.38 14.75
CA ARG B 284 30.12 57.16 13.54
C ARG B 284 31.45 57.52 12.85
N GLY B 285 31.96 56.64 12.00
CA GLY B 285 33.23 56.89 11.34
C GLY B 285 34.27 55.82 11.62
N THR B 286 35.08 55.48 10.61
CA THR B 286 36.08 54.42 10.74
C THR B 286 37.28 54.69 11.66
N LYS B 287 37.23 54.13 12.87
CA LYS B 287 38.30 54.28 13.86
C LYS B 287 39.03 52.97 14.18
N ALA B 288 40.04 53.05 15.05
CA ALA B 288 40.77 51.85 15.43
C ALA B 288 39.97 51.15 16.50
N LEU B 289 40.27 49.87 16.70
CA LEU B 289 39.53 49.07 17.67
C LEU B 289 39.90 49.33 19.12
N THR B 290 41.20 49.36 19.42
CA THR B 290 41.65 49.58 20.78
C THR B 290 41.36 51.00 21.26
N GLU B 291 41.21 51.90 20.29
CA GLU B 291 40.92 53.30 20.61
C GLU B 291 39.73 53.44 21.59
N VAL B 292 39.92 54.22 22.62
CA VAL B 292 38.89 54.41 23.63
C VAL B 292 37.83 55.43 23.22
N ILE B 293 36.59 55.19 23.66
CA ILE B 293 35.46 56.07 23.37
C ILE B 293 34.63 56.34 24.63
N PRO B 294 34.27 57.61 24.85
CA PRO B 294 33.48 58.02 26.01
C PRO B 294 32.00 57.98 25.65
N LEU B 295 31.20 57.33 26.48
CA LEU B 295 29.77 57.23 26.18
C LEU B 295 29.08 58.57 26.44
N THR B 296 28.33 59.06 25.45
CA THR B 296 27.65 60.33 25.58
C THR B 296 26.41 60.27 26.45
N GLU B 297 25.79 61.44 26.63
CA GLU B 297 24.58 61.59 27.43
C GLU B 297 23.46 60.74 26.86
N GLU B 298 23.15 60.97 25.57
CA GLU B 298 22.07 60.22 24.91
C GLU B 298 22.42 58.76 24.73
N ALA B 299 23.72 58.47 24.70
CA ALA B 299 24.21 57.10 24.56
C ALA B 299 23.96 56.35 25.86
N GLU B 300 24.47 56.91 26.96
CA GLU B 300 24.33 56.33 28.29
C GLU B 300 22.86 56.06 28.63
N LEU B 301 22.01 57.01 28.26
CA LEU B 301 20.59 56.85 28.51
C LEU B 301 20.13 55.59 27.78
N GLU B 302 20.19 55.63 26.44
CA GLU B 302 19.79 54.48 25.61
C GLU B 302 20.31 53.17 26.22
N LEU B 303 21.62 53.10 26.48
CA LEU B 303 22.17 51.89 27.06
C LEU B 303 21.32 51.47 28.24
N ALA B 304 21.30 52.28 29.28
CA ALA B 304 20.53 51.96 30.48
C ALA B 304 19.06 51.74 30.15
N GLU B 305 18.57 52.50 29.17
CA GLU B 305 17.19 52.36 28.75
C GLU B 305 17.06 50.89 28.36
N ASN B 306 17.96 50.44 27.48
CA ASN B 306 17.93 49.05 27.04
C ASN B 306 18.09 48.07 28.18
N ARG B 307 19.17 48.22 28.93
CA ARG B 307 19.48 47.34 30.05
C ARG B 307 18.24 47.06 30.91
N GLU B 308 17.32 48.02 30.94
CA GLU B 308 16.07 47.89 31.69
C GLU B 308 15.15 46.89 31.00
N ILE B 309 14.97 47.07 29.69
CA ILE B 309 14.09 46.21 28.90
C ILE B 309 14.39 44.71 29.09
N LEU B 310 15.68 44.37 29.16
CA LEU B 310 16.14 43.00 29.30
C LEU B 310 15.70 42.30 30.57
N LYS B 311 14.89 43.00 31.38
CA LYS B 311 14.38 42.47 32.64
C LYS B 311 12.99 41.86 32.48
N GLU B 312 12.11 42.59 31.82
CA GLU B 312 10.75 42.11 31.57
C GLU B 312 10.74 41.09 30.42
N PRO B 313 10.41 39.81 30.70
CA PRO B 313 10.38 38.80 29.62
C PRO B 313 9.40 39.16 28.51
N VAL B 314 9.69 38.67 27.31
CA VAL B 314 8.84 38.95 26.16
C VAL B 314 7.35 38.71 26.40
N HIS B 315 6.55 39.02 25.37
CA HIS B 315 5.10 38.87 25.41
C HIS B 315 4.67 37.99 24.25
N GLY B 316 3.85 36.97 24.57
CA GLY B 316 3.36 36.05 23.55
C GLY B 316 3.91 34.64 23.81
N VAL B 317 4.53 34.49 24.98
CA VAL B 317 5.11 33.23 25.37
C VAL B 317 4.07 32.38 26.10
N TYR B 318 3.11 31.90 25.32
CA TYR B 318 2.04 31.05 25.83
C TYR B 318 2.22 29.59 25.31
N TYR B 319 2.42 28.64 26.22
CA TYR B 319 2.61 27.27 25.78
C TYR B 319 1.43 26.77 24.96
N ASP B 320 1.72 25.96 23.95
CA ASP B 320 0.69 25.40 23.08
C ASP B 320 0.93 23.94 22.80
N PRO B 321 0.20 23.07 23.49
CA PRO B 321 0.28 21.62 23.36
C PRO B 321 0.26 21.06 21.95
N SER B 322 -0.29 21.80 21.00
CA SER B 322 -0.36 21.28 19.65
C SER B 322 0.94 21.40 18.86
N LYS B 323 1.98 21.92 19.48
CA LYS B 323 3.24 22.08 18.79
C LYS B 323 4.33 21.33 19.52
N ASP B 324 5.44 21.08 18.83
CA ASP B 324 6.56 20.39 19.45
C ASP B 324 7.25 21.31 20.44
N LEU B 325 8.18 20.77 21.22
CA LEU B 325 8.93 21.56 22.18
C LEU B 325 10.41 21.47 21.78
N ILE B 326 11.05 22.61 21.52
CA ILE B 326 12.46 22.64 21.07
C ILE B 326 13.47 23.08 22.13
N ALA B 327 14.53 22.32 22.35
CA ALA B 327 15.52 22.71 23.36
C ALA B 327 16.87 22.96 22.75
N GLU B 328 17.50 24.06 23.12
CA GLU B 328 18.81 24.39 22.59
C GLU B 328 19.84 24.53 23.68
N ILE B 329 21.00 23.93 23.45
CA ILE B 329 22.08 23.99 24.43
C ILE B 329 23.26 24.76 23.83
N GLN B 330 23.86 25.64 24.63
CA GLN B 330 25.04 26.41 24.25
C GLN B 330 26.21 25.99 25.14
N LYS B 331 27.36 25.70 24.57
CA LYS B 331 28.50 25.33 25.39
C LYS B 331 29.21 26.60 25.79
N GLN B 332 29.18 26.91 27.08
CA GLN B 332 29.83 28.11 27.61
C GLN B 332 31.22 27.81 28.14
N GLY B 333 31.57 26.52 28.20
CA GLY B 333 32.89 26.17 28.69
C GLY B 333 33.02 26.46 30.17
N GLN B 334 34.14 26.02 30.73
CA GLN B 334 34.42 26.17 32.14
C GLN B 334 33.46 25.23 32.85
N GLY B 335 32.87 24.32 32.07
CA GLY B 335 31.95 23.36 32.61
C GLY B 335 30.58 23.98 32.78
N GLN B 336 30.43 25.22 32.32
CA GLN B 336 29.17 25.93 32.42
C GLN B 336 28.38 25.70 31.12
N TRP B 337 27.06 25.56 31.22
CA TRP B 337 26.21 25.36 30.04
C TRP B 337 24.97 26.22 30.10
N THR B 338 24.36 26.46 28.95
CA THR B 338 23.13 27.25 28.91
C THR B 338 22.18 26.68 27.86
N TYR B 339 20.89 26.86 28.10
CA TYR B 339 19.90 26.31 27.18
C TYR B 339 18.65 27.16 27.15
N GLN B 340 17.87 27.02 26.09
CA GLN B 340 16.61 27.74 25.97
C GLN B 340 15.58 26.76 25.42
N ILE B 341 14.33 26.90 25.83
CA ILE B 341 13.32 25.99 25.35
C ILE B 341 12.21 26.83 24.78
N TYR B 342 11.82 26.56 23.56
CA TYR B 342 10.79 27.35 22.92
C TYR B 342 9.94 26.55 21.97
N GLN B 343 8.91 27.21 21.45
CA GLN B 343 8.02 26.58 20.48
C GLN B 343 8.10 27.32 19.15
N GLU B 344 8.32 28.63 19.24
CA GLU B 344 8.46 29.49 18.06
C GLU B 344 9.72 30.31 18.33
N PRO B 345 10.51 30.58 17.30
CA PRO B 345 11.73 31.37 17.44
C PRO B 345 11.56 32.70 18.18
N PHE B 346 12.46 32.96 19.11
CA PHE B 346 12.47 34.20 19.91
C PHE B 346 11.35 34.28 20.98
N LYS B 347 10.58 33.21 21.05
CA LYS B 347 9.50 33.13 22.01
C LYS B 347 9.87 32.01 23.01
N ASN B 348 10.95 32.25 23.75
CA ASN B 348 11.43 31.30 24.74
C ASN B 348 10.38 31.02 25.81
N LEU B 349 10.28 29.78 26.24
CA LEU B 349 9.31 29.44 27.27
C LEU B 349 10.05 29.27 28.57
N LYS B 350 11.37 29.12 28.46
CA LYS B 350 12.23 29.00 29.63
C LYS B 350 13.67 29.16 29.23
N THR B 351 14.54 29.47 30.20
CA THR B 351 15.98 29.63 29.93
C THR B 351 16.82 29.48 31.20
N GLY B 352 17.66 28.44 31.27
CA GLY B 352 18.48 28.24 32.45
C GLY B 352 19.93 27.96 32.14
N LYS B 353 20.66 27.43 33.13
CA LYS B 353 22.07 27.09 32.96
C LYS B 353 22.34 25.69 33.51
N TYR B 354 23.60 25.29 33.53
CA TYR B 354 23.94 23.97 34.04
C TYR B 354 25.38 24.01 34.54
N ALA B 355 25.56 23.63 35.81
CA ALA B 355 26.86 23.65 36.49
C ALA B 355 27.69 22.38 36.45
N ARG B 356 28.73 22.37 37.29
CA ARG B 356 29.68 21.25 37.40
C ARG B 356 29.16 20.00 38.11
N MET B 357 29.91 18.91 37.89
CA MET B 357 29.59 17.61 38.47
C MET B 357 30.16 17.42 39.89
N ARG B 358 29.31 16.90 40.78
CA ARG B 358 29.68 16.62 42.16
C ARG B 358 29.92 15.12 42.35
N GLY B 359 31.18 14.76 42.65
CA GLY B 359 31.56 13.36 42.83
C GLY B 359 32.04 12.74 41.52
N ALA B 360 32.11 13.57 40.47
CA ALA B 360 32.53 13.16 39.12
C ALA B 360 33.56 14.09 38.44
N HIS B 361 33.87 13.76 37.18
CA HIS B 361 34.86 14.49 36.35
C HIS B 361 34.24 15.39 35.27
N THR B 362 35.12 16.14 34.61
CA THR B 362 34.74 17.07 33.54
C THR B 362 35.01 16.45 32.15
N ASN B 363 34.05 15.67 31.68
CA ASN B 363 34.12 15.01 30.38
C ASN B 363 33.10 15.74 29.53
N ASP B 364 33.59 16.57 28.64
CA ASP B 364 32.73 17.37 27.78
C ASP B 364 31.40 16.66 27.40
N VAL B 365 31.48 15.51 26.73
CA VAL B 365 30.28 14.81 26.31
C VAL B 365 29.36 14.49 27.45
N LYS B 366 29.85 13.73 28.42
CA LYS B 366 29.03 13.33 29.57
C LYS B 366 28.17 14.46 30.07
N GLN B 367 28.80 15.63 30.20
CA GLN B 367 28.09 16.81 30.66
C GLN B 367 26.83 17.07 29.82
N LEU B 368 26.97 17.13 28.50
CA LEU B 368 25.82 17.35 27.67
C LEU B 368 24.79 16.31 28.04
N THR B 369 25.22 15.07 28.09
CA THR B 369 24.33 13.97 28.43
C THR B 369 23.57 14.27 29.73
N GLU B 370 24.32 14.69 30.74
CA GLU B 370 23.66 15.02 31.97
C GLU B 370 22.75 16.18 31.69
N ALA B 371 23.30 17.27 31.16
CA ALA B 371 22.53 18.47 30.83
C ALA B 371 21.23 18.16 30.09
N VAL B 372 21.29 17.36 29.03
CA VAL B 372 20.10 16.98 28.24
C VAL B 372 19.03 16.35 29.10
N GLN B 373 19.43 15.44 29.97
CA GLN B 373 18.48 14.76 30.85
C GLN B 373 17.86 15.78 31.79
N LYS B 374 18.69 16.67 32.32
CA LYS B 374 18.26 17.71 33.21
C LYS B 374 17.12 18.43 32.54
N ILE B 375 17.42 18.98 31.36
CA ILE B 375 16.42 19.75 30.60
C ILE B 375 15.15 18.94 30.35
N THR B 376 15.30 17.66 30.10
CA THR B 376 14.15 16.85 29.80
C THR B 376 13.14 16.72 30.94
N THR B 377 13.60 16.36 32.15
CA THR B 377 12.69 16.22 33.29
C THR B 377 11.96 17.54 33.57
N GLU B 378 12.73 18.63 33.60
CA GLU B 378 12.15 19.94 33.80
C GLU B 378 10.98 20.13 32.84
N SER B 379 11.13 19.62 31.63
CA SER B 379 10.11 19.71 30.61
C SER B 379 8.96 18.82 30.97
N ILE B 380 9.30 17.65 31.47
CA ILE B 380 8.29 16.68 31.86
C ILE B 380 7.44 17.32 32.94
N VAL B 381 8.10 17.73 34.01
CA VAL B 381 7.46 18.35 35.14
C VAL B 381 6.60 19.54 34.73
N ILE B 382 7.10 20.36 33.82
CA ILE B 382 6.40 21.57 33.38
C ILE B 382 5.35 21.43 32.28
N TRP B 383 5.59 20.61 31.26
CA TRP B 383 4.61 20.48 30.19
C TRP B 383 4.17 19.04 29.99
N GLY B 384 4.90 18.14 30.64
CA GLY B 384 4.57 16.74 30.49
C GLY B 384 4.69 16.37 29.03
N LYS B 385 5.83 16.77 28.44
CA LYS B 385 6.19 16.52 27.04
C LYS B 385 7.70 16.63 26.99
N THR B 386 8.30 16.01 26.00
CA THR B 386 9.74 16.05 25.87
C THR B 386 10.15 17.01 24.75
N PRO B 387 11.19 17.80 24.98
CA PRO B 387 11.63 18.71 23.93
C PRO B 387 12.52 18.00 22.87
N LYS B 388 12.68 18.62 21.70
CA LYS B 388 13.52 18.08 20.63
C LYS B 388 14.77 18.86 20.82
N PHE B 389 15.86 18.16 21.14
CA PHE B 389 17.12 18.80 21.41
C PHE B 389 17.99 19.08 20.20
N LYS B 390 18.60 20.26 20.15
CA LYS B 390 19.51 20.63 19.08
C LYS B 390 20.87 20.52 19.77
N LEU B 391 21.45 19.34 19.69
CA LEU B 391 22.72 19.10 20.35
C LEU B 391 23.96 19.66 19.68
N PRO B 392 24.75 20.43 20.42
CA PRO B 392 25.99 21.07 19.97
C PRO B 392 27.21 20.15 19.98
N ILE B 393 27.14 19.10 19.19
CA ILE B 393 28.22 18.15 19.12
C ILE B 393 28.03 17.33 17.84
N GLN B 394 29.12 16.83 17.28
CA GLN B 394 29.04 16.04 16.04
C GLN B 394 28.25 14.74 16.24
N LYS B 395 27.46 14.36 15.25
CA LYS B 395 26.70 13.15 15.36
C LYS B 395 27.51 11.97 15.87
N GLU B 396 28.68 11.75 15.30
CA GLU B 396 29.50 10.61 15.73
C GLU B 396 29.95 10.71 17.17
N THR B 397 30.63 11.80 17.49
CA THR B 397 31.10 11.94 18.85
C THR B 397 30.00 11.49 19.81
N TRP B 398 28.80 12.05 19.61
CA TRP B 398 27.65 11.74 20.45
C TRP B 398 27.20 10.33 20.33
N GLU B 399 26.87 9.89 19.13
CA GLU B 399 26.38 8.51 18.98
C GLU B 399 27.40 7.50 19.46
N THR B 400 28.58 7.98 19.80
CA THR B 400 29.62 7.07 20.25
C THR B 400 29.55 6.84 21.75
N TRP B 401 29.21 7.88 22.50
CA TRP B 401 29.18 7.77 23.96
C TRP B 401 27.96 8.24 24.74
N TRP B 402 26.83 8.54 24.11
CA TRP B 402 25.75 9.04 24.95
C TRP B 402 25.17 7.93 25.79
N THR B 403 25.14 6.72 25.24
CA THR B 403 24.57 5.60 25.97
C THR B 403 25.46 5.21 27.14
N GLU B 404 26.75 5.41 26.96
CA GLU B 404 27.70 5.07 27.99
C GLU B 404 27.55 5.95 29.22
N TYR B 405 26.77 7.01 29.15
CA TYR B 405 26.61 7.89 30.31
C TYR B 405 25.15 8.12 30.63
N TRP B 406 24.26 7.66 29.76
CA TRP B 406 22.82 7.86 29.95
C TRP B 406 22.29 7.19 31.20
N GLN B 407 21.29 7.84 31.81
CA GLN B 407 20.70 7.32 33.03
C GLN B 407 19.21 7.53 33.20
N ALA B 408 18.46 7.59 32.11
CA ALA B 408 17.01 7.75 32.23
C ALA B 408 16.29 6.65 31.43
N THR B 409 15.08 6.35 31.85
CA THR B 409 14.30 5.34 31.20
C THR B 409 13.81 5.83 29.82
N TRP B 410 13.57 7.14 29.68
CA TRP B 410 13.13 7.71 28.41
C TRP B 410 14.31 8.26 27.63
N ILE B 411 14.09 8.56 26.35
CA ILE B 411 15.14 9.14 25.53
C ILE B 411 14.47 10.19 24.65
N PRO B 412 14.99 11.41 24.67
CA PRO B 412 14.46 12.51 23.88
C PRO B 412 14.72 12.33 22.39
N GLU B 413 14.14 13.22 21.59
CA GLU B 413 14.32 13.19 20.14
C GLU B 413 15.39 14.26 19.83
N TRP B 414 16.64 13.86 19.65
CA TRP B 414 17.68 14.87 19.40
C TRP B 414 17.91 15.16 17.97
N GLU B 415 18.72 16.17 17.72
CA GLU B 415 19.10 16.64 16.40
C GLU B 415 20.42 17.39 16.56
N PHE B 416 21.35 17.21 15.62
CA PHE B 416 22.65 17.87 15.71
C PHE B 416 22.78 19.18 14.95
N VAL B 417 23.68 20.03 15.43
CA VAL B 417 23.88 21.34 14.83
C VAL B 417 25.16 22.04 15.23
N ASN B 418 25.75 22.72 14.27
CA ASN B 418 26.93 23.50 14.58
C ASN B 418 26.69 24.95 14.14
N THR B 419 26.92 25.87 15.08
CA THR B 419 26.75 27.29 14.83
C THR B 419 27.42 28.04 15.98
N PRO B 420 28.70 28.38 15.80
CA PRO B 420 29.51 29.10 16.79
C PRO B 420 28.88 30.38 17.32
N PRO B 421 29.55 31.00 18.32
CA PRO B 421 29.12 32.25 18.98
C PRO B 421 29.41 33.47 18.10
N LEU B 422 28.96 33.40 16.86
CA LEU B 422 29.14 34.48 15.91
C LEU B 422 28.63 35.72 16.60
N VAL B 423 27.52 35.57 17.34
CA VAL B 423 26.90 36.68 18.07
C VAL B 423 27.72 37.01 19.30
N LYS B 424 28.94 36.50 19.28
CA LYS B 424 29.92 36.70 20.36
C LYS B 424 29.37 36.54 21.80
N LEU B 425 29.18 35.28 22.22
CA LEU B 425 28.70 34.98 23.57
C LEU B 425 27.43 35.77 23.90
N TRP B 426 26.38 35.41 23.17
CA TRP B 426 25.05 36.00 23.24
C TRP B 426 24.21 35.62 24.46
N TYR B 427 24.64 34.60 25.20
CA TYR B 427 23.89 34.13 26.37
C TYR B 427 24.68 34.04 27.69
N GLN B 428 25.84 34.65 27.77
CA GLN B 428 26.65 34.56 28.99
C GLN B 428 27.17 35.88 29.56
N GLY B 429 27.67 35.75 30.82
CA GLY B 429 28.27 36.72 31.71
C GLY B 429 29.10 37.75 30.97
N GLY B 430 28.71 39.03 31.13
CA GLY B 430 29.43 40.12 30.49
C GLY B 430 29.67 41.28 31.43
N HIS B 431 28.73 41.60 32.35
CA HIS B 431 28.68 42.75 33.23
C HIS B 431 29.66 42.63 34.39
N HIS B 432 30.86 43.24 34.25
CA HIS B 432 31.84 43.30 35.33
C HIS B 432 32.70 44.57 35.24
N HIS B 433 32.33 45.59 36.04
CA HIS B 433 33.07 46.88 36.10
C HIS B 433 34.20 46.74 37.12
N HIS B 434 35.05 47.75 37.22
CA HIS B 434 36.18 47.72 38.16
C HIS B 434 35.69 47.65 39.62
N HIS B 435 36.49 47.01 40.47
CA HIS B 435 36.17 46.90 41.88
C HIS B 435 36.82 48.13 42.53
N PRO C 3 -5.00 36.07 -47.22
CA PRO C 3 -4.87 35.73 -45.81
C PRO C 3 -4.95 34.22 -45.58
N ILE C 4 -4.11 33.70 -44.69
CA ILE C 4 -4.10 32.28 -44.39
C ILE C 4 -4.96 32.14 -43.10
N SER C 5 -4.98 30.97 -42.48
CA SER C 5 -5.77 30.74 -41.27
C SER C 5 -4.99 30.89 -39.94
N PRO C 6 -5.69 31.32 -38.87
CA PRO C 6 -5.12 31.49 -37.53
C PRO C 6 -5.29 30.26 -36.62
N ILE C 7 -5.66 29.13 -37.24
CA ILE C 7 -5.88 27.86 -36.54
C ILE C 7 -4.57 27.10 -36.36
N GLU C 8 -4.36 26.55 -35.16
CA GLU C 8 -3.15 25.80 -34.87
C GLU C 8 -2.89 24.70 -35.86
N THR C 9 -1.64 24.57 -36.28
CA THR C 9 -1.26 23.56 -37.23
C THR C 9 -1.24 22.23 -36.55
N VAL C 10 -1.51 21.16 -37.30
CA VAL C 10 -1.46 19.81 -36.73
C VAL C 10 -0.05 19.27 -36.92
N PRO C 11 0.58 18.81 -35.85
CA PRO C 11 1.95 18.28 -35.89
C PRO C 11 2.12 16.98 -36.67
N VAL C 12 3.01 17.01 -37.65
CA VAL C 12 3.25 15.86 -38.49
C VAL C 12 4.71 15.53 -38.54
N LYS C 13 5.01 14.25 -38.68
CA LYS C 13 6.39 13.80 -38.75
C LYS C 13 6.58 12.72 -39.79
N LEU C 14 7.84 12.48 -40.16
CA LEU C 14 8.18 11.46 -41.12
C LEU C 14 8.44 10.15 -40.35
N LYS C 15 8.32 9.02 -41.01
CA LYS C 15 8.57 7.78 -40.31
C LYS C 15 10.05 7.70 -39.93
N PRO C 16 10.36 7.15 -38.77
CA PRO C 16 11.71 7.00 -38.23
C PRO C 16 12.75 6.44 -39.20
N GLY C 17 13.93 7.02 -39.20
CA GLY C 17 14.98 6.56 -40.07
C GLY C 17 14.90 7.08 -41.51
N MET C 18 13.75 7.65 -41.88
CA MET C 18 13.56 8.17 -43.23
C MET C 18 13.73 9.69 -43.33
N ASP C 19 14.24 10.15 -44.47
CA ASP C 19 14.45 11.57 -44.73
C ASP C 19 13.50 12.05 -45.82
N GLY C 20 13.57 13.33 -46.18
CA GLY C 20 12.69 13.87 -47.20
C GLY C 20 12.81 13.30 -48.61
N PRO C 21 11.95 13.74 -49.55
CA PRO C 21 11.98 13.26 -50.92
C PRO C 21 12.90 14.12 -51.77
N LYS C 22 13.65 13.49 -52.67
CA LYS C 22 14.54 14.20 -53.57
C LYS C 22 14.30 13.67 -54.98
N VAL C 23 13.06 13.76 -55.46
CA VAL C 23 12.73 13.31 -56.80
C VAL C 23 12.64 14.53 -57.74
N LYS C 24 13.32 14.47 -58.88
CA LYS C 24 13.33 15.59 -59.82
C LYS C 24 12.02 15.92 -60.52
N GLN C 25 11.95 17.14 -61.06
CA GLN C 25 10.77 17.62 -61.76
C GLN C 25 10.78 17.04 -63.15
N TRP C 26 9.65 16.49 -63.58
CA TRP C 26 9.55 15.91 -64.91
C TRP C 26 9.04 16.89 -65.98
N PRO C 27 9.20 16.55 -67.28
CA PRO C 27 8.79 17.36 -68.44
C PRO C 27 7.34 17.88 -68.42
N LEU C 28 7.19 19.19 -68.48
CA LEU C 28 5.87 19.81 -68.45
C LEU C 28 5.52 20.59 -69.71
N THR C 29 4.24 20.60 -70.03
CA THR C 29 3.70 21.35 -71.16
C THR C 29 4.11 22.82 -71.01
N GLU C 30 4.77 23.40 -72.01
CA GLU C 30 5.17 24.81 -71.90
C GLU C 30 3.92 25.67 -71.63
N GLU C 31 2.83 25.29 -72.29
CA GLU C 31 1.54 25.95 -72.15
C GLU C 31 1.07 25.79 -70.70
N LYS C 32 1.02 24.54 -70.24
CA LYS C 32 0.59 24.24 -68.87
C LYS C 32 1.42 25.00 -67.82
N ILE C 33 2.75 24.92 -67.94
CA ILE C 33 3.65 25.60 -67.03
C ILE C 33 3.08 26.95 -66.68
N LYS C 34 2.65 27.68 -67.72
CA LYS C 34 2.10 29.01 -67.57
C LYS C 34 1.19 29.03 -66.37
N ALA C 35 0.21 28.12 -66.40
CA ALA C 35 -0.79 27.96 -65.36
C ALA C 35 -0.17 27.98 -63.96
N LEU C 36 0.80 27.09 -63.73
CA LEU C 36 1.46 26.96 -62.43
C LEU C 36 2.20 28.23 -62.04
N VAL C 37 2.95 28.79 -62.99
CA VAL C 37 3.71 30.02 -62.76
C VAL C 37 2.74 31.14 -62.39
N GLU C 38 1.57 31.13 -63.03
CA GLU C 38 0.55 32.11 -62.74
C GLU C 38 0.12 31.89 -61.30
N ILE C 39 -0.32 30.67 -61.04
CA ILE C 39 -0.79 30.22 -59.73
C ILE C 39 0.19 30.48 -58.58
N CYS C 40 1.43 30.09 -58.79
CA CYS C 40 2.48 30.25 -57.78
C CYS C 40 2.76 31.70 -57.40
N THR C 41 2.52 32.61 -58.34
CA THR C 41 2.76 34.04 -58.13
C THR C 41 1.67 34.58 -57.20
N GLU C 42 0.49 33.98 -57.31
CA GLU C 42 -0.67 34.34 -56.49
C GLU C 42 -0.48 33.77 -55.06
N LEU C 43 -0.30 32.46 -54.96
CA LEU C 43 -0.09 31.80 -53.68
C LEU C 43 1.08 32.41 -52.94
N GLU C 44 1.96 33.06 -53.68
CA GLU C 44 3.14 33.69 -53.10
C GLU C 44 2.72 34.95 -52.35
N LYS C 45 2.09 35.90 -53.06
CA LYS C 45 1.70 37.14 -52.42
C LYS C 45 0.67 36.87 -51.32
N GLU C 46 -0.08 35.78 -51.48
CA GLU C 46 -1.10 35.41 -50.50
C GLU C 46 -0.46 34.81 -49.27
N GLY C 47 0.82 34.46 -49.40
CA GLY C 47 1.56 33.89 -48.30
C GLY C 47 1.28 32.42 -48.09
N LYS C 48 0.71 31.77 -49.10
CA LYS C 48 0.40 30.37 -48.99
C LYS C 48 1.62 29.50 -49.22
N ILE C 49 2.56 29.99 -50.01
CA ILE C 49 3.82 29.25 -50.20
C ILE C 49 4.90 30.28 -50.05
N SER C 50 6.15 29.85 -50.23
CA SER C 50 7.29 30.74 -50.08
C SER C 50 8.43 30.31 -50.95
N LYS C 51 9.19 31.29 -51.45
CA LYS C 51 10.33 30.96 -52.30
C LYS C 51 11.38 30.44 -51.33
N ILE C 52 12.24 29.54 -51.78
CA ILE C 52 13.24 29.00 -50.87
C ILE C 52 14.67 29.06 -51.41
N GLY C 53 15.62 29.02 -50.48
CA GLY C 53 17.03 29.06 -50.80
C GLY C 53 17.59 27.76 -51.37
N PRO C 54 18.89 27.76 -51.67
CA PRO C 54 19.66 26.63 -52.22
C PRO C 54 19.80 25.42 -51.31
N GLU C 55 20.01 25.67 -50.01
CA GLU C 55 20.20 24.62 -49.00
C GLU C 55 19.14 23.52 -48.99
N ASN C 56 17.89 23.84 -49.29
CA ASN C 56 16.84 22.81 -49.29
C ASN C 56 17.04 21.78 -50.43
N PRO C 57 17.45 20.53 -50.06
CA PRO C 57 17.70 19.41 -50.95
C PRO C 57 16.51 18.63 -51.41
N TYR C 58 15.32 18.98 -50.93
CA TYR C 58 14.15 18.23 -51.31
C TYR C 58 13.44 18.81 -52.50
N ASN C 59 12.68 17.96 -53.16
CA ASN C 59 11.88 18.36 -54.30
C ASN C 59 10.86 17.28 -54.64
N THR C 60 9.83 17.68 -55.38
CA THR C 60 8.77 16.78 -55.76
C THR C 60 8.11 17.29 -57.03
N PRO C 61 8.01 16.44 -58.05
CA PRO C 61 7.37 16.87 -59.30
C PRO C 61 5.94 17.36 -59.11
N VAL C 62 5.58 18.43 -59.80
CA VAL C 62 4.24 19.01 -59.71
C VAL C 62 3.59 19.07 -61.07
N PHE C 63 2.33 19.43 -61.09
CA PHE C 63 1.60 19.54 -62.33
C PHE C 63 0.22 20.13 -62.15
N ALA C 64 -0.43 20.40 -63.28
CA ALA C 64 -1.73 21.06 -63.26
C ALA C 64 -2.81 20.17 -63.87
N ILE C 65 -4.07 20.43 -63.50
CA ILE C 65 -5.19 19.68 -64.04
C ILE C 65 -6.45 20.54 -64.10
N LYS C 66 -7.27 20.33 -65.12
CA LYS C 66 -8.45 21.15 -65.35
C LYS C 66 -9.45 20.99 -64.20
N LYS C 67 -10.11 22.10 -63.86
CA LYS C 67 -11.10 22.09 -62.78
C LYS C 67 -12.45 21.62 -63.28
N LYS C 68 -13.43 21.61 -62.39
CA LYS C 68 -14.79 21.18 -62.73
C LYS C 68 -15.11 21.77 -64.08
N ASN C 69 -15.24 23.09 -64.11
CA ASN C 69 -15.27 23.85 -65.35
C ASN C 69 -13.83 24.15 -65.73
N SER C 70 -13.49 23.99 -67.01
CA SER C 70 -12.08 24.00 -67.39
C SER C 70 -11.65 25.39 -67.84
N THR C 71 -11.89 26.38 -66.99
CA THR C 71 -11.46 27.75 -67.25
C THR C 71 -10.28 28.10 -66.37
N ARG C 72 -10.20 27.45 -65.21
CA ARG C 72 -9.10 27.67 -64.27
C ARG C 72 -8.55 26.45 -63.56
N TRP C 73 -7.36 26.62 -63.00
CA TRP C 73 -6.44 25.54 -62.81
C TRP C 73 -6.31 25.06 -61.39
N ARG C 74 -5.89 23.81 -61.28
CA ARG C 74 -5.60 23.21 -59.97
C ARG C 74 -4.19 22.65 -59.93
N LYS C 75 -3.33 23.27 -59.13
CA LYS C 75 -2.00 22.71 -58.85
C LYS C 75 -2.11 21.40 -58.07
N LEU C 76 -1.39 20.39 -58.54
CA LEU C 76 -1.34 19.10 -57.85
C LEU C 76 0.13 18.75 -57.66
N VAL C 77 0.48 18.08 -56.58
CA VAL C 77 1.88 17.72 -56.45
C VAL C 77 1.87 16.19 -56.41
N ASP C 78 2.96 15.53 -56.84
CA ASP C 78 2.98 14.06 -56.79
C ASP C 78 3.80 13.59 -55.61
N PHE C 79 3.35 14.02 -54.42
CA PHE C 79 4.01 13.68 -53.18
C PHE C 79 4.00 12.20 -52.89
N ARG C 80 3.77 11.38 -53.90
CA ARG C 80 3.76 9.95 -53.68
C ARG C 80 5.00 9.47 -52.94
N GLU C 81 6.15 9.97 -53.35
CA GLU C 81 7.34 9.54 -52.67
C GLU C 81 7.41 10.05 -51.23
N LEU C 82 6.70 11.12 -50.89
CA LEU C 82 6.72 11.64 -49.51
C LEU C 82 5.78 10.85 -48.61
N ASN C 83 4.58 10.63 -49.14
CA ASN C 83 3.54 9.90 -48.46
C ASN C 83 4.08 8.61 -47.93
N LYS C 84 4.88 7.88 -48.72
CA LYS C 84 5.45 6.63 -48.24
C LYS C 84 6.37 6.87 -47.07
N ARG C 85 6.86 8.11 -46.95
CA ARG C 85 7.79 8.45 -45.91
C ARG C 85 7.15 9.22 -44.81
N THR C 86 5.84 9.41 -44.90
CA THR C 86 5.13 10.17 -43.89
C THR C 86 4.35 9.32 -42.88
N GLN C 87 4.37 9.74 -41.63
CA GLN C 87 3.67 9.09 -40.54
C GLN C 87 2.26 8.76 -41.00
N ASP C 88 1.62 7.74 -40.41
CA ASP C 88 0.27 7.37 -40.81
C ASP C 88 -0.73 8.27 -40.13
N PHE C 89 -1.93 8.36 -40.68
CA PHE C 89 -2.99 9.19 -40.10
C PHE C 89 -4.20 8.32 -39.93
N TRP C 90 -5.08 8.61 -38.97
CA TRP C 90 -6.28 7.79 -38.93
C TRP C 90 -7.29 8.64 -39.65
N GLU C 91 -7.92 8.12 -40.70
CA GLU C 91 -8.89 8.95 -41.42
C GLU C 91 -10.15 9.20 -40.60
N VAL C 92 -10.63 10.42 -40.64
CA VAL C 92 -11.81 10.80 -39.89
C VAL C 92 -13.03 10.84 -40.78
N GLN C 93 -12.85 10.61 -42.06
CA GLN C 93 -13.99 10.57 -42.98
C GLN C 93 -14.54 9.12 -42.96
N LEU C 94 -15.67 8.91 -42.29
CA LEU C 94 -16.18 7.57 -42.17
C LEU C 94 -17.15 7.04 -43.19
N GLY C 95 -17.84 7.93 -43.87
CA GLY C 95 -18.80 7.48 -44.87
C GLY C 95 -19.26 8.65 -45.72
N ILE C 96 -20.26 8.44 -46.55
CA ILE C 96 -20.74 9.53 -47.38
C ILE C 96 -22.21 9.83 -47.14
N PRO C 97 -22.53 11.11 -46.98
CA PRO C 97 -23.91 11.49 -46.75
C PRO C 97 -24.77 10.94 -47.87
N HIS C 98 -26.07 10.93 -47.66
CA HIS C 98 -26.97 10.45 -48.66
C HIS C 98 -28.27 11.18 -48.52
N PRO C 99 -28.80 11.74 -49.64
CA PRO C 99 -30.05 12.49 -49.65
C PRO C 99 -31.24 11.77 -49.01
N ALA C 100 -31.33 10.45 -49.21
CA ALA C 100 -32.42 9.65 -48.62
C ALA C 100 -32.37 9.66 -47.10
N GLY C 101 -31.27 10.15 -46.55
CA GLY C 101 -31.14 10.21 -45.10
C GLY C 101 -31.38 11.61 -44.60
N LEU C 102 -31.68 12.51 -45.52
CA LEU C 102 -31.94 13.90 -45.21
C LEU C 102 -33.40 14.18 -44.86
N LYS C 103 -33.61 15.12 -43.95
CA LYS C 103 -34.95 15.53 -43.53
C LYS C 103 -35.28 16.86 -44.17
N LYS C 104 -36.57 17.21 -44.19
CA LYS C 104 -36.98 18.46 -44.80
C LYS C 104 -36.74 19.66 -43.89
N LYS C 105 -36.43 20.79 -44.52
CA LYS C 105 -36.16 22.03 -43.82
C LYS C 105 -36.72 23.16 -44.67
N LYS C 106 -37.49 24.04 -44.02
CA LYS C 106 -38.12 25.16 -44.70
C LYS C 106 -37.12 25.92 -45.57
N SER C 107 -35.90 26.15 -45.06
CA SER C 107 -34.87 26.88 -45.79
C SER C 107 -33.57 26.09 -45.91
N VAL C 108 -32.88 26.27 -47.04
CA VAL C 108 -31.63 25.56 -47.30
C VAL C 108 -30.63 26.38 -48.10
N THR C 109 -29.36 26.10 -47.88
CA THR C 109 -28.28 26.77 -48.59
C THR C 109 -27.07 25.82 -48.59
N VAL C 110 -26.16 26.00 -49.53
CA VAL C 110 -24.98 25.16 -49.61
C VAL C 110 -23.79 26.04 -50.02
N LEU C 111 -22.71 25.96 -49.27
CA LEU C 111 -21.53 26.77 -49.57
C LEU C 111 -20.32 25.90 -49.80
N ASP C 112 -19.28 26.51 -50.37
CA ASP C 112 -18.04 25.83 -50.69
C ASP C 112 -16.95 26.79 -50.27
N VAL C 113 -15.76 26.30 -50.02
CA VAL C 113 -14.68 27.20 -49.62
C VAL C 113 -13.61 27.41 -50.69
N GLY C 114 -13.44 28.65 -51.14
CA GLY C 114 -12.46 28.94 -52.16
C GLY C 114 -11.07 28.52 -51.74
N ASP C 115 -10.41 27.68 -52.54
CA ASP C 115 -9.07 27.22 -52.23
C ASP C 115 -8.99 26.68 -50.80
N ALA C 116 -9.63 25.54 -50.57
CA ALA C 116 -9.96 25.10 -49.22
C ALA C 116 -8.71 24.69 -48.45
N TYR C 117 -8.11 23.58 -48.85
CA TYR C 117 -6.79 23.19 -48.37
C TYR C 117 -5.90 24.42 -48.17
N PHE C 118 -5.80 25.25 -49.20
CA PHE C 118 -4.87 26.38 -49.19
C PHE C 118 -5.17 27.40 -48.14
N SER C 119 -6.16 27.14 -47.31
CA SER C 119 -6.51 28.07 -46.25
C SER C 119 -6.22 27.50 -44.85
N VAL C 120 -5.59 26.34 -44.77
CA VAL C 120 -5.28 25.75 -43.48
C VAL C 120 -3.81 25.63 -43.33
N PRO C 121 -3.23 26.34 -42.37
CA PRO C 121 -1.78 26.31 -42.17
C PRO C 121 -1.17 24.92 -42.08
N LEU C 122 -0.01 24.74 -42.69
CA LEU C 122 0.67 23.45 -42.63
C LEU C 122 1.76 23.47 -41.55
N ASP C 123 1.79 22.43 -40.72
CA ASP C 123 2.79 22.34 -39.68
C ASP C 123 4.10 22.89 -40.21
N GLU C 124 4.69 23.80 -39.44
CA GLU C 124 5.92 24.45 -39.82
C GLU C 124 7.05 23.52 -40.21
N ASP C 125 7.68 22.87 -39.24
CA ASP C 125 8.82 21.99 -39.53
C ASP C 125 8.61 21.00 -40.64
N PHE C 126 7.36 20.64 -40.94
CA PHE C 126 7.14 19.68 -42.00
C PHE C 126 7.24 20.32 -43.35
N ARG C 127 7.01 21.62 -43.40
CA ARG C 127 7.06 22.36 -44.66
C ARG C 127 8.29 22.07 -45.54
N LYS C 128 9.45 21.82 -44.92
CA LYS C 128 10.69 21.54 -45.66
C LYS C 128 10.46 20.63 -46.87
N TYR C 129 9.91 19.47 -46.59
CA TYR C 129 9.64 18.45 -47.55
C TYR C 129 8.63 18.75 -48.65
N THR C 130 7.77 19.72 -48.42
CA THR C 130 6.79 20.04 -49.43
C THR C 130 7.41 20.88 -50.53
N ALA C 131 8.74 20.93 -50.56
CA ALA C 131 9.46 21.73 -51.54
C ALA C 131 9.31 21.20 -52.95
N PHE C 132 9.11 22.10 -53.91
CA PHE C 132 8.98 21.73 -55.31
C PHE C 132 9.71 22.75 -56.17
N THR C 133 9.66 22.56 -57.49
CA THR C 133 10.33 23.49 -58.41
C THR C 133 9.54 23.77 -59.70
N ILE C 134 9.31 25.06 -59.97
CA ILE C 134 8.57 25.47 -61.17
C ILE C 134 9.52 25.85 -62.31
N PRO C 135 9.41 25.14 -63.44
CA PRO C 135 10.28 25.44 -64.57
C PRO C 135 10.02 26.78 -65.24
N SER C 136 11.05 27.30 -65.90
CA SER C 136 11.01 28.58 -66.62
C SER C 136 10.20 28.33 -67.92
N ILE C 137 9.53 29.38 -68.43
CA ILE C 137 8.70 29.27 -69.65
C ILE C 137 9.43 28.65 -70.85
N ASN C 138 10.76 28.82 -70.86
CA ASN C 138 11.56 28.28 -71.95
C ASN C 138 12.58 27.22 -71.52
N ASN C 139 12.66 27.01 -70.21
CA ASN C 139 13.55 26.00 -69.61
C ASN C 139 15.06 26.23 -69.80
N GLU C 140 15.45 27.50 -69.83
CA GLU C 140 16.87 27.87 -69.96
C GLU C 140 17.64 27.61 -68.65
N THR C 141 17.13 28.15 -67.54
CA THR C 141 17.76 27.97 -66.24
C THR C 141 16.71 27.59 -65.19
N PRO C 142 17.17 26.99 -64.08
CA PRO C 142 16.26 26.56 -63.00
C PRO C 142 15.21 27.62 -62.66
N GLY C 143 13.95 27.18 -62.54
CA GLY C 143 12.89 28.10 -62.22
C GLY C 143 12.94 28.48 -60.76
N ILE C 144 11.78 28.70 -60.16
CA ILE C 144 11.72 29.07 -58.76
C ILE C 144 11.37 27.90 -57.87
N ARG C 145 12.14 27.74 -56.80
CA ARG C 145 11.90 26.67 -55.83
C ARG C 145 10.97 27.27 -54.77
N TYR C 146 9.83 26.62 -54.59
CA TYR C 146 8.84 27.07 -53.62
C TYR C 146 8.65 25.95 -52.62
N GLN C 147 8.01 26.27 -51.49
CA GLN C 147 7.76 25.28 -50.42
C GLN C 147 6.42 25.58 -49.75
N TYR C 148 5.46 24.67 -49.87
CA TYR C 148 4.13 24.88 -49.29
C TYR C 148 4.09 25.31 -47.81
N ASN C 149 3.13 26.17 -47.49
CA ASN C 149 2.96 26.67 -46.14
C ASN C 149 1.56 26.30 -45.72
N VAL C 150 0.83 25.69 -46.62
CA VAL C 150 -0.52 25.31 -46.31
C VAL C 150 -0.75 23.88 -46.87
N LEU C 151 -1.89 23.29 -46.54
CA LEU C 151 -2.23 21.95 -46.99
C LEU C 151 -2.10 21.83 -48.50
N PRO C 152 -1.17 20.98 -48.95
CA PRO C 152 -0.95 20.77 -50.39
C PRO C 152 -1.70 19.54 -50.90
N GLN C 153 -2.41 19.71 -52.01
CA GLN C 153 -3.16 18.61 -52.60
C GLN C 153 -2.25 17.48 -53.02
N GLY C 154 -2.67 16.25 -52.75
CA GLY C 154 -1.88 15.08 -53.11
C GLY C 154 -0.97 14.63 -51.99
N TRP C 155 -1.49 14.65 -50.76
CA TRP C 155 -0.72 14.24 -49.60
C TRP C 155 -1.62 13.60 -48.54
N LYS C 156 -1.31 12.37 -48.17
CA LYS C 156 -2.08 11.65 -47.16
C LYS C 156 -2.72 12.58 -46.14
N GLY C 157 -1.89 13.47 -45.59
CA GLY C 157 -2.35 14.37 -44.57
C GLY C 157 -3.47 15.32 -44.93
N SER C 158 -3.27 16.11 -45.97
CA SER C 158 -4.27 17.08 -46.34
C SER C 158 -5.74 16.78 -46.08
N PRO C 159 -6.33 15.77 -46.73
CA PRO C 159 -7.75 15.49 -46.51
C PRO C 159 -8.17 15.42 -45.03
N ALA C 160 -7.54 14.55 -44.26
CA ALA C 160 -7.89 14.41 -42.87
C ALA C 160 -7.53 15.63 -42.00
N ILE C 161 -6.38 16.26 -42.22
CA ILE C 161 -6.06 17.45 -41.44
C ILE C 161 -7.18 18.46 -41.66
N PHE C 162 -7.50 18.75 -42.92
CA PHE C 162 -8.52 19.72 -43.22
C PHE C 162 -9.81 19.37 -42.54
N GLN C 163 -10.41 18.27 -42.95
CA GLN C 163 -11.69 17.83 -42.39
C GLN C 163 -11.73 17.99 -40.88
N SER C 164 -10.66 17.58 -40.21
CA SER C 164 -10.55 17.68 -38.78
C SER C 164 -10.52 19.13 -38.33
N SER C 165 -9.74 19.94 -39.02
CA SER C 165 -9.63 21.37 -38.69
C SER C 165 -10.90 22.12 -39.07
N MET C 166 -11.61 21.66 -40.09
CA MET C 166 -12.86 22.30 -40.53
C MET C 166 -13.99 22.02 -39.56
N THR C 167 -13.83 20.97 -38.77
CA THR C 167 -14.82 20.60 -37.78
C THR C 167 -14.60 21.46 -36.57
N LYS C 168 -13.35 21.69 -36.21
CA LYS C 168 -13.04 22.52 -35.05
C LYS C 168 -13.57 23.90 -35.27
N ILE C 169 -13.50 24.39 -36.51
CA ILE C 169 -13.99 25.73 -36.86
C ILE C 169 -15.49 25.84 -36.68
N LEU C 170 -16.22 24.83 -37.12
CA LEU C 170 -17.66 24.86 -37.00
C LEU C 170 -18.19 24.52 -35.61
N GLU C 171 -17.31 24.14 -34.68
CA GLU C 171 -17.72 23.77 -33.30
C GLU C 171 -18.46 24.86 -32.55
N PRO C 172 -17.88 26.05 -32.53
CA PRO C 172 -18.52 27.15 -31.81
C PRO C 172 -19.88 27.36 -32.46
N PHE C 173 -19.86 27.77 -33.72
CA PHE C 173 -21.10 28.04 -34.43
C PHE C 173 -22.20 27.01 -34.23
N LYS C 174 -21.80 25.74 -34.20
CA LYS C 174 -22.74 24.64 -34.01
C LYS C 174 -23.39 24.71 -32.63
N LYS C 175 -22.57 24.98 -31.62
CA LYS C 175 -23.07 25.10 -30.25
C LYS C 175 -24.17 26.14 -30.12
N GLN C 176 -23.88 27.34 -30.60
CA GLN C 176 -24.83 28.43 -30.53
C GLN C 176 -26.14 28.17 -31.25
N ASN C 177 -26.10 27.55 -32.42
CA ASN C 177 -27.32 27.29 -33.16
C ASN C 177 -27.63 25.81 -33.29
N PRO C 178 -27.87 25.13 -32.15
CA PRO C 178 -28.18 23.71 -32.11
C PRO C 178 -29.20 23.32 -33.16
N ASP C 179 -30.12 24.23 -33.41
CA ASP C 179 -31.19 23.96 -34.36
C ASP C 179 -30.83 24.02 -35.83
N ILE C 180 -29.63 24.45 -36.17
CA ILE C 180 -29.25 24.47 -37.56
C ILE C 180 -28.67 23.13 -37.94
N VAL C 181 -28.87 22.70 -39.19
CA VAL C 181 -28.32 21.43 -39.65
C VAL C 181 -27.19 21.69 -40.65
N ILE C 182 -26.00 21.18 -40.36
CA ILE C 182 -24.86 21.37 -41.24
C ILE C 182 -24.14 20.09 -41.63
N TYR C 183 -24.29 19.70 -42.89
CA TYR C 183 -23.60 18.55 -43.39
C TYR C 183 -22.26 19.01 -43.96
N GLN C 184 -21.16 18.48 -43.42
CA GLN C 184 -19.88 18.89 -43.95
C GLN C 184 -19.09 17.72 -44.57
N TYR C 185 -18.84 17.86 -45.87
CA TYR C 185 -18.09 16.92 -46.65
C TYR C 185 -16.94 17.80 -47.10
N MET C 186 -15.77 17.59 -46.55
CA MET C 186 -14.62 18.40 -46.90
C MET C 186 -14.90 19.86 -46.57
N ASP C 187 -14.93 20.70 -47.60
CA ASP C 187 -15.18 22.12 -47.43
C ASP C 187 -16.60 22.41 -47.91
N ASP C 188 -17.31 21.36 -48.28
CA ASP C 188 -18.64 21.58 -48.78
C ASP C 188 -19.65 21.62 -47.66
N LEU C 189 -20.32 22.76 -47.54
CA LEU C 189 -21.31 22.95 -46.51
C LEU C 189 -22.75 23.00 -47.00
N TYR C 190 -23.62 22.24 -46.34
CA TYR C 190 -25.07 22.24 -46.61
C TYR C 190 -25.71 22.68 -45.31
N VAL C 191 -26.32 23.86 -45.30
CA VAL C 191 -26.95 24.34 -44.08
C VAL C 191 -28.45 24.45 -44.29
N GLY C 192 -29.19 23.66 -43.53
CA GLY C 192 -30.64 23.65 -43.63
C GLY C 192 -31.34 23.88 -42.30
N SER C 193 -32.34 24.77 -42.32
CA SER C 193 -33.10 25.10 -41.12
C SER C 193 -34.59 25.29 -41.37
N ASP C 194 -35.31 25.56 -40.29
CA ASP C 194 -36.75 25.78 -40.34
C ASP C 194 -37.13 27.21 -40.01
N LEU C 195 -36.20 28.13 -40.26
CA LEU C 195 -36.45 29.54 -40.06
C LEU C 195 -37.11 30.06 -41.36
N GLU C 196 -37.30 31.36 -41.45
CA GLU C 196 -37.91 31.93 -42.65
C GLU C 196 -36.78 32.37 -43.58
N ILE C 197 -37.04 32.32 -44.88
CA ILE C 197 -36.03 32.68 -45.86
C ILE C 197 -35.08 33.77 -45.41
N GLY C 198 -35.65 34.88 -44.96
CA GLY C 198 -34.80 35.97 -44.52
C GLY C 198 -33.95 35.63 -43.31
N GLN C 199 -34.60 35.12 -42.27
CA GLN C 199 -33.89 34.77 -41.04
C GLN C 199 -32.74 33.84 -41.39
N HIS C 200 -33.02 32.92 -42.31
CA HIS C 200 -32.04 31.95 -42.77
C HIS C 200 -30.80 32.75 -43.18
N ARG C 201 -30.97 33.50 -44.27
CA ARG C 201 -29.91 34.32 -44.84
C ARG C 201 -29.04 34.93 -43.76
N THR C 202 -29.68 35.33 -42.68
CA THR C 202 -28.96 35.95 -41.58
C THR C 202 -27.89 35.01 -41.04
N LYS C 203 -28.35 33.88 -40.51
CA LYS C 203 -27.43 32.88 -39.97
C LYS C 203 -26.35 32.62 -41.00
N ILE C 204 -26.79 32.36 -42.23
CA ILE C 204 -25.88 32.09 -43.33
C ILE C 204 -24.81 33.16 -43.38
N GLU C 205 -25.20 34.38 -43.01
CA GLU C 205 -24.24 35.46 -43.03
C GLU C 205 -23.32 35.36 -41.85
N GLU C 206 -23.85 34.89 -40.73
CA GLU C 206 -23.05 34.72 -39.53
C GLU C 206 -21.96 33.72 -39.87
N LEU C 207 -22.44 32.57 -40.31
CA LEU C 207 -21.60 31.44 -40.68
C LEU C 207 -20.55 31.89 -41.69
N ARG C 208 -21.01 32.39 -42.82
CA ARG C 208 -20.09 32.81 -43.87
C ARG C 208 -19.04 33.76 -43.33
N GLN C 209 -19.43 34.55 -42.35
CA GLN C 209 -18.51 35.51 -41.78
C GLN C 209 -17.68 34.76 -40.74
N HIS C 210 -18.36 33.94 -39.94
CA HIS C 210 -17.68 33.16 -38.92
C HIS C 210 -16.46 32.50 -39.53
N LEU C 211 -16.65 31.92 -40.71
CA LEU C 211 -15.57 31.24 -41.41
C LEU C 211 -14.49 32.25 -41.75
N LEU C 212 -14.93 33.37 -42.30
CA LEU C 212 -14.05 34.44 -42.73
C LEU C 212 -13.07 34.87 -41.66
N ARG C 213 -13.51 34.79 -40.41
CA ARG C 213 -12.64 35.20 -39.32
C ARG C 213 -11.57 34.13 -39.17
N TRP C 214 -11.88 32.95 -39.69
CA TRP C 214 -10.95 31.85 -39.61
C TRP C 214 -10.12 31.61 -40.88
N GLY C 215 -10.29 32.46 -41.88
CA GLY C 215 -9.52 32.31 -43.10
C GLY C 215 -10.30 31.60 -44.17
N LEU C 216 -11.44 31.03 -43.80
CA LEU C 216 -12.25 30.30 -44.76
C LEU C 216 -13.06 31.28 -45.62
N TYR C 217 -12.44 31.74 -46.70
CA TYR C 217 -13.06 32.67 -47.63
C TYR C 217 -14.31 32.01 -48.20
N THR C 218 -15.29 32.76 -48.67
CA THR C 218 -16.47 32.09 -49.24
C THR C 218 -17.00 32.79 -50.48
N PRO C 219 -16.49 32.39 -51.67
CA PRO C 219 -16.93 33.00 -52.94
C PRO C 219 -18.45 32.96 -53.10
N ASP C 220 -18.99 33.84 -53.93
CA ASP C 220 -20.44 33.87 -54.15
C ASP C 220 -20.92 32.81 -55.14
N GLN C 221 -20.21 31.70 -55.17
CA GLN C 221 -20.58 30.56 -56.01
C GLN C 221 -21.03 29.45 -55.05
N LYS C 222 -22.14 29.72 -54.39
CA LYS C 222 -22.78 28.82 -53.45
C LYS C 222 -24.29 29.07 -53.58
N HIS C 223 -25.03 27.99 -53.77
CA HIS C 223 -26.46 28.11 -53.97
C HIS C 223 -27.13 28.83 -52.84
N GLN C 224 -28.03 29.75 -53.20
CA GLN C 224 -28.79 30.55 -52.25
C GLN C 224 -30.30 30.24 -52.31
N LYS C 225 -31.02 30.94 -53.17
CA LYS C 225 -32.47 30.73 -53.33
C LYS C 225 -32.77 29.90 -54.57
N GLU C 226 -32.26 28.67 -54.61
CA GLU C 226 -32.50 27.80 -55.76
C GLU C 226 -33.03 26.45 -55.35
N PRO C 227 -34.21 26.08 -55.87
CA PRO C 227 -34.79 24.77 -55.52
C PRO C 227 -33.83 23.67 -55.99
N PRO C 228 -33.33 23.75 -57.25
CA PRO C 228 -32.41 22.71 -57.71
C PRO C 228 -31.03 22.92 -57.04
N PHE C 229 -30.82 22.23 -55.92
CA PHE C 229 -29.56 22.33 -55.19
C PHE C 229 -28.62 21.25 -55.69
N LEU C 230 -27.44 21.67 -56.15
CA LEU C 230 -26.45 20.71 -56.61
C LEU C 230 -25.62 20.36 -55.37
N TRP C 231 -25.83 19.13 -54.89
CA TRP C 231 -25.16 18.65 -53.67
C TRP C 231 -24.68 17.20 -53.76
N MET C 232 -23.40 16.97 -53.46
CA MET C 232 -22.84 15.62 -53.45
C MET C 232 -23.17 14.80 -54.68
N GLY C 233 -23.40 15.45 -55.81
CA GLY C 233 -23.72 14.70 -57.01
C GLY C 233 -25.21 14.48 -57.20
N TYR C 234 -26.03 15.25 -56.50
CA TYR C 234 -27.48 15.11 -56.65
C TYR C 234 -28.12 16.46 -56.86
N GLU C 235 -29.43 16.43 -57.13
CA GLU C 235 -30.21 17.65 -57.32
C GLU C 235 -31.22 17.57 -56.20
N LEU C 236 -31.08 18.49 -55.25
CA LEU C 236 -31.94 18.53 -54.08
C LEU C 236 -33.10 19.47 -54.24
N HIS C 237 -34.31 18.90 -54.32
CA HIS C 237 -35.55 19.67 -54.48
C HIS C 237 -36.32 19.77 -53.18
N PRO C 238 -37.13 20.82 -53.02
CA PRO C 238 -37.90 21.02 -51.79
C PRO C 238 -38.54 19.75 -51.21
N ASP C 239 -39.11 18.93 -52.08
CA ASP C 239 -39.79 17.71 -51.64
C ASP C 239 -39.13 16.43 -52.15
N LYS C 240 -38.39 16.53 -53.26
CA LYS C 240 -37.73 15.36 -53.86
C LYS C 240 -36.29 15.60 -54.30
N TRP C 241 -35.63 14.51 -54.69
CA TRP C 241 -34.25 14.56 -55.16
C TRP C 241 -33.98 13.47 -56.19
N THR C 242 -32.85 13.57 -56.87
CA THR C 242 -32.40 12.54 -57.79
C THR C 242 -30.92 12.71 -58.13
N VAL C 243 -30.36 11.70 -58.81
CA VAL C 243 -28.99 11.77 -59.29
C VAL C 243 -28.84 12.84 -60.36
N GLN C 244 -27.63 13.40 -60.46
CA GLN C 244 -27.34 14.43 -61.46
C GLN C 244 -27.12 13.80 -62.83
N PRO C 245 -27.38 14.57 -63.88
CA PRO C 245 -27.49 14.03 -65.24
C PRO C 245 -26.53 12.86 -65.45
N ILE C 246 -27.08 11.67 -65.66
CA ILE C 246 -26.27 10.46 -65.79
C ILE C 246 -26.16 10.03 -67.24
N VAL C 247 -24.96 10.18 -67.81
CA VAL C 247 -24.75 10.04 -69.24
C VAL C 247 -24.00 8.77 -69.58
N LEU C 248 -24.72 7.77 -70.07
CA LEU C 248 -24.10 6.48 -70.43
C LEU C 248 -23.39 6.56 -71.79
N PRO C 249 -22.11 6.10 -71.86
CA PRO C 249 -21.36 6.13 -73.12
C PRO C 249 -21.98 5.32 -74.26
N GLU C 250 -21.85 5.86 -75.47
CA GLU C 250 -22.41 5.23 -76.66
C GLU C 250 -21.28 4.90 -77.64
N LYS C 251 -21.04 3.62 -77.84
CA LYS C 251 -19.99 3.21 -78.77
C LYS C 251 -20.18 1.80 -79.31
N ASP C 252 -19.70 1.60 -80.54
CA ASP C 252 -19.76 0.34 -81.27
C ASP C 252 -19.01 -0.78 -80.57
N SER C 253 -17.68 -0.69 -80.53
CA SER C 253 -16.86 -1.69 -79.86
C SER C 253 -16.39 -1.11 -78.51
N TRP C 254 -16.10 -1.98 -77.55
CA TRP C 254 -15.68 -1.51 -76.23
C TRP C 254 -14.40 -2.15 -75.74
N THR C 255 -13.65 -1.41 -74.93
CA THR C 255 -12.42 -1.92 -74.34
C THR C 255 -12.73 -2.25 -72.89
N VAL C 256 -11.89 -3.07 -72.28
CA VAL C 256 -12.06 -3.46 -70.89
C VAL C 256 -12.45 -2.24 -70.07
N ASN C 257 -11.56 -1.26 -70.01
CA ASN C 257 -11.80 -0.03 -69.26
C ASN C 257 -13.18 0.57 -69.55
N ASP C 258 -13.60 0.55 -70.81
CA ASP C 258 -14.90 1.11 -71.16
C ASP C 258 -16.00 0.42 -70.41
N ILE C 259 -15.87 -0.89 -70.21
CA ILE C 259 -16.86 -1.67 -69.50
C ILE C 259 -16.95 -1.24 -68.05
N CYS C 260 -15.79 -0.98 -67.50
CA CYS C 260 -15.70 -0.52 -66.12
C CYS C 260 -16.49 0.78 -66.02
N LYS C 261 -16.01 1.84 -66.65
CA LYS C 261 -16.69 3.12 -66.64
C LYS C 261 -18.22 2.92 -66.72
N LEU C 262 -18.63 1.95 -67.52
CA LEU C 262 -20.04 1.64 -67.70
C LEU C 262 -20.70 1.16 -66.42
N VAL C 263 -20.30 -0.02 -65.96
CA VAL C 263 -20.86 -0.60 -64.75
C VAL C 263 -20.75 0.33 -63.54
N GLY C 264 -19.65 1.07 -63.47
CA GLY C 264 -19.49 2.00 -62.38
C GLY C 264 -20.56 3.07 -62.46
N LYS C 265 -20.90 3.45 -63.68
CA LYS C 265 -21.92 4.44 -63.91
C LYS C 265 -23.25 3.77 -63.56
N LEU C 266 -23.53 2.63 -64.18
CA LEU C 266 -24.79 1.95 -63.90
C LEU C 266 -25.00 1.68 -62.41
N ASN C 267 -23.92 1.32 -61.72
CA ASN C 267 -24.05 1.02 -60.31
C ASN C 267 -24.40 2.23 -59.48
N TRP C 268 -23.90 3.37 -59.86
CA TRP C 268 -24.19 4.61 -59.16
C TRP C 268 -25.61 5.06 -59.39
N ALA C 269 -26.25 4.46 -60.39
CA ALA C 269 -27.62 4.78 -60.74
C ALA C 269 -28.58 3.87 -59.99
N SER C 270 -28.05 2.75 -59.49
CA SER C 270 -28.84 1.77 -58.71
C SER C 270 -29.39 2.41 -57.45
N GLN C 271 -28.88 3.60 -57.14
CA GLN C 271 -29.28 4.41 -55.98
C GLN C 271 -30.77 4.60 -55.97
N ILE C 272 -31.28 5.01 -57.13
CA ILE C 272 -32.69 5.29 -57.25
C ILE C 272 -33.38 4.61 -58.43
N TYR C 273 -32.63 4.34 -59.48
CA TYR C 273 -33.16 3.66 -60.66
C TYR C 273 -33.34 2.15 -60.40
N PRO C 274 -34.55 1.74 -60.06
CA PRO C 274 -34.80 0.33 -59.77
C PRO C 274 -34.45 -0.61 -60.89
N GLY C 275 -34.21 -1.87 -60.51
CA GLY C 275 -33.92 -2.93 -61.45
C GLY C 275 -32.67 -2.89 -62.32
N ILE C 276 -31.78 -1.92 -62.10
CA ILE C 276 -30.57 -1.90 -62.91
C ILE C 276 -29.71 -3.11 -62.58
N LYS C 277 -29.25 -3.79 -63.62
CA LYS C 277 -28.41 -4.98 -63.47
C LYS C 277 -27.12 -4.85 -64.27
N VAL C 278 -26.00 -5.30 -63.69
CA VAL C 278 -24.71 -5.25 -64.38
C VAL C 278 -24.04 -6.62 -64.35
N ARG C 279 -24.79 -7.62 -63.91
CA ARG C 279 -24.29 -9.00 -63.82
C ARG C 279 -23.47 -9.44 -65.04
N GLN C 280 -24.15 -9.70 -66.14
CA GLN C 280 -23.50 -10.17 -67.36
C GLN C 280 -22.38 -9.22 -67.77
N LEU C 281 -22.69 -7.94 -67.87
CA LEU C 281 -21.71 -6.94 -68.28
C LEU C 281 -20.42 -7.13 -67.51
N SER C 282 -20.53 -7.49 -66.24
CA SER C 282 -19.35 -7.67 -65.40
C SER C 282 -18.51 -8.90 -65.75
N LYS C 283 -19.16 -9.93 -66.31
CA LYS C 283 -18.48 -11.16 -66.68
C LYS C 283 -17.45 -10.92 -67.77
N LEU C 284 -17.70 -9.92 -68.59
CA LEU C 284 -16.78 -9.60 -69.66
C LEU C 284 -15.38 -9.32 -69.13
N LEU C 285 -15.29 -8.76 -67.92
CA LEU C 285 -14.00 -8.42 -67.35
C LEU C 285 -13.47 -9.50 -66.46
N ARG C 286 -13.95 -10.72 -66.64
CA ARG C 286 -13.48 -11.85 -65.83
C ARG C 286 -12.08 -12.24 -66.27
N GLY C 287 -11.30 -12.73 -65.33
CA GLY C 287 -9.94 -13.14 -65.64
C GLY C 287 -9.03 -11.99 -66.01
N THR C 288 -7.75 -12.17 -65.74
CA THR C 288 -6.76 -11.14 -66.03
C THR C 288 -7.06 -10.54 -67.40
N LYS C 289 -7.13 -9.22 -67.48
CA LYS C 289 -7.34 -8.54 -68.77
C LYS C 289 -6.54 -7.24 -68.65
N ALA C 290 -6.76 -6.32 -69.58
CA ALA C 290 -6.05 -5.05 -69.56
C ALA C 290 -7.05 -4.00 -69.95
N LEU C 291 -6.97 -2.85 -69.31
CA LEU C 291 -7.88 -1.77 -69.61
C LEU C 291 -8.01 -1.55 -71.12
N THR C 292 -6.90 -1.59 -71.86
CA THR C 292 -6.92 -1.34 -73.31
C THR C 292 -7.56 -2.44 -74.13
N GLU C 293 -7.18 -3.70 -73.85
CA GLU C 293 -7.74 -4.83 -74.60
C GLU C 293 -9.19 -4.54 -74.99
N VAL C 294 -9.57 -4.92 -76.22
CA VAL C 294 -10.92 -4.68 -76.67
C VAL C 294 -11.82 -5.91 -76.55
N ILE C 295 -12.56 -5.97 -75.46
CA ILE C 295 -13.44 -7.12 -75.26
C ILE C 295 -14.75 -6.92 -76.02
N PRO C 296 -15.33 -8.00 -76.55
CA PRO C 296 -16.60 -8.02 -77.31
C PRO C 296 -17.85 -8.29 -76.49
N LEU C 297 -18.87 -7.44 -76.66
CA LEU C 297 -20.14 -7.58 -75.92
C LEU C 297 -20.94 -8.77 -76.37
N THR C 298 -20.97 -9.79 -75.52
CA THR C 298 -21.69 -11.01 -75.81
C THR C 298 -23.18 -10.79 -76.00
N GLU C 299 -23.91 -11.89 -76.13
CA GLU C 299 -25.35 -11.82 -76.30
C GLU C 299 -25.96 -11.02 -75.14
N GLU C 300 -26.02 -11.65 -73.96
CA GLU C 300 -26.57 -11.04 -72.74
C GLU C 300 -26.19 -9.58 -72.58
N ALA C 301 -24.90 -9.32 -72.40
CA ALA C 301 -24.39 -7.97 -72.24
C ALA C 301 -25.09 -6.99 -73.19
N GLU C 302 -25.04 -7.28 -74.49
CA GLU C 302 -25.68 -6.40 -75.45
C GLU C 302 -27.12 -6.15 -75.03
N LEU C 303 -27.78 -7.23 -74.63
CA LEU C 303 -29.18 -7.16 -74.21
C LEU C 303 -29.34 -6.40 -72.89
N GLU C 304 -28.55 -6.78 -71.89
CA GLU C 304 -28.57 -6.18 -70.57
C GLU C 304 -28.37 -4.68 -70.71
N LEU C 305 -27.23 -4.27 -71.24
CA LEU C 305 -26.95 -2.86 -71.42
C LEU C 305 -28.16 -2.17 -72.03
N ALA C 306 -28.88 -2.91 -72.87
CA ALA C 306 -30.06 -2.40 -73.57
C ALA C 306 -31.24 -2.17 -72.63
N GLU C 307 -31.69 -3.24 -72.00
CA GLU C 307 -32.82 -3.20 -71.05
C GLU C 307 -32.48 -2.20 -69.94
N ASN C 308 -31.19 -2.19 -69.57
CA ASN C 308 -30.66 -1.32 -68.54
C ASN C 308 -30.60 0.09 -69.06
N ARG C 309 -30.56 0.23 -70.39
CA ARG C 309 -30.51 1.54 -71.02
C ARG C 309 -31.90 2.14 -71.16
N GLU C 310 -32.88 1.26 -71.26
CA GLU C 310 -34.27 1.67 -71.39
C GLU C 310 -34.86 2.07 -70.06
N ILE C 311 -34.12 1.84 -68.96
CA ILE C 311 -34.60 2.22 -67.63
C ILE C 311 -34.24 3.67 -67.33
N LEU C 312 -33.07 4.08 -67.79
CA LEU C 312 -32.62 5.44 -67.56
C LEU C 312 -33.35 6.43 -68.44
N LYS C 313 -34.32 5.92 -69.21
CA LYS C 313 -35.09 6.79 -70.10
C LYS C 313 -35.95 7.71 -69.24
N GLU C 314 -36.95 7.13 -68.59
CA GLU C 314 -37.86 7.89 -67.74
C GLU C 314 -37.24 8.12 -66.38
N PRO C 315 -36.73 9.35 -66.13
CA PRO C 315 -36.08 9.73 -64.87
C PRO C 315 -36.94 9.45 -63.64
N VAL C 316 -36.26 9.16 -62.53
CA VAL C 316 -36.95 8.89 -61.28
C VAL C 316 -36.51 9.90 -60.25
N HIS C 317 -37.17 9.87 -59.09
CA HIS C 317 -36.88 10.79 -57.98
C HIS C 317 -37.02 10.03 -56.66
N GLY C 318 -36.36 10.56 -55.64
CA GLY C 318 -36.43 9.92 -54.35
C GLY C 318 -37.07 10.92 -53.42
N VAL C 319 -37.74 10.43 -52.39
CA VAL C 319 -38.39 11.30 -51.41
C VAL C 319 -37.62 11.33 -50.09
N TYR C 320 -37.57 12.51 -49.47
CA TYR C 320 -36.75 12.70 -48.29
C TYR C 320 -37.26 11.87 -47.11
N TYR C 321 -36.61 12.00 -45.97
CA TYR C 321 -36.83 11.09 -44.85
C TYR C 321 -37.73 11.72 -43.79
N ASP C 322 -38.66 10.94 -43.27
CA ASP C 322 -39.59 11.43 -42.25
C ASP C 322 -39.55 10.55 -41.01
N PRO C 323 -38.90 11.03 -39.96
CA PRO C 323 -38.63 10.22 -38.77
C PRO C 323 -39.89 9.98 -37.95
N SER C 324 -41.06 10.21 -38.56
CA SER C 324 -42.33 10.12 -37.86
C SER C 324 -43.03 8.80 -38.16
N LYS C 325 -42.39 7.96 -38.96
CA LYS C 325 -42.96 6.67 -39.33
C LYS C 325 -41.89 5.69 -39.76
N ASP C 326 -41.93 4.48 -39.21
CA ASP C 326 -40.89 3.49 -39.46
C ASP C 326 -40.67 3.27 -40.96
N LEU C 327 -39.52 2.73 -41.30
CA LEU C 327 -39.16 2.53 -42.70
C LEU C 327 -39.58 1.14 -43.19
N ILE C 328 -39.62 0.95 -44.50
CA ILE C 328 -39.94 -0.33 -45.08
C ILE C 328 -38.94 -0.65 -46.22
N ALA C 329 -38.43 -1.87 -46.21
CA ALA C 329 -37.50 -2.32 -47.25
C ALA C 329 -38.11 -3.59 -47.86
N GLU C 330 -38.26 -3.58 -49.18
CA GLU C 330 -38.82 -4.71 -49.92
C GLU C 330 -37.77 -5.22 -50.91
N ILE C 331 -37.68 -6.54 -51.02
CA ILE C 331 -36.71 -7.15 -51.89
C ILE C 331 -37.39 -8.15 -52.81
N GLN C 332 -36.85 -8.39 -53.99
CA GLN C 332 -37.43 -9.36 -54.92
C GLN C 332 -36.30 -10.07 -55.60
N LYS C 333 -36.56 -11.27 -56.09
CA LYS C 333 -35.52 -12.05 -56.77
C LYS C 333 -35.40 -11.64 -58.24
N GLN C 334 -34.37 -10.86 -58.56
CA GLN C 334 -34.11 -10.37 -59.93
C GLN C 334 -33.89 -11.48 -60.94
N GLY C 335 -32.82 -12.23 -60.73
CA GLY C 335 -32.50 -13.30 -61.63
C GLY C 335 -31.76 -14.28 -60.77
N GLN C 336 -31.30 -15.36 -61.38
CA GLN C 336 -30.57 -16.36 -60.64
C GLN C 336 -29.39 -15.65 -59.99
N GLY C 337 -29.42 -15.61 -58.67
CA GLY C 337 -28.38 -14.95 -57.94
C GLY C 337 -28.65 -13.48 -57.64
N GLN C 338 -29.22 -12.76 -58.61
CA GLN C 338 -29.51 -11.32 -58.44
C GLN C 338 -30.76 -10.94 -57.63
N TRP C 339 -30.64 -9.84 -56.86
CA TRP C 339 -31.72 -9.30 -56.02
C TRP C 339 -31.72 -7.79 -56.03
N THR C 340 -32.92 -7.21 -56.06
CA THR C 340 -33.07 -5.77 -56.02
C THR C 340 -34.03 -5.44 -54.91
N TYR C 341 -33.84 -4.24 -54.33
CA TYR C 341 -34.68 -3.76 -53.23
C TYR C 341 -34.93 -2.27 -53.31
N GLN C 342 -35.86 -1.81 -52.49
CA GLN C 342 -36.16 -0.40 -52.39
C GLN C 342 -36.75 -0.14 -51.00
N ILE C 343 -36.29 0.95 -50.38
CA ILE C 343 -36.73 1.34 -49.07
C ILE C 343 -37.65 2.56 -49.24
N TYR C 344 -38.81 2.51 -48.59
CA TYR C 344 -39.75 3.60 -48.67
C TYR C 344 -40.50 3.82 -47.34
N GLN C 345 -41.24 4.93 -47.28
CA GLN C 345 -42.06 5.25 -46.12
C GLN C 345 -43.52 5.26 -46.63
N GLU C 346 -43.70 5.77 -47.85
CA GLU C 346 -45.00 5.76 -48.50
C GLU C 346 -44.86 4.78 -49.65
N PRO C 347 -45.90 3.97 -49.91
CA PRO C 347 -45.92 2.98 -50.98
C PRO C 347 -45.14 3.36 -52.24
N PHE C 348 -45.70 4.25 -53.05
CA PHE C 348 -45.02 4.63 -54.28
C PHE C 348 -43.71 5.38 -54.08
N LYS C 349 -43.70 6.33 -53.16
CA LYS C 349 -42.51 7.16 -52.92
C LYS C 349 -41.33 6.39 -52.37
N ASN C 350 -40.51 5.87 -53.28
CA ASN C 350 -39.31 5.12 -52.89
C ASN C 350 -38.35 6.09 -52.23
N LEU C 351 -37.80 5.70 -51.10
CA LEU C 351 -36.88 6.54 -50.37
C LEU C 351 -35.50 6.39 -51.01
N LYS C 352 -35.20 5.16 -51.42
CA LYS C 352 -33.93 4.81 -52.06
C LYS C 352 -33.99 3.35 -52.55
N THR C 353 -33.25 3.00 -53.60
CA THR C 353 -33.25 1.61 -54.07
C THR C 353 -31.84 1.08 -54.09
N GLY C 354 -31.71 -0.20 -54.42
CA GLY C 354 -30.42 -0.85 -54.51
C GLY C 354 -30.58 -2.27 -55.00
N LYS C 355 -29.47 -3.00 -55.01
CA LYS C 355 -29.50 -4.41 -55.45
C LYS C 355 -28.42 -5.19 -54.72
N TYR C 356 -28.53 -6.51 -54.71
CA TYR C 356 -27.52 -7.31 -54.08
C TYR C 356 -27.33 -8.54 -54.92
N ALA C 357 -26.17 -8.63 -55.55
CA ALA C 357 -25.82 -9.76 -56.42
C ALA C 357 -24.69 -10.64 -55.90
N ARG C 358 -23.80 -10.06 -55.09
CA ARG C 358 -22.67 -10.82 -54.56
C ARG C 358 -23.12 -12.25 -54.27
N MET C 359 -22.53 -13.20 -54.98
CA MET C 359 -22.82 -14.62 -54.77
C MET C 359 -21.63 -15.14 -53.94
N ARG C 360 -21.91 -15.45 -52.67
CA ARG C 360 -20.91 -15.90 -51.72
C ARG C 360 -20.96 -17.40 -51.43
N GLY C 361 -19.87 -18.10 -51.75
CA GLY C 361 -19.81 -19.54 -51.51
C GLY C 361 -19.80 -20.32 -52.82
N ALA C 362 -19.60 -21.63 -52.73
CA ALA C 362 -19.59 -22.50 -53.90
C ALA C 362 -21.01 -22.95 -54.17
N HIS C 363 -21.62 -23.58 -53.17
CA HIS C 363 -22.98 -24.05 -53.25
C HIS C 363 -23.80 -23.40 -52.15
N THR C 364 -24.90 -22.75 -52.53
CA THR C 364 -25.80 -22.14 -51.56
C THR C 364 -27.21 -22.30 -52.11
N ASN C 365 -28.13 -21.49 -51.65
CA ASN C 365 -29.48 -21.55 -52.16
C ASN C 365 -30.05 -20.16 -52.08
N ASP C 366 -31.36 -20.03 -52.26
CA ASP C 366 -31.93 -18.71 -52.22
C ASP C 366 -32.15 -18.16 -50.81
N VAL C 367 -32.61 -18.99 -49.88
CA VAL C 367 -32.87 -18.53 -48.53
C VAL C 367 -31.66 -17.79 -47.98
N LYS C 368 -30.54 -18.49 -47.98
CA LYS C 368 -29.29 -17.96 -47.46
C LYS C 368 -28.89 -16.67 -48.14
N GLN C 369 -29.08 -16.59 -49.45
CA GLN C 369 -28.72 -15.38 -50.18
C GLN C 369 -29.72 -14.31 -49.80
N LEU C 370 -30.98 -14.71 -49.66
CA LEU C 370 -32.04 -13.77 -49.28
C LEU C 370 -31.66 -13.19 -47.94
N THR C 371 -31.23 -14.06 -47.05
CA THR C 371 -30.80 -13.63 -45.72
C THR C 371 -29.66 -12.63 -45.83
N GLU C 372 -28.76 -12.89 -46.76
CA GLU C 372 -27.64 -12.02 -46.93
C GLU C 372 -28.08 -10.59 -47.25
N ALA C 373 -28.92 -10.43 -48.26
CA ALA C 373 -29.40 -9.10 -48.62
C ALA C 373 -30.02 -8.40 -47.41
N VAL C 374 -30.86 -9.13 -46.68
CA VAL C 374 -31.51 -8.56 -45.51
C VAL C 374 -30.45 -7.89 -44.64
N GLN C 375 -29.38 -8.63 -44.36
CA GLN C 375 -28.29 -8.14 -43.54
C GLN C 375 -27.55 -7.00 -44.19
N LYS C 376 -27.43 -7.05 -45.51
CA LYS C 376 -26.73 -6.02 -46.27
C LYS C 376 -27.48 -4.72 -46.15
N ILE C 377 -28.79 -4.78 -46.35
CA ILE C 377 -29.65 -3.61 -46.28
C ILE C 377 -29.75 -3.09 -44.84
N THR C 378 -29.93 -4.01 -43.89
CA THR C 378 -30.02 -3.64 -42.49
C THR C 378 -28.85 -2.70 -42.19
N THR C 379 -27.64 -3.19 -42.39
CA THR C 379 -26.46 -2.37 -42.17
C THR C 379 -26.61 -1.02 -42.86
N GLU C 380 -26.68 -1.04 -44.18
CA GLU C 380 -26.79 0.19 -44.95
C GLU C 380 -27.83 1.13 -44.40
N SER C 381 -28.89 0.57 -43.85
CA SER C 381 -29.97 1.39 -43.29
C SER C 381 -29.55 2.12 -42.00
N ILE C 382 -28.85 1.41 -41.13
CA ILE C 382 -28.38 2.00 -39.91
C ILE C 382 -27.41 3.11 -40.24
N VAL C 383 -26.67 2.96 -41.33
CA VAL C 383 -25.71 3.97 -41.67
C VAL C 383 -26.37 5.24 -42.12
N ILE C 384 -27.52 5.12 -42.75
CA ILE C 384 -28.19 6.32 -43.25
C ILE C 384 -29.22 6.88 -42.29
N TRP C 385 -29.99 5.99 -41.68
CA TRP C 385 -31.04 6.42 -40.79
C TRP C 385 -30.83 6.06 -39.33
N GLY C 386 -29.95 5.11 -39.07
CA GLY C 386 -29.72 4.76 -37.68
C GLY C 386 -30.63 3.71 -37.11
N LYS C 387 -31.54 3.19 -37.92
CA LYS C 387 -32.42 2.15 -37.44
C LYS C 387 -32.49 1.02 -38.47
N THR C 388 -33.16 -0.05 -38.11
CA THR C 388 -33.32 -1.16 -39.03
C THR C 388 -34.78 -1.12 -39.45
N PRO C 389 -35.02 -1.17 -40.75
CA PRO C 389 -36.39 -1.13 -41.26
C PRO C 389 -37.11 -2.45 -41.20
N LYS C 390 -38.41 -2.40 -41.48
CA LYS C 390 -39.26 -3.58 -41.49
C LYS C 390 -39.09 -4.15 -42.89
N PHE C 391 -39.11 -5.47 -43.00
CA PHE C 391 -38.92 -6.11 -44.29
C PHE C 391 -40.13 -6.81 -44.91
N LYS C 392 -40.30 -6.58 -46.20
CA LYS C 392 -41.37 -7.22 -46.96
C LYS C 392 -40.60 -8.23 -47.86
N LEU C 393 -40.65 -9.51 -47.49
CA LEU C 393 -39.89 -10.51 -48.24
C LEU C 393 -40.72 -11.54 -48.98
N PRO C 394 -40.39 -11.80 -50.24
CA PRO C 394 -41.10 -12.78 -51.04
C PRO C 394 -40.81 -14.22 -50.62
N ILE C 395 -41.04 -14.54 -49.35
CA ILE C 395 -40.78 -15.90 -48.89
C ILE C 395 -41.80 -16.33 -47.84
N GLN C 396 -42.32 -17.55 -48.00
CA GLN C 396 -43.33 -18.07 -47.07
C GLN C 396 -42.90 -18.12 -45.63
N LYS C 397 -43.71 -17.56 -44.75
CA LYS C 397 -43.38 -17.60 -43.33
C LYS C 397 -43.13 -19.03 -42.89
N GLU C 398 -43.77 -19.96 -43.57
CA GLU C 398 -43.61 -21.36 -43.21
C GLU C 398 -42.28 -21.86 -43.77
N THR C 399 -41.97 -21.43 -44.99
CA THR C 399 -40.73 -21.84 -45.62
C THR C 399 -39.59 -21.57 -44.64
N TRP C 400 -39.44 -20.29 -44.28
CA TRP C 400 -38.39 -19.81 -43.39
C TRP C 400 -38.32 -20.52 -42.03
N GLU C 401 -39.46 -20.72 -41.39
CA GLU C 401 -39.45 -21.37 -40.10
C GLU C 401 -38.81 -22.75 -40.23
N THR C 402 -39.21 -23.47 -41.26
CA THR C 402 -38.67 -24.81 -41.49
C THR C 402 -37.16 -24.64 -41.46
N TRP C 403 -36.71 -23.73 -42.31
CA TRP C 403 -35.30 -23.43 -42.45
C TRP C 403 -34.50 -23.18 -41.17
N TRP C 404 -34.75 -22.05 -40.53
CA TRP C 404 -34.00 -21.71 -39.34
C TRP C 404 -34.12 -22.72 -38.24
N THR C 405 -35.15 -23.55 -38.28
CA THR C 405 -35.32 -24.54 -37.26
C THR C 405 -34.69 -25.84 -37.68
N GLU C 406 -34.09 -25.87 -38.86
CA GLU C 406 -33.47 -27.11 -39.30
C GLU C 406 -32.02 -26.94 -39.70
N TYR C 407 -31.64 -25.70 -39.98
CA TYR C 407 -30.26 -25.42 -40.36
C TYR C 407 -29.42 -25.46 -39.09
N TRP C 408 -28.22 -26.01 -39.17
CA TRP C 408 -27.41 -26.12 -37.98
C TRP C 408 -26.74 -24.84 -37.48
N GLN C 409 -26.72 -23.80 -38.29
CA GLN C 409 -26.08 -22.56 -37.89
C GLN C 409 -27.13 -21.64 -37.31
N ALA C 410 -26.72 -20.72 -36.47
CA ALA C 410 -27.70 -19.80 -35.90
C ALA C 410 -28.13 -18.91 -37.04
N THR C 411 -29.32 -18.36 -36.97
CA THR C 411 -29.75 -17.50 -38.06
C THR C 411 -30.96 -16.68 -37.68
N TRP C 412 -31.16 -15.55 -38.35
CA TRP C 412 -32.31 -14.73 -38.03
C TRP C 412 -32.54 -13.54 -38.96
N ILE C 413 -33.81 -13.18 -39.07
CA ILE C 413 -34.30 -12.05 -39.86
C ILE C 413 -35.14 -11.14 -38.92
N PRO C 414 -35.01 -9.82 -39.03
CA PRO C 414 -35.78 -8.93 -38.17
C PRO C 414 -37.26 -9.05 -38.40
N GLU C 415 -38.01 -8.07 -37.93
CA GLU C 415 -39.45 -8.10 -38.12
C GLU C 415 -39.65 -8.06 -39.62
N TRP C 416 -40.39 -9.03 -40.14
CA TRP C 416 -40.64 -9.09 -41.59
C TRP C 416 -41.99 -9.71 -41.89
N GLU C 417 -42.59 -9.33 -43.02
CA GLU C 417 -43.88 -9.87 -43.38
C GLU C 417 -43.83 -10.49 -44.78
N PHE C 418 -44.70 -11.47 -45.02
CA PHE C 418 -44.72 -12.13 -46.32
C PHE C 418 -45.44 -11.33 -47.39
N VAL C 419 -44.91 -11.35 -48.60
CA VAL C 419 -45.50 -10.65 -49.72
C VAL C 419 -45.50 -11.64 -50.90
N ASN C 420 -46.67 -11.90 -51.49
CA ASN C 420 -46.77 -12.86 -52.60
C ASN C 420 -46.47 -12.25 -53.98
N THR C 421 -45.28 -11.70 -54.15
CA THR C 421 -44.87 -11.09 -55.43
C THR C 421 -43.79 -11.95 -56.13
N PRO C 422 -44.22 -12.92 -56.94
CA PRO C 422 -43.42 -13.88 -57.72
C PRO C 422 -42.27 -13.25 -58.48
N PRO C 423 -41.13 -13.97 -58.56
CA PRO C 423 -40.88 -15.30 -57.99
C PRO C 423 -40.91 -15.34 -56.47
N LEU C 424 -40.91 -16.55 -55.92
CA LEU C 424 -40.91 -16.70 -54.47
C LEU C 424 -39.81 -17.65 -54.05
N VAL C 425 -39.15 -17.32 -52.95
CA VAL C 425 -38.07 -18.17 -52.44
C VAL C 425 -38.64 -19.36 -51.69
N LYS C 426 -38.03 -20.52 -51.90
CA LYS C 426 -38.48 -21.74 -51.26
C LYS C 426 -37.41 -22.81 -51.38
N LEU C 427 -37.36 -23.72 -50.41
CA LEU C 427 -36.38 -24.79 -50.47
C LEU C 427 -36.90 -25.79 -51.52
N TRP C 428 -36.04 -26.21 -52.45
CA TRP C 428 -36.45 -27.11 -53.51
C TRP C 428 -36.64 -28.57 -53.20
N TYR C 429 -36.31 -28.97 -51.98
CA TYR C 429 -36.50 -30.36 -51.56
C TYR C 429 -35.97 -30.48 -50.17
N GLN C 430 -36.37 -31.54 -49.50
CA GLN C 430 -35.93 -31.74 -48.13
C GLN C 430 -35.54 -33.18 -47.97
N LEU C 431 -34.47 -33.43 -47.23
CA LEU C 431 -34.05 -34.80 -46.99
C LEU C 431 -34.90 -35.36 -45.87
N GLU C 432 -35.30 -36.61 -46.03
CA GLU C 432 -36.13 -37.29 -45.04
C GLU C 432 -35.39 -37.41 -43.71
N LYS C 433 -36.15 -37.33 -42.63
CA LYS C 433 -35.59 -37.40 -41.31
C LYS C 433 -35.24 -38.83 -40.95
N GLU C 434 -36.12 -39.75 -41.35
CA GLU C 434 -35.95 -41.19 -41.10
C GLU C 434 -35.93 -42.01 -42.41
N PRO C 435 -35.23 -43.17 -42.42
CA PRO C 435 -35.16 -44.01 -43.63
C PRO C 435 -36.52 -44.35 -44.20
N ILE C 436 -36.60 -44.51 -45.52
CA ILE C 436 -37.88 -44.85 -46.16
C ILE C 436 -38.01 -46.37 -46.30
N VAL C 437 -39.08 -46.92 -45.75
CA VAL C 437 -39.30 -48.36 -45.82
C VAL C 437 -39.52 -48.78 -47.26
N GLY C 438 -39.05 -49.99 -47.58
CA GLY C 438 -39.21 -50.54 -48.92
C GLY C 438 -38.74 -49.65 -50.05
N ALA C 439 -37.46 -49.31 -50.00
CA ALA C 439 -36.86 -48.47 -51.03
C ALA C 439 -35.42 -48.95 -51.19
N GLU C 440 -34.90 -48.93 -52.41
CA GLU C 440 -33.52 -49.37 -52.60
C GLU C 440 -32.64 -48.53 -51.72
N THR C 441 -31.77 -49.22 -50.98
CA THR C 441 -30.83 -48.56 -50.08
C THR C 441 -29.47 -48.57 -50.77
N PHE C 442 -29.07 -47.47 -51.39
CA PHE C 442 -27.78 -47.45 -52.06
C PHE C 442 -26.61 -47.12 -51.15
N TYR C 443 -25.62 -47.99 -51.12
CA TYR C 443 -24.42 -47.75 -50.34
C TYR C 443 -23.45 -47.23 -51.37
N VAL C 444 -22.95 -46.02 -51.20
CA VAL C 444 -22.09 -45.44 -52.23
C VAL C 444 -20.77 -44.88 -51.75
N ASP C 445 -19.73 -45.02 -52.57
CA ASP C 445 -18.44 -44.41 -52.30
C ASP C 445 -17.63 -44.35 -53.58
N GLY C 446 -16.40 -43.89 -53.46
CA GLY C 446 -15.52 -43.76 -54.60
C GLY C 446 -14.17 -43.49 -54.02
N ALA C 447 -13.13 -43.52 -54.83
CA ALA C 447 -11.77 -43.27 -54.38
C ALA C 447 -10.96 -42.86 -55.59
N ALA C 448 -9.74 -42.40 -55.35
CA ALA C 448 -8.91 -41.96 -56.46
C ALA C 448 -7.44 -41.97 -56.13
N ASN C 449 -6.60 -41.98 -57.16
CA ASN C 449 -5.17 -41.98 -56.93
C ASN C 449 -4.62 -40.58 -57.13
N ARG C 450 -4.14 -40.00 -56.04
CA ARG C 450 -3.60 -38.65 -56.09
C ARG C 450 -2.32 -38.50 -56.89
N GLU C 451 -2.02 -39.47 -57.74
CA GLU C 451 -0.82 -39.43 -58.58
C GLU C 451 -1.23 -39.68 -60.03
N THR C 452 -2.13 -40.65 -60.22
CA THR C 452 -2.60 -41.01 -61.55
C THR C 452 -3.87 -40.21 -61.84
N LYS C 453 -4.49 -39.73 -60.76
CA LYS C 453 -5.71 -38.93 -60.86
C LYS C 453 -6.89 -39.73 -61.35
N LEU C 454 -6.72 -41.05 -61.44
CA LEU C 454 -7.81 -41.90 -61.90
C LEU C 454 -8.69 -42.26 -60.72
N GLY C 455 -9.95 -42.60 -60.98
CA GLY C 455 -10.83 -42.93 -59.88
C GLY C 455 -12.02 -43.76 -60.29
N LYS C 456 -12.59 -44.45 -59.30
CA LYS C 456 -13.74 -45.31 -59.50
C LYS C 456 -14.87 -45.01 -58.52
N ALA C 457 -15.96 -44.46 -59.04
CA ALA C 457 -17.14 -44.17 -58.22
C ALA C 457 -18.26 -45.15 -58.47
N GLY C 458 -18.79 -45.73 -57.39
CA GLY C 458 -19.57 -46.95 -57.50
C GLY C 458 -20.58 -47.08 -56.37
N TYR C 459 -21.67 -47.80 -56.65
CA TYR C 459 -22.66 -48.10 -55.62
C TYR C 459 -22.99 -49.59 -55.59
N VAL C 460 -23.81 -49.98 -54.61
CA VAL C 460 -24.21 -51.37 -54.44
C VAL C 460 -25.40 -51.36 -53.48
N THR C 461 -26.50 -51.99 -53.87
CA THR C 461 -27.72 -51.87 -53.10
C THR C 461 -27.99 -53.19 -52.39
N ASN C 462 -29.04 -53.21 -51.57
CA ASN C 462 -29.45 -54.44 -50.89
C ASN C 462 -30.16 -55.41 -51.84
N LYS C 463 -30.73 -54.88 -52.91
CA LYS C 463 -31.45 -55.68 -53.88
C LYS C 463 -30.44 -56.30 -54.85
N GLY C 464 -29.16 -56.30 -54.47
CA GLY C 464 -28.16 -56.91 -55.33
C GLY C 464 -27.67 -56.09 -56.50
N ARG C 465 -28.31 -54.95 -56.80
CA ARG C 465 -27.86 -54.11 -57.92
C ARG C 465 -26.39 -53.71 -57.69
N GLN C 466 -25.74 -53.12 -58.67
CA GLN C 466 -24.35 -52.81 -58.47
C GLN C 466 -23.85 -52.02 -59.64
N LYS C 467 -22.75 -51.30 -59.44
CA LYS C 467 -22.18 -50.46 -60.51
C LYS C 467 -20.86 -49.87 -60.05
N VAL C 468 -20.03 -49.45 -61.02
CA VAL C 468 -18.76 -48.80 -60.72
C VAL C 468 -18.44 -48.17 -62.06
N VAL C 469 -17.90 -46.96 -62.03
CA VAL C 469 -17.55 -46.22 -63.24
C VAL C 469 -16.16 -45.67 -63.05
N PRO C 470 -15.38 -45.60 -64.13
CA PRO C 470 -14.02 -45.07 -63.97
C PRO C 470 -13.99 -43.59 -64.36
N LEU C 471 -13.15 -42.82 -63.67
CA LEU C 471 -13.03 -41.41 -64.01
C LEU C 471 -11.57 -41.05 -64.29
N THR C 472 -11.39 -40.20 -65.31
CA THR C 472 -10.08 -39.74 -65.80
C THR C 472 -9.12 -39.11 -64.79
N ASN C 473 -9.41 -37.87 -64.40
CA ASN C 473 -8.60 -37.16 -63.43
C ASN C 473 -9.58 -36.52 -62.47
N THR C 474 -9.70 -37.14 -61.30
CA THR C 474 -10.63 -36.67 -60.30
C THR C 474 -9.96 -36.52 -58.94
N THR C 475 -10.74 -36.12 -57.95
CA THR C 475 -10.25 -35.93 -56.59
C THR C 475 -10.99 -36.88 -55.70
N ASN C 476 -10.28 -37.43 -54.72
CA ASN C 476 -10.88 -38.38 -53.81
C ASN C 476 -12.23 -37.86 -53.32
N GLN C 477 -12.43 -36.55 -53.33
CA GLN C 477 -13.68 -35.99 -52.88
C GLN C 477 -14.75 -36.13 -53.97
N LYS C 478 -14.47 -35.61 -55.15
CA LYS C 478 -15.42 -35.67 -56.26
C LYS C 478 -16.01 -37.04 -56.47
N THR C 479 -15.18 -38.07 -56.39
CA THR C 479 -15.67 -39.43 -56.58
C THR C 479 -16.84 -39.70 -55.64
N GLU C 480 -16.62 -39.43 -54.36
CA GLU C 480 -17.64 -39.61 -53.34
C GLU C 480 -18.89 -38.90 -53.81
N LEU C 481 -18.70 -37.73 -54.44
CA LEU C 481 -19.82 -37.00 -55.03
C LEU C 481 -20.44 -37.80 -56.18
N GLN C 482 -19.64 -38.10 -57.19
CA GLN C 482 -20.09 -38.89 -58.32
C GLN C 482 -20.95 -40.07 -57.83
N ALA C 483 -20.39 -40.86 -56.93
CA ALA C 483 -21.12 -41.99 -56.40
C ALA C 483 -22.56 -41.56 -56.14
N ILE C 484 -22.75 -40.63 -55.23
CA ILE C 484 -24.08 -40.18 -54.92
C ILE C 484 -24.89 -39.80 -56.17
N TYR C 485 -24.21 -39.31 -57.19
CA TYR C 485 -24.91 -38.93 -58.39
C TYR C 485 -25.46 -40.19 -59.00
N LEU C 486 -24.56 -41.11 -59.31
CA LEU C 486 -24.91 -42.41 -59.89
C LEU C 486 -26.08 -42.98 -59.11
N ALA C 487 -25.89 -43.13 -57.81
CA ALA C 487 -26.90 -43.66 -56.93
C ALA C 487 -28.24 -42.94 -57.11
N LEU C 488 -28.19 -41.65 -57.40
CA LEU C 488 -29.40 -40.90 -57.60
C LEU C 488 -29.95 -41.11 -59.02
N GLN C 489 -29.05 -41.22 -59.98
CA GLN C 489 -29.48 -41.43 -61.36
C GLN C 489 -30.21 -42.76 -61.38
N ASP C 490 -29.44 -43.82 -61.22
CA ASP C 490 -30.00 -45.17 -61.23
C ASP C 490 -30.96 -45.38 -60.07
N SER C 491 -31.20 -44.35 -59.27
CA SER C 491 -32.12 -44.52 -58.14
C SER C 491 -33.56 -44.57 -58.62
N GLY C 492 -34.46 -44.77 -57.67
CA GLY C 492 -35.87 -44.85 -58.00
C GLY C 492 -36.51 -43.48 -57.82
N LEU C 493 -37.56 -43.44 -57.01
CA LEU C 493 -38.29 -42.22 -56.73
C LEU C 493 -38.26 -42.01 -55.23
N GLU C 494 -37.85 -43.06 -54.53
CA GLU C 494 -37.72 -43.03 -53.09
C GLU C 494 -36.40 -43.78 -53.02
N VAL C 495 -35.43 -43.23 -52.30
CA VAL C 495 -34.13 -43.88 -52.21
C VAL C 495 -33.42 -43.57 -50.91
N ASN C 496 -32.59 -44.51 -50.49
CA ASN C 496 -31.83 -44.34 -49.28
C ASN C 496 -30.39 -44.41 -49.74
N ILE C 497 -29.60 -43.45 -49.30
CA ILE C 497 -28.21 -43.37 -49.68
C ILE C 497 -27.29 -43.22 -48.49
N VAL C 498 -26.47 -44.24 -48.23
CA VAL C 498 -25.53 -44.09 -47.14
C VAL C 498 -24.17 -43.79 -47.74
N THR C 499 -23.37 -43.01 -47.01
CA THR C 499 -22.05 -42.63 -47.47
C THR C 499 -21.09 -42.44 -46.31
N ASP C 500 -19.79 -42.32 -46.62
CA ASP C 500 -18.78 -42.11 -45.59
C ASP C 500 -18.22 -40.69 -45.78
N SER C 501 -18.64 -40.05 -46.86
CA SER C 501 -18.16 -38.72 -47.15
C SER C 501 -18.94 -37.63 -46.47
N GLN C 502 -18.31 -37.02 -45.47
CA GLN C 502 -18.92 -35.90 -44.78
C GLN C 502 -18.96 -34.78 -45.82
N TYR C 503 -17.82 -34.54 -46.47
CA TYR C 503 -17.69 -33.50 -47.49
C TYR C 503 -18.91 -33.46 -48.36
N ALA C 504 -19.24 -34.60 -48.95
CA ALA C 504 -20.40 -34.72 -49.80
C ALA C 504 -21.62 -34.47 -48.93
N LEU C 505 -21.85 -35.37 -47.99
CA LEU C 505 -22.99 -35.26 -47.09
C LEU C 505 -23.22 -33.81 -46.69
N GLY C 506 -22.13 -33.13 -46.38
CA GLY C 506 -22.22 -31.74 -45.96
C GLY C 506 -22.85 -30.83 -46.97
N ILE C 507 -22.36 -30.86 -48.20
CA ILE C 507 -22.91 -29.98 -49.23
C ILE C 507 -24.38 -30.19 -49.39
N ILE C 508 -24.79 -31.44 -49.47
CA ILE C 508 -26.20 -31.77 -49.66
C ILE C 508 -27.14 -31.40 -48.54
N GLN C 509 -26.69 -31.54 -47.29
CA GLN C 509 -27.54 -31.25 -46.12
C GLN C 509 -27.97 -29.79 -45.99
N ALA C 510 -27.24 -28.90 -46.62
CA ALA C 510 -27.59 -27.50 -46.53
C ALA C 510 -28.57 -27.13 -47.64
N GLN C 511 -29.07 -28.16 -48.32
CA GLN C 511 -30.07 -27.97 -49.39
C GLN C 511 -29.67 -26.86 -50.36
N PRO C 512 -28.72 -27.16 -51.23
CA PRO C 512 -28.27 -26.18 -52.21
C PRO C 512 -29.24 -26.10 -53.35
N ASP C 513 -29.29 -24.95 -54.03
CA ASP C 513 -30.13 -24.76 -55.21
C ASP C 513 -29.32 -24.03 -56.29
N LYS C 514 -28.09 -23.86 -56.10
CA LYS C 514 -27.12 -23.24 -57.01
C LYS C 514 -25.71 -23.75 -56.75
N SER C 515 -24.78 -23.58 -57.56
CA SER C 515 -23.44 -24.07 -57.31
C SER C 515 -22.53 -23.76 -58.47
N GLU C 516 -21.23 -23.67 -58.20
CA GLU C 516 -20.28 -23.40 -59.25
C GLU C 516 -19.79 -24.76 -59.70
N SER C 517 -20.24 -25.82 -59.03
CA SER C 517 -19.78 -27.16 -59.42
C SER C 517 -20.74 -27.93 -60.31
N GLU C 518 -20.35 -28.10 -61.56
CA GLU C 518 -21.15 -28.82 -62.54
C GLU C 518 -21.87 -29.99 -61.88
N LEU C 519 -21.09 -30.93 -61.37
CA LEU C 519 -21.61 -32.13 -60.74
C LEU C 519 -22.75 -31.86 -59.79
N VAL C 520 -22.52 -30.93 -58.86
CA VAL C 520 -23.51 -30.60 -57.85
C VAL C 520 -24.84 -30.18 -58.40
N ASN C 521 -24.82 -29.40 -59.47
CA ASN C 521 -26.06 -28.95 -60.08
C ASN C 521 -26.80 -30.15 -60.62
N GLN C 522 -26.03 -31.14 -61.04
CA GLN C 522 -26.61 -32.37 -61.54
C GLN C 522 -27.25 -33.07 -60.36
N ILE C 523 -26.50 -33.19 -59.27
CA ILE C 523 -27.02 -33.85 -58.07
C ILE C 523 -28.25 -33.10 -57.60
N ILE C 524 -28.16 -31.78 -57.63
CA ILE C 524 -29.26 -30.90 -57.23
C ILE C 524 -30.47 -31.30 -58.06
N GLU C 525 -30.36 -31.02 -59.36
CA GLU C 525 -31.43 -31.33 -60.32
C GLU C 525 -32.05 -32.67 -59.98
N GLN C 526 -31.21 -33.70 -59.91
CA GLN C 526 -31.67 -35.04 -59.62
C GLN C 526 -32.46 -35.13 -58.32
N LEU C 527 -32.05 -34.36 -57.33
CA LEU C 527 -32.75 -34.39 -56.06
C LEU C 527 -34.13 -33.79 -56.15
N ILE C 528 -34.30 -32.71 -56.89
CA ILE C 528 -35.62 -32.10 -57.02
C ILE C 528 -36.58 -33.15 -57.56
N LYS C 529 -36.18 -33.76 -58.67
CA LYS C 529 -36.96 -34.80 -59.33
C LYS C 529 -37.35 -35.92 -58.40
N LYS C 530 -36.51 -36.23 -57.41
CA LYS C 530 -36.84 -37.30 -56.47
C LYS C 530 -38.08 -36.96 -55.68
N GLU C 531 -38.58 -37.92 -54.90
CA GLU C 531 -39.79 -37.67 -54.13
C GLU C 531 -39.63 -37.95 -52.65
N LYS C 532 -38.57 -38.65 -52.29
CA LYS C 532 -38.27 -38.97 -50.89
C LYS C 532 -36.82 -39.47 -51.02
N VAL C 533 -35.87 -38.76 -50.38
CA VAL C 533 -34.46 -39.12 -50.41
C VAL C 533 -34.06 -39.14 -48.97
N TYR C 534 -33.03 -39.90 -48.64
CA TYR C 534 -32.56 -39.99 -47.27
C TYR C 534 -31.11 -40.43 -47.22
N LEU C 535 -30.22 -39.49 -46.95
CA LEU C 535 -28.80 -39.79 -46.86
C LEU C 535 -28.46 -40.12 -45.44
N ALA C 536 -27.58 -41.08 -45.25
CA ALA C 536 -27.16 -41.43 -43.91
C ALA C 536 -25.66 -41.44 -43.98
N TRP C 537 -25.01 -41.50 -42.82
CA TRP C 537 -23.56 -41.47 -42.81
C TRP C 537 -23.00 -42.57 -41.95
N VAL C 538 -21.82 -43.04 -42.31
CA VAL C 538 -21.13 -44.08 -41.54
C VAL C 538 -19.61 -43.93 -41.71
N PRO C 539 -18.88 -44.16 -40.64
CA PRO C 539 -17.42 -44.09 -40.58
C PRO C 539 -16.75 -44.93 -41.65
N ALA C 540 -15.90 -44.30 -42.44
CA ALA C 540 -15.18 -45.03 -43.48
C ALA C 540 -14.30 -46.08 -42.82
N HIS C 541 -13.78 -47.01 -43.63
CA HIS C 541 -12.90 -48.10 -43.16
C HIS C 541 -13.23 -48.61 -41.77
N LYS C 542 -14.50 -48.98 -41.57
CA LYS C 542 -14.93 -49.50 -40.28
C LYS C 542 -15.61 -50.87 -40.47
N GLY C 543 -15.76 -51.28 -41.73
CA GLY C 543 -16.33 -52.57 -42.05
C GLY C 543 -17.82 -52.63 -41.76
N ILE C 544 -18.55 -51.61 -42.19
CA ILE C 544 -19.95 -51.45 -41.83
C ILE C 544 -20.86 -51.85 -43.00
N GLY C 545 -21.71 -52.85 -42.77
CA GLY C 545 -22.78 -53.16 -43.69
C GLY C 545 -22.32 -53.20 -45.13
N GLY C 546 -22.96 -52.40 -45.98
CA GLY C 546 -22.63 -52.35 -47.38
C GLY C 546 -21.46 -51.43 -47.67
N ASN C 547 -21.26 -50.44 -46.82
CA ASN C 547 -20.12 -49.54 -46.94
C ASN C 547 -18.82 -50.28 -47.24
N GLU C 548 -18.58 -51.35 -46.49
CA GLU C 548 -17.37 -52.16 -46.68
C GLU C 548 -17.23 -52.59 -48.13
N GLN C 549 -18.33 -53.10 -48.70
CA GLN C 549 -18.30 -53.68 -50.04
C GLN C 549 -17.89 -52.63 -51.08
N VAL C 550 -18.77 -51.67 -51.31
CA VAL C 550 -18.52 -50.63 -52.31
C VAL C 550 -17.05 -50.24 -52.30
N ASP C 551 -16.50 -49.98 -51.11
CA ASP C 551 -15.10 -49.60 -50.98
C ASP C 551 -14.25 -50.61 -51.73
N LYS C 552 -14.35 -51.86 -51.29
CA LYS C 552 -13.59 -52.94 -51.89
C LYS C 552 -13.65 -52.76 -53.38
N LEU C 553 -14.85 -52.51 -53.88
CA LEU C 553 -15.02 -52.32 -55.31
C LEU C 553 -14.28 -51.09 -55.83
N VAL C 554 -14.84 -49.91 -55.54
CA VAL C 554 -14.30 -48.65 -56.01
C VAL C 554 -12.82 -48.40 -55.78
N SER C 555 -12.23 -48.96 -54.74
CA SER C 555 -10.80 -48.74 -54.49
C SER C 555 -9.89 -49.74 -55.19
N ALA C 556 -10.47 -50.50 -56.11
CA ALA C 556 -9.79 -51.53 -56.91
C ALA C 556 -8.46 -51.11 -57.52
N GLY C 557 -8.54 -50.31 -58.57
CA GLY C 557 -7.31 -49.87 -59.20
C GLY C 557 -6.45 -48.87 -58.43
N ILE C 558 -7.06 -48.13 -57.50
CA ILE C 558 -6.31 -47.12 -56.74
C ILE C 558 -5.50 -47.56 -55.51
N ARG C 559 -6.15 -47.91 -54.40
CA ARG C 559 -5.36 -48.33 -53.22
C ARG C 559 -4.82 -49.74 -53.48
N LYS C 560 -3.52 -49.98 -53.25
CA LYS C 560 -2.95 -51.33 -53.53
C LYS C 560 -1.69 -51.80 -52.77
N VAL C 561 -1.72 -53.07 -52.30
CA VAL C 561 -0.59 -53.71 -51.58
C VAL C 561 0.44 -54.35 -52.58
N LEU C 562 1.66 -53.81 -52.59
CA LEU C 562 2.73 -54.31 -53.50
C LEU C 562 3.47 -55.51 -52.91
N SER D 3 3.39 16.71 -9.08
CA SER D 3 2.03 16.67 -8.43
C SER D 3 1.77 15.31 -7.75
N PRO D 4 1.20 15.34 -6.51
CA PRO D 4 0.87 14.18 -5.65
C PRO D 4 0.58 12.87 -6.36
N ILE D 5 -0.45 12.89 -7.22
CA ILE D 5 -0.81 11.68 -7.95
C ILE D 5 0.41 11.09 -8.69
N GLU D 6 0.18 9.95 -9.32
CA GLU D 6 1.22 9.22 -9.99
C GLU D 6 0.65 8.43 -11.14
N THR D 7 1.51 7.77 -11.91
CA THR D 7 1.04 6.94 -13.01
C THR D 7 2.01 5.82 -13.25
N VAL D 8 1.49 4.72 -13.78
CA VAL D 8 2.30 3.55 -14.08
C VAL D 8 2.58 3.55 -15.58
N PRO D 9 3.86 3.50 -15.98
CA PRO D 9 4.17 3.48 -17.42
C PRO D 9 3.81 2.10 -18.00
N VAL D 10 3.12 2.11 -19.14
CA VAL D 10 2.73 0.87 -19.81
C VAL D 10 3.59 0.58 -21.03
N LYS D 11 4.70 -0.10 -20.79
CA LYS D 11 5.65 -0.47 -21.83
C LYS D 11 4.92 -1.38 -22.78
N LEU D 12 4.89 -1.03 -24.05
CA LEU D 12 4.20 -1.87 -25.03
C LEU D 12 5.25 -2.88 -25.47
N LYS D 13 4.80 -4.10 -25.82
CA LYS D 13 5.72 -5.17 -26.29
C LYS D 13 6.49 -4.79 -27.55
N PRO D 14 7.78 -5.17 -27.61
CA PRO D 14 8.63 -4.86 -28.78
C PRO D 14 7.99 -5.34 -30.08
N GLY D 15 8.18 -4.55 -31.15
CA GLY D 15 7.61 -4.93 -32.44
C GLY D 15 6.10 -5.05 -32.38
N MET D 16 5.50 -4.28 -31.47
CA MET D 16 4.05 -4.29 -31.31
C MET D 16 3.57 -2.91 -31.70
N ASP D 17 2.63 -2.90 -32.63
CA ASP D 17 2.06 -1.65 -33.10
C ASP D 17 0.71 -1.55 -32.43
N GLY D 18 0.27 -0.33 -32.15
CA GLY D 18 -1.03 -0.16 -31.52
C GLY D 18 -2.19 -0.72 -32.34
N PRO D 19 -3.42 -0.52 -31.91
CA PRO D 19 -4.54 -1.03 -32.68
C PRO D 19 -5.03 0.00 -33.67
N LYS D 20 -5.57 -0.49 -34.78
CA LYS D 20 -6.11 0.39 -35.81
C LYS D 20 -7.32 -0.30 -36.34
N VAL D 21 -8.44 -0.15 -35.65
CA VAL D 21 -9.69 -0.77 -36.07
C VAL D 21 -10.68 0.29 -36.51
N LYS D 22 -11.32 0.09 -37.66
CA LYS D 22 -12.32 1.06 -38.14
C LYS D 22 -13.55 0.98 -37.21
N GLN D 23 -14.29 2.08 -37.12
CA GLN D 23 -15.48 2.14 -36.28
C GLN D 23 -16.67 1.53 -36.99
N TRP D 24 -17.44 0.70 -36.31
CA TRP D 24 -18.60 0.13 -36.96
C TRP D 24 -19.80 0.95 -36.67
N PRO D 25 -20.55 1.33 -37.70
CA PRO D 25 -21.77 2.15 -37.66
C PRO D 25 -22.74 1.80 -36.52
N LEU D 26 -23.12 2.79 -35.71
CA LEU D 26 -24.01 2.59 -34.56
C LEU D 26 -25.38 3.10 -34.90
N THR D 27 -26.37 2.72 -34.11
CA THR D 27 -27.75 3.16 -34.35
C THR D 27 -28.05 4.55 -33.80
N GLU D 28 -29.24 5.07 -34.13
CA GLU D 28 -29.67 6.38 -33.68
C GLU D 28 -29.45 6.56 -32.18
N GLU D 29 -30.05 5.68 -31.39
CA GLU D 29 -29.91 5.82 -29.95
C GLU D 29 -28.51 5.56 -29.48
N LYS D 30 -27.95 4.43 -29.88
CA LYS D 30 -26.58 4.13 -29.50
C LYS D 30 -25.67 5.36 -29.65
N ILE D 31 -25.76 6.04 -30.79
CA ILE D 31 -24.93 7.22 -31.01
C ILE D 31 -25.31 8.30 -30.03
N LYS D 32 -26.58 8.70 -30.05
CA LYS D 32 -27.07 9.73 -29.15
C LYS D 32 -26.44 9.55 -27.77
N ALA D 33 -26.79 8.44 -27.11
CA ALA D 33 -26.28 8.10 -25.78
C ALA D 33 -24.75 8.15 -25.68
N LEU D 34 -24.08 7.68 -26.73
CA LEU D 34 -22.66 7.66 -26.72
C LEU D 34 -22.07 9.05 -26.75
N VAL D 35 -22.73 9.95 -27.47
CA VAL D 35 -22.26 11.35 -27.58
C VAL D 35 -22.37 12.07 -26.22
N GLU D 36 -23.45 11.75 -25.50
CA GLU D 36 -23.71 12.32 -24.19
C GLU D 36 -22.67 11.79 -23.22
N ILE D 37 -22.57 10.47 -23.11
CA ILE D 37 -21.61 9.88 -22.22
C ILE D 37 -20.24 10.53 -22.45
N CYS D 38 -19.92 10.78 -23.72
CA CYS D 38 -18.64 11.37 -24.05
C CYS D 38 -18.47 12.83 -23.70
N THR D 39 -19.55 13.62 -23.78
CA THR D 39 -19.42 15.05 -23.44
C THR D 39 -19.03 15.19 -21.97
N GLU D 40 -19.70 14.44 -21.11
CA GLU D 40 -19.39 14.51 -19.69
C GLU D 40 -17.98 13.98 -19.43
N MET D 41 -17.69 12.77 -19.86
CA MET D 41 -16.37 12.23 -19.64
C MET D 41 -15.30 13.22 -20.05
N GLU D 42 -15.58 14.00 -21.08
CA GLU D 42 -14.64 15.01 -21.58
C GLU D 42 -14.61 16.21 -20.66
N LYS D 43 -15.73 16.46 -19.98
CA LYS D 43 -15.90 17.56 -19.05
C LYS D 43 -15.22 17.21 -17.75
N GLU D 44 -15.47 15.99 -17.28
CA GLU D 44 -14.87 15.49 -16.05
C GLU D 44 -13.41 15.15 -16.30
N GLY D 45 -12.89 15.58 -17.45
CA GLY D 45 -11.50 15.33 -17.79
C GLY D 45 -11.06 13.90 -17.95
N LYS D 46 -12.01 12.99 -18.08
CA LYS D 46 -11.67 11.58 -18.24
C LYS D 46 -10.96 11.38 -19.59
N ILE D 47 -11.54 11.96 -20.64
CA ILE D 47 -11.01 11.86 -21.99
C ILE D 47 -10.81 13.24 -22.60
N SER D 48 -10.06 13.30 -23.68
CA SER D 48 -9.75 14.56 -24.39
C SER D 48 -9.88 14.37 -25.90
N LYS D 49 -10.20 15.45 -26.60
CA LYS D 49 -10.30 15.35 -28.06
C LYS D 49 -8.92 15.31 -28.74
N ILE D 50 -8.81 14.42 -29.71
CA ILE D 50 -7.58 14.26 -30.47
C ILE D 50 -7.84 14.48 -31.95
N GLY D 51 -6.78 14.59 -32.72
CA GLY D 51 -6.92 14.79 -34.15
C GLY D 51 -6.58 13.53 -34.93
N PRO D 52 -6.18 13.68 -36.18
CA PRO D 52 -5.83 12.53 -37.01
C PRO D 52 -4.36 12.23 -37.00
N GLU D 53 -3.58 13.07 -36.32
CA GLU D 53 -2.13 12.84 -36.23
C GLU D 53 -1.90 11.55 -35.45
N ASN D 54 -2.89 11.16 -34.65
CA ASN D 54 -2.84 9.91 -33.88
C ASN D 54 -3.26 8.82 -34.85
N PRO D 55 -2.39 7.83 -35.08
CA PRO D 55 -2.73 6.78 -36.02
C PRO D 55 -3.50 5.60 -35.50
N TYR D 56 -3.95 5.64 -34.24
CA TYR D 56 -4.63 4.47 -33.68
C TYR D 56 -6.13 4.57 -33.51
N ASN D 57 -6.77 3.42 -33.33
CA ASN D 57 -8.21 3.41 -33.11
C ASN D 57 -8.70 2.12 -32.52
N THR D 58 -9.90 2.19 -31.93
CA THR D 58 -10.59 1.07 -31.32
C THR D 58 -12.05 1.40 -31.42
N PRO D 59 -12.88 0.40 -31.68
CA PRO D 59 -14.30 0.72 -31.79
C PRO D 59 -14.98 0.80 -30.46
N VAL D 60 -16.11 1.50 -30.45
CA VAL D 60 -16.91 1.70 -29.22
C VAL D 60 -18.38 1.60 -29.54
N PHE D 61 -19.15 1.30 -28.53
CA PHE D 61 -20.57 1.25 -28.72
C PHE D 61 -21.18 1.39 -27.34
N ALA D 62 -22.49 1.23 -27.24
CA ALA D 62 -23.13 1.35 -25.95
C ALA D 62 -24.08 0.18 -25.74
N ILE D 63 -24.52 0.00 -24.50
CA ILE D 63 -25.44 -1.08 -24.17
C ILE D 63 -26.38 -0.68 -23.03
N LYS D 64 -27.50 -1.38 -22.91
CA LYS D 64 -28.44 -1.13 -21.84
C LYS D 64 -28.76 -2.41 -21.06
N LYS D 65 -28.37 -2.44 -19.80
CA LYS D 65 -28.28 -3.68 -19.05
C LYS D 65 -29.63 -4.06 -18.44
N LYS D 66 -29.76 -5.33 -18.04
CA LYS D 66 -30.96 -5.79 -17.35
C LYS D 66 -31.17 -5.03 -16.05
N ASP D 67 -32.43 -4.70 -15.76
CA ASP D 67 -32.77 -3.95 -14.55
C ASP D 67 -32.20 -2.54 -14.59
N SER D 68 -31.60 -2.18 -15.72
CA SER D 68 -31.00 -0.86 -15.88
C SER D 68 -31.59 -0.12 -17.09
N THR D 69 -31.88 1.16 -16.91
CA THR D 69 -32.26 2.01 -18.03
C THR D 69 -31.27 3.16 -18.21
N LYS D 70 -29.98 2.87 -18.00
CA LYS D 70 -28.92 3.81 -18.31
C LYS D 70 -27.90 3.19 -19.27
N TRP D 71 -27.52 3.95 -20.29
CA TRP D 71 -26.58 3.48 -21.30
C TRP D 71 -25.14 3.51 -20.78
N ARG D 72 -24.42 2.44 -21.06
CA ARG D 72 -23.04 2.31 -20.63
C ARG D 72 -22.14 2.30 -21.85
N LYS D 73 -21.10 3.12 -21.81
CA LYS D 73 -20.14 3.19 -22.87
C LYS D 73 -19.41 1.87 -22.81
N LEU D 74 -19.04 1.34 -23.97
CA LEU D 74 -18.30 0.09 -24.07
C LEU D 74 -17.26 0.13 -25.17
N VAL D 75 -15.99 0.04 -24.78
CA VAL D 75 -14.92 0.07 -25.77
C VAL D 75 -14.49 -1.36 -26.03
N ASP D 76 -14.12 -1.67 -27.28
CA ASP D 76 -13.68 -3.00 -27.64
C ASP D 76 -12.16 -3.09 -27.63
N PHE D 77 -11.55 -2.79 -26.49
CA PHE D 77 -10.10 -2.84 -26.38
C PHE D 77 -9.55 -4.26 -26.52
N ARG D 78 -10.41 -5.16 -26.98
CA ARG D 78 -10.05 -6.55 -27.15
C ARG D 78 -8.72 -6.73 -27.83
N GLU D 79 -8.46 -5.88 -28.82
CA GLU D 79 -7.24 -5.88 -29.63
C GLU D 79 -6.11 -5.19 -28.89
N LEU D 80 -6.43 -4.20 -28.09
CA LEU D 80 -5.40 -3.53 -27.33
C LEU D 80 -4.97 -4.46 -26.19
N ASN D 81 -5.93 -5.17 -25.63
CA ASN D 81 -5.62 -6.11 -24.57
C ASN D 81 -4.58 -7.10 -25.06
N LYS D 82 -4.78 -7.60 -26.29
CA LYS D 82 -3.88 -8.57 -26.91
C LYS D 82 -2.48 -8.07 -27.04
N ARG D 83 -2.34 -6.78 -27.35
CA ARG D 83 -1.04 -6.17 -27.54
C ARG D 83 -0.42 -5.72 -26.25
N THR D 84 -1.22 -5.67 -25.19
CA THR D 84 -0.73 -5.25 -23.89
C THR D 84 -0.72 -6.39 -22.86
N GLN D 85 -0.64 -7.63 -23.33
CA GLN D 85 -0.68 -8.81 -22.47
C GLN D 85 0.44 -8.97 -21.49
N ASP D 86 1.68 -8.86 -21.93
CA ASP D 86 2.77 -9.01 -20.99
C ASP D 86 2.58 -8.04 -19.80
N PHE D 87 2.01 -6.88 -20.09
CA PHE D 87 1.77 -5.92 -19.02
C PHE D 87 0.82 -6.41 -17.93
N TRP D 88 -0.39 -6.82 -18.30
CA TRP D 88 -1.35 -7.29 -17.31
C TRP D 88 -1.32 -8.78 -17.03
N GLU D 89 -0.48 -9.54 -17.71
CA GLU D 89 -0.46 -10.96 -17.42
C GLU D 89 0.87 -11.31 -16.79
N VAL D 90 1.79 -10.36 -16.79
CA VAL D 90 3.07 -10.63 -16.20
C VAL D 90 3.50 -9.58 -15.22
N GLN D 91 3.77 -8.36 -15.68
CA GLN D 91 4.21 -7.32 -14.73
C GLN D 91 3.23 -7.20 -13.56
N LEU D 92 1.96 -6.91 -13.86
CA LEU D 92 0.96 -6.78 -12.82
C LEU D 92 -0.21 -7.69 -13.12
N GLY D 93 -0.21 -8.89 -12.56
CA GLY D 93 -1.32 -9.80 -12.80
C GLY D 93 -2.23 -10.20 -11.63
N ILE D 94 -3.52 -10.02 -11.81
CA ILE D 94 -4.51 -10.40 -10.80
C ILE D 94 -4.56 -11.94 -10.70
N PRO D 95 -4.25 -12.51 -9.53
CA PRO D 95 -4.27 -13.96 -9.32
C PRO D 95 -5.69 -14.50 -9.17
N HIS D 96 -5.92 -15.69 -9.72
CA HIS D 96 -7.23 -16.34 -9.68
C HIS D 96 -7.26 -17.41 -8.63
N PRO D 97 -8.13 -17.22 -7.63
CA PRO D 97 -8.30 -18.16 -6.54
C PRO D 97 -9.28 -19.25 -6.91
N ALA D 98 -8.90 -20.51 -6.68
CA ALA D 98 -9.76 -21.64 -7.01
C ALA D 98 -11.05 -21.68 -6.19
N GLY D 99 -11.19 -20.69 -5.31
CA GLY D 99 -12.33 -20.62 -4.42
C GLY D 99 -13.75 -20.56 -4.92
N LEU D 100 -14.13 -19.46 -5.57
CA LEU D 100 -15.54 -19.32 -6.00
C LEU D 100 -15.98 -20.38 -6.95
N LYS D 101 -15.02 -21.14 -7.47
CA LYS D 101 -15.40 -22.23 -8.35
C LYS D 101 -16.25 -23.11 -7.44
N LYS D 102 -15.82 -23.18 -6.18
CA LYS D 102 -16.43 -23.99 -5.14
C LYS D 102 -17.57 -23.38 -4.35
N LYS D 103 -17.51 -22.07 -4.06
CA LYS D 103 -18.58 -21.40 -3.30
C LYS D 103 -20.01 -21.73 -3.76
N LYS D 104 -20.96 -21.54 -2.85
CA LYS D 104 -22.33 -21.87 -3.18
C LYS D 104 -23.05 -20.77 -3.89
N SER D 105 -22.51 -19.56 -3.83
CA SER D 105 -23.12 -18.43 -4.53
C SER D 105 -22.14 -17.30 -4.80
N VAL D 106 -22.17 -16.81 -6.05
CA VAL D 106 -21.29 -15.74 -6.47
C VAL D 106 -22.11 -14.61 -7.06
N THR D 107 -21.74 -13.38 -6.73
CA THR D 107 -22.42 -12.20 -7.29
C THR D 107 -21.35 -11.40 -8.03
N VAL D 108 -21.75 -10.69 -9.07
CA VAL D 108 -20.82 -9.90 -9.85
C VAL D 108 -21.15 -8.42 -9.77
N LEU D 109 -20.18 -7.62 -9.38
CA LEU D 109 -20.41 -6.20 -9.26
C LEU D 109 -19.63 -5.42 -10.30
N ASP D 110 -20.25 -4.41 -10.90
CA ASP D 110 -19.58 -3.56 -11.89
C ASP D 110 -18.88 -2.52 -11.00
N VAL D 111 -17.66 -2.81 -10.64
CA VAL D 111 -16.90 -1.92 -9.79
C VAL D 111 -15.96 -1.12 -10.69
N GLY D 112 -16.04 -1.44 -11.98
CA GLY D 112 -15.18 -0.82 -12.98
C GLY D 112 -15.07 0.69 -12.95
N ASP D 113 -16.15 1.37 -12.60
CA ASP D 113 -16.13 2.80 -12.57
C ASP D 113 -14.93 3.35 -11.80
N ALA D 114 -14.48 2.57 -10.81
CA ALA D 114 -13.35 2.96 -9.98
C ALA D 114 -12.18 3.51 -10.78
N TYR D 115 -11.82 2.78 -11.82
CA TYR D 115 -10.69 3.12 -12.65
C TYR D 115 -10.62 4.56 -13.20
N PHE D 116 -11.74 5.25 -13.42
CA PHE D 116 -11.62 6.62 -13.96
C PHE D 116 -10.89 7.50 -12.98
N SER D 117 -10.75 6.99 -11.76
CA SER D 117 -10.08 7.68 -10.64
C SER D 117 -8.60 7.88 -10.82
N VAL D 118 -7.92 6.87 -11.36
CA VAL D 118 -6.48 6.94 -11.59
C VAL D 118 -6.18 7.47 -12.99
N PRO D 119 -5.18 8.33 -13.12
CA PRO D 119 -4.84 8.88 -14.42
C PRO D 119 -4.02 7.87 -15.18
N LEU D 120 -4.19 7.85 -16.50
CA LEU D 120 -3.48 6.93 -17.37
C LEU D 120 -2.19 7.57 -17.80
N ASP D 121 -1.14 6.76 -17.96
CA ASP D 121 0.15 7.30 -18.40
C ASP D 121 -0.03 8.17 -19.65
N GLU D 122 0.81 9.18 -19.80
CA GLU D 122 0.69 10.05 -20.95
C GLU D 122 1.06 9.34 -22.25
N ASP D 123 2.18 8.65 -22.27
CA ASP D 123 2.59 7.96 -23.49
C ASP D 123 1.60 6.89 -23.97
N PHE D 124 1.12 6.05 -23.08
CA PHE D 124 0.20 5.01 -23.47
C PHE D 124 -1.13 5.57 -23.95
N ARG D 125 -1.43 6.80 -23.59
CA ARG D 125 -2.71 7.35 -23.99
C ARG D 125 -3.00 7.34 -25.45
N LYS D 126 -2.01 7.67 -26.27
CA LYS D 126 -2.24 7.70 -27.72
C LYS D 126 -3.01 6.48 -28.19
N TYR D 127 -2.80 5.32 -27.55
CA TYR D 127 -3.44 4.07 -27.96
C TYR D 127 -4.90 3.83 -27.60
N THR D 128 -5.43 4.68 -26.74
CA THR D 128 -6.81 4.53 -26.31
C THR D 128 -7.78 5.30 -27.19
N ALA D 129 -7.29 5.78 -28.33
CA ALA D 129 -8.11 6.53 -29.27
C ALA D 129 -9.34 5.78 -29.72
N PHE D 130 -10.41 6.53 -29.97
CA PHE D 130 -11.64 5.97 -30.46
C PHE D 130 -12.36 7.06 -31.24
N THR D 131 -13.18 6.67 -32.21
CA THR D 131 -13.85 7.65 -33.06
C THR D 131 -15.34 7.48 -33.09
N ILE D 132 -16.11 8.49 -32.69
CA ILE D 132 -17.58 8.36 -32.73
C ILE D 132 -18.10 8.72 -34.10
N PRO D 133 -18.91 7.85 -34.69
CA PRO D 133 -19.48 8.08 -36.02
C PRO D 133 -20.69 9.00 -35.92
N SER D 134 -21.24 9.36 -37.07
CA SER D 134 -22.42 10.23 -37.12
C SER D 134 -23.46 9.62 -38.05
N ILE D 135 -24.73 9.81 -37.72
CA ILE D 135 -25.77 9.25 -38.56
C ILE D 135 -25.76 9.86 -39.96
N ASN D 136 -26.01 9.03 -40.96
CA ASN D 136 -25.98 9.44 -42.38
C ASN D 136 -24.79 10.33 -42.68
N ASN D 137 -23.79 10.23 -41.83
CA ASN D 137 -22.56 10.94 -42.01
C ASN D 137 -22.76 12.43 -42.13
N GLU D 138 -23.35 13.07 -41.12
CA GLU D 138 -23.53 14.51 -41.19
C GLU D 138 -22.14 15.09 -41.12
N THR D 139 -21.34 14.54 -40.21
CA THR D 139 -19.99 15.01 -39.95
C THR D 139 -18.95 13.95 -39.74
N PRO D 140 -17.70 14.28 -40.03
CA PRO D 140 -16.59 13.34 -39.87
C PRO D 140 -16.46 12.97 -38.43
N GLY D 141 -16.24 11.69 -38.18
CA GLY D 141 -16.10 11.19 -36.83
C GLY D 141 -15.25 11.98 -35.86
N ILE D 142 -15.76 12.12 -34.64
CA ILE D 142 -15.05 12.85 -33.60
C ILE D 142 -14.12 11.87 -32.92
N ARG D 143 -12.91 12.31 -32.61
CA ARG D 143 -11.97 11.41 -31.99
C ARG D 143 -11.55 11.86 -30.61
N TYR D 144 -11.49 10.88 -29.70
CA TYR D 144 -11.10 11.11 -28.31
C TYR D 144 -10.11 10.01 -27.89
N GLN D 145 -9.46 10.24 -26.76
CA GLN D 145 -8.52 9.28 -26.15
C GLN D 145 -8.60 9.44 -24.63
N TYR D 146 -8.51 8.35 -23.89
CA TYR D 146 -8.60 8.40 -22.44
C TYR D 146 -7.39 9.03 -21.79
N ASN D 147 -7.59 9.55 -20.59
CA ASN D 147 -6.54 10.20 -19.80
C ASN D 147 -6.49 9.50 -18.44
N VAL D 148 -7.37 8.54 -18.28
CA VAL D 148 -7.51 7.80 -17.06
C VAL D 148 -7.75 6.34 -17.43
N LEU D 149 -7.51 5.41 -16.50
CA LEU D 149 -7.71 3.99 -16.78
C LEU D 149 -9.07 3.85 -17.43
N PRO D 150 -9.15 3.18 -18.57
CA PRO D 150 -10.46 3.02 -19.23
C PRO D 150 -11.21 1.73 -18.93
N GLN D 151 -12.53 1.79 -18.97
CA GLN D 151 -13.30 0.60 -18.68
C GLN D 151 -13.27 -0.41 -19.82
N GLY D 152 -12.53 -1.50 -19.67
CA GLY D 152 -12.48 -2.48 -20.72
C GLY D 152 -11.08 -2.96 -21.10
N TRP D 153 -10.08 -2.19 -20.72
CA TRP D 153 -8.71 -2.56 -20.96
C TRP D 153 -8.26 -3.46 -19.81
N LYS D 154 -7.60 -4.56 -20.10
CA LYS D 154 -7.17 -5.43 -19.02
C LYS D 154 -6.10 -4.79 -18.21
N GLY D 155 -5.48 -3.79 -18.78
CA GLY D 155 -4.42 -3.11 -18.06
C GLY D 155 -4.94 -2.24 -16.93
N SER D 156 -6.21 -1.83 -16.99
CA SER D 156 -6.75 -0.99 -15.95
C SER D 156 -6.85 -1.79 -14.67
N PRO D 157 -7.50 -2.93 -14.70
CA PRO D 157 -7.53 -3.63 -13.43
C PRO D 157 -6.14 -3.95 -12.94
N ALA D 158 -5.17 -4.01 -13.83
CA ALA D 158 -3.83 -4.35 -13.39
C ALA D 158 -3.25 -3.27 -12.51
N ILE D 159 -3.50 -2.02 -12.87
CA ILE D 159 -2.99 -0.89 -12.13
C ILE D 159 -3.62 -0.72 -10.77
N PHE D 160 -4.94 -0.64 -10.76
CA PHE D 160 -5.79 -0.45 -9.57
C PHE D 160 -5.64 -1.53 -8.51
N GLN D 161 -5.04 -2.66 -8.90
CA GLN D 161 -4.80 -3.79 -7.99
C GLN D 161 -4.28 -3.28 -6.65
N SER D 162 -3.30 -2.39 -6.72
CA SER D 162 -2.66 -1.82 -5.54
C SER D 162 -3.71 -1.24 -4.66
N SER D 163 -4.57 -0.40 -5.23
CA SER D 163 -5.65 0.22 -4.48
C SER D 163 -6.73 -0.75 -4.08
N MET D 164 -7.41 -1.33 -5.05
CA MET D 164 -8.47 -2.25 -4.72
C MET D 164 -8.17 -3.14 -3.52
N THR D 165 -6.97 -3.74 -3.48
CA THR D 165 -6.60 -4.60 -2.36
C THR D 165 -6.75 -3.87 -1.01
N LYS D 166 -6.21 -2.66 -0.92
CA LYS D 166 -6.33 -1.90 0.30
C LYS D 166 -7.79 -1.64 0.64
N ILE D 167 -8.59 -1.19 -0.33
CA ILE D 167 -10.00 -0.93 -0.09
C ILE D 167 -10.69 -2.14 0.51
N LEU D 168 -10.20 -3.31 0.15
CA LEU D 168 -10.79 -4.56 0.62
C LEU D 168 -10.23 -5.24 1.87
N GLU D 169 -8.99 -4.92 2.27
CA GLU D 169 -8.37 -5.54 3.46
C GLU D 169 -9.32 -5.55 4.66
N PRO D 170 -10.07 -4.46 4.86
CA PRO D 170 -10.99 -4.46 5.98
C PRO D 170 -12.06 -5.50 5.73
N PHE D 171 -12.88 -5.31 4.69
CA PHE D 171 -13.95 -6.25 4.38
C PHE D 171 -13.51 -7.70 4.37
N LYS D 172 -12.32 -7.92 3.83
CA LYS D 172 -11.75 -9.27 3.77
C LYS D 172 -11.38 -9.75 5.17
N LYS D 173 -11.21 -8.81 6.10
CA LYS D 173 -10.88 -9.18 7.48
C LYS D 173 -12.11 -9.67 8.24
N GLN D 174 -13.17 -8.86 8.32
CA GLN D 174 -14.38 -9.23 9.04
C GLN D 174 -15.07 -10.44 8.38
N ASN D 175 -14.94 -10.61 7.08
CA ASN D 175 -15.57 -11.76 6.42
C ASN D 175 -14.48 -12.64 5.82
N PRO D 176 -13.86 -13.50 6.63
CA PRO D 176 -12.79 -14.39 6.19
C PRO D 176 -13.14 -15.56 5.29
N ASP D 177 -14.41 -15.69 4.93
CA ASP D 177 -14.79 -16.78 4.07
C ASP D 177 -15.14 -16.32 2.69
N ILE D 178 -15.71 -15.13 2.58
CA ILE D 178 -16.06 -14.62 1.27
C ILE D 178 -14.80 -14.49 0.41
N VAL D 179 -14.90 -14.96 -0.83
CA VAL D 179 -13.81 -14.84 -1.82
C VAL D 179 -14.24 -13.84 -2.88
N ILE D 180 -13.31 -12.99 -3.26
CA ILE D 180 -13.59 -11.97 -4.22
C ILE D 180 -12.55 -12.03 -5.31
N TYR D 181 -13.02 -12.06 -6.56
CA TYR D 181 -12.14 -12.11 -7.70
C TYR D 181 -12.37 -10.91 -8.57
N GLN D 182 -11.30 -10.28 -9.01
CA GLN D 182 -11.47 -9.14 -9.85
C GLN D 182 -10.95 -9.46 -11.25
N TYR D 183 -11.88 -9.55 -12.21
CA TYR D 183 -11.54 -9.82 -13.59
C TYR D 183 -12.06 -8.65 -14.38
N MET D 184 -11.14 -7.82 -14.87
CA MET D 184 -11.51 -6.63 -15.60
C MET D 184 -12.44 -5.72 -14.78
N ASP D 185 -13.42 -5.16 -15.46
CA ASP D 185 -14.38 -4.28 -14.84
C ASP D 185 -15.28 -4.94 -13.79
N ASP D 186 -15.05 -6.20 -13.46
CA ASP D 186 -15.94 -6.85 -12.50
C ASP D 186 -15.33 -7.42 -11.27
N LEU D 187 -16.19 -7.68 -10.29
CA LEU D 187 -15.78 -8.21 -9.01
C LEU D 187 -16.69 -9.39 -8.76
N TYR D 188 -16.12 -10.57 -8.68
CA TYR D 188 -16.93 -11.72 -8.41
C TYR D 188 -16.88 -11.98 -6.91
N VAL D 189 -18.03 -11.84 -6.23
CA VAL D 189 -18.11 -12.06 -4.79
C VAL D 189 -18.86 -13.34 -4.47
N GLY D 190 -18.14 -14.31 -3.93
CA GLY D 190 -18.75 -15.60 -3.60
C GLY D 190 -18.66 -16.04 -2.15
N SER D 191 -19.76 -16.62 -1.66
CA SER D 191 -19.87 -17.11 -0.27
C SER D 191 -20.67 -18.38 -0.21
N ASP D 192 -20.62 -19.02 0.96
CA ASP D 192 -21.35 -20.25 1.22
C ASP D 192 -22.61 -19.92 2.01
N LEU D 193 -22.71 -18.68 2.47
CA LEU D 193 -23.85 -18.21 3.24
C LEU D 193 -25.19 -18.48 2.56
N GLU D 194 -26.25 -18.12 3.27
CA GLU D 194 -27.55 -18.31 2.71
C GLU D 194 -27.85 -17.14 1.81
N ILE D 195 -28.56 -17.40 0.72
CA ILE D 195 -28.91 -16.37 -0.23
C ILE D 195 -29.31 -15.03 0.40
N GLY D 196 -30.17 -15.10 1.42
CA GLY D 196 -30.63 -13.88 2.08
C GLY D 196 -29.48 -13.12 2.71
N GLN D 197 -28.66 -13.85 3.46
CA GLN D 197 -27.49 -13.29 4.12
C GLN D 197 -26.42 -12.93 3.10
N HIS D 198 -26.35 -13.73 2.03
CA HIS D 198 -25.39 -13.50 0.97
C HIS D 198 -25.64 -12.14 0.37
N ARG D 199 -26.86 -11.96 -0.11
CA ARG D 199 -27.24 -10.68 -0.72
C ARG D 199 -26.89 -9.55 0.23
N THR D 200 -27.18 -9.76 1.50
CA THR D 200 -26.91 -8.76 2.49
C THR D 200 -25.41 -8.44 2.57
N LYS D 201 -24.57 -9.46 2.57
CA LYS D 201 -23.13 -9.25 2.65
C LYS D 201 -22.66 -8.47 1.43
N ILE D 202 -23.38 -8.68 0.33
CA ILE D 202 -23.10 -8.01 -0.92
C ILE D 202 -23.46 -6.54 -0.76
N GLU D 203 -24.66 -6.31 -0.18
CA GLU D 203 -25.13 -4.95 0.07
C GLU D 203 -24.18 -4.22 0.98
N GLU D 204 -23.52 -4.98 1.85
CA GLU D 204 -22.54 -4.43 2.77
C GLU D 204 -21.28 -4.10 1.96
N LEU D 205 -20.93 -4.97 1.02
CA LEU D 205 -19.76 -4.70 0.19
C LEU D 205 -20.00 -3.44 -0.64
N ARG D 206 -21.19 -3.33 -1.25
CA ARG D 206 -21.49 -2.15 -2.05
C ARG D 206 -21.19 -0.95 -1.17
N GLN D 207 -21.75 -0.98 0.03
CA GLN D 207 -21.57 0.07 1.02
C GLN D 207 -20.10 0.34 1.26
N HIS D 208 -19.39 -0.71 1.70
CA HIS D 208 -17.97 -0.59 1.97
C HIS D 208 -17.29 0.20 0.85
N LEU D 209 -17.68 -0.09 -0.38
CA LEU D 209 -17.11 0.59 -1.53
C LEU D 209 -17.44 2.10 -1.54
N LEU D 210 -18.69 2.46 -1.24
CA LEU D 210 -19.06 3.87 -1.23
C LEU D 210 -18.22 4.72 -0.30
N ARG D 211 -17.88 4.22 0.88
CA ARG D 211 -17.10 5.00 1.82
C ARG D 211 -15.74 5.35 1.24
N TRP D 212 -15.30 4.55 0.25
CA TRP D 212 -14.01 4.78 -0.43
C TRP D 212 -14.26 5.32 -1.81
N GLY D 213 -15.27 6.19 -1.87
CA GLY D 213 -15.66 6.86 -3.07
C GLY D 213 -16.08 6.05 -4.27
N LEU D 214 -15.96 4.73 -4.24
CA LEU D 214 -16.30 3.93 -5.44
C LEU D 214 -17.79 3.72 -5.74
N THR D 215 -18.20 4.01 -6.98
CA THR D 215 -19.59 3.85 -7.40
C THR D 215 -19.94 2.51 -8.08
N THR D 216 -21.09 1.95 -7.71
CA THR D 216 -21.56 0.67 -8.26
C THR D 216 -22.97 0.85 -8.82
N PRO D 217 -23.08 1.22 -10.12
CA PRO D 217 -24.40 1.41 -10.76
C PRO D 217 -25.47 0.53 -10.12
N ASP D 218 -26.63 1.15 -9.86
CA ASP D 218 -27.75 0.46 -9.23
C ASP D 218 -28.85 0.30 -10.24
N LYS D 219 -29.53 -0.83 -10.14
CA LYS D 219 -30.60 -1.15 -11.08
C LYS D 219 -31.94 -0.48 -10.76
N LYS D 220 -32.94 -0.71 -11.62
CA LYS D 220 -34.31 -0.20 -11.44
C LYS D 220 -35.14 -1.29 -10.74
N HIS D 221 -34.44 -2.36 -10.35
CA HIS D 221 -34.98 -3.51 -9.64
C HIS D 221 -36.32 -4.12 -10.15
N GLN D 222 -36.55 -4.08 -11.46
CA GLN D 222 -37.79 -4.66 -12.01
C GLN D 222 -39.06 -3.94 -11.51
N GLY D 231 -31.84 -16.68 -8.55
CA GLY D 231 -32.12 -15.46 -9.28
C GLY D 231 -30.92 -14.98 -10.08
N TYR D 232 -30.61 -13.68 -9.98
CA TYR D 232 -29.47 -13.08 -10.70
C TYR D 232 -28.14 -13.80 -10.49
N GLU D 233 -27.62 -13.74 -9.27
CA GLU D 233 -26.34 -14.36 -8.95
C GLU D 233 -26.12 -15.78 -9.48
N LEU D 234 -24.85 -16.11 -9.74
CA LEU D 234 -24.49 -17.44 -10.22
C LEU D 234 -24.39 -18.44 -9.07
N HIS D 235 -24.70 -19.70 -9.37
CA HIS D 235 -24.57 -20.77 -8.37
C HIS D 235 -23.74 -21.93 -8.92
N PRO D 236 -22.43 -21.85 -8.74
CA PRO D 236 -21.50 -22.79 -9.38
C PRO D 236 -21.75 -24.23 -8.96
N ASP D 237 -22.90 -24.47 -8.32
CA ASP D 237 -23.23 -25.81 -7.84
C ASP D 237 -24.09 -26.56 -8.84
N LYS D 238 -25.07 -25.86 -9.42
CA LYS D 238 -25.95 -26.46 -10.42
C LYS D 238 -25.24 -26.65 -11.74
N TRP D 239 -24.01 -26.17 -11.83
CA TRP D 239 -23.13 -26.50 -12.94
C TRP D 239 -22.72 -27.97 -12.90
N THR D 240 -23.14 -28.71 -13.92
CA THR D 240 -22.76 -30.13 -14.04
C THR D 240 -22.24 -30.37 -15.47
N VAL D 241 -21.18 -31.15 -15.56
CA VAL D 241 -20.58 -31.50 -16.86
C VAL D 241 -21.32 -32.76 -17.27
N GLN D 242 -22.30 -32.62 -18.16
CA GLN D 242 -23.08 -33.75 -18.65
C GLN D 242 -22.53 -34.20 -20.03
N PRO D 243 -22.11 -35.48 -20.15
CA PRO D 243 -21.57 -35.95 -21.43
C PRO D 243 -22.54 -36.75 -22.32
N ILE D 244 -21.95 -37.47 -23.28
CA ILE D 244 -22.66 -38.28 -24.25
C ILE D 244 -23.38 -39.50 -23.69
N VAL D 245 -24.59 -39.73 -24.22
CA VAL D 245 -25.47 -40.83 -23.82
C VAL D 245 -26.03 -41.63 -25.03
N LEU D 246 -25.61 -42.89 -25.13
CA LEU D 246 -26.05 -43.80 -26.21
C LEU D 246 -27.52 -44.12 -26.03
N PRO D 247 -28.35 -43.78 -27.03
CA PRO D 247 -29.78 -44.03 -26.97
C PRO D 247 -30.10 -45.48 -26.63
N GLU D 248 -31.18 -45.69 -25.90
CA GLU D 248 -31.57 -47.04 -25.56
C GLU D 248 -33.00 -47.29 -26.05
N LYS D 249 -33.12 -48.31 -26.91
CA LYS D 249 -34.39 -48.69 -27.54
C LYS D 249 -34.66 -50.19 -27.37
N ASP D 250 -35.93 -50.55 -27.55
CA ASP D 250 -36.41 -51.95 -27.42
C ASP D 250 -35.86 -52.77 -28.58
N SER D 251 -36.25 -52.37 -29.80
CA SER D 251 -35.78 -53.06 -31.00
C SER D 251 -34.73 -52.18 -31.70
N TRP D 252 -34.07 -52.73 -32.71
CA TRP D 252 -33.04 -51.97 -33.43
C TRP D 252 -33.06 -52.26 -34.92
N THR D 253 -32.80 -51.23 -35.71
CA THR D 253 -32.75 -51.41 -37.16
C THR D 253 -31.32 -51.15 -37.60
N VAL D 254 -31.00 -51.55 -38.83
CA VAL D 254 -29.66 -51.35 -39.35
C VAL D 254 -29.27 -49.89 -39.23
N ASN D 255 -30.16 -49.02 -39.73
CA ASN D 255 -29.93 -47.59 -39.68
C ASN D 255 -29.41 -47.25 -38.28
N ASP D 256 -30.17 -47.68 -37.29
CA ASP D 256 -29.88 -47.44 -35.88
C ASP D 256 -28.51 -47.90 -35.44
N ILE D 257 -28.20 -49.15 -35.75
CA ILE D 257 -26.91 -49.68 -35.35
C ILE D 257 -25.82 -48.89 -36.02
N GLN D 258 -26.04 -48.52 -37.29
CA GLN D 258 -25.04 -47.74 -38.00
C GLN D 258 -24.81 -46.47 -37.22
N LYS D 259 -25.85 -45.67 -37.09
CA LYS D 259 -25.77 -44.43 -36.34
C LYS D 259 -25.08 -44.68 -35.01
N LEU D 260 -25.52 -45.70 -34.26
CA LEU D 260 -24.89 -46.00 -32.98
C LEU D 260 -23.37 -46.16 -33.17
N VAL D 261 -22.95 -46.97 -34.13
CA VAL D 261 -21.52 -47.15 -34.36
C VAL D 261 -20.93 -45.78 -34.68
N GLY D 262 -21.77 -44.91 -35.21
CA GLY D 262 -21.32 -43.58 -35.50
C GLY D 262 -20.78 -42.98 -34.21
N LYS D 263 -21.69 -42.62 -33.31
CA LYS D 263 -21.34 -42.02 -32.04
C LYS D 263 -20.18 -42.76 -31.39
N LEU D 264 -20.39 -44.04 -31.18
CA LEU D 264 -19.36 -44.83 -30.53
C LEU D 264 -18.03 -44.60 -31.18
N ASN D 265 -18.02 -44.59 -32.52
CA ASN D 265 -16.75 -44.40 -33.19
C ASN D 265 -16.15 -43.06 -32.84
N TRP D 266 -16.97 -42.01 -32.95
CA TRP D 266 -16.53 -40.66 -32.63
C TRP D 266 -16.06 -40.65 -31.17
N ALA D 267 -16.83 -41.32 -30.32
CA ALA D 267 -16.54 -41.38 -28.91
C ALA D 267 -15.16 -41.96 -28.65
N SER D 268 -14.84 -43.05 -29.34
CA SER D 268 -13.54 -43.69 -29.17
C SER D 268 -12.38 -42.69 -29.22
N GLN D 269 -12.68 -41.47 -29.71
CA GLN D 269 -11.67 -40.43 -29.78
C GLN D 269 -11.50 -39.85 -28.38
N ILE D 270 -12.62 -39.63 -27.67
CA ILE D 270 -12.57 -39.07 -26.34
C ILE D 270 -12.00 -40.10 -25.39
N TYR D 271 -12.79 -41.15 -25.16
CA TYR D 271 -12.42 -42.28 -24.29
C TYR D 271 -11.87 -43.38 -25.23
N PRO D 272 -10.70 -43.96 -24.92
CA PRO D 272 -10.16 -45.02 -25.78
C PRO D 272 -10.73 -46.40 -25.48
N GLY D 273 -11.56 -46.47 -24.44
CA GLY D 273 -12.17 -47.75 -24.06
C GLY D 273 -13.25 -48.28 -25.01
N ILE D 274 -13.95 -47.36 -25.67
CA ILE D 274 -15.04 -47.73 -26.57
C ILE D 274 -14.60 -48.82 -27.55
N LYS D 275 -15.33 -49.92 -27.55
CA LYS D 275 -15.13 -50.97 -28.55
C LYS D 275 -16.35 -51.10 -29.46
N VAL D 276 -16.08 -51.27 -30.76
CA VAL D 276 -17.16 -51.40 -31.74
C VAL D 276 -17.13 -52.77 -32.42
N ARG D 277 -16.13 -53.57 -32.08
CA ARG D 277 -15.98 -54.89 -32.67
C ARG D 277 -17.33 -55.57 -32.84
N GLN D 278 -17.92 -55.98 -31.71
CA GLN D 278 -19.06 -56.90 -31.75
C GLN D 278 -20.24 -56.28 -32.49
N LEU D 279 -20.50 -55.00 -32.23
CA LEU D 279 -21.65 -54.32 -32.80
C LEU D 279 -21.55 -54.25 -34.32
N SER D 280 -20.33 -54.06 -34.81
CA SER D 280 -20.08 -54.06 -36.25
C SER D 280 -20.53 -55.36 -36.92
N LYS D 281 -20.33 -56.48 -36.24
CA LYS D 281 -20.71 -57.78 -36.78
C LYS D 281 -22.18 -57.82 -37.14
N LEU D 282 -23.00 -57.09 -36.39
CA LEU D 282 -24.43 -57.05 -36.62
C LEU D 282 -24.75 -56.59 -38.04
N LEU D 283 -23.93 -55.69 -38.57
CA LEU D 283 -24.13 -55.16 -39.92
C LEU D 283 -23.25 -55.91 -40.91
N ARG D 284 -22.81 -57.10 -40.52
CA ARG D 284 -21.95 -57.93 -41.35
C ARG D 284 -22.70 -58.31 -42.65
N GLY D 285 -22.60 -57.46 -43.68
CA GLY D 285 -23.28 -57.76 -44.93
C GLY D 285 -24.25 -56.66 -45.33
N THR D 286 -24.34 -56.39 -46.64
CA THR D 286 -25.22 -55.34 -47.14
C THR D 286 -26.72 -55.59 -47.06
N LYS D 287 -27.37 -54.98 -46.05
CA LYS D 287 -28.81 -55.15 -45.84
C LYS D 287 -29.59 -53.84 -46.04
N ALA D 288 -30.91 -53.91 -45.94
CA ALA D 288 -31.73 -52.71 -46.11
C ALA D 288 -31.66 -51.96 -44.80
N LEU D 289 -32.01 -50.68 -44.84
CA LEU D 289 -31.96 -49.83 -43.65
C LEU D 289 -33.09 -50.05 -42.65
N THR D 290 -34.32 -50.05 -43.15
CA THR D 290 -35.48 -50.25 -42.28
C THR D 290 -35.54 -51.66 -41.67
N GLU D 291 -34.87 -52.61 -42.33
CA GLU D 291 -34.82 -53.98 -41.87
C GLU D 291 -34.41 -54.04 -40.39
N VAL D 292 -35.16 -54.81 -39.61
CA VAL D 292 -34.89 -54.96 -38.18
C VAL D 292 -33.81 -55.98 -37.86
N ILE D 293 -33.03 -55.67 -36.82
CA ILE D 293 -31.93 -56.53 -36.36
C ILE D 293 -31.97 -56.76 -34.86
N PRO D 294 -31.82 -58.02 -34.45
CA PRO D 294 -31.83 -58.36 -33.03
C PRO D 294 -30.39 -58.33 -32.48
N LEU D 295 -30.19 -57.63 -31.36
CA LEU D 295 -28.85 -57.51 -30.79
C LEU D 295 -28.46 -58.81 -30.13
N THR D 296 -27.30 -59.33 -30.51
CA THR D 296 -26.83 -60.61 -29.95
C THR D 296 -26.30 -60.51 -28.53
N GLU D 297 -25.91 -61.66 -27.98
CA GLU D 297 -25.39 -61.76 -26.63
C GLU D 297 -24.10 -60.93 -26.50
N GLU D 298 -23.13 -61.19 -27.36
CA GLU D 298 -21.86 -60.45 -27.32
C GLU D 298 -22.02 -59.01 -27.74
N ALA D 299 -23.07 -58.74 -28.50
CA ALA D 299 -23.36 -57.40 -28.95
C ALA D 299 -23.90 -56.61 -27.76
N GLU D 300 -24.97 -57.12 -27.13
CA GLU D 300 -25.60 -56.48 -25.99
C GLU D 300 -24.58 -56.19 -24.88
N LEU D 301 -23.68 -57.13 -24.66
CA LEU D 301 -22.65 -56.93 -23.66
C LEU D 301 -21.85 -55.69 -24.05
N GLU D 302 -21.13 -55.79 -25.17
CA GLU D 302 -20.32 -54.66 -25.67
C GLU D 302 -21.08 -53.33 -25.53
N LEU D 303 -22.31 -53.26 -26.06
CA LEU D 303 -23.09 -52.03 -25.95
C LEU D 303 -23.07 -51.55 -24.50
N ALA D 304 -23.67 -52.33 -23.60
CA ALA D 304 -23.71 -51.97 -22.18
C ALA D 304 -22.29 -51.76 -21.63
N GLU D 305 -21.35 -52.53 -22.14
CA GLU D 305 -19.97 -52.39 -21.70
C GLU D 305 -19.62 -50.94 -22.01
N ASN D 306 -19.86 -50.52 -23.25
CA ASN D 306 -19.57 -49.16 -23.66
C ASN D 306 -20.34 -48.14 -22.83
N ARG D 307 -21.66 -48.26 -22.83
CA ARG D 307 -22.54 -47.34 -22.11
C ARG D 307 -22.00 -47.02 -20.71
N GLU D 308 -21.27 -47.97 -20.14
CA GLU D 308 -20.67 -47.79 -18.83
C GLU D 308 -19.52 -46.81 -18.90
N ILE D 309 -18.61 -47.03 -19.85
CA ILE D 309 -17.43 -46.17 -20.04
C ILE D 309 -17.77 -44.68 -20.14
N LEU D 310 -18.88 -44.37 -20.82
CA LEU D 310 -19.32 -42.98 -21.01
C LEU D 310 -19.68 -42.22 -19.73
N LYS D 311 -19.50 -42.88 -18.60
CA LYS D 311 -19.79 -42.31 -17.28
C LYS D 311 -18.55 -41.68 -16.67
N GLU D 312 -17.46 -42.45 -16.66
CA GLU D 312 -16.20 -41.95 -16.12
C GLU D 312 -15.52 -40.98 -17.10
N PRO D 313 -15.39 -39.68 -16.71
CA PRO D 313 -14.74 -38.72 -17.62
C PRO D 313 -13.31 -39.14 -17.98
N VAL D 314 -12.84 -38.70 -19.14
CA VAL D 314 -11.50 -39.00 -19.60
C VAL D 314 -10.39 -38.73 -18.56
N HIS D 315 -9.15 -39.05 -18.94
CA HIS D 315 -8.01 -38.87 -18.07
C HIS D 315 -6.97 -38.01 -18.81
N GLY D 316 -6.49 -36.97 -18.15
CA GLY D 316 -5.49 -36.07 -18.72
C GLY D 316 -6.07 -34.66 -18.88
N VAL D 317 -7.24 -34.48 -18.28
CA VAL D 317 -7.92 -33.21 -18.35
C VAL D 317 -7.48 -32.31 -17.21
N TYR D 318 -6.24 -31.87 -17.29
CA TYR D 318 -5.64 -30.99 -16.29
C TYR D 318 -5.50 -29.57 -16.85
N TYR D 319 -6.15 -28.58 -16.26
CA TYR D 319 -6.05 -27.22 -16.77
C TYR D 319 -4.62 -26.73 -16.82
N ASP D 320 -4.28 -25.98 -17.87
CA ASP D 320 -2.93 -25.44 -18.02
C ASP D 320 -2.95 -24.01 -18.44
N PRO D 321 -2.71 -23.11 -17.48
CA PRO D 321 -2.70 -21.66 -17.69
C PRO D 321 -1.87 -21.14 -18.87
N SER D 322 -0.89 -21.89 -19.31
CA SER D 322 -0.07 -21.44 -20.42
C SER D 322 -0.69 -21.64 -21.80
N LYS D 323 -1.88 -22.18 -21.89
CA LYS D 323 -2.52 -22.38 -23.19
C LYS D 323 -3.84 -21.62 -23.25
N ASP D 324 -4.36 -21.44 -24.45
CA ASP D 324 -5.63 -20.72 -24.61
C ASP D 324 -6.78 -21.62 -24.15
N LEU D 325 -7.98 -21.04 -24.10
CA LEU D 325 -9.15 -21.80 -23.69
C LEU D 325 -10.14 -21.74 -24.85
N ILE D 326 -10.53 -22.89 -25.39
CA ILE D 326 -11.45 -22.98 -26.54
C ILE D 326 -12.88 -23.40 -26.19
N ALA D 327 -13.87 -22.62 -26.62
CA ALA D 327 -15.26 -22.96 -26.36
C ALA D 327 -16.04 -23.26 -27.63
N GLU D 328 -16.75 -24.38 -27.66
CA GLU D 328 -17.53 -24.70 -28.83
C GLU D 328 -19.00 -24.81 -28.49
N ILE D 329 -19.83 -24.25 -29.37
CA ILE D 329 -21.29 -24.27 -29.22
C ILE D 329 -21.94 -25.08 -30.36
N GLN D 330 -22.89 -25.95 -30.00
CA GLN D 330 -23.65 -26.75 -30.96
C GLN D 330 -25.11 -26.32 -30.91
N LYS D 331 -25.71 -26.06 -32.05
CA LYS D 331 -27.10 -25.66 -32.04
C LYS D 331 -27.93 -26.94 -32.07
N GLN D 332 -28.67 -27.19 -30.99
CA GLN D 332 -29.53 -28.37 -30.86
C GLN D 332 -30.98 -28.06 -31.22
N GLY D 333 -31.27 -26.79 -31.49
CA GLY D 333 -32.63 -26.43 -31.82
C GLY D 333 -33.57 -26.67 -30.65
N GLN D 334 -34.80 -26.19 -30.84
CA GLN D 334 -35.85 -26.27 -29.84
C GLN D 334 -35.49 -25.25 -28.76
N GLY D 335 -34.51 -24.41 -29.07
CA GLY D 335 -34.05 -23.42 -28.12
C GLY D 335 -33.02 -24.01 -27.19
N GLN D 336 -32.66 -25.27 -27.43
CA GLN D 336 -31.68 -25.96 -26.60
C GLN D 336 -30.29 -25.78 -27.22
N TRP D 337 -29.26 -25.64 -26.40
CA TRP D 337 -27.89 -25.49 -26.92
C TRP D 337 -26.92 -26.34 -26.12
N THR D 338 -25.76 -26.61 -26.68
CA THR D 338 -24.75 -27.37 -25.97
C THR D 338 -23.37 -26.84 -26.31
N TYR D 339 -22.43 -26.97 -25.38
CA TYR D 339 -21.08 -26.48 -25.61
C TYR D 339 -20.06 -27.32 -24.90
N GLN D 340 -18.81 -27.20 -25.32
CA GLN D 340 -17.71 -27.93 -24.68
C GLN D 340 -16.55 -26.97 -24.57
N ILE D 341 -15.78 -27.08 -23.49
CA ILE D 341 -14.65 -26.19 -23.32
C ILE D 341 -13.42 -27.04 -23.14
N TYR D 342 -12.38 -26.79 -23.95
CA TYR D 342 -11.17 -27.59 -23.88
C TYR D 342 -9.91 -26.81 -24.20
N GLN D 343 -8.78 -27.47 -24.04
CA GLN D 343 -7.50 -26.87 -24.36
C GLN D 343 -6.83 -27.68 -25.46
N GLU D 344 -7.07 -28.98 -25.46
CA GLU D 344 -6.53 -29.89 -26.47
C GLU D 344 -7.72 -30.72 -26.94
N PRO D 345 -7.78 -31.06 -28.23
CA PRO D 345 -8.88 -31.85 -28.78
C PRO D 345 -9.15 -33.16 -28.02
N PHE D 346 -10.45 -33.38 -27.75
CA PHE D 346 -10.95 -34.57 -27.06
C PHE D 346 -10.65 -34.60 -25.55
N LYS D 347 -10.04 -33.53 -25.08
CA LYS D 347 -9.71 -33.40 -23.69
C LYS D 347 -10.55 -32.27 -23.12
N ASN D 348 -11.87 -32.48 -23.11
CA ASN D 348 -12.81 -31.50 -22.60
C ASN D 348 -12.53 -31.15 -21.13
N LEU D 349 -12.70 -29.89 -20.76
CA LEU D 349 -12.48 -29.50 -19.39
C LEU D 349 -13.82 -29.28 -18.78
N LYS D 350 -14.85 -29.15 -19.61
CA LYS D 350 -16.21 -29.00 -19.12
C LYS D 350 -17.16 -29.18 -20.27
N THR D 351 -18.44 -29.45 -19.97
CA THR D 351 -19.48 -29.64 -21.00
C THR D 351 -20.88 -29.45 -20.46
N GLY D 352 -21.59 -28.43 -20.91
CA GLY D 352 -22.95 -28.19 -20.43
C GLY D 352 -23.98 -27.92 -21.52
N LYS D 353 -25.12 -27.39 -21.14
CA LYS D 353 -26.18 -27.04 -22.09
C LYS D 353 -26.70 -25.62 -21.84
N TYR D 354 -27.73 -25.22 -22.57
CA TYR D 354 -28.28 -23.89 -22.37
C TYR D 354 -29.76 -23.92 -22.77
N ALA D 355 -30.63 -23.51 -21.83
CA ALA D 355 -32.08 -23.52 -22.02
C ALA D 355 -32.73 -22.25 -22.57
N ARG D 356 -34.06 -22.22 -22.49
CA ARG D 356 -34.86 -21.10 -22.99
C ARG D 356 -34.83 -19.80 -22.18
N MET D 357 -35.30 -18.74 -22.82
CA MET D 357 -35.35 -17.42 -22.20
C MET D 357 -36.63 -17.18 -21.38
N ARG D 358 -36.43 -16.61 -20.19
CA ARG D 358 -37.52 -16.28 -19.26
C ARG D 358 -37.80 -14.76 -19.31
N GLY D 359 -39.01 -14.41 -19.78
CA GLY D 359 -39.41 -13.03 -19.90
C GLY D 359 -39.03 -12.46 -21.28
N ALA D 360 -38.52 -13.33 -22.16
CA ALA D 360 -38.09 -12.96 -23.51
C ALA D 360 -38.56 -13.93 -24.63
N HIS D 361 -38.09 -13.66 -25.84
CA HIS D 361 -38.42 -14.42 -27.06
C HIS D 361 -37.30 -15.36 -27.59
N THR D 362 -37.67 -16.15 -28.59
CA THR D 362 -36.77 -17.12 -29.21
C THR D 362 -36.19 -16.56 -30.53
N ASN D 363 -35.12 -15.78 -30.40
CA ASN D 363 -34.44 -15.18 -31.53
C ASN D 363 -33.12 -15.94 -31.62
N ASP D 364 -33.04 -16.82 -32.59
CA ASP D 364 -31.85 -17.64 -32.78
C ASP D 364 -30.52 -16.94 -32.36
N VAL D 365 -30.19 -15.82 -33.00
CA VAL D 365 -28.96 -15.09 -32.71
C VAL D 365 -28.83 -14.75 -31.25
N LYS D 366 -29.77 -13.92 -30.76
CA LYS D 366 -29.76 -13.48 -29.37
C LYS D 366 -29.35 -14.60 -28.43
N GLN D 367 -29.95 -15.77 -28.63
CA GLN D 367 -29.65 -16.93 -27.79
C GLN D 367 -28.15 -17.21 -27.75
N LEU D 368 -27.52 -17.31 -28.91
CA LEU D 368 -26.09 -17.55 -28.93
C LEU D 368 -25.44 -16.50 -28.08
N THR D 369 -25.79 -15.24 -28.36
CA THR D 369 -25.25 -14.13 -27.60
C THR D 369 -25.37 -14.39 -26.12
N GLU D 370 -26.57 -14.75 -25.67
CA GLU D 370 -26.74 -15.03 -24.27
C GLU D 370 -25.85 -16.21 -23.93
N ALA D 371 -26.01 -17.30 -24.67
CA ALA D 371 -25.22 -18.50 -24.44
C ALA D 371 -23.73 -18.20 -24.29
N VAL D 372 -23.18 -17.44 -25.23
CA VAL D 372 -21.75 -17.09 -25.20
C VAL D 372 -21.33 -16.43 -23.91
N GLN D 373 -22.15 -15.48 -23.47
CA GLN D 373 -21.84 -14.77 -22.25
C GLN D 373 -21.86 -15.76 -21.06
N LYS D 374 -22.86 -16.62 -21.08
CA LYS D 374 -23.04 -17.61 -20.05
C LYS D 374 -21.74 -18.36 -19.93
N ILE D 375 -21.31 -18.96 -21.04
CA ILE D 375 -20.09 -19.76 -21.08
C ILE D 375 -18.89 -18.95 -20.60
N THR D 376 -18.85 -17.68 -20.94
CA THR D 376 -17.71 -16.86 -20.56
C THR D 376 -17.53 -16.66 -19.05
N THR D 377 -18.60 -16.28 -18.34
CA THR D 377 -18.48 -16.07 -16.89
C THR D 377 -18.06 -17.38 -16.23
N GLU D 378 -18.71 -18.47 -16.62
CA GLU D 378 -18.37 -19.76 -16.05
C GLU D 378 -16.87 -19.96 -16.13
N SER D 379 -16.31 -19.52 -17.25
CA SER D 379 -14.89 -19.65 -17.49
C SER D 379 -14.14 -18.75 -16.56
N ILE D 380 -14.67 -17.55 -16.41
CA ILE D 380 -14.07 -16.56 -15.56
C ILE D 380 -14.00 -17.16 -14.16
N VAL D 381 -15.16 -17.54 -13.65
CA VAL D 381 -15.29 -18.11 -12.33
C VAL D 381 -14.37 -19.30 -12.11
N ILE D 382 -14.27 -20.15 -13.12
CA ILE D 382 -13.45 -21.34 -13.02
C ILE D 382 -11.96 -21.24 -13.36
N TRP D 383 -11.56 -20.48 -14.38
CA TRP D 383 -10.13 -20.38 -14.68
C TRP D 383 -9.65 -18.94 -14.67
N GLY D 384 -10.60 -18.01 -14.59
CA GLY D 384 -10.23 -16.62 -14.57
C GLY D 384 -9.49 -16.31 -15.86
N LYS D 385 -10.11 -16.73 -16.96
CA LYS D 385 -9.59 -16.54 -18.32
C LYS D 385 -10.78 -16.65 -19.20
N THR D 386 -10.70 -16.11 -20.39
CA THR D 386 -11.82 -16.17 -21.31
C THR D 386 -11.56 -17.18 -22.43
N PRO D 387 -12.56 -17.97 -22.79
CA PRO D 387 -12.32 -18.93 -23.87
C PRO D 387 -12.44 -18.28 -25.27
N LYS D 388 -11.91 -18.94 -26.32
CA LYS D 388 -12.00 -18.44 -27.70
C LYS D 388 -13.15 -19.21 -28.24
N PHE D 389 -14.20 -18.50 -28.62
CA PHE D 389 -15.40 -19.15 -29.08
C PHE D 389 -15.41 -19.49 -30.54
N LYS D 390 -15.91 -20.69 -30.86
CA LYS D 390 -16.08 -21.12 -32.26
C LYS D 390 -17.58 -21.00 -32.48
N LEU D 391 -17.99 -19.82 -32.90
CA LEU D 391 -19.40 -19.57 -33.09
C LEU D 391 -20.03 -20.18 -34.35
N PRO D 392 -21.15 -20.90 -34.18
CA PRO D 392 -21.93 -21.57 -35.21
C PRO D 392 -22.94 -20.66 -35.90
N ILE D 393 -22.41 -19.67 -36.59
CA ILE D 393 -23.23 -18.71 -37.28
C ILE D 393 -22.34 -17.95 -38.27
N GLN D 394 -22.90 -17.48 -39.38
CA GLN D 394 -22.12 -16.75 -40.37
C GLN D 394 -21.56 -15.44 -39.81
N LYS D 395 -20.33 -15.10 -40.17
CA LYS D 395 -19.75 -13.86 -39.68
C LYS D 395 -20.70 -12.67 -39.78
N GLU D 396 -21.33 -12.47 -40.92
CA GLU D 396 -22.22 -11.33 -41.08
C GLU D 396 -23.42 -11.37 -40.14
N THR D 397 -24.18 -12.45 -40.21
CA THR D 397 -25.36 -12.55 -39.37
C THR D 397 -24.99 -12.03 -37.99
N TRP D 398 -23.91 -12.60 -37.45
CA TRP D 398 -23.42 -12.27 -36.11
C TRP D 398 -22.92 -10.86 -36.00
N GLU D 399 -21.97 -10.45 -36.84
CA GLU D 399 -21.45 -9.09 -36.75
C GLU D 399 -22.57 -8.09 -36.97
N THR D 400 -23.74 -8.56 -37.37
CA THR D 400 -24.85 -7.66 -37.60
C THR D 400 -25.65 -7.36 -36.33
N TRP D 401 -25.81 -8.36 -35.47
CA TRP D 401 -26.60 -8.16 -34.28
C TRP D 401 -26.05 -8.59 -32.94
N TRP D 402 -24.77 -8.89 -32.79
CA TRP D 402 -24.37 -9.35 -31.47
C TRP D 402 -24.31 -8.20 -30.50
N THR D 403 -23.99 -7.01 -30.99
CA THR D 403 -23.92 -5.87 -30.10
C THR D 403 -25.31 -5.44 -29.65
N GLU D 404 -26.29 -5.66 -30.52
CA GLU D 404 -27.66 -5.29 -30.23
C GLU D 404 -28.26 -6.14 -29.11
N TYR D 405 -27.58 -7.19 -28.68
CA TYR D 405 -28.09 -8.02 -27.60
C TYR D 405 -27.08 -8.23 -26.49
N TRP D 406 -25.85 -7.80 -26.70
CA TRP D 406 -24.79 -7.98 -25.70
C TRP D 406 -25.02 -7.25 -24.41
N GLN D 407 -24.59 -7.87 -23.32
CA GLN D 407 -24.78 -7.26 -22.01
C GLN D 407 -23.65 -7.42 -21.01
N ALA D 408 -22.43 -7.55 -21.48
CA ALA D 408 -21.30 -7.68 -20.57
C ALA D 408 -20.24 -6.62 -20.87
N THR D 409 -19.50 -6.27 -19.84
CA THR D 409 -18.45 -5.28 -19.96
C THR D 409 -17.27 -5.82 -20.81
N TRP D 410 -17.02 -7.12 -20.73
CA TRP D 410 -15.95 -7.76 -21.49
C TRP D 410 -16.49 -8.36 -22.79
N ILE D 411 -15.59 -8.72 -23.69
CA ILE D 411 -15.97 -9.34 -24.95
C ILE D 411 -14.92 -10.42 -25.23
N PRO D 412 -15.40 -11.64 -25.45
CA PRO D 412 -14.53 -12.77 -25.74
C PRO D 412 -13.87 -12.66 -27.11
N GLU D 413 -12.95 -13.58 -27.42
CA GLU D 413 -12.27 -13.59 -28.72
C GLU D 413 -12.99 -14.67 -29.54
N TRP D 414 -13.93 -14.29 -30.43
CA TRP D 414 -14.65 -15.31 -31.18
C TRP D 414 -14.03 -15.65 -32.50
N GLU D 415 -14.57 -16.70 -33.12
CA GLU D 415 -14.14 -17.23 -34.42
C GLU D 415 -15.33 -17.97 -34.99
N PHE D 416 -15.56 -17.87 -36.29
CA PHE D 416 -16.71 -18.53 -36.92
C PHE D 416 -16.40 -19.87 -37.57
N VAL D 417 -17.42 -20.72 -37.64
CA VAL D 417 -17.24 -22.04 -38.20
C VAL D 417 -18.53 -22.74 -38.59
N ASN D 418 -18.48 -23.48 -39.70
CA ASN D 418 -19.64 -24.25 -40.08
C ASN D 418 -19.25 -25.71 -40.26
N THR D 419 -19.98 -26.59 -39.58
CA THR D 419 -19.72 -28.02 -39.61
C THR D 419 -20.93 -28.72 -39.01
N PRO D 420 -21.88 -29.07 -39.87
CA PRO D 420 -23.13 -29.74 -39.48
C PRO D 420 -22.91 -31.01 -38.64
N PRO D 421 -24.05 -31.59 -38.19
CA PRO D 421 -24.09 -32.81 -37.36
C PRO D 421 -23.83 -34.09 -38.20
N LEU D 422 -22.74 -34.05 -38.96
CA LEU D 422 -22.36 -35.17 -39.80
C LEU D 422 -22.37 -36.38 -38.90
N VAL D 423 -21.87 -36.19 -37.68
CA VAL D 423 -21.80 -37.26 -36.68
C VAL D 423 -23.19 -37.55 -36.12
N LYS D 424 -24.18 -37.06 -36.86
CA LYS D 424 -25.59 -37.22 -36.53
C LYS D 424 -25.95 -37.00 -35.04
N LEU D 425 -26.00 -35.73 -34.62
CA LEU D 425 -26.37 -35.38 -33.24
C LEU D 425 -25.53 -36.15 -32.21
N TRP D 426 -24.26 -35.82 -32.25
CA TRP D 426 -23.23 -36.39 -31.42
C TRP D 426 -23.22 -35.94 -29.94
N TYR D 427 -23.97 -34.89 -29.62
CA TYR D 427 -24.04 -34.35 -28.26
C TYR D 427 -25.43 -34.19 -27.62
N GLN D 428 -26.45 -34.84 -28.16
CA GLN D 428 -27.82 -34.75 -27.63
C GLN D 428 -28.49 -36.14 -27.53
N GLY D 429 -29.34 -36.44 -26.59
CA GLY D 429 -30.11 -37.66 -26.39
C GLY D 429 -29.38 -38.89 -26.85
N PRO E 3 -57.97 58.05 -35.91
CA PRO E 3 -57.03 57.01 -36.38
C PRO E 3 -55.68 57.13 -35.69
N ILE E 4 -55.01 56.01 -35.50
CA ILE E 4 -53.69 56.00 -34.85
C ILE E 4 -52.56 56.04 -35.88
N SER E 5 -51.36 56.18 -35.37
CA SER E 5 -50.16 56.22 -36.20
C SER E 5 -49.63 54.79 -36.50
N PRO E 6 -48.96 54.61 -37.65
CA PRO E 6 -48.38 53.35 -38.11
C PRO E 6 -46.93 53.19 -37.68
N ILE E 7 -46.48 54.06 -36.77
CA ILE E 7 -45.10 54.05 -36.27
C ILE E 7 -44.92 53.02 -35.13
N GLU E 8 -43.84 52.24 -35.20
CA GLU E 8 -43.55 51.24 -34.18
C GLU E 8 -43.60 51.83 -32.76
N THR E 9 -44.24 51.11 -31.84
CA THR E 9 -44.34 51.56 -30.47
C THR E 9 -43.00 51.38 -29.78
N VAL E 10 -42.70 52.26 -28.81
CA VAL E 10 -41.46 52.17 -28.05
C VAL E 10 -41.70 51.26 -26.84
N PRO E 11 -40.89 50.19 -26.69
CA PRO E 11 -41.02 49.22 -25.59
C PRO E 11 -40.75 49.81 -24.20
N VAL E 12 -41.75 49.70 -23.34
CA VAL E 12 -41.68 50.24 -21.99
C VAL E 12 -41.97 49.15 -20.98
N LYS E 13 -41.35 49.26 -19.81
CA LYS E 13 -41.55 48.30 -18.73
C LYS E 13 -41.60 48.98 -17.36
N LEU E 14 -42.10 48.25 -16.38
CA LEU E 14 -42.18 48.74 -15.01
C LEU E 14 -40.88 48.34 -14.32
N LYS E 15 -40.54 49.02 -13.23
CA LYS E 15 -39.34 48.66 -12.50
C LYS E 15 -39.56 47.28 -11.84
N PRO E 16 -38.50 46.44 -11.84
CA PRO E 16 -38.51 45.09 -11.27
C PRO E 16 -39.14 44.96 -9.88
N GLY E 17 -39.96 43.92 -9.72
CA GLY E 17 -40.61 43.70 -8.44
C GLY E 17 -41.86 44.53 -8.20
N MET E 18 -42.09 45.51 -9.08
CA MET E 18 -43.25 46.38 -8.95
C MET E 18 -44.37 46.04 -9.93
N ASP E 19 -45.60 46.22 -9.47
CA ASP E 19 -46.78 45.94 -10.27
C ASP E 19 -47.50 47.26 -10.61
N GLY E 20 -48.62 47.18 -11.34
CA GLY E 20 -49.37 48.37 -11.71
C GLY E 20 -49.98 49.20 -10.58
N PRO E 21 -50.58 50.35 -10.94
CA PRO E 21 -51.19 51.25 -9.95
C PRO E 21 -52.65 50.88 -9.70
N LYS E 22 -53.05 50.98 -8.43
CA LYS E 22 -54.42 50.65 -8.03
C LYS E 22 -54.95 51.77 -7.14
N VAL E 23 -54.93 52.99 -7.66
CA VAL E 23 -55.41 54.16 -6.92
C VAL E 23 -56.80 54.54 -7.43
N LYS E 24 -57.74 54.69 -6.50
CA LYS E 24 -59.12 55.03 -6.86
C LYS E 24 -59.33 56.42 -7.49
N GLN E 25 -60.46 56.55 -8.18
CA GLN E 25 -60.86 57.80 -8.83
C GLN E 25 -61.44 58.74 -7.76
N TRP E 26 -60.97 60.00 -7.74
CA TRP E 26 -61.43 60.97 -6.76
C TRP E 26 -62.61 61.80 -7.25
N PRO E 27 -63.30 62.51 -6.33
CA PRO E 27 -64.46 63.37 -6.61
C PRO E 27 -64.26 64.40 -7.72
N LEU E 28 -65.10 64.31 -8.74
CA LEU E 28 -65.03 65.22 -9.90
C LEU E 28 -66.28 66.09 -10.08
N THR E 29 -66.07 67.29 -10.61
CA THR E 29 -67.17 68.23 -10.87
C THR E 29 -68.15 67.55 -11.81
N GLU E 30 -69.42 67.51 -11.43
CA GLU E 30 -70.43 66.89 -12.30
C GLU E 30 -70.35 67.54 -13.69
N GLU E 31 -70.19 68.86 -13.68
CA GLU E 31 -70.07 69.66 -14.91
C GLU E 31 -68.84 69.23 -15.71
N LYS E 32 -67.69 69.21 -15.03
CA LYS E 32 -66.43 68.82 -15.65
C LYS E 32 -66.53 67.40 -16.23
N ILE E 33 -67.04 66.45 -15.43
CA ILE E 33 -67.19 65.07 -15.87
C ILE E 33 -67.68 65.03 -17.31
N LYS E 34 -68.68 65.86 -17.59
CA LYS E 34 -69.26 65.95 -18.93
C LYS E 34 -68.14 65.95 -19.97
N ALA E 35 -67.23 66.91 -19.80
CA ALA E 35 -66.09 67.09 -20.67
C ALA E 35 -65.37 65.77 -20.98
N LEU E 36 -64.96 65.06 -19.93
CA LEU E 36 -64.27 63.78 -20.08
C LEU E 36 -65.11 62.73 -20.80
N VAL E 37 -66.37 62.59 -20.38
CA VAL E 37 -67.29 61.63 -21.00
C VAL E 37 -67.42 61.97 -22.48
N GLU E 38 -67.47 63.26 -22.78
CA GLU E 38 -67.55 63.72 -24.16
C GLU E 38 -66.29 63.23 -24.87
N ILE E 39 -65.15 63.66 -24.34
CA ILE E 39 -63.83 63.33 -24.87
C ILE E 39 -63.57 61.84 -25.04
N CYS E 40 -63.88 61.04 -24.01
CA CYS E 40 -63.66 59.60 -24.06
C CYS E 40 -64.49 58.88 -25.13
N THR E 41 -65.64 59.47 -25.49
CA THR E 41 -66.52 58.90 -26.51
C THR E 41 -65.89 59.12 -27.89
N GLU E 42 -65.13 60.21 -28.01
CA GLU E 42 -64.41 60.58 -29.22
C GLU E 42 -63.19 59.68 -29.40
N LEU E 43 -62.32 59.69 -28.38
CA LEU E 43 -61.09 58.90 -28.39
C LEU E 43 -61.41 57.40 -28.54
N GLU E 44 -62.65 57.03 -28.24
CA GLU E 44 -63.10 55.65 -28.36
C GLU E 44 -63.29 55.29 -29.83
N LYS E 45 -64.16 56.02 -30.51
CA LYS E 45 -64.42 55.79 -31.94
C LYS E 45 -63.14 55.98 -32.76
N GLU E 46 -62.27 56.88 -32.30
CA GLU E 46 -61.02 57.15 -32.99
C GLU E 46 -60.03 56.01 -32.76
N GLY E 47 -60.34 55.15 -31.79
CA GLY E 47 -59.50 54.01 -31.46
C GLY E 47 -58.27 54.39 -30.64
N LYS E 48 -58.31 55.57 -30.02
CA LYS E 48 -57.18 56.03 -29.21
C LYS E 48 -57.17 55.34 -27.85
N ILE E 49 -58.35 55.00 -27.36
CA ILE E 49 -58.46 54.29 -26.09
C ILE E 49 -59.42 53.14 -26.35
N SER E 50 -59.65 52.33 -25.32
CA SER E 50 -60.54 51.17 -25.43
C SER E 50 -61.24 50.89 -24.12
N LYS E 51 -62.50 50.44 -24.21
CA LYS E 51 -63.24 50.10 -23.00
C LYS E 51 -62.61 48.79 -22.52
N ILE E 52 -62.58 48.55 -21.21
CA ILE E 52 -61.98 47.32 -20.72
C ILE E 52 -62.86 46.51 -19.78
N GLY E 53 -62.56 45.22 -19.70
CA GLY E 53 -63.31 44.31 -18.86
C GLY E 53 -63.04 44.44 -17.37
N PRO E 54 -63.67 43.58 -16.56
CA PRO E 54 -63.58 43.52 -15.10
C PRO E 54 -62.21 43.07 -14.54
N GLU E 55 -61.59 42.11 -15.23
CA GLU E 55 -60.29 41.55 -14.82
C GLU E 55 -59.19 42.58 -14.55
N ASN E 56 -59.15 43.67 -15.31
CA ASN E 56 -58.11 44.71 -15.10
C ASN E 56 -58.24 45.41 -13.72
N PRO E 57 -57.33 45.07 -12.78
CA PRO E 57 -57.28 45.61 -11.42
C PRO E 57 -56.63 47.00 -11.25
N TYR E 58 -56.12 47.55 -12.34
CA TYR E 58 -55.47 48.85 -12.27
C TYR E 58 -56.41 50.02 -12.53
N ASN E 59 -56.03 51.18 -12.00
CA ASN E 59 -56.79 52.41 -12.19
C ASN E 59 -55.94 53.59 -11.76
N THR E 60 -56.32 54.77 -12.26
CA THR E 60 -55.60 56.00 -11.95
C THR E 60 -56.55 57.19 -12.09
N PRO E 61 -56.65 58.02 -11.04
CA PRO E 61 -57.55 59.18 -11.12
C PRO E 61 -57.22 60.11 -12.30
N VAL E 62 -58.26 60.58 -12.97
CA VAL E 62 -58.15 61.46 -14.12
C VAL E 62 -58.87 62.77 -13.87
N PHE E 63 -58.68 63.72 -14.78
CA PHE E 63 -59.33 65.01 -14.65
C PHE E 63 -59.12 65.87 -15.88
N ALA E 64 -59.85 66.96 -15.93
CA ALA E 64 -59.76 67.87 -17.08
C ALA E 64 -59.27 69.23 -16.63
N ILE E 65 -58.78 69.99 -17.61
CA ILE E 65 -58.28 71.33 -17.36
C ILE E 65 -58.51 72.11 -18.66
N LYS E 66 -58.65 73.41 -18.54
CA LYS E 66 -58.89 74.26 -19.71
C LYS E 66 -57.64 74.43 -20.60
N LYS E 67 -57.87 74.50 -21.92
CA LYS E 67 -56.79 74.65 -22.87
C LYS E 67 -56.42 76.12 -23.07
N LYS E 68 -55.68 76.41 -24.13
CA LYS E 68 -55.26 77.77 -24.43
C LYS E 68 -56.47 78.70 -24.54
N ASN E 69 -57.32 78.45 -25.54
CA ASN E 69 -58.50 79.26 -25.75
C ASN E 69 -59.55 79.22 -24.64
N SER E 70 -59.63 78.10 -23.95
CA SER E 70 -60.59 77.93 -22.86
C SER E 70 -62.01 77.51 -23.21
N THR E 71 -62.30 77.43 -24.50
CA THR E 71 -63.59 76.97 -24.97
C THR E 71 -63.56 75.46 -25.02
N ARG E 72 -62.42 74.90 -24.64
CA ARG E 72 -62.24 73.46 -24.64
C ARG E 72 -61.47 72.93 -23.44
N TRP E 73 -61.43 71.60 -23.35
CA TRP E 73 -60.73 70.87 -22.31
C TRP E 73 -59.67 69.90 -22.77
N ARG E 74 -58.86 69.48 -21.81
CA ARG E 74 -57.78 68.54 -22.01
C ARG E 74 -57.85 67.51 -20.89
N LYS E 75 -57.90 66.25 -21.28
CA LYS E 75 -57.96 65.19 -20.29
C LYS E 75 -56.57 64.99 -19.68
N LEU E 76 -56.52 64.86 -18.36
CA LEU E 76 -55.23 64.67 -17.68
C LEU E 76 -55.28 63.51 -16.68
N VAL E 77 -54.27 62.65 -16.77
CA VAL E 77 -54.17 61.50 -15.87
C VAL E 77 -53.08 61.71 -14.81
N ASP E 78 -53.43 61.42 -13.56
CA ASP E 78 -52.51 61.57 -12.44
C ASP E 78 -51.65 60.32 -12.28
N PHE E 79 -50.90 59.99 -13.33
CA PHE E 79 -50.04 58.80 -13.30
C PHE E 79 -48.93 58.88 -12.25
N ARG E 80 -48.98 59.90 -11.39
CA ARG E 80 -47.95 60.04 -10.36
C ARG E 80 -47.66 58.72 -9.68
N GLU E 81 -48.69 57.90 -9.51
CA GLU E 81 -48.51 56.61 -8.89
C GLU E 81 -47.85 55.64 -9.86
N LEU E 82 -48.13 55.81 -11.15
CA LEU E 82 -47.56 54.96 -12.18
C LEU E 82 -46.09 55.31 -12.47
N ASN E 83 -45.80 56.60 -12.63
CA ASN E 83 -44.45 57.09 -12.92
C ASN E 83 -43.36 56.61 -11.93
N LYS E 84 -43.76 56.36 -10.68
CA LYS E 84 -42.83 55.89 -9.64
C LYS E 84 -42.47 54.42 -9.86
N ARG E 85 -43.44 53.67 -10.36
CA ARG E 85 -43.30 52.23 -10.60
C ARG E 85 -42.88 51.91 -12.03
N THR E 86 -42.71 52.95 -12.83
CA THR E 86 -42.32 52.84 -14.24
C THR E 86 -40.81 52.98 -14.50
N GLN E 87 -40.29 52.06 -15.31
CA GLN E 87 -38.88 52.08 -15.68
C GLN E 87 -38.49 53.53 -15.95
N ASP E 88 -37.21 53.84 -15.78
CA ASP E 88 -36.70 55.20 -16.01
C ASP E 88 -36.48 55.39 -17.51
N PHE E 89 -36.49 56.65 -17.95
CA PHE E 89 -36.24 56.95 -19.36
C PHE E 89 -35.15 57.98 -19.39
N TRP E 90 -34.40 58.04 -20.47
CA TRP E 90 -33.38 59.06 -20.56
C TRP E 90 -34.07 60.13 -21.40
N GLU E 91 -34.23 61.34 -20.88
CA GLU E 91 -34.90 62.39 -21.65
C GLU E 91 -34.06 62.82 -22.84
N VAL E 92 -34.72 62.96 -23.98
CA VAL E 92 -34.05 63.36 -25.21
C VAL E 92 -34.20 64.86 -25.49
N GLN E 93 -34.95 65.54 -24.62
CA GLN E 93 -35.12 67.00 -24.76
C GLN E 93 -33.96 67.64 -24.00
N LEU E 94 -32.97 68.15 -24.72
CA LEU E 94 -31.80 68.74 -24.10
C LEU E 94 -31.81 70.22 -23.76
N GLY E 95 -32.59 71.01 -24.49
CA GLY E 95 -32.65 72.42 -24.19
C GLY E 95 -33.83 73.06 -24.90
N ILE E 96 -33.89 74.38 -24.91
CA ILE E 96 -34.97 75.07 -25.57
C ILE E 96 -34.48 76.00 -26.67
N PRO E 97 -35.10 75.90 -27.84
CA PRO E 97 -34.69 76.77 -28.96
C PRO E 97 -34.76 78.21 -28.50
N HIS E 98 -34.14 79.08 -29.28
CA HIS E 98 -34.15 80.49 -28.95
C HIS E 98 -34.08 81.28 -30.23
N PRO E 99 -34.98 82.26 -30.39
CA PRO E 99 -35.05 83.11 -31.59
C PRO E 99 -33.71 83.78 -31.96
N ALA E 100 -32.96 84.20 -30.95
CA ALA E 100 -31.66 84.84 -31.18
C ALA E 100 -30.68 83.88 -31.85
N GLY E 101 -31.02 82.60 -31.86
CA GLY E 101 -30.18 81.58 -32.46
C GLY E 101 -30.74 81.05 -33.76
N LEU E 102 -31.76 81.74 -34.28
CA LEU E 102 -32.39 81.34 -35.53
C LEU E 102 -31.93 82.23 -36.68
N LYS E 103 -31.64 81.62 -37.83
CA LYS E 103 -31.19 82.34 -39.01
C LYS E 103 -32.36 82.98 -39.73
N LYS E 104 -32.06 83.64 -40.85
CA LYS E 104 -33.10 84.30 -41.65
C LYS E 104 -33.43 83.49 -42.90
N LYS E 105 -34.73 83.32 -43.15
CA LYS E 105 -35.18 82.56 -44.32
C LYS E 105 -36.26 83.33 -45.08
N LYS E 106 -36.16 83.34 -46.40
CA LYS E 106 -37.12 84.03 -47.24
C LYS E 106 -38.58 83.63 -46.91
N SER E 107 -38.82 82.34 -46.67
CA SER E 107 -40.15 81.84 -46.34
C SER E 107 -40.18 81.04 -45.05
N VAL E 108 -41.28 81.17 -44.31
CA VAL E 108 -41.44 80.47 -43.04
C VAL E 108 -42.87 80.03 -42.76
N THR E 109 -43.00 78.96 -41.98
CA THR E 109 -44.29 78.43 -41.61
C THR E 109 -44.11 77.68 -40.29
N VAL E 110 -45.19 77.51 -39.54
CA VAL E 110 -45.14 76.78 -38.27
C VAL E 110 -46.40 75.95 -38.13
N LEU E 111 -46.25 74.66 -37.83
CA LEU E 111 -47.39 73.79 -37.69
C LEU E 111 -47.44 73.16 -36.32
N ASP E 112 -48.59 72.60 -35.98
CA ASP E 112 -48.77 71.94 -34.70
C ASP E 112 -49.64 70.70 -34.95
N VAL E 113 -49.40 69.63 -34.22
CA VAL E 113 -50.19 68.42 -34.43
C VAL E 113 -51.42 68.22 -33.56
N GLY E 114 -52.58 68.13 -34.19
CA GLY E 114 -53.81 67.92 -33.44
C GLY E 114 -53.73 66.65 -32.60
N ASP E 115 -53.96 66.78 -31.29
CA ASP E 115 -53.89 65.65 -30.36
C ASP E 115 -52.64 64.81 -30.56
N ALA E 116 -51.49 65.49 -30.56
CA ALA E 116 -50.19 64.86 -30.76
C ALA E 116 -49.79 63.55 -30.07
N TYR E 117 -49.91 63.51 -28.74
CA TYR E 117 -49.57 62.31 -27.99
C TYR E 117 -50.57 61.23 -28.42
N PHE E 118 -51.84 61.64 -28.58
CA PHE E 118 -52.90 60.72 -28.95
C PHE E 118 -52.76 60.09 -30.32
N SER E 119 -51.68 60.42 -31.02
CA SER E 119 -51.43 59.88 -32.35
C SER E 119 -50.23 58.93 -32.40
N VAL E 120 -49.65 58.62 -31.26
CA VAL E 120 -48.51 57.72 -31.21
C VAL E 120 -48.88 56.47 -30.42
N PRO E 121 -48.91 55.30 -31.09
CA PRO E 121 -49.27 54.06 -30.40
C PRO E 121 -48.49 53.81 -29.12
N LEU E 122 -49.16 53.28 -28.11
CA LEU E 122 -48.52 52.99 -26.84
C LEU E 122 -48.18 51.51 -26.73
N ASP E 123 -46.94 51.20 -26.33
CA ASP E 123 -46.52 49.81 -26.18
C ASP E 123 -47.71 48.99 -25.65
N GLU E 124 -48.01 47.90 -26.33
CA GLU E 124 -49.13 47.04 -25.97
C GLU E 124 -49.20 46.62 -24.50
N ASP E 125 -48.36 45.68 -24.11
CA ASP E 125 -48.36 45.16 -22.74
C ASP E 125 -48.39 46.21 -21.64
N PHE E 126 -47.87 47.41 -21.92
CA PHE E 126 -47.86 48.45 -20.90
C PHE E 126 -49.25 49.06 -20.73
N ARG E 127 -50.06 48.99 -21.79
CA ARG E 127 -51.39 49.57 -21.77
C ARG E 127 -52.23 49.24 -20.52
N LYS E 128 -52.04 48.04 -19.97
CA LYS E 128 -52.77 47.60 -18.78
C LYS E 128 -52.91 48.71 -17.73
N TYR E 129 -51.75 49.20 -17.31
CA TYR E 129 -51.59 50.23 -16.28
C TYR E 129 -52.18 51.60 -16.58
N THR E 130 -52.38 51.90 -17.86
CA THR E 130 -52.95 53.19 -18.23
C THR E 130 -54.46 53.20 -18.05
N ALA E 131 -54.98 52.21 -17.34
CA ALA E 131 -56.41 52.12 -17.10
C ALA E 131 -56.93 53.20 -16.16
N PHE E 132 -58.07 53.77 -16.51
CA PHE E 132 -58.72 54.81 -15.72
C PHE E 132 -60.22 54.58 -15.69
N THR E 133 -60.95 55.48 -15.03
CA THR E 133 -62.40 55.34 -14.96
C THR E 133 -63.13 56.69 -15.04
N ILE E 134 -64.09 56.77 -15.97
CA ILE E 134 -64.90 57.98 -16.17
C ILE E 134 -66.23 57.88 -15.44
N PRO E 135 -66.49 58.81 -14.49
CA PRO E 135 -67.76 58.79 -13.74
C PRO E 135 -69.00 59.11 -14.58
N SER E 136 -70.16 58.65 -14.12
CA SER E 136 -71.42 58.89 -14.82
C SER E 136 -71.80 60.34 -14.54
N ILE E 137 -72.53 60.93 -15.47
CA ILE E 137 -72.97 62.32 -15.34
C ILE E 137 -73.70 62.35 -14.00
N ASN E 138 -74.34 61.24 -13.65
CA ASN E 138 -75.11 61.15 -12.41
C ASN E 138 -74.30 60.66 -11.21
N ASN E 139 -73.36 59.75 -11.45
CA ASN E 139 -72.57 59.16 -10.36
C ASN E 139 -73.34 58.06 -9.64
N GLU E 140 -74.44 57.61 -10.25
CA GLU E 140 -75.26 56.57 -9.66
C GLU E 140 -74.51 55.24 -9.62
N THR E 141 -73.96 54.84 -10.76
CA THR E 141 -73.21 53.59 -10.86
C THR E 141 -71.88 53.81 -11.57
N PRO E 142 -70.91 52.90 -11.37
CA PRO E 142 -69.59 53.01 -11.99
C PRO E 142 -69.68 53.37 -13.49
N GLY E 143 -68.90 54.36 -13.90
CA GLY E 143 -68.90 54.79 -15.28
C GLY E 143 -68.20 53.77 -16.16
N ILE E 144 -67.52 54.24 -17.20
CA ILE E 144 -66.83 53.33 -18.09
C ILE E 144 -65.32 53.30 -17.83
N ARG E 145 -64.79 52.08 -17.74
CA ARG E 145 -63.37 51.89 -17.53
C ARG E 145 -62.71 51.83 -18.92
N TYR E 146 -61.78 52.74 -19.15
CA TYR E 146 -61.04 52.81 -20.40
C TYR E 146 -59.56 52.57 -20.11
N GLN E 147 -58.81 52.29 -21.17
CA GLN E 147 -57.37 52.01 -21.06
C GLN E 147 -56.66 52.57 -22.30
N TYR E 148 -55.78 53.56 -22.11
CA TYR E 148 -55.07 54.17 -23.23
C TYR E 148 -54.36 53.20 -24.17
N ASN E 149 -54.36 53.54 -25.45
CA ASN E 149 -53.73 52.73 -26.49
C ASN E 149 -52.68 53.59 -27.15
N VAL E 150 -52.63 54.84 -26.73
CA VAL E 150 -51.70 55.79 -27.31
C VAL E 150 -51.05 56.57 -26.15
N LEU E 151 -50.00 57.32 -26.46
CA LEU E 151 -49.30 58.10 -25.46
C LEU E 151 -50.22 59.02 -24.64
N PRO E 152 -50.38 58.73 -23.34
CA PRO E 152 -51.23 59.50 -22.41
C PRO E 152 -50.52 60.70 -21.73
N GLN E 153 -51.23 61.82 -21.53
CA GLN E 153 -50.64 63.02 -20.90
C GLN E 153 -50.47 62.94 -19.38
N GLY E 154 -49.23 62.96 -18.92
CA GLY E 154 -48.93 62.90 -17.50
C GLY E 154 -48.17 61.65 -17.12
N TRP E 155 -47.13 61.33 -17.89
CA TRP E 155 -46.43 60.05 -17.75
C TRP E 155 -45.00 60.16 -18.25
N LYS E 156 -44.05 59.82 -17.38
CA LYS E 156 -42.63 60.01 -17.69
C LYS E 156 -42.35 59.76 -19.17
N GLY E 157 -42.99 58.75 -19.73
CA GLY E 157 -42.59 58.19 -21.01
C GLY E 157 -43.12 58.99 -22.18
N SER E 158 -44.20 59.74 -21.94
CA SER E 158 -44.96 60.34 -23.03
C SER E 158 -44.12 61.36 -23.80
N PRO E 159 -43.60 62.35 -23.08
CA PRO E 159 -42.79 63.40 -23.71
C PRO E 159 -41.64 62.84 -24.53
N ALA E 160 -40.84 61.98 -23.91
CA ALA E 160 -39.62 61.48 -24.52
C ALA E 160 -39.94 60.52 -25.67
N ILE E 161 -40.88 59.61 -25.44
CA ILE E 161 -41.37 58.73 -26.48
C ILE E 161 -41.76 59.51 -27.73
N PHE E 162 -42.68 60.44 -27.57
CA PHE E 162 -43.14 61.27 -28.68
C PHE E 162 -41.96 61.93 -29.40
N GLN E 163 -41.29 62.83 -28.69
CA GLN E 163 -40.18 63.59 -29.27
C GLN E 163 -39.26 62.68 -30.08
N SER E 164 -38.96 61.51 -29.52
CA SER E 164 -38.09 60.54 -30.20
C SER E 164 -38.78 59.98 -31.44
N SER E 165 -40.07 59.67 -31.31
CA SER E 165 -40.83 59.12 -32.42
C SER E 165 -41.10 60.19 -33.47
N MET E 166 -41.26 61.43 -33.04
CA MET E 166 -41.51 62.55 -33.94
C MET E 166 -40.26 62.88 -34.75
N THR E 167 -39.10 62.48 -34.25
CA THR E 167 -37.85 62.70 -34.95
C THR E 167 -37.64 61.65 -36.03
N LYS E 168 -37.98 60.40 -35.71
CA LYS E 168 -37.94 59.32 -36.70
C LYS E 168 -38.84 59.62 -37.88
N ILE E 169 -40.00 60.22 -37.62
CA ILE E 169 -40.94 60.59 -38.67
C ILE E 169 -40.34 61.62 -39.63
N LEU E 170 -39.70 62.65 -39.08
CA LEU E 170 -39.12 63.70 -39.89
C LEU E 170 -37.78 63.34 -40.54
N GLU E 171 -37.22 62.17 -40.21
CA GLU E 171 -35.92 61.74 -40.76
C GLU E 171 -35.90 61.63 -42.30
N PRO E 172 -36.90 60.95 -42.88
CA PRO E 172 -36.92 60.81 -44.34
C PRO E 172 -36.98 62.22 -44.91
N PHE E 173 -38.09 62.90 -44.64
CA PHE E 173 -38.32 64.26 -45.13
C PHE E 173 -37.07 65.15 -45.05
N LYS E 174 -36.38 65.08 -43.92
CA LYS E 174 -35.18 65.89 -43.71
C LYS E 174 -34.10 65.53 -44.73
N LYS E 175 -33.89 64.24 -44.93
CA LYS E 175 -32.90 63.77 -45.87
C LYS E 175 -33.10 64.36 -47.27
N GLN E 176 -34.31 64.22 -47.80
CA GLN E 176 -34.64 64.71 -49.12
C GLN E 176 -34.46 66.22 -49.31
N ASN E 177 -34.86 67.00 -48.30
CA ASN E 177 -34.75 68.45 -48.39
C ASN E 177 -33.72 69.02 -47.41
N PRO E 178 -32.45 68.63 -47.56
CA PRO E 178 -31.37 69.09 -46.68
C PRO E 178 -31.43 70.61 -46.45
N ASP E 179 -31.85 71.34 -47.49
CA ASP E 179 -31.91 72.80 -47.43
C ASP E 179 -33.06 73.40 -46.62
N ILE E 180 -33.98 72.58 -46.13
CA ILE E 180 -35.09 73.11 -45.33
C ILE E 180 -34.66 73.10 -43.87
N VAL E 181 -35.10 74.11 -43.11
CA VAL E 181 -34.76 74.18 -41.71
C VAL E 181 -36.00 73.87 -40.88
N ILE E 182 -35.89 72.86 -40.03
CA ILE E 182 -37.01 72.47 -39.17
C ILE E 182 -36.68 72.36 -37.69
N TYR E 183 -37.20 73.30 -36.91
CA TYR E 183 -37.02 73.28 -35.47
C TYR E 183 -38.18 72.51 -34.88
N GLN E 184 -37.90 71.42 -34.16
CA GLN E 184 -38.98 70.66 -33.55
C GLN E 184 -38.92 70.59 -32.02
N TYR E 185 -39.93 71.19 -31.43
CA TYR E 185 -40.06 71.21 -29.99
C TYR E 185 -41.37 70.47 -29.83
N MET E 186 -41.29 69.24 -29.33
CA MET E 186 -42.47 68.44 -29.16
C MET E 186 -43.12 68.22 -30.53
N ASP E 187 -44.36 68.70 -30.68
CA ASP E 187 -45.12 68.56 -31.92
C ASP E 187 -45.11 69.88 -32.68
N ASP E 188 -44.45 70.86 -32.10
CA ASP E 188 -44.37 72.19 -32.70
C ASP E 188 -43.30 72.27 -33.78
N LEU E 189 -43.72 72.51 -35.02
CA LEU E 189 -42.80 72.61 -36.15
C LEU E 189 -42.66 74.02 -36.71
N TYR E 190 -41.40 74.41 -36.90
CA TYR E 190 -41.04 75.71 -37.50
C TYR E 190 -40.25 75.34 -38.74
N VAL E 191 -40.82 75.58 -39.92
CA VAL E 191 -40.13 75.26 -41.16
C VAL E 191 -39.81 76.54 -41.93
N GLY E 192 -38.52 76.82 -42.08
CA GLY E 192 -38.07 78.01 -42.78
C GLY E 192 -37.10 77.70 -43.89
N SER E 193 -37.32 78.34 -45.03
CA SER E 193 -36.48 78.12 -46.20
C SER E 193 -36.23 79.39 -47.00
N ASP E 194 -35.42 79.27 -48.05
CA ASP E 194 -35.09 80.40 -48.91
C ASP E 194 -35.69 80.25 -50.30
N LEU E 195 -36.78 79.50 -50.38
CA LEU E 195 -37.50 79.30 -51.64
C LEU E 195 -38.44 80.50 -51.76
N GLU E 196 -39.29 80.48 -52.79
CA GLU E 196 -40.25 81.57 -52.97
C GLU E 196 -41.54 81.16 -52.29
N ILE E 197 -42.27 82.15 -51.78
CA ILE E 197 -43.51 81.88 -51.07
C ILE E 197 -44.30 80.68 -51.62
N GLY E 198 -44.53 80.65 -52.93
CA GLY E 198 -45.26 79.55 -53.51
C GLY E 198 -44.55 78.21 -53.38
N GLN E 199 -43.29 78.17 -53.80
CA GLN E 199 -42.49 76.94 -53.71
C GLN E 199 -42.51 76.44 -52.28
N HIS E 200 -42.40 77.38 -51.34
CA HIS E 200 -42.42 77.07 -49.90
C HIS E 200 -43.70 76.24 -49.66
N ARG E 201 -44.85 76.88 -49.79
CA ARG E 201 -46.15 76.24 -49.58
C ARG E 201 -46.16 74.80 -50.07
N THR E 202 -45.48 74.56 -51.20
CA THR E 202 -45.39 73.22 -51.78
C THR E 202 -44.80 72.25 -50.79
N LYS E 203 -43.54 72.48 -50.45
CA LYS E 203 -42.85 71.63 -49.51
C LYS E 203 -43.72 71.48 -48.25
N ILE E 204 -44.24 72.60 -47.74
CA ILE E 204 -45.09 72.59 -46.55
C ILE E 204 -46.24 71.61 -46.75
N GLU E 205 -46.68 71.48 -48.00
CA GLU E 205 -47.76 70.56 -48.31
C GLU E 205 -47.25 69.12 -48.31
N GLU E 206 -46.02 68.93 -48.77
CA GLU E 206 -45.42 67.60 -48.77
C GLU E 206 -45.33 67.16 -47.32
N LEU E 207 -44.70 68.02 -46.51
CA LEU E 207 -44.49 67.79 -45.09
C LEU E 207 -45.82 67.48 -44.41
N ARG E 208 -46.74 68.44 -44.48
CA ARG E 208 -48.05 68.29 -43.86
C ARG E 208 -48.70 66.98 -44.25
N GLN E 209 -48.45 66.56 -45.48
CA GLN E 209 -49.01 65.32 -46.00
C GLN E 209 -48.14 64.18 -45.47
N HIS E 210 -46.82 64.36 -45.56
CA HIS E 210 -45.83 63.40 -45.08
C HIS E 210 -46.27 62.92 -43.70
N LEU E 211 -46.58 63.88 -42.84
CA LEU E 211 -47.01 63.56 -41.49
C LEU E 211 -48.30 62.79 -41.53
N LEU E 212 -49.24 63.29 -42.32
CA LEU E 212 -50.55 62.67 -42.47
C LEU E 212 -50.46 61.17 -42.76
N ARG E 213 -49.43 60.76 -43.49
CA ARG E 213 -49.25 59.34 -43.82
C ARG E 213 -48.86 58.60 -42.55
N TRP E 214 -48.31 59.36 -41.61
CA TRP E 214 -47.87 58.79 -40.34
C TRP E 214 -48.87 58.95 -39.17
N GLY E 215 -50.04 59.53 -39.44
CA GLY E 215 -51.03 59.69 -38.37
C GLY E 215 -50.98 61.07 -37.76
N LEU E 216 -49.96 61.83 -38.11
CA LEU E 216 -49.79 63.19 -37.59
C LEU E 216 -50.73 64.16 -38.34
N TYR E 217 -51.96 64.25 -37.83
CA TYR E 217 -52.98 65.12 -38.41
C TYR E 217 -52.43 66.55 -38.32
N THR E 218 -52.91 67.45 -39.16
CA THR E 218 -52.42 68.83 -39.14
C THR E 218 -53.51 69.89 -39.29
N PRO E 219 -54.21 70.20 -38.20
CA PRO E 219 -55.29 71.19 -38.23
C PRO E 219 -54.81 72.52 -38.81
N ASP E 220 -55.74 73.28 -39.39
CA ASP E 220 -55.38 74.48 -40.14
C ASP E 220 -55.20 75.66 -39.21
N GLN E 221 -54.90 75.39 -37.95
CA GLN E 221 -54.42 76.41 -37.02
C GLN E 221 -52.91 76.44 -36.97
N LYS E 222 -52.29 76.73 -38.10
CA LYS E 222 -50.83 76.81 -38.21
C LYS E 222 -50.44 78.01 -39.05
N HIS E 223 -49.69 78.92 -38.45
CA HIS E 223 -49.30 80.15 -39.12
C HIS E 223 -48.83 79.89 -40.55
N GLN E 224 -49.44 80.58 -41.52
CA GLN E 224 -49.05 80.42 -42.91
C GLN E 224 -48.25 81.59 -43.48
N LYS E 225 -48.95 82.65 -43.88
CA LYS E 225 -48.31 83.83 -44.44
C LYS E 225 -48.55 85.05 -43.58
N GLU E 226 -48.06 85.01 -42.34
CA GLU E 226 -48.21 86.11 -41.41
C GLU E 226 -46.88 86.50 -40.77
N PRO E 227 -46.48 87.75 -40.94
CA PRO E 227 -45.22 88.25 -40.38
C PRO E 227 -45.07 87.87 -38.90
N PRO E 228 -46.07 88.24 -38.10
CA PRO E 228 -46.04 87.94 -36.66
C PRO E 228 -46.23 86.44 -36.40
N PHE E 229 -45.12 85.72 -36.26
CA PHE E 229 -45.18 84.28 -36.00
C PHE E 229 -44.87 83.96 -34.55
N LEU E 230 -45.92 83.78 -33.75
CA LEU E 230 -45.75 83.47 -32.33
C LEU E 230 -45.22 82.05 -32.15
N TRP E 231 -43.91 81.94 -31.98
CA TRP E 231 -43.27 80.64 -31.80
C TRP E 231 -42.49 80.58 -30.49
N MET E 232 -42.69 79.49 -29.74
CA MET E 232 -42.01 79.29 -28.47
C MET E 232 -42.14 80.45 -27.48
N GLY E 233 -43.25 81.19 -27.56
CA GLY E 233 -43.45 82.30 -26.65
C GLY E 233 -42.87 83.61 -27.15
N TYR E 234 -42.63 83.70 -28.46
CA TYR E 234 -42.07 84.91 -29.04
C TYR E 234 -42.90 85.32 -30.27
N GLU E 235 -42.59 86.50 -30.78
CA GLU E 235 -43.23 87.00 -31.98
C GLU E 235 -42.08 87.14 -32.98
N LEU E 236 -42.10 86.26 -33.99
CA LEU E 236 -41.05 86.23 -35.00
C LEU E 236 -41.39 87.05 -36.24
N HIS E 237 -40.67 88.15 -36.42
CA HIS E 237 -40.86 89.05 -37.56
C HIS E 237 -39.76 88.84 -38.60
N PRO E 238 -40.03 89.22 -39.85
CA PRO E 238 -39.07 89.06 -40.95
C PRO E 238 -37.62 89.39 -40.60
N ASP E 239 -37.44 90.52 -39.93
CA ASP E 239 -36.12 91.02 -39.56
C ASP E 239 -35.84 91.02 -38.05
N LYS E 240 -36.90 91.11 -37.25
CA LYS E 240 -36.76 91.16 -35.79
C LYS E 240 -37.71 90.27 -35.01
N TRP E 241 -37.51 90.19 -33.70
CA TRP E 241 -38.36 89.38 -32.84
C TRP E 241 -38.40 89.97 -31.44
N THR E 242 -39.33 89.47 -30.62
CA THR E 242 -39.42 89.87 -29.22
C THR E 242 -40.30 88.92 -28.43
N VAL E 243 -40.29 89.09 -27.11
CA VAL E 243 -41.17 88.30 -26.24
C VAL E 243 -42.64 88.61 -26.50
N GLN E 244 -43.51 87.65 -26.22
CA GLN E 244 -44.95 87.86 -26.30
C GLN E 244 -45.45 88.70 -25.15
N PRO E 245 -46.56 89.40 -25.36
CA PRO E 245 -47.05 90.39 -24.40
C PRO E 245 -46.66 90.03 -22.97
N ILE E 246 -45.85 90.87 -22.34
CA ILE E 246 -45.40 90.63 -20.97
C ILE E 246 -46.08 91.57 -20.00
N VAL E 247 -46.89 91.01 -19.11
CA VAL E 247 -47.77 91.82 -18.27
C VAL E 247 -47.39 91.69 -16.80
N LEU E 248 -46.67 92.69 -16.29
CA LEU E 248 -46.35 92.75 -14.87
C LEU E 248 -47.60 93.04 -14.03
N PRO E 249 -47.73 92.34 -12.92
CA PRO E 249 -48.89 92.51 -12.04
C PRO E 249 -48.85 93.85 -11.30
N GLU E 250 -50.02 94.43 -11.05
CA GLU E 250 -50.11 95.72 -10.39
C GLU E 250 -51.01 95.66 -9.16
N LYS E 251 -50.40 95.83 -7.99
CA LYS E 251 -51.13 95.71 -6.73
C LYS E 251 -50.45 96.52 -5.62
N ASP E 252 -51.23 96.91 -4.63
CA ASP E 252 -50.72 97.71 -3.52
C ASP E 252 -49.75 96.90 -2.67
N SER E 253 -50.28 95.94 -1.93
CA SER E 253 -49.47 95.05 -1.10
C SER E 253 -49.18 93.74 -1.83
N TRP E 254 -48.08 93.09 -1.45
CA TRP E 254 -47.65 91.87 -2.12
C TRP E 254 -47.45 90.73 -1.12
N THR E 255 -47.75 89.51 -1.55
CA THR E 255 -47.49 88.33 -0.73
C THR E 255 -46.22 87.72 -1.30
N VAL E 256 -45.59 86.85 -0.51
CA VAL E 256 -44.37 86.17 -0.96
C VAL E 256 -44.55 85.67 -2.40
N ASN E 257 -45.52 84.78 -2.61
CA ASN E 257 -45.80 84.23 -3.93
C ASN E 257 -45.88 85.31 -5.01
N ASP E 258 -46.50 86.44 -4.68
CA ASP E 258 -46.63 87.54 -5.64
C ASP E 258 -45.26 88.01 -6.11
N ILE E 259 -44.30 88.03 -5.20
CA ILE E 259 -42.95 88.45 -5.51
C ILE E 259 -42.31 87.47 -6.49
N CYS E 260 -42.59 86.19 -6.28
CA CYS E 260 -42.07 85.14 -7.14
C CYS E 260 -42.55 85.43 -8.54
N LYS E 261 -43.86 85.29 -8.74
CA LYS E 261 -44.48 85.54 -10.03
C LYS E 261 -43.83 86.74 -10.72
N LEU E 262 -43.54 87.77 -9.91
CA LEU E 262 -42.90 89.00 -10.41
C LEU E 262 -41.52 88.74 -10.99
N VAL E 263 -40.58 88.39 -10.12
CA VAL E 263 -39.20 88.11 -10.55
C VAL E 263 -39.11 87.07 -11.66
N GLY E 264 -39.99 86.08 -11.64
CA GLY E 264 -39.99 85.06 -12.67
C GLY E 264 -40.37 85.71 -13.98
N LYS E 265 -41.27 86.69 -13.90
CA LYS E 265 -41.71 87.42 -15.07
C LYS E 265 -40.54 88.28 -15.55
N LEU E 266 -40.03 89.12 -14.65
CA LEU E 266 -38.91 90.00 -14.98
C LEU E 266 -37.70 89.25 -15.52
N ASN E 267 -37.40 88.08 -14.94
CA ASN E 267 -36.25 87.32 -15.40
C ASN E 267 -36.42 86.79 -16.82
N TRP E 268 -37.66 86.44 -17.15
CA TRP E 268 -37.99 85.94 -18.48
C TRP E 268 -37.89 87.08 -19.51
N ALA E 269 -37.90 88.32 -19.00
CA ALA E 269 -37.81 89.50 -19.84
C ALA E 269 -36.34 89.86 -20.07
N SER E 270 -35.47 89.36 -19.20
CA SER E 270 -34.04 89.62 -19.29
C SER E 270 -33.47 89.08 -20.59
N GLN E 271 -34.27 88.29 -21.28
CA GLN E 271 -33.90 87.70 -22.56
C GLN E 271 -33.47 88.76 -23.57
N ILE E 272 -34.26 89.81 -23.66
CA ILE E 272 -34.01 90.87 -24.61
C ILE E 272 -34.05 92.27 -24.00
N TYR E 273 -34.82 92.43 -22.92
CA TYR E 273 -34.93 93.73 -22.24
C TYR E 273 -33.67 93.97 -21.40
N PRO E 274 -32.72 94.76 -21.94
CA PRO E 274 -31.48 95.04 -21.20
C PRO E 274 -31.67 95.72 -19.84
N GLY E 275 -30.68 95.52 -18.97
CA GLY E 275 -30.67 96.13 -17.65
C GLY E 275 -31.70 95.72 -16.61
N ILE E 276 -32.55 94.74 -16.89
CA ILE E 276 -33.54 94.34 -15.89
C ILE E 276 -32.81 93.73 -14.69
N LYS E 277 -33.18 94.19 -13.49
CA LYS E 277 -32.59 93.73 -12.25
C LYS E 277 -33.68 93.28 -11.28
N VAL E 278 -33.42 92.17 -10.58
CA VAL E 278 -34.37 91.64 -9.59
C VAL E 278 -33.68 91.39 -8.25
N ARG E 279 -32.43 91.84 -8.15
CA ARG E 279 -31.62 91.69 -6.94
C ARG E 279 -32.39 91.97 -5.63
N GLN E 280 -32.65 93.24 -5.35
CA GLN E 280 -33.37 93.65 -4.14
C GLN E 280 -34.70 92.94 -4.00
N LEU E 281 -35.50 92.98 -5.06
CA LEU E 281 -36.81 92.30 -5.04
C LEU E 281 -36.68 90.87 -4.52
N SER E 282 -35.57 90.22 -4.86
CA SER E 282 -35.32 88.84 -4.44
C SER E 282 -35.03 88.66 -2.94
N LYS E 283 -34.42 89.68 -2.33
CA LYS E 283 -34.10 89.65 -0.89
C LYS E 283 -35.35 89.57 -0.03
N LEU E 284 -36.46 90.09 -0.55
CA LEU E 284 -37.72 90.08 0.18
C LEU E 284 -38.10 88.66 0.59
N LEU E 285 -37.72 87.69 -0.23
CA LEU E 285 -38.03 86.29 0.05
C LEU E 285 -36.86 85.59 0.73
N ARG E 286 -36.09 86.35 1.50
CA ARG E 286 -34.93 85.81 2.20
C ARG E 286 -35.33 85.26 3.57
N GLY E 287 -35.03 83.98 3.80
CA GLY E 287 -35.35 83.34 5.06
C GLY E 287 -36.71 82.67 5.04
N THR E 288 -36.92 81.73 5.96
CA THR E 288 -38.18 81.02 6.05
C THR E 288 -39.36 81.93 5.73
N LYS E 289 -40.30 81.42 4.93
CA LYS E 289 -41.48 82.19 4.55
C LYS E 289 -42.50 81.32 3.82
N ALA E 290 -43.72 81.83 3.68
CA ALA E 290 -44.78 81.09 3.02
C ALA E 290 -45.37 81.91 1.87
N LEU E 291 -45.74 81.23 0.79
CA LEU E 291 -46.32 81.89 -0.38
C LEU E 291 -47.38 82.92 0.02
N THR E 292 -48.22 82.58 1.00
CA THR E 292 -49.29 83.47 1.47
C THR E 292 -48.82 84.71 2.23
N GLU E 293 -47.94 84.51 3.21
CA GLU E 293 -47.42 85.60 4.01
C GLU E 293 -47.32 86.88 3.15
N VAL E 294 -47.69 88.01 3.74
CA VAL E 294 -47.66 89.28 3.02
C VAL E 294 -46.42 90.11 3.36
N ILE E 295 -45.39 89.97 2.54
CA ILE E 295 -44.15 90.70 2.76
C ILE E 295 -44.29 92.13 2.20
N PRO E 296 -43.68 93.13 2.87
CA PRO E 296 -43.71 94.54 2.48
C PRO E 296 -42.52 94.98 1.60
N LEU E 297 -42.83 95.65 0.50
CA LEU E 297 -41.82 96.14 -0.44
C LEU E 297 -40.96 97.27 0.13
N THR E 298 -39.72 96.92 0.48
CA THR E 298 -38.77 97.88 1.06
C THR E 298 -38.52 99.07 0.14
N GLU E 299 -37.59 99.94 0.56
CA GLU E 299 -37.22 101.11 -0.23
C GLU E 299 -36.79 100.64 -1.63
N GLU E 300 -35.61 100.04 -1.69
CA GLU E 300 -35.03 99.54 -2.93
C GLU E 300 -36.06 98.88 -3.82
N ALA E 301 -36.62 97.77 -3.36
CA ALA E 301 -37.62 97.01 -4.11
C ALA E 301 -38.64 97.92 -4.79
N GLU E 302 -39.25 98.82 -4.02
CA GLU E 302 -40.23 99.75 -4.57
C GLU E 302 -39.61 100.51 -5.73
N LEU E 303 -38.38 100.95 -5.52
CA LEU E 303 -37.64 101.68 -6.54
C LEU E 303 -37.26 100.79 -7.73
N GLU E 304 -36.64 99.65 -7.43
CA GLU E 304 -36.22 98.70 -8.45
C GLU E 304 -37.39 98.34 -9.37
N LEU E 305 -38.45 97.77 -8.78
CA LEU E 305 -39.65 97.38 -9.54
C LEU E 305 -40.06 98.53 -10.43
N ALA E 306 -39.81 99.75 -9.96
CA ALA E 306 -40.15 100.97 -10.70
C ALA E 306 -39.25 101.20 -11.92
N GLU E 307 -37.94 101.30 -11.70
CA GLU E 307 -36.96 101.53 -12.75
C GLU E 307 -37.06 100.37 -13.73
N ASN E 308 -37.29 99.17 -13.17
CA ASN E 308 -37.43 97.95 -13.96
C ASN E 308 -38.76 97.97 -14.73
N ARG E 309 -39.73 98.74 -14.22
CA ARG E 309 -41.05 98.85 -14.84
C ARG E 309 -41.01 99.86 -15.97
N GLU E 310 -40.10 100.83 -15.85
CA GLU E 310 -39.94 101.87 -16.85
C GLU E 310 -39.15 101.37 -18.06
N ILE E 311 -38.58 100.17 -17.95
CA ILE E 311 -37.81 99.60 -19.05
C ILE E 311 -38.76 98.86 -19.99
N LEU E 312 -39.78 98.20 -19.43
CA LEU E 312 -40.74 97.45 -20.22
C LEU E 312 -41.71 98.37 -20.94
N LYS E 313 -41.48 99.66 -20.81
CA LYS E 313 -42.33 100.65 -21.47
C LYS E 313 -42.09 100.54 -22.98
N GLU E 314 -40.92 100.98 -23.42
CA GLU E 314 -40.56 100.95 -24.84
C GLU E 314 -40.08 99.55 -25.23
N PRO E 315 -40.94 98.78 -25.92
CA PRO E 315 -40.63 97.41 -26.35
C PRO E 315 -39.37 97.30 -27.18
N VAL E 316 -38.72 96.15 -27.06
CA VAL E 316 -37.49 95.89 -27.79
C VAL E 316 -37.68 94.71 -28.71
N HIS E 317 -36.68 94.47 -29.55
CA HIS E 317 -36.71 93.38 -30.51
C HIS E 317 -35.31 92.76 -30.61
N GLY E 318 -35.26 91.51 -31.05
CA GLY E 318 -33.99 90.85 -31.20
C GLY E 318 -33.81 90.54 -32.66
N VAL E 319 -32.56 90.47 -33.12
CA VAL E 319 -32.29 90.16 -34.52
C VAL E 319 -31.79 88.73 -34.66
N TYR E 320 -32.19 88.08 -35.75
CA TYR E 320 -31.85 86.68 -35.98
C TYR E 320 -30.34 86.45 -36.01
N TYR E 321 -29.95 85.21 -36.28
CA TYR E 321 -28.55 84.83 -36.34
C TYR E 321 -28.05 84.78 -37.77
N ASP E 322 -26.78 85.11 -37.97
CA ASP E 322 -26.17 85.10 -39.30
C ASP E 322 -24.78 84.46 -39.26
N PRO E 323 -24.72 83.17 -39.57
CA PRO E 323 -23.51 82.38 -39.35
C PRO E 323 -22.35 82.86 -40.23
N SER E 324 -22.49 84.07 -40.78
CA SER E 324 -21.52 84.58 -41.74
C SER E 324 -20.55 85.56 -41.07
N LYS E 325 -20.82 85.88 -39.81
CA LYS E 325 -19.97 86.80 -39.06
C LYS E 325 -19.99 86.46 -37.57
N ASP E 326 -18.79 86.36 -36.99
CA ASP E 326 -18.66 85.95 -35.59
C ASP E 326 -19.54 86.80 -34.68
N LEU E 327 -19.83 86.28 -33.50
CA LEU E 327 -20.67 86.99 -32.52
C LEU E 327 -19.86 87.81 -31.54
N ILE E 328 -20.55 88.72 -30.87
CA ILE E 328 -19.92 89.59 -29.90
C ILE E 328 -20.79 89.66 -28.63
N ALA E 329 -20.14 89.49 -27.47
CA ALA E 329 -20.82 89.56 -26.19
C ALA E 329 -20.13 90.63 -25.36
N GLU E 330 -20.91 91.61 -24.91
CA GLU E 330 -20.37 92.70 -24.10
C GLU E 330 -21.00 92.65 -22.72
N ILE E 331 -20.20 92.90 -21.69
CA ILE E 331 -20.69 92.87 -20.32
C ILE E 331 -20.31 94.15 -19.61
N GLN E 332 -21.12 94.56 -18.63
CA GLN E 332 -20.85 95.78 -17.86
C GLN E 332 -21.20 95.51 -16.41
N LYS E 333 -20.60 96.25 -15.49
CA LYS E 333 -20.87 96.07 -14.07
C LYS E 333 -22.11 96.85 -13.65
N GLN E 334 -23.23 96.15 -13.48
CA GLN E 334 -24.52 96.76 -13.10
C GLN E 334 -24.49 97.46 -11.75
N GLY E 335 -24.24 96.68 -10.71
CA GLY E 335 -24.18 97.23 -9.39
C GLY E 335 -23.24 96.33 -8.65
N GLN E 336 -23.06 96.58 -7.35
CA GLN E 336 -22.18 95.73 -6.58
C GLN E 336 -22.71 94.30 -6.71
N GLY E 337 -21.90 93.45 -7.33
CA GLY E 337 -22.29 92.07 -7.53
C GLY E 337 -23.00 91.81 -8.85
N GLN E 338 -23.87 92.73 -9.27
CA GLN E 338 -24.64 92.56 -10.52
C GLN E 338 -23.93 92.88 -11.85
N TRP E 339 -24.25 92.09 -12.88
CA TRP E 339 -23.69 92.24 -14.22
C TRP E 339 -24.75 91.97 -15.29
N THR E 340 -24.70 92.75 -16.36
CA THR E 340 -25.61 92.59 -17.48
C THR E 340 -24.80 92.50 -18.75
N TYR E 341 -25.32 91.75 -19.73
CA TYR E 341 -24.64 91.59 -20.99
C TYR E 341 -25.62 91.54 -22.14
N GLN E 342 -25.08 91.60 -23.36
CA GLN E 342 -25.87 91.50 -24.57
C GLN E 342 -24.96 91.00 -25.68
N ILE E 343 -25.48 90.05 -26.44
CA ILE E 343 -24.76 89.47 -27.55
C ILE E 343 -25.35 90.01 -28.85
N TYR E 344 -24.48 90.47 -29.75
CA TYR E 344 -24.92 91.03 -31.04
C TYR E 344 -23.95 90.69 -32.19
N GLN E 345 -24.38 91.00 -33.40
CA GLN E 345 -23.56 90.79 -34.58
C GLN E 345 -23.36 92.19 -35.16
N GLU E 346 -24.41 92.99 -35.10
CA GLU E 346 -24.32 94.39 -35.55
C GLU E 346 -24.43 95.20 -34.27
N PRO E 347 -23.67 96.31 -34.19
CA PRO E 347 -23.65 97.20 -33.02
C PRO E 347 -24.98 97.37 -32.28
N PHE E 348 -25.90 98.16 -32.84
CA PHE E 348 -27.19 98.39 -32.22
C PHE E 348 -28.06 97.14 -32.12
N LYS E 349 -28.12 96.36 -33.19
CA LYS E 349 -28.95 95.16 -33.22
C LYS E 349 -28.54 94.05 -32.24
N ASN E 350 -29.05 94.15 -31.02
CA ASN E 350 -28.76 93.16 -29.99
C ASN E 350 -29.39 91.84 -30.42
N LEU E 351 -28.59 90.78 -30.35
CA LEU E 351 -29.06 89.45 -30.74
C LEU E 351 -29.85 88.86 -29.58
N LYS E 352 -29.40 89.16 -28.36
CA LYS E 352 -30.03 88.69 -27.13
C LYS E 352 -29.30 89.31 -25.92
N THR E 353 -30.02 89.50 -24.81
CA THR E 353 -29.39 90.07 -23.62
C THR E 353 -29.57 89.15 -22.44
N GLY E 354 -28.94 89.51 -21.33
CA GLY E 354 -29.02 88.72 -20.12
C GLY E 354 -28.28 89.40 -19.00
N LYS E 355 -28.21 88.73 -17.85
CA LYS E 355 -27.53 89.29 -16.68
C LYS E 355 -26.95 88.16 -15.85
N TYR E 356 -26.00 88.48 -14.99
CA TYR E 356 -25.41 87.48 -14.12
C TYR E 356 -25.18 88.12 -12.77
N ALA E 357 -25.96 87.70 -11.78
CA ALA E 357 -25.84 88.26 -10.44
C ALA E 357 -25.32 87.26 -9.42
N ARG E 358 -25.57 85.97 -9.66
CA ARG E 358 -25.13 84.94 -8.74
C ARG E 358 -23.79 85.31 -8.08
N MET E 359 -23.81 85.49 -6.76
CA MET E 359 -22.62 85.84 -6.01
C MET E 359 -22.19 84.53 -5.37
N ARG E 360 -21.07 84.00 -5.87
CA ARG E 360 -20.53 82.73 -5.40
C ARG E 360 -19.30 82.88 -4.50
N GLY E 361 -19.44 82.41 -3.25
CA GLY E 361 -18.34 82.49 -2.31
C GLY E 361 -18.63 83.47 -1.18
N ALA E 362 -17.75 83.49 -0.17
CA ALA E 362 -17.88 84.40 0.96
C ALA E 362 -17.20 85.72 0.61
N HIS E 363 -15.91 85.64 0.28
CA HIS E 363 -15.13 86.80 -0.12
C HIS E 363 -14.57 86.58 -1.52
N THR E 364 -14.86 87.50 -2.43
CA THR E 364 -14.35 87.43 -3.80
C THR E 364 -14.10 88.85 -4.23
N ASN E 365 -13.98 89.07 -5.52
CA ASN E 365 -13.75 90.41 -6.03
C ASN E 365 -14.43 90.51 -7.37
N ASP E 366 -14.16 91.57 -8.10
CA ASP E 366 -14.81 91.73 -9.38
C ASP E 366 -14.21 90.90 -10.51
N VAL E 367 -12.88 90.80 -10.58
CA VAL E 367 -12.27 90.02 -11.64
C VAL E 367 -12.87 88.63 -11.69
N LYS E 368 -12.80 87.93 -10.56
CA LYS E 368 -13.31 86.57 -10.47
C LYS E 368 -14.79 86.48 -10.86
N GLN E 369 -15.60 87.44 -10.43
CA GLN E 369 -17.01 87.42 -10.79
C GLN E 369 -17.14 87.71 -12.27
N LEU E 370 -16.31 88.62 -12.76
CA LEU E 370 -16.32 88.98 -14.17
C LEU E 370 -16.02 87.71 -14.96
N THR E 371 -15.03 86.97 -14.50
CA THR E 371 -14.63 85.72 -15.14
C THR E 371 -15.80 84.75 -15.15
N GLU E 372 -16.55 84.71 -14.07
CA GLU E 372 -17.69 83.82 -13.98
C GLU E 372 -18.70 84.10 -15.09
N ALA E 373 -19.12 85.36 -15.24
CA ALA E 373 -20.07 85.74 -16.28
C ALA E 373 -19.57 85.28 -17.65
N VAL E 374 -18.30 85.58 -17.95
CA VAL E 374 -17.70 85.18 -19.21
C VAL E 374 -18.01 83.71 -19.46
N GLN E 375 -17.73 82.89 -18.45
CA GLN E 375 -17.96 81.46 -18.56
C GLN E 375 -19.42 81.10 -18.65
N LYS E 376 -20.26 81.86 -17.95
CA LYS E 376 -21.70 81.62 -17.97
C LYS E 376 -22.23 81.88 -19.37
N ILE E 377 -21.83 82.99 -19.96
CA ILE E 377 -22.26 83.36 -21.30
C ILE E 377 -21.67 82.41 -22.34
N THR E 378 -20.37 82.12 -22.21
CA THR E 378 -19.73 81.21 -23.15
C THR E 378 -20.61 79.97 -23.31
N THR E 379 -20.88 79.29 -22.19
CA THR E 379 -21.73 78.11 -22.24
C THR E 379 -23.05 78.41 -22.95
N GLU E 380 -23.84 79.32 -22.38
CA GLU E 380 -25.12 79.66 -22.97
C GLU E 380 -25.00 79.92 -24.46
N SER E 381 -23.86 80.43 -24.91
CA SER E 381 -23.66 80.72 -26.32
C SER E 381 -23.51 79.47 -27.15
N ILE E 382 -22.79 78.51 -26.62
CA ILE E 382 -22.60 77.26 -27.33
C ILE E 382 -23.91 76.51 -27.43
N VAL E 383 -24.76 76.69 -26.44
CA VAL E 383 -26.04 76.01 -26.46
C VAL E 383 -26.94 76.57 -27.55
N ILE E 384 -26.85 77.87 -27.81
CA ILE E 384 -27.70 78.49 -28.82
C ILE E 384 -27.09 78.52 -30.20
N TRP E 385 -25.82 78.89 -30.27
CA TRP E 385 -25.15 78.99 -31.55
C TRP E 385 -24.07 77.95 -31.82
N GLY E 386 -23.59 77.29 -30.78
CA GLY E 386 -22.58 76.27 -30.97
C GLY E 386 -21.15 76.77 -31.01
N LYS E 387 -20.97 78.06 -30.79
CA LYS E 387 -19.62 78.61 -30.78
C LYS E 387 -19.48 79.55 -29.59
N THR E 388 -18.25 80.02 -29.37
CA THR E 388 -18.00 80.95 -28.30
C THR E 388 -17.76 82.29 -28.94
N PRO E 389 -18.47 83.32 -28.47
CA PRO E 389 -18.31 84.66 -29.05
C PRO E 389 -17.08 85.38 -28.54
N LYS E 390 -16.81 86.51 -29.18
CA LYS E 390 -15.69 87.36 -28.81
C LYS E 390 -16.23 88.25 -27.70
N PHE E 391 -15.39 88.60 -26.74
CA PHE E 391 -15.83 89.41 -25.62
C PHE E 391 -15.29 90.82 -25.55
N LYS E 392 -16.20 91.74 -25.23
CA LYS E 392 -15.86 93.14 -25.03
C LYS E 392 -16.01 93.33 -23.51
N LEU E 393 -14.89 93.35 -22.79
CA LEU E 393 -14.92 93.48 -21.32
C LEU E 393 -14.37 94.78 -20.76
N PRO E 394 -15.11 95.39 -19.82
CA PRO E 394 -14.68 96.64 -19.21
C PRO E 394 -13.55 96.42 -18.21
N ILE E 395 -12.47 95.80 -18.65
CA ILE E 395 -11.33 95.55 -17.76
C ILE E 395 -9.99 95.71 -18.49
N GLN E 396 -9.08 96.46 -17.87
CA GLN E 396 -7.75 96.71 -18.45
C GLN E 396 -6.95 95.47 -18.81
N LYS E 397 -6.48 95.39 -20.04
CA LYS E 397 -5.69 94.25 -20.46
C LYS E 397 -4.54 94.05 -19.50
N GLU E 398 -4.09 95.13 -18.91
CA GLU E 398 -2.97 95.04 -17.98
C GLU E 398 -3.50 94.52 -16.64
N THR E 399 -4.66 94.99 -16.22
CA THR E 399 -5.25 94.55 -14.96
C THR E 399 -5.28 93.03 -14.93
N TRP E 400 -5.97 92.45 -15.91
CA TRP E 400 -6.12 91.00 -16.04
C TRP E 400 -4.82 90.20 -16.09
N GLU E 401 -3.85 90.67 -16.89
CA GLU E 401 -2.59 89.94 -16.99
C GLU E 401 -1.97 89.82 -15.60
N THR E 402 -1.92 90.93 -14.87
CA THR E 402 -1.37 90.93 -13.51
C THR E 402 -2.05 89.76 -12.79
N TRP E 403 -3.37 89.79 -12.82
CA TRP E 403 -4.20 88.78 -12.16
C TRP E 403 -3.85 87.32 -12.47
N TRP E 404 -4.14 86.88 -13.68
CA TRP E 404 -3.91 85.48 -14.04
C TRP E 404 -2.47 85.04 -13.87
N THR E 405 -1.56 86.00 -13.83
CA THR E 405 -0.16 85.66 -13.67
C THR E 405 0.23 85.70 -12.21
N GLU E 406 -0.71 86.03 -11.34
CA GLU E 406 -0.38 86.08 -9.92
C GLU E 406 -1.31 85.24 -9.08
N TYR E 407 -2.49 84.91 -9.61
CA TYR E 407 -3.42 84.08 -8.86
C TYR E 407 -2.89 82.66 -8.91
N TRP E 408 -3.03 81.92 -7.82
CA TRP E 408 -2.50 80.56 -7.80
C TRP E 408 -3.31 79.50 -8.53
N GLN E 409 -4.54 79.82 -8.89
CA GLN E 409 -5.39 78.86 -9.60
C GLN E 409 -5.26 79.09 -11.10
N ALA E 410 -5.54 78.07 -11.89
CA ALA E 410 -5.46 78.24 -13.34
C ALA E 410 -6.62 79.11 -13.70
N THR E 411 -6.50 79.88 -14.77
CA THR E 411 -7.61 80.73 -15.15
C THR E 411 -7.45 81.22 -16.57
N TRP E 412 -8.57 81.60 -17.21
CA TRP E 412 -8.49 82.08 -18.58
C TRP E 412 -9.82 82.63 -19.15
N ILE E 413 -9.65 83.57 -20.07
CA ILE E 413 -10.74 84.24 -20.78
C ILE E 413 -10.45 84.08 -22.28
N PRO E 414 -11.47 83.80 -23.10
CA PRO E 414 -11.25 83.64 -24.54
C PRO E 414 -10.75 84.92 -25.19
N GLU E 415 -10.85 84.98 -26.51
CA GLU E 415 -10.43 86.17 -27.22
C GLU E 415 -11.31 87.28 -26.69
N TRP E 416 -10.70 88.35 -26.18
CA TRP E 416 -11.48 89.48 -25.67
C TRP E 416 -10.72 90.79 -25.86
N GLU E 417 -11.47 91.89 -25.96
CA GLU E 417 -10.85 93.20 -26.14
C GLU E 417 -11.34 94.16 -25.08
N PHE E 418 -10.49 95.14 -24.75
CA PHE E 418 -10.85 96.13 -23.75
C PHE E 418 -11.78 97.23 -24.26
N VAL E 419 -12.74 97.60 -23.41
CA VAL E 419 -13.69 98.65 -23.74
C VAL E 419 -13.77 99.59 -22.52
N ASN E 420 -13.51 100.87 -22.73
CA ASN E 420 -13.52 101.84 -21.63
C ASN E 420 -14.90 102.39 -21.29
N THR E 421 -15.82 101.50 -20.94
CA THR E 421 -17.18 101.91 -20.59
C THR E 421 -17.44 101.75 -19.08
N PRO E 422 -17.11 102.79 -18.29
CA PRO E 422 -17.26 102.87 -16.82
C PRO E 422 -18.61 102.40 -16.26
N PRO E 423 -18.58 101.75 -15.08
CA PRO E 423 -17.41 101.44 -14.25
C PRO E 423 -16.42 100.48 -14.90
N LEU E 424 -15.24 100.37 -14.31
CA LEU E 424 -14.22 99.46 -14.83
C LEU E 424 -13.71 98.54 -13.73
N VAL E 425 -13.50 97.27 -14.07
CA VAL E 425 -13.01 96.31 -13.11
C VAL E 425 -11.51 96.47 -12.91
N LYS E 426 -11.08 96.39 -11.65
CA LYS E 426 -9.68 96.53 -11.31
C LYS E 426 -9.43 96.01 -9.90
N LEU E 427 -8.22 95.54 -9.65
CA LEU E 427 -7.89 95.05 -8.34
C LEU E 427 -7.67 96.29 -7.49
N TRP E 428 -8.28 96.34 -6.30
CA TRP E 428 -8.18 97.51 -5.43
C TRP E 428 -6.90 97.74 -4.65
N TYR E 429 -5.99 96.78 -4.68
CA TYR E 429 -4.71 96.89 -3.98
C TYR E 429 -3.95 95.62 -4.22
N GLN E 430 -2.65 95.66 -3.99
CA GLN E 430 -1.84 94.48 -4.19
C GLN E 430 -0.89 94.36 -3.03
N LEU E 431 -0.66 93.15 -2.58
CA LEU E 431 0.27 92.93 -1.48
C LEU E 431 1.68 92.95 -2.03
N GLU E 432 2.60 93.58 -1.30
CA GLU E 432 3.99 93.67 -1.75
C GLU E 432 4.60 92.29 -1.82
N LYS E 433 5.51 92.12 -2.78
CA LYS E 433 6.17 90.85 -2.99
C LYS E 433 7.27 90.64 -1.95
N GLU E 434 7.96 91.74 -1.61
CA GLU E 434 9.04 91.72 -0.62
C GLU E 434 8.76 92.72 0.53
N PRO E 435 9.28 92.43 1.74
CA PRO E 435 9.06 93.31 2.89
C PRO E 435 9.46 94.75 2.63
N ILE E 436 8.78 95.70 3.27
CA ILE E 436 9.11 97.11 3.07
C ILE E 436 10.11 97.57 4.10
N VAL E 437 11.23 98.14 3.65
CA VAL E 437 12.24 98.60 4.58
C VAL E 437 11.72 99.78 5.39
N GLY E 438 12.18 99.87 6.64
CA GLY E 438 11.77 100.97 7.51
C GLY E 438 10.27 101.16 7.65
N ALA E 439 9.58 100.11 8.05
CA ALA E 439 8.16 100.19 8.23
C ALA E 439 7.86 99.38 9.44
N GLU E 440 6.91 99.87 10.19
CA GLU E 440 6.59 99.12 11.34
C GLU E 440 6.22 97.74 10.88
N THR E 441 6.81 96.75 11.55
CA THR E 441 6.56 95.35 11.25
C THR E 441 5.61 94.85 12.34
N PHE E 442 4.32 94.76 12.03
CA PHE E 442 3.37 94.30 13.05
C PHE E 442 3.23 92.80 13.13
N TYR E 443 3.48 92.25 14.31
CA TYR E 443 3.31 90.83 14.53
C TYR E 443 1.94 90.74 15.17
N VAL E 444 1.00 90.05 14.55
CA VAL E 444 -0.36 90.05 15.08
C VAL E 444 -0.99 88.66 15.24
N ASP E 445 -1.78 88.49 16.31
CA ASP E 445 -2.55 87.28 16.49
C ASP E 445 -3.70 87.57 17.42
N GLY E 446 -4.42 86.52 17.78
CA GLY E 446 -5.54 86.63 18.68
C GLY E 446 -5.91 85.22 19.08
N ALA E 447 -6.81 85.07 20.04
CA ALA E 447 -7.22 83.75 20.47
C ALA E 447 -8.56 83.89 21.12
N ALA E 448 -9.20 82.78 21.46
CA ALA E 448 -10.52 82.86 22.07
C ALA E 448 -10.90 81.61 22.79
N ASN E 449 -11.87 81.71 23.69
CA ASN E 449 -12.32 80.54 24.43
C ASN E 449 -13.62 80.04 23.86
N ARG E 450 -13.55 78.84 23.28
CA ARG E 450 -14.71 78.20 22.66
C ARG E 450 -15.82 77.83 23.66
N GLU E 451 -15.77 78.38 24.87
CA GLU E 451 -16.77 78.09 25.87
C GLU E 451 -17.31 79.39 26.42
N THR E 452 -16.41 80.35 26.62
CA THR E 452 -16.79 81.66 27.13
C THR E 452 -17.04 82.59 25.94
N LYS E 453 -16.45 82.24 24.80
CA LYS E 453 -16.58 83.01 23.58
C LYS E 453 -15.87 84.35 23.64
N LEU E 454 -15.07 84.54 24.69
CA LEU E 454 -14.33 85.78 24.86
C LEU E 454 -13.01 85.66 24.11
N GLY E 455 -12.44 86.80 23.73
CA GLY E 455 -11.20 86.75 22.99
C GLY E 455 -10.41 88.02 23.05
N LYS E 456 -9.11 87.89 22.79
CA LYS E 456 -8.19 89.02 22.82
C LYS E 456 -7.35 89.09 21.56
N ALA E 457 -7.59 90.09 20.73
CA ALA E 457 -6.83 90.25 19.49
C ALA E 457 -5.84 91.39 19.63
N GLY E 458 -4.55 91.10 19.44
CA GLY E 458 -3.49 92.03 19.79
C GLY E 458 -2.37 92.04 18.78
N TYR E 459 -1.63 93.14 18.74
CA TYR E 459 -0.40 93.21 17.97
C TYR E 459 0.76 93.73 18.81
N VAL E 460 1.96 93.74 18.23
CA VAL E 460 3.16 94.20 18.90
C VAL E 460 4.25 94.38 17.85
N THR E 461 4.82 95.58 17.80
CA THR E 461 5.76 95.90 16.72
C THR E 461 7.21 95.86 17.18
N ASN E 462 8.12 96.10 16.24
CA ASN E 462 9.56 96.10 16.54
C ASN E 462 9.96 97.43 17.13
N LYS E 463 9.11 98.43 16.92
CA LYS E 463 9.37 99.76 17.46
C LYS E 463 8.80 99.84 18.87
N GLY E 464 8.51 98.68 19.45
CA GLY E 464 8.01 98.64 20.80
C GLY E 464 6.54 98.92 20.98
N ARG E 465 5.84 99.37 19.94
CA ARG E 465 4.41 99.66 20.09
C ARG E 465 3.72 98.39 20.60
N GLN E 466 2.45 98.48 20.96
CA GLN E 466 1.79 97.29 21.48
C GLN E 466 0.32 97.57 21.69
N LYS E 467 -0.50 96.53 21.73
CA LYS E 467 -1.95 96.69 21.92
C LYS E 467 -2.69 95.37 21.95
N VAL E 468 -3.71 95.28 22.80
CA VAL E 468 -4.54 94.08 22.87
C VAL E 468 -5.93 94.55 23.23
N VAL E 469 -6.94 94.02 22.52
CA VAL E 469 -8.34 94.39 22.75
C VAL E 469 -9.15 93.17 23.11
N PRO E 470 -10.18 93.33 23.94
CA PRO E 470 -11.00 92.18 24.30
C PRO E 470 -12.26 92.16 23.46
N LEU E 471 -12.72 90.96 23.12
CA LEU E 471 -13.93 90.82 22.33
C LEU E 471 -14.94 89.92 23.05
N THR E 472 -16.21 90.31 22.99
CA THR E 472 -17.32 89.61 23.64
C THR E 472 -17.50 88.13 23.33
N ASN E 473 -17.99 87.84 22.13
CA ASN E 473 -18.20 86.47 21.70
C ASN E 473 -17.65 86.37 20.30
N THR E 474 -16.49 85.77 20.17
CA THR E 474 -15.85 85.65 18.88
C THR E 474 -15.40 84.23 18.62
N THR E 475 -14.75 84.05 17.49
CA THR E 475 -14.24 82.76 17.08
C THR E 475 -12.74 82.86 16.97
N ASN E 476 -12.05 81.79 17.36
CA ASN E 476 -10.60 81.77 17.31
C ASN E 476 -10.12 82.28 15.95
N GLN E 477 -10.96 82.19 14.93
CA GLN E 477 -10.59 82.66 13.60
C GLN E 477 -10.71 84.17 13.50
N LYS E 478 -11.90 84.70 13.78
CA LYS E 478 -12.15 86.13 13.71
C LYS E 478 -11.11 86.98 14.44
N THR E 479 -10.69 86.53 15.61
CA THR E 479 -9.70 87.26 16.37
C THR E 479 -8.48 87.50 15.49
N GLU E 480 -7.96 86.42 14.93
CA GLU E 480 -6.82 86.49 14.03
C GLU E 480 -7.09 87.53 12.98
N LEU E 481 -8.35 87.64 12.56
CA LEU E 481 -8.74 88.66 11.63
C LEU E 481 -8.63 90.02 12.28
N GLN E 482 -9.35 90.20 13.39
CA GLN E 482 -9.35 91.45 14.13
C GLN E 482 -7.93 91.95 14.25
N ALA E 483 -7.05 91.11 14.77
CA ALA E 483 -5.66 91.49 14.91
C ALA E 483 -5.20 92.24 13.67
N ILE E 484 -5.22 91.57 12.52
CA ILE E 484 -4.80 92.22 11.29
C ILE E 484 -5.51 93.55 11.04
N TYR E 485 -6.74 93.67 11.52
CA TYR E 485 -7.46 94.92 11.34
C TYR E 485 -6.75 95.96 12.16
N LEU E 486 -6.64 95.69 13.46
CA LEU E 486 -5.97 96.60 14.39
C LEU E 486 -4.64 97.01 13.81
N ALA E 487 -3.82 96.01 13.48
CA ALA E 487 -2.51 96.27 12.92
C ALA E 487 -2.62 97.18 11.72
N LEU E 488 -3.70 97.09 10.96
CA LEU E 488 -3.85 97.95 9.79
C LEU E 488 -4.37 99.33 10.19
N GLN E 489 -5.24 99.39 11.19
CA GLN E 489 -5.76 100.67 11.63
C GLN E 489 -4.57 101.46 12.16
N ASP E 490 -4.05 101.01 13.28
CA ASP E 490 -2.92 101.66 13.90
C ASP E 490 -1.67 101.61 13.02
N SER E 491 -1.79 101.03 11.84
CA SER E 491 -0.63 100.94 10.96
C SER E 491 -0.30 102.28 10.36
N GLY E 492 0.77 102.31 9.57
CA GLY E 492 1.19 103.53 8.92
C GLY E 492 0.63 103.59 7.52
N LEU E 493 1.51 103.81 6.55
CA LEU E 493 1.11 103.91 5.17
C LEU E 493 1.85 102.80 4.43
N GLU E 494 2.86 102.26 5.11
CA GLU E 494 3.68 101.18 4.59
C GLU E 494 3.89 100.27 5.79
N VAL E 495 3.24 99.12 5.78
CA VAL E 495 3.36 98.21 6.91
C VAL E 495 3.66 96.77 6.57
N ASN E 496 4.22 96.07 7.54
CA ASN E 496 4.55 94.67 7.37
C ASN E 496 3.76 93.98 8.44
N ILE E 497 3.04 92.94 8.05
CA ILE E 497 2.21 92.21 8.97
C ILE E 497 2.46 90.72 8.92
N VAL E 498 2.97 90.14 10.00
CA VAL E 498 3.19 88.71 10.00
C VAL E 498 2.08 88.08 10.84
N THR E 499 1.67 86.88 10.46
CA THR E 499 0.62 86.19 11.17
C THR E 499 0.82 84.67 11.09
N ASP E 500 0.04 83.94 11.89
CA ASP E 500 0.11 82.48 11.92
C ASP E 500 -1.19 81.94 11.36
N SER E 501 -2.14 82.85 11.11
CA SER E 501 -3.43 82.47 10.58
C SER E 501 -3.49 82.32 9.08
N GLN E 502 -3.52 81.08 8.62
CA GLN E 502 -3.61 80.85 7.19
C GLN E 502 -4.99 81.37 6.83
N TYR E 503 -5.99 80.95 7.59
CA TYR E 503 -7.37 81.34 7.36
C TYR E 503 -7.44 82.79 6.95
N ALA E 504 -6.87 83.63 7.79
CA ALA E 504 -6.85 85.05 7.54
C ALA E 504 -6.04 85.27 6.29
N LEU E 505 -4.75 84.98 6.40
CA LEU E 505 -3.85 85.16 5.28
C LEU E 505 -4.48 84.75 3.97
N GLY E 506 -5.23 83.65 4.01
CA GLY E 506 -5.88 83.15 2.82
C GLY E 506 -6.88 84.11 2.21
N ILE E 507 -7.81 84.60 3.02
CA ILE E 507 -8.81 85.52 2.53
C ILE E 507 -8.18 86.72 1.86
N ILE E 508 -7.21 87.33 2.55
CA ILE E 508 -6.54 88.51 2.03
C ILE E 508 -5.72 88.32 0.77
N GLN E 509 -5.04 87.19 0.61
CA GLN E 509 -4.20 86.95 -0.56
C GLN E 509 -4.92 86.88 -1.89
N ALA E 510 -6.22 86.61 -1.86
CA ALA E 510 -7.02 86.52 -3.08
C ALA E 510 -7.55 87.90 -3.47
N GLN E 511 -7.05 88.94 -2.79
CA GLN E 511 -7.44 90.31 -3.05
C GLN E 511 -8.95 90.48 -3.19
N PRO E 512 -9.65 90.45 -2.07
CA PRO E 512 -11.11 90.61 -2.09
C PRO E 512 -11.49 92.06 -2.24
N ASP E 513 -12.67 92.31 -2.79
CA ASP E 513 -13.18 93.67 -2.93
C ASP E 513 -14.64 93.69 -2.52
N LYS E 514 -15.12 92.59 -1.97
CA LYS E 514 -16.51 92.49 -1.53
C LYS E 514 -16.62 91.30 -0.59
N SER E 515 -17.52 91.37 0.38
CA SER E 515 -17.61 90.27 1.33
C SER E 515 -18.88 90.33 2.15
N GLU E 516 -19.28 89.19 2.71
CA GLU E 516 -20.48 89.18 3.52
C GLU E 516 -20.03 89.39 4.96
N SER E 517 -18.72 89.47 5.19
CA SER E 517 -18.20 89.68 6.53
C SER E 517 -17.83 91.12 6.86
N GLU E 518 -18.63 91.71 7.73
CA GLU E 518 -18.42 93.08 8.16
C GLU E 518 -16.93 93.38 8.28
N LEU E 519 -16.29 92.65 9.19
CA LEU E 519 -14.88 92.79 9.47
C LEU E 519 -14.01 92.89 8.22
N VAL E 520 -14.16 91.92 7.34
CA VAL E 520 -13.35 91.89 6.12
C VAL E 520 -13.48 93.16 5.29
N ASN E 521 -14.68 93.71 5.18
CA ASN E 521 -14.90 94.91 4.39
C ASN E 521 -14.10 96.04 5.00
N GLN E 522 -13.99 96.01 6.32
CA GLN E 522 -13.20 97.00 7.05
C GLN E 522 -11.73 96.78 6.70
N ILE E 523 -11.28 95.53 6.77
CA ILE E 523 -9.91 95.21 6.44
C ILE E 523 -9.66 95.60 4.98
N ILE E 524 -10.63 95.31 4.13
CA ILE E 524 -10.54 95.63 2.71
C ILE E 524 -10.31 97.12 2.60
N GLU E 525 -11.33 97.88 3.01
CA GLU E 525 -11.29 99.34 2.99
C GLU E 525 -9.91 99.83 3.44
N GLN E 526 -9.49 99.38 4.63
CA GLN E 526 -8.22 99.78 5.19
C GLN E 526 -7.06 99.48 4.24
N LEU E 527 -7.13 98.36 3.55
CA LEU E 527 -6.06 98.00 2.63
C LEU E 527 -5.97 98.92 1.42
N ILE E 528 -7.11 99.32 0.87
CA ILE E 528 -7.08 100.24 -0.27
C ILE E 528 -6.30 101.48 0.14
N LYS E 529 -6.72 102.06 1.25
CA LYS E 529 -6.10 103.26 1.80
C LYS E 529 -4.60 103.13 1.96
N LYS E 530 -4.13 101.93 2.26
CA LYS E 530 -2.71 101.68 2.42
C LYS E 530 -1.93 102.02 1.16
N GLU E 531 -0.61 102.11 1.28
CA GLU E 531 0.24 102.42 0.14
C GLU E 531 1.14 101.24 -0.23
N LYS E 532 1.54 100.48 0.78
CA LYS E 532 2.40 99.31 0.57
C LYS E 532 2.30 98.34 1.74
N VAL E 533 1.47 97.32 1.58
CA VAL E 533 1.28 96.30 2.61
C VAL E 533 2.02 95.02 2.25
N TYR E 534 2.40 94.26 3.28
CA TYR E 534 3.11 93.00 3.07
C TYR E 534 2.85 92.00 4.20
N LEU E 535 2.00 91.00 3.96
CA LEU E 535 1.70 90.01 4.97
C LEU E 535 2.68 88.88 4.81
N ALA E 536 3.11 88.31 5.92
CA ALA E 536 4.03 87.17 5.89
C ALA E 536 3.40 86.14 6.80
N TRP E 537 3.85 84.91 6.73
CA TRP E 537 3.27 83.88 7.56
C TRP E 537 4.30 83.09 8.30
N VAL E 538 3.94 82.61 9.48
CA VAL E 538 4.85 81.81 10.28
C VAL E 538 4.06 80.84 11.15
N PRO E 539 4.59 79.62 11.31
CA PRO E 539 4.00 78.55 12.10
C PRO E 539 3.64 78.95 13.52
N ALA E 540 2.38 78.76 13.88
CA ALA E 540 1.93 79.01 15.24
C ALA E 540 2.74 78.19 16.24
N HIS E 541 2.73 78.62 17.50
CA HIS E 541 3.35 77.86 18.58
C HIS E 541 4.68 77.26 18.13
N LYS E 542 5.54 78.09 17.56
CA LYS E 542 6.88 77.67 17.17
C LYS E 542 7.94 78.62 17.72
N GLY E 543 7.50 79.64 18.44
CA GLY E 543 8.40 80.50 19.18
C GLY E 543 9.22 81.39 18.26
N ILE E 544 8.57 82.00 17.27
CA ILE E 544 9.27 82.67 16.19
C ILE E 544 9.21 84.19 16.36
N GLY E 545 10.36 84.80 16.59
CA GLY E 545 10.45 86.24 16.67
C GLY E 545 9.33 86.85 17.47
N GLY E 546 8.60 87.79 16.86
CA GLY E 546 7.55 88.50 17.55
C GLY E 546 6.30 87.65 17.74
N ASN E 547 6.09 86.71 16.83
CA ASN E 547 4.94 85.81 16.90
C ASN E 547 4.74 85.25 18.31
N GLU E 548 5.82 84.75 18.89
CA GLU E 548 5.78 84.20 20.24
C GLU E 548 5.13 85.18 21.22
N GLN E 549 5.56 86.43 21.16
CA GLN E 549 5.12 87.43 22.13
C GLN E 549 3.62 87.66 22.06
N VAL E 550 3.16 88.23 20.95
CA VAL E 550 1.74 88.49 20.75
C VAL E 550 0.89 87.39 21.35
N ASP E 551 1.16 86.15 20.96
CA ASP E 551 0.49 84.99 21.54
C ASP E 551 0.41 85.10 23.05
N LYS E 552 1.57 85.11 23.70
CA LYS E 552 1.64 85.27 25.15
C LYS E 552 0.67 86.34 25.63
N LEU E 553 0.54 87.41 24.86
CA LEU E 553 -0.33 88.51 25.22
C LEU E 553 -1.80 88.15 25.02
N VAL E 554 -2.15 87.73 23.81
CA VAL E 554 -3.54 87.64 23.40
C VAL E 554 -4.23 86.44 24.04
N SER E 555 -3.45 85.43 24.40
CA SER E 555 -3.98 84.19 24.95
C SER E 555 -4.11 84.27 26.47
N ALA E 556 -4.13 85.49 26.99
CA ALA E 556 -3.92 85.71 28.43
C ALA E 556 -5.11 85.18 29.24
N GLY E 557 -6.29 85.72 28.98
CA GLY E 557 -7.45 85.45 29.81
C GLY E 557 -8.17 84.18 29.41
N ILE E 558 -7.54 83.40 28.53
CA ILE E 558 -8.10 82.14 28.09
C ILE E 558 -7.40 80.83 28.48
N ARG E 559 -6.09 80.75 28.25
CA ARG E 559 -5.33 79.53 28.57
C ARG E 559 -4.48 79.61 29.85
N LYS E 560 -4.27 78.47 30.51
CA LYS E 560 -3.44 78.38 31.75
C LYS E 560 -3.11 76.91 32.08
N VAL E 561 -2.26 76.69 33.09
CA VAL E 561 -1.88 75.34 33.51
C VAL E 561 -2.37 75.02 34.95
N LEU E 562 -2.88 73.80 35.16
CA LEU E 562 -3.40 73.37 36.47
C LEU E 562 -2.37 72.54 37.24
N SER F 3 -25.19 40.53 -35.07
CA SER F 3 -25.32 39.16 -34.61
C SER F 3 -24.10 38.33 -34.98
N PRO F 4 -22.98 38.60 -34.30
CA PRO F 4 -21.66 38.15 -34.78
C PRO F 4 -21.07 37.08 -33.88
N ILE F 5 -19.86 36.62 -34.21
CA ILE F 5 -19.44 35.26 -33.88
C ILE F 5 -19.50 34.81 -32.42
N GLU F 6 -18.77 35.50 -31.56
CA GLU F 6 -18.73 35.16 -30.14
C GLU F 6 -18.67 36.48 -29.38
N THR F 7 -19.09 36.45 -28.12
CA THR F 7 -19.01 37.63 -27.26
C THR F 7 -18.74 37.24 -25.81
N VAL F 8 -18.12 38.15 -25.06
CA VAL F 8 -17.94 37.95 -23.63
C VAL F 8 -19.00 38.70 -22.83
N PRO F 9 -19.72 37.98 -21.98
CA PRO F 9 -20.72 38.59 -21.10
C PRO F 9 -20.06 39.48 -20.04
N VAL F 10 -20.52 40.71 -19.94
CA VAL F 10 -19.98 41.65 -18.96
C VAL F 10 -20.88 41.82 -17.73
N LYS F 11 -20.73 40.90 -16.79
CA LYS F 11 -21.51 40.91 -15.56
C LYS F 11 -21.22 42.24 -14.88
N LEU F 12 -22.26 43.01 -14.59
CA LEU F 12 -22.08 44.28 -13.93
C LEU F 12 -22.08 43.96 -12.41
N LYS F 13 -21.34 44.76 -11.62
CA LYS F 13 -21.27 44.52 -10.18
C LYS F 13 -22.62 44.67 -9.47
N PRO F 14 -22.89 43.80 -8.47
CA PRO F 14 -24.15 43.84 -7.74
C PRO F 14 -24.42 45.23 -7.13
N GLY F 15 -25.69 45.63 -7.12
CA GLY F 15 -26.04 46.93 -6.58
C GLY F 15 -25.38 48.04 -7.34
N MET F 16 -25.07 47.77 -8.60
CA MET F 16 -24.44 48.77 -9.46
C MET F 16 -25.42 49.15 -10.55
N ASP F 17 -25.67 50.45 -10.65
CA ASP F 17 -26.59 50.97 -11.65
C ASP F 17 -25.70 51.57 -12.74
N GLY F 18 -26.15 51.50 -13.98
CA GLY F 18 -25.36 52.04 -15.08
C GLY F 18 -25.10 53.53 -14.94
N PRO F 19 -24.47 54.15 -15.94
CA PRO F 19 -24.21 55.58 -15.85
C PRO F 19 -25.36 56.41 -16.42
N LYS F 20 -25.55 57.58 -15.86
CA LYS F 20 -26.59 58.48 -16.29
C LYS F 20 -26.02 59.89 -16.18
N VAL F 21 -25.27 60.26 -17.20
CA VAL F 21 -24.64 61.58 -17.25
C VAL F 21 -25.24 62.42 -18.38
N LYS F 22 -25.63 63.66 -18.07
CA LYS F 22 -26.19 64.55 -19.08
C LYS F 22 -25.08 64.92 -20.07
N GLN F 23 -25.47 65.22 -21.30
CA GLN F 23 -24.50 65.57 -22.32
C GLN F 23 -24.11 67.04 -22.22
N TRP F 24 -22.83 67.32 -22.33
CA TRP F 24 -22.40 68.70 -22.26
C TRP F 24 -22.32 69.29 -23.66
N PRO F 25 -22.96 70.44 -23.85
CA PRO F 25 -23.01 71.20 -25.11
C PRO F 25 -21.69 71.25 -25.87
N LEU F 26 -21.70 70.85 -27.14
CA LEU F 26 -20.49 70.87 -27.95
C LEU F 26 -20.52 72.05 -28.91
N THR F 27 -19.37 72.35 -29.53
CA THR F 27 -19.29 73.47 -30.47
C THR F 27 -19.75 73.11 -31.88
N GLU F 28 -19.83 74.12 -32.73
CA GLU F 28 -20.26 73.95 -34.13
C GLU F 28 -19.50 72.81 -34.81
N GLU F 29 -18.18 72.92 -34.86
CA GLU F 29 -17.38 71.88 -35.49
C GLU F 29 -17.46 70.55 -34.74
N LYS F 30 -17.19 70.59 -33.44
CA LYS F 30 -17.26 69.38 -32.64
C LYS F 30 -18.52 68.57 -33.01
N ILE F 31 -19.67 69.22 -33.02
CA ILE F 31 -20.91 68.53 -33.35
C ILE F 31 -20.85 68.00 -34.77
N LYS F 32 -20.67 68.89 -35.73
CA LYS F 32 -20.56 68.52 -37.15
C LYS F 32 -19.79 67.19 -37.28
N ALA F 33 -18.50 67.25 -36.98
CA ALA F 33 -17.59 66.09 -37.04
C ALA F 33 -18.14 64.87 -36.31
N LEU F 34 -18.75 65.10 -35.16
CA LEU F 34 -19.28 64.02 -34.37
C LEU F 34 -20.47 63.33 -35.05
N VAL F 35 -21.28 64.12 -35.74
CA VAL F 35 -22.45 63.61 -36.45
C VAL F 35 -22.02 62.73 -37.61
N GLU F 36 -20.96 63.16 -38.28
CA GLU F 36 -20.37 62.44 -39.41
C GLU F 36 -19.78 61.11 -38.91
N ILE F 37 -18.88 61.20 -37.93
CA ILE F 37 -18.28 60.01 -37.35
C ILE F 37 -19.37 59.00 -36.98
N CYS F 38 -20.47 59.51 -36.44
CA CYS F 38 -21.57 58.65 -36.04
C CYS F 38 -22.38 58.05 -37.18
N THR F 39 -22.54 58.78 -38.30
CA THR F 39 -23.31 58.23 -39.43
C THR F 39 -22.62 56.97 -39.98
N GLU F 40 -21.30 57.06 -40.18
CA GLU F 40 -20.54 55.92 -40.68
C GLU F 40 -20.56 54.78 -39.67
N MET F 41 -20.14 55.04 -38.44
CA MET F 41 -20.15 54.01 -37.42
C MET F 41 -21.49 53.27 -37.39
N GLU F 42 -22.57 53.99 -37.64
CA GLU F 42 -23.91 53.43 -37.66
C GLU F 42 -24.14 52.62 -38.94
N LYS F 43 -23.46 53.03 -40.00
CA LYS F 43 -23.50 52.38 -41.32
C LYS F 43 -22.68 51.07 -41.27
N GLU F 44 -21.48 51.17 -40.69
CA GLU F 44 -20.57 50.04 -40.53
C GLU F 44 -21.07 49.13 -39.42
N GLY F 45 -22.29 49.38 -38.95
CA GLY F 45 -22.90 48.58 -37.90
C GLY F 45 -22.20 48.59 -36.55
N LYS F 46 -21.34 49.58 -36.32
CA LYS F 46 -20.60 49.71 -35.06
C LYS F 46 -21.60 50.05 -33.95
N ILE F 47 -22.46 51.03 -34.25
CA ILE F 47 -23.46 51.50 -33.30
C ILE F 47 -24.85 51.48 -33.93
N SER F 48 -25.87 51.57 -33.09
CA SER F 48 -27.28 51.56 -33.51
C SER F 48 -28.09 52.64 -32.78
N LYS F 49 -29.12 53.15 -33.42
CA LYS F 49 -29.95 54.16 -32.79
C LYS F 49 -30.87 53.54 -31.74
N ILE F 50 -30.99 54.23 -30.61
CA ILE F 50 -31.82 53.77 -29.51
C ILE F 50 -32.85 54.85 -29.17
N GLY F 51 -33.80 54.49 -28.30
CA GLY F 51 -34.81 55.42 -27.89
C GLY F 51 -34.60 55.91 -26.48
N PRO F 52 -35.67 56.40 -25.83
CA PRO F 52 -35.56 56.88 -24.46
C PRO F 52 -35.93 55.80 -23.45
N GLU F 53 -36.31 54.62 -23.94
CA GLU F 53 -36.65 53.53 -23.05
C GLU F 53 -35.38 53.11 -22.31
N ASN F 54 -34.23 53.41 -22.92
CA ASN F 54 -32.92 53.12 -22.34
C ASN F 54 -32.65 54.26 -21.35
N PRO F 55 -32.49 53.92 -20.06
CA PRO F 55 -32.25 54.94 -19.04
C PRO F 55 -30.82 55.41 -18.83
N TYR F 56 -29.88 54.93 -19.64
CA TYR F 56 -28.48 55.29 -19.44
C TYR F 56 -27.86 56.29 -20.40
N ASN F 57 -26.75 56.87 -19.98
CA ASN F 57 -26.04 57.82 -20.81
C ASN F 57 -24.62 58.07 -20.37
N THR F 58 -23.85 58.59 -21.32
CA THR F 58 -22.45 58.93 -21.13
C THR F 58 -22.17 60.03 -22.13
N PRO F 59 -21.39 61.02 -21.72
CA PRO F 59 -21.11 62.11 -22.64
C PRO F 59 -20.06 61.75 -23.68
N VAL F 60 -20.05 62.48 -24.78
CA VAL F 60 -19.10 62.27 -25.86
C VAL F 60 -18.71 63.61 -26.42
N PHE F 61 -17.57 63.62 -27.08
CA PHE F 61 -17.09 64.83 -27.72
C PHE F 61 -16.06 64.40 -28.74
N ALA F 62 -15.41 65.36 -29.38
CA ALA F 62 -14.41 65.02 -30.38
C ALA F 62 -13.16 65.80 -30.11
N ILE F 63 -12.08 65.36 -30.74
CA ILE F 63 -10.81 66.04 -30.60
C ILE F 63 -10.02 65.90 -31.90
N LYS F 64 -9.03 66.76 -32.05
CA LYS F 64 -8.18 66.73 -33.24
C LYS F 64 -6.77 66.70 -32.66
N LYS F 65 -6.03 65.63 -32.94
CA LYS F 65 -4.69 65.48 -32.40
C LYS F 65 -3.57 66.21 -33.15
N LYS F 66 -2.39 66.25 -32.54
CA LYS F 66 -1.21 66.89 -33.10
C LYS F 66 -0.69 66.14 -34.35
N ASP F 67 -0.43 66.87 -35.43
CA ASP F 67 0.07 66.24 -36.65
C ASP F 67 -1.13 65.68 -37.42
N SER F 68 -2.27 65.57 -36.75
CA SER F 68 -3.48 65.01 -37.36
C SER F 68 -4.54 66.08 -37.66
N THR F 69 -5.26 65.89 -38.76
CA THR F 69 -6.32 66.80 -39.14
C THR F 69 -7.60 66.00 -39.41
N LYS F 70 -7.82 65.02 -38.55
CA LYS F 70 -9.00 64.17 -38.59
C LYS F 70 -9.56 64.11 -37.18
N TRP F 71 -10.87 64.34 -37.07
CA TRP F 71 -11.55 64.33 -35.78
C TRP F 71 -11.79 62.93 -35.25
N ARG F 72 -11.49 62.75 -33.97
CA ARG F 72 -11.67 61.45 -33.37
C ARG F 72 -12.79 61.53 -32.33
N LYS F 73 -13.67 60.54 -32.38
CA LYS F 73 -14.77 60.47 -31.43
C LYS F 73 -14.17 60.10 -30.11
N LEU F 74 -14.72 60.67 -29.04
CA LEU F 74 -14.23 60.38 -27.71
C LEU F 74 -15.37 60.30 -26.70
N VAL F 75 -15.53 59.12 -26.12
CA VAL F 75 -16.57 58.92 -25.13
C VAL F 75 -15.93 58.99 -23.76
N ASP F 76 -16.67 59.53 -22.80
CA ASP F 76 -16.18 59.66 -21.42
C ASP F 76 -16.75 58.52 -20.56
N PHE F 77 -16.42 57.30 -20.94
CA PHE F 77 -16.87 56.13 -20.21
C PHE F 77 -16.24 56.06 -18.83
N ARG F 78 -15.59 57.14 -18.45
CA ARG F 78 -14.91 57.22 -17.16
C ARG F 78 -15.76 56.68 -16.02
N GLU F 79 -17.04 57.00 -16.07
CA GLU F 79 -18.01 56.60 -15.05
C GLU F 79 -18.42 55.14 -15.24
N LEU F 80 -18.43 54.69 -16.49
CA LEU F 80 -18.78 53.31 -16.79
C LEU F 80 -17.61 52.45 -16.34
N ASN F 81 -16.40 52.95 -16.57
CA ASN F 81 -15.21 52.22 -16.20
C ASN F 81 -15.26 51.93 -14.72
N LYS F 82 -15.68 52.94 -13.95
CA LYS F 82 -15.77 52.80 -12.51
C LYS F 82 -16.73 51.72 -12.08
N ARG F 83 -17.84 51.60 -12.81
CA ARG F 83 -18.85 50.61 -12.46
C ARG F 83 -18.55 49.22 -13.02
N THR F 84 -17.63 49.17 -13.98
CA THR F 84 -17.24 47.90 -14.58
C THR F 84 -15.79 47.58 -14.22
N GLN F 85 -15.28 48.26 -13.17
CA GLN F 85 -13.91 48.06 -12.69
C GLN F 85 -13.61 46.60 -12.36
N ASP F 86 -14.49 45.96 -11.60
CA ASP F 86 -14.27 44.57 -11.26
C ASP F 86 -14.03 43.77 -12.54
N PHE F 87 -14.74 44.14 -13.61
CA PHE F 87 -14.62 43.47 -14.90
C PHE F 87 -13.20 43.55 -15.50
N TRP F 88 -12.69 44.77 -15.69
CA TRP F 88 -11.35 44.93 -16.27
C TRP F 88 -10.19 45.01 -15.27
N GLU F 89 -10.47 44.96 -13.99
CA GLU F 89 -9.37 45.00 -13.05
C GLU F 89 -9.27 43.67 -12.33
N VAL F 90 -10.27 42.81 -12.51
CA VAL F 90 -10.25 41.52 -11.86
C VAL F 90 -10.47 40.36 -12.83
N GLN F 91 -11.67 40.26 -13.40
CA GLN F 91 -11.97 39.16 -14.32
C GLN F 91 -10.90 39.10 -15.37
N LEU F 92 -10.77 40.18 -16.14
CA LEU F 92 -9.78 40.24 -17.21
C LEU F 92 -8.88 41.46 -17.04
N GLY F 93 -7.72 41.31 -16.38
CA GLY F 93 -6.84 42.44 -16.19
C GLY F 93 -5.48 42.43 -16.85
N ILE F 94 -5.18 43.46 -17.63
CA ILE F 94 -3.89 43.60 -18.31
C ILE F 94 -2.80 43.84 -17.25
N PRO F 95 -1.80 42.94 -17.15
CA PRO F 95 -0.73 43.07 -16.16
C PRO F 95 0.29 44.14 -16.57
N HIS F 96 0.78 44.88 -15.57
CA HIS F 96 1.78 45.92 -15.78
C HIS F 96 3.20 45.47 -15.46
N PRO F 97 4.08 45.46 -16.48
CA PRO F 97 5.47 45.05 -16.33
C PRO F 97 6.34 46.22 -15.91
N ALA F 98 7.12 46.00 -14.86
CA ALA F 98 8.01 47.03 -14.34
C ALA F 98 9.09 47.44 -15.36
N GLY F 99 9.03 46.82 -16.52
CA GLY F 99 10.03 47.06 -17.56
C GLY F 99 10.27 48.43 -18.16
N LEU F 100 9.32 48.93 -18.96
CA LEU F 100 9.51 50.22 -19.63
C LEU F 100 9.76 51.36 -18.68
N LYS F 101 9.52 51.11 -17.40
CA LYS F 101 9.81 52.14 -16.42
C LYS F 101 11.32 52.35 -16.60
N LYS F 102 11.99 51.22 -16.83
CA LYS F 102 13.44 51.15 -16.99
C LYS F 102 14.02 51.37 -18.40
N LYS F 103 13.33 50.90 -19.43
CA LYS F 103 13.81 51.04 -20.81
C LYS F 103 14.32 52.46 -21.13
N LYS F 104 15.17 52.56 -22.15
CA LYS F 104 15.74 53.85 -22.52
C LYS F 104 14.85 54.68 -23.44
N SER F 105 13.86 54.03 -24.04
CA SER F 105 12.93 54.72 -24.92
C SER F 105 11.64 53.95 -25.10
N VAL F 106 10.52 54.69 -24.99
CA VAL F 106 9.19 54.12 -25.15
C VAL F 106 8.41 54.92 -26.18
N THR F 107 7.69 54.22 -27.05
CA THR F 107 6.83 54.83 -28.06
C THR F 107 5.41 54.36 -27.78
N VAL F 108 4.45 55.22 -28.08
CA VAL F 108 3.06 54.90 -27.84
C VAL F 108 2.28 54.86 -29.16
N LEU F 109 1.61 53.74 -29.38
CA LEU F 109 0.83 53.55 -30.60
C LEU F 109 -0.66 53.51 -30.31
N ASP F 110 -1.44 54.17 -31.13
CA ASP F 110 -2.89 54.18 -30.98
C ASP F 110 -3.52 52.95 -31.61
N VAL F 111 -3.27 51.79 -31.02
CA VAL F 111 -3.73 50.52 -31.57
C VAL F 111 -5.24 50.37 -31.40
N GLY F 112 -5.85 51.33 -30.71
CA GLY F 112 -7.19 51.16 -30.18
C GLY F 112 -8.19 50.76 -31.25
N ASP F 113 -7.96 51.23 -32.47
CA ASP F 113 -8.87 50.96 -33.57
C ASP F 113 -9.23 49.48 -33.65
N ALA F 114 -8.29 48.63 -33.25
CA ALA F 114 -8.51 47.19 -33.29
C ALA F 114 -9.91 46.81 -32.80
N TYR F 115 -10.41 47.57 -31.82
CA TYR F 115 -11.44 47.06 -30.93
C TYR F 115 -12.79 46.97 -31.65
N PHE F 116 -13.01 47.87 -32.59
CA PHE F 116 -14.19 47.82 -33.45
C PHE F 116 -14.34 46.45 -34.09
N SER F 117 -13.24 45.70 -34.14
CA SER F 117 -13.25 44.37 -34.74
C SER F 117 -14.12 43.35 -34.01
N VAL F 118 -14.09 43.40 -32.67
CA VAL F 118 -14.88 42.49 -31.85
C VAL F 118 -16.23 43.09 -31.51
N PRO F 119 -17.29 42.27 -31.58
CA PRO F 119 -18.61 42.78 -31.26
C PRO F 119 -18.74 42.81 -29.76
N LEU F 120 -19.42 43.84 -29.29
CA LEU F 120 -19.63 43.99 -27.87
C LEU F 120 -20.78 43.10 -27.45
N ASP F 121 -20.73 42.58 -26.24
CA ASP F 121 -21.81 41.73 -25.74
C ASP F 121 -23.15 42.47 -25.91
N GLU F 122 -24.23 41.73 -26.11
CA GLU F 122 -25.54 42.34 -26.29
C GLU F 122 -26.02 43.00 -25.02
N ASP F 123 -25.97 42.28 -23.91
CA ASP F 123 -26.44 42.81 -22.64
C ASP F 123 -25.71 44.08 -22.19
N PHE F 124 -24.39 44.06 -22.21
CA PHE F 124 -23.61 45.21 -21.79
C PHE F 124 -23.81 46.44 -22.70
N ARG F 125 -24.30 46.23 -23.91
CA ARG F 125 -24.50 47.33 -24.82
C ARG F 125 -25.38 48.47 -24.34
N LYS F 126 -26.47 48.14 -23.65
CA LYS F 126 -27.36 49.18 -23.15
C LYS F 126 -26.57 50.32 -22.46
N TYR F 127 -25.46 49.99 -21.81
CA TYR F 127 -24.63 50.97 -21.07
C TYR F 127 -23.72 51.91 -21.86
N THR F 128 -23.56 51.63 -23.13
CA THR F 128 -22.70 52.45 -23.97
C THR F 128 -23.47 53.59 -24.63
N ALA F 129 -24.69 53.80 -24.17
CA ALA F 129 -25.53 54.84 -24.75
C ALA F 129 -24.90 56.21 -24.67
N PHE F 130 -25.17 57.03 -25.68
CA PHE F 130 -24.69 58.40 -25.69
C PHE F 130 -25.70 59.22 -26.50
N THR F 131 -25.79 60.51 -26.23
CA THR F 131 -26.76 61.37 -26.90
C THR F 131 -26.13 62.58 -27.59
N ILE F 132 -26.28 62.73 -28.90
CA ILE F 132 -25.70 63.89 -29.56
C ILE F 132 -26.66 65.06 -29.47
N PRO F 133 -26.19 66.22 -29.01
CA PRO F 133 -27.01 67.41 -28.88
C PRO F 133 -27.13 68.12 -30.24
N SER F 134 -27.95 69.15 -30.29
CA SER F 134 -28.14 69.92 -31.52
C SER F 134 -27.99 71.40 -31.22
N ILE F 135 -27.45 72.16 -32.17
CA ILE F 135 -27.26 73.58 -31.95
C ILE F 135 -28.60 74.32 -31.77
N ASN F 136 -28.61 75.26 -30.83
CA ASN F 136 -29.80 76.04 -30.47
C ASN F 136 -31.00 75.13 -30.30
N ASN F 137 -30.71 73.85 -30.11
CA ASN F 137 -31.76 72.87 -29.90
C ASN F 137 -32.78 72.84 -31.03
N GLU F 138 -32.34 72.55 -32.25
CA GLU F 138 -33.29 72.46 -33.36
C GLU F 138 -34.12 71.22 -33.09
N THR F 139 -33.44 70.15 -32.67
CA THR F 139 -34.07 68.86 -32.41
C THR F 139 -33.59 68.15 -31.17
N PRO F 140 -34.44 67.29 -30.59
CA PRO F 140 -34.10 66.53 -29.39
C PRO F 140 -32.93 65.61 -29.71
N GLY F 141 -31.99 65.53 -28.79
CA GLY F 141 -30.80 64.72 -28.97
C GLY F 141 -30.98 63.32 -29.52
N ILE F 142 -30.09 62.94 -30.44
CA ILE F 142 -30.15 61.62 -31.03
C ILE F 142 -29.37 60.69 -30.12
N ARG F 143 -29.90 59.48 -29.92
CA ARG F 143 -29.23 58.53 -29.05
C ARG F 143 -28.77 57.30 -29.80
N TYR F 144 -27.56 56.87 -29.47
CA TYR F 144 -26.92 55.69 -30.05
C TYR F 144 -26.26 54.88 -28.95
N GLN F 145 -25.91 53.63 -29.28
CA GLN F 145 -25.20 52.74 -28.36
C GLN F 145 -24.28 51.84 -29.19
N TYR F 146 -23.09 51.55 -28.67
CA TYR F 146 -22.13 50.71 -29.37
C TYR F 146 -22.56 49.25 -29.47
N ASN F 147 -22.08 48.56 -30.51
CA ASN F 147 -22.35 47.15 -30.77
C ASN F 147 -21.02 46.44 -30.88
N VAL F 148 -19.96 47.22 -30.73
CA VAL F 148 -18.60 46.72 -30.83
C VAL F 148 -17.78 47.40 -29.72
N LEU F 149 -16.63 46.83 -29.37
CA LEU F 149 -15.80 47.44 -28.34
C LEU F 149 -15.63 48.92 -28.68
N PRO F 150 -15.92 49.79 -27.71
CA PRO F 150 -15.78 51.23 -28.01
C PRO F 150 -14.39 51.75 -27.63
N GLN F 151 -13.71 52.35 -28.61
CA GLN F 151 -12.40 52.91 -28.33
C GLN F 151 -12.51 53.84 -27.12
N GLY F 152 -12.04 53.39 -25.96
CA GLY F 152 -12.11 54.24 -24.78
C GLY F 152 -12.61 53.54 -23.54
N TRP F 153 -13.28 52.42 -23.73
CA TRP F 153 -13.77 51.66 -22.60
C TRP F 153 -12.64 50.74 -22.15
N LYS F 154 -12.39 50.66 -20.85
CA LYS F 154 -11.31 49.80 -20.36
C LYS F 154 -11.64 48.32 -20.58
N GLY F 155 -12.93 48.01 -20.75
CA GLY F 155 -13.33 46.64 -20.99
C GLY F 155 -12.95 46.13 -22.37
N SER F 156 -12.76 47.03 -23.33
CA SER F 156 -12.38 46.62 -24.67
C SER F 156 -10.99 46.00 -24.63
N PRO F 157 -9.97 46.72 -24.09
CA PRO F 157 -8.66 46.07 -24.04
C PRO F 157 -8.68 44.78 -23.22
N ALA F 158 -9.64 44.66 -22.31
CA ALA F 158 -9.73 43.45 -21.50
C ALA F 158 -10.09 42.23 -22.38
N ILE F 159 -11.02 42.42 -23.31
CA ILE F 159 -11.48 41.37 -24.21
C ILE F 159 -10.41 40.92 -25.21
N PHE F 160 -9.92 41.88 -25.99
CA PHE F 160 -8.91 41.69 -27.04
C PHE F 160 -7.59 41.09 -26.53
N GLN F 161 -7.39 41.09 -25.22
CA GLN F 161 -6.20 40.54 -24.59
C GLN F 161 -5.84 39.17 -25.21
N SER F 162 -6.86 38.32 -25.31
CA SER F 162 -6.73 36.98 -25.88
C SER F 162 -6.06 37.06 -27.25
N SER F 163 -6.62 37.89 -28.12
CA SER F 163 -6.09 38.08 -29.46
C SER F 163 -4.74 38.78 -29.47
N MET F 164 -4.70 40.04 -29.03
CA MET F 164 -3.47 40.80 -29.01
C MET F 164 -2.23 39.97 -28.64
N THR F 165 -2.33 39.18 -27.57
CA THR F 165 -1.21 38.35 -27.14
C THR F 165 -0.74 37.44 -28.27
N LYS F 166 -1.68 36.76 -28.93
CA LYS F 166 -1.33 35.89 -30.05
C LYS F 166 -0.64 36.68 -31.18
N ILE F 167 -1.24 37.80 -31.58
CA ILE F 167 -0.67 38.65 -32.63
C ILE F 167 0.77 39.01 -32.33
N LEU F 168 1.09 39.08 -31.03
CA LEU F 168 2.43 39.47 -30.61
C LEU F 168 3.42 38.36 -30.26
N GLU F 169 2.96 37.14 -29.97
CA GLU F 169 3.87 36.03 -29.63
C GLU F 169 5.06 35.95 -30.60
N PRO F 170 4.81 36.14 -31.92
CA PRO F 170 5.93 36.09 -32.86
C PRO F 170 6.89 37.24 -32.56
N PHE F 171 6.42 38.48 -32.75
CA PHE F 171 7.27 39.66 -32.51
C PHE F 171 8.00 39.60 -31.18
N LYS F 172 7.31 39.14 -30.14
CA LYS F 172 7.90 39.02 -28.81
C LYS F 172 8.97 37.93 -28.79
N LYS F 173 8.89 37.01 -29.75
CA LYS F 173 9.86 35.92 -29.85
C LYS F 173 11.19 36.42 -30.44
N GLN F 174 11.13 37.01 -31.64
CA GLN F 174 12.34 37.51 -32.30
C GLN F 174 13.02 38.66 -31.52
N ASN F 175 12.21 39.46 -30.82
CA ASN F 175 12.74 40.56 -30.02
C ASN F 175 12.45 40.31 -28.53
N PRO F 176 13.28 39.47 -27.88
CA PRO F 176 13.13 39.12 -26.45
C PRO F 176 13.43 40.22 -25.43
N ASP F 177 13.79 41.41 -25.88
CA ASP F 177 14.09 42.47 -24.94
C ASP F 177 13.04 43.56 -24.94
N ILE F 178 12.43 43.80 -26.09
CA ILE F 178 11.40 44.82 -26.14
C ILE F 178 10.22 44.43 -25.25
N VAL F 179 9.77 45.40 -24.46
CA VAL F 179 8.62 45.22 -23.58
C VAL F 179 7.48 46.04 -24.15
N ILE F 180 6.29 45.45 -24.15
CA ILE F 180 5.14 46.11 -24.68
C ILE F 180 4.05 46.08 -23.63
N TYR F 181 3.44 47.25 -23.41
CA TYR F 181 2.36 47.35 -22.45
C TYR F 181 1.11 47.85 -23.13
N GLN F 182 -0.02 47.22 -22.84
CA GLN F 182 -1.23 47.66 -23.46
C GLN F 182 -2.16 48.24 -22.43
N TYR F 183 -2.29 49.57 -22.47
CA TYR F 183 -3.18 50.27 -21.56
C TYR F 183 -4.23 50.86 -22.50
N MET F 184 -5.48 50.47 -22.30
CA MET F 184 -6.56 50.96 -23.13
C MET F 184 -6.37 50.89 -24.64
N ASP F 185 -6.50 52.03 -25.29
CA ASP F 185 -6.35 52.15 -26.74
C ASP F 185 -4.88 52.24 -27.14
N ASP F 186 -3.96 52.13 -26.18
CA ASP F 186 -2.56 52.25 -26.55
C ASP F 186 -1.63 51.09 -26.29
N LEU F 187 -0.50 51.15 -26.95
CA LEU F 187 0.51 50.13 -26.83
C LEU F 187 1.81 50.86 -26.53
N TYR F 188 2.40 50.59 -25.38
CA TYR F 188 3.66 51.23 -25.05
C TYR F 188 4.76 50.24 -25.38
N VAL F 189 5.57 50.61 -26.37
CA VAL F 189 6.68 49.75 -26.82
C VAL F 189 8.02 50.33 -26.37
N GLY F 190 8.70 49.63 -25.45
CA GLY F 190 9.96 50.11 -24.96
C GLY F 190 11.16 49.18 -25.16
N SER F 191 12.30 49.79 -25.48
CA SER F 191 13.55 49.07 -25.72
C SER F 191 14.75 49.85 -25.20
N ASP F 192 15.90 49.18 -25.18
CA ASP F 192 17.16 49.80 -24.75
C ASP F 192 17.99 50.14 -25.99
N LEU F 193 17.52 49.69 -27.14
CA LEU F 193 18.18 49.93 -28.43
C LEU F 193 18.47 51.39 -28.69
N GLU F 194 19.15 51.65 -29.80
CA GLU F 194 19.46 53.02 -30.12
C GLU F 194 18.23 53.59 -30.81
N ILE F 195 18.00 54.88 -30.60
CA ILE F 195 16.86 55.58 -31.18
C ILE F 195 16.60 55.22 -32.64
N GLY F 196 17.65 55.21 -33.46
CA GLY F 196 17.50 54.86 -34.87
C GLY F 196 16.96 53.45 -35.06
N GLN F 197 17.57 52.51 -34.34
CA GLN F 197 17.17 51.09 -34.38
C GLN F 197 15.82 50.91 -33.69
N HIS F 198 15.63 51.69 -32.62
CA HIS F 198 14.39 51.64 -31.86
C HIS F 198 13.22 51.97 -32.80
N ARG F 199 13.28 53.15 -33.41
CA ARG F 199 12.23 53.58 -34.33
C ARG F 199 11.99 52.49 -35.37
N THR F 200 13.08 51.91 -35.87
CA THR F 200 12.99 50.87 -36.86
C THR F 200 12.20 49.66 -36.34
N LYS F 201 12.51 49.20 -35.12
CA LYS F 201 11.82 48.06 -34.51
C LYS F 201 10.33 48.38 -34.36
N ILE F 202 10.06 49.66 -34.16
CA ILE F 202 8.70 50.16 -34.03
C ILE F 202 8.04 50.03 -35.40
N GLU F 203 8.74 50.51 -36.42
CA GLU F 203 8.25 50.45 -37.79
C GLU F 203 7.99 49.00 -38.17
N GLU F 204 8.78 48.09 -37.59
CA GLU F 204 8.60 46.67 -37.84
C GLU F 204 7.36 46.20 -37.09
N LEU F 205 7.13 46.75 -35.91
CA LEU F 205 5.95 46.38 -35.12
C LEU F 205 4.71 46.85 -35.86
N ARG F 206 4.73 48.10 -36.35
CA ARG F 206 3.57 48.61 -37.11
C ARG F 206 3.26 47.60 -38.20
N GLN F 207 4.31 47.23 -38.94
CA GLN F 207 4.20 46.26 -40.01
C GLN F 207 3.59 44.95 -39.52
N HIS F 208 4.23 44.35 -38.51
CA HIS F 208 3.74 43.09 -37.94
C HIS F 208 2.24 43.15 -37.73
N LEU F 209 1.76 44.30 -37.26
CA LEU F 209 0.34 44.52 -37.01
C LEU F 209 -0.49 44.48 -38.31
N LEU F 210 -0.02 45.15 -39.36
CA LEU F 210 -0.73 45.16 -40.62
C LEU F 210 -1.05 43.78 -41.17
N ARG F 211 -0.11 42.85 -41.07
CA ARG F 211 -0.33 41.50 -41.61
C ARG F 211 -1.54 40.85 -40.92
N TRP F 212 -1.83 41.28 -39.69
CA TRP F 212 -2.95 40.74 -38.92
C TRP F 212 -4.19 41.64 -38.94
N GLY F 213 -4.31 42.40 -40.04
CA GLY F 213 -5.42 43.29 -40.27
C GLY F 213 -5.55 44.55 -39.42
N LEU F 214 -4.63 44.74 -38.46
CA LEU F 214 -4.69 45.90 -37.57
C LEU F 214 -4.07 47.18 -38.13
N THR F 215 -4.86 48.25 -38.06
CA THR F 215 -4.46 49.57 -38.55
C THR F 215 -3.89 50.49 -37.46
N THR F 216 -2.82 51.20 -37.80
CA THR F 216 -2.18 52.15 -36.88
C THR F 216 -2.11 53.52 -37.53
N PRO F 217 -3.10 54.40 -37.27
CA PRO F 217 -3.04 55.72 -37.90
C PRO F 217 -1.61 56.28 -38.08
N ASP F 218 -1.34 56.75 -39.31
CA ASP F 218 -0.05 57.31 -39.67
C ASP F 218 -0.12 58.84 -39.72
N LYS F 219 0.99 59.48 -39.37
CA LYS F 219 1.05 60.94 -39.34
C LYS F 219 1.58 61.60 -40.62
N LYS F 220 1.22 62.87 -40.77
CA LYS F 220 1.62 63.72 -41.89
C LYS F 220 3.12 64.05 -41.74
N HIS F 221 3.73 63.51 -40.67
CA HIS F 221 5.16 63.64 -40.33
C HIS F 221 5.81 65.05 -40.36
N GLN F 222 5.03 66.09 -40.07
CA GLN F 222 5.54 67.48 -40.09
C GLN F 222 6.06 67.82 -41.49
N GLY F 231 13.02 62.72 -29.14
CA GLY F 231 11.90 63.23 -29.90
C GLY F 231 10.57 62.81 -29.29
N TYR F 232 9.58 62.56 -30.15
CA TYR F 232 8.23 62.15 -29.73
C TYR F 232 8.26 61.17 -28.54
N GLU F 233 8.79 59.97 -28.81
CA GLU F 233 8.90 58.89 -27.85
C GLU F 233 9.42 59.30 -26.48
N LEU F 234 8.77 58.77 -25.43
CA LEU F 234 9.17 59.07 -24.07
C LEU F 234 10.52 58.43 -23.73
N HIS F 235 11.26 59.07 -22.82
CA HIS F 235 12.52 58.51 -22.35
C HIS F 235 12.56 58.46 -20.83
N PRO F 236 12.15 57.32 -20.27
CA PRO F 236 12.01 57.17 -18.82
C PRO F 236 13.36 57.25 -18.11
N ASP F 237 14.28 58.01 -18.67
CA ASP F 237 15.60 58.21 -18.04
C ASP F 237 15.78 59.64 -17.56
N LYS F 238 15.29 60.59 -18.36
CA LYS F 238 15.32 62.00 -17.99
C LYS F 238 14.25 62.32 -16.95
N TRP F 239 13.50 61.30 -16.55
CA TRP F 239 12.58 61.43 -15.43
C TRP F 239 13.32 61.36 -14.10
N THR F 240 13.60 62.53 -13.53
CA THR F 240 14.16 62.61 -12.18
C THR F 240 13.12 63.12 -11.18
N VAL F 241 13.19 62.63 -9.96
CA VAL F 241 12.32 63.10 -8.90
C VAL F 241 13.15 64.16 -8.18
N GLN F 242 12.82 65.42 -8.43
CA GLN F 242 13.51 66.56 -7.82
C GLN F 242 12.67 67.12 -6.68
N PRO F 243 13.18 67.03 -5.44
CA PRO F 243 12.42 67.54 -4.32
C PRO F 243 12.78 68.96 -3.96
N ILE F 244 12.31 69.33 -2.77
CA ILE F 244 12.50 70.64 -2.21
C ILE F 244 13.96 71.06 -2.03
N VAL F 245 14.21 72.32 -2.34
CA VAL F 245 15.55 72.90 -2.24
C VAL F 245 15.57 74.25 -1.50
N LEU F 246 16.19 74.26 -0.32
CA LEU F 246 16.32 75.45 0.50
C LEU F 246 17.19 76.48 -0.19
N PRO F 247 16.61 77.66 -0.46
CA PRO F 247 17.36 78.73 -1.14
C PRO F 247 18.68 79.03 -0.44
N GLU F 248 19.70 79.41 -1.22
CA GLU F 248 20.98 79.76 -0.63
C GLU F 248 21.38 81.17 -1.07
N LYS F 249 21.56 82.02 -0.06
CA LYS F 249 21.90 83.43 -0.27
C LYS F 249 23.16 83.84 0.54
N ASP F 250 23.76 84.96 0.14
CA ASP F 250 24.96 85.49 0.78
C ASP F 250 24.61 85.99 2.17
N SER F 251 23.71 86.97 2.21
CA SER F 251 23.22 87.56 3.46
C SER F 251 21.80 87.06 3.77
N TRP F 252 21.31 87.34 4.98
CA TRP F 252 19.97 86.92 5.35
C TRP F 252 19.24 87.95 6.20
N THR F 253 17.94 88.09 5.98
CA THR F 253 17.13 89.02 6.74
C THR F 253 16.16 88.21 7.57
N VAL F 254 15.54 88.86 8.55
CA VAL F 254 14.58 88.17 9.39
C VAL F 254 13.51 87.53 8.53
N ASN F 255 12.94 88.31 7.62
CA ASN F 255 11.91 87.81 6.73
C ASN F 255 12.34 86.47 6.17
N ASP F 256 13.55 86.46 5.62
CA ASP F 256 14.15 85.27 5.00
C ASP F 256 14.23 84.09 5.94
N ILE F 257 14.81 84.29 7.11
CA ILE F 257 14.95 83.20 8.06
C ILE F 257 13.57 82.67 8.43
N GLN F 258 12.59 83.57 8.59
CA GLN F 258 11.24 83.15 8.93
C GLN F 258 10.78 82.23 7.82
N LYS F 259 10.70 82.76 6.61
CA LYS F 259 10.29 81.95 5.49
C LYS F 259 11.04 80.61 5.50
N LEU F 260 12.36 80.66 5.62
CA LEU F 260 13.13 79.42 5.65
C LEU F 260 12.55 78.47 6.69
N VAL F 261 12.39 78.94 7.92
CA VAL F 261 11.83 78.09 8.95
C VAL F 261 10.48 77.61 8.46
N GLY F 262 9.88 78.38 7.58
CA GLY F 262 8.60 77.97 7.05
C GLY F 262 8.78 76.62 6.39
N LYS F 263 9.44 76.63 5.23
CA LYS F 263 9.69 75.40 4.47
C LYS F 263 10.18 74.29 5.38
N LEU F 264 11.29 74.53 6.05
CA LEU F 264 11.87 73.56 6.93
C LEU F 264 10.82 72.97 7.83
N ASN F 265 9.96 73.81 8.38
CA ASN F 265 8.94 73.27 9.25
C ASN F 265 8.01 72.36 8.50
N TRP F 266 7.56 72.82 7.34
CA TRP F 266 6.66 72.02 6.54
C TRP F 266 7.35 70.73 6.16
N ALA F 267 8.62 70.86 5.79
CA ALA F 267 9.44 69.72 5.41
C ALA F 267 9.51 68.67 6.50
N SER F 268 9.69 69.10 7.75
CA SER F 268 9.78 68.19 8.87
C SER F 268 8.63 67.19 8.85
N GLN F 269 7.61 67.46 8.05
CA GLN F 269 6.48 66.56 7.92
C GLN F 269 6.87 65.40 7.01
N ILE F 270 7.59 65.72 5.92
CA ILE F 270 8.04 64.70 4.98
C ILE F 270 9.15 63.88 5.60
N TYR F 271 10.29 64.53 5.81
CA TYR F 271 11.47 63.91 6.44
C TYR F 271 11.45 64.33 7.92
N PRO F 272 11.59 63.38 8.87
CA PRO F 272 11.59 63.77 10.28
C PRO F 272 12.94 64.28 10.79
N GLY F 273 13.95 64.22 9.93
CA GLY F 273 15.28 64.67 10.30
C GLY F 273 15.47 66.17 10.44
N ILE F 274 14.67 66.94 9.71
CA ILE F 274 14.77 68.39 9.77
C ILE F 274 14.68 68.91 11.19
N LYS F 275 15.64 69.74 11.57
CA LYS F 275 15.59 70.44 12.85
C LYS F 275 15.61 71.96 12.65
N VAL F 276 14.86 72.67 13.49
CA VAL F 276 14.72 74.11 13.35
C VAL F 276 15.26 74.83 14.58
N ARG F 277 15.86 74.08 15.50
CA ARG F 277 16.15 74.58 16.84
C ARG F 277 17.09 75.78 16.77
N GLN F 278 18.21 75.62 16.06
CA GLN F 278 19.25 76.63 16.04
C GLN F 278 18.82 77.85 15.24
N LEU F 279 18.21 77.62 14.09
CA LEU F 279 17.76 78.70 13.22
C LEU F 279 16.77 79.59 13.95
N SER F 280 15.83 78.96 14.65
CA SER F 280 14.83 79.69 15.42
C SER F 280 15.48 80.72 16.36
N LYS F 281 16.60 80.35 16.98
CA LYS F 281 17.29 81.22 17.91
C LYS F 281 17.65 82.56 17.24
N LEU F 282 17.90 82.51 15.93
CA LEU F 282 18.26 83.70 15.18
C LEU F 282 17.18 84.77 15.28
N LEU F 283 15.92 84.33 15.37
CA LEU F 283 14.80 85.25 15.45
C LEU F 283 14.37 85.39 16.89
N ARG F 284 15.28 85.07 17.81
CA ARG F 284 15.01 85.16 19.25
C ARG F 284 14.73 86.61 19.67
N GLY F 285 13.48 87.04 19.58
CA GLY F 285 13.14 88.41 19.93
C GLY F 285 12.51 89.17 18.78
N THR F 286 11.53 90.02 19.08
CA THR F 286 10.82 90.77 18.06
C THR F 286 11.60 91.87 17.35
N LYS F 287 12.04 91.58 16.13
CA LYS F 287 12.80 92.52 15.32
C LYS F 287 12.06 92.93 14.04
N ALA F 288 12.64 93.85 13.28
CA ALA F 288 12.03 94.31 12.04
C ALA F 288 12.28 93.27 10.99
N LEU F 289 11.51 93.29 9.91
CA LEU F 289 11.66 92.31 8.83
C LEU F 289 12.85 92.54 7.92
N THR F 290 13.01 93.76 7.44
CA THR F 290 14.10 94.09 6.55
C THR F 290 15.46 94.02 7.24
N GLU F 291 15.46 94.14 8.56
CA GLU F 291 16.69 94.09 9.34
C GLU F 291 17.51 92.85 8.99
N VAL F 292 18.80 93.06 8.74
CA VAL F 292 19.71 91.96 8.39
C VAL F 292 20.22 91.16 9.59
N ILE F 293 20.38 89.85 9.39
CA ILE F 293 20.86 88.95 10.42
C ILE F 293 21.96 88.04 9.89
N PRO F 294 23.03 87.89 10.68
CA PRO F 294 24.16 87.04 10.30
C PRO F 294 23.95 85.65 10.87
N LEU F 295 24.10 84.63 10.02
CA LEU F 295 23.92 83.25 10.45
C LEU F 295 25.10 82.81 11.31
N THR F 296 24.80 82.30 12.49
CA THR F 296 25.84 81.85 13.43
C THR F 296 26.46 80.53 13.05
N GLU F 297 27.44 80.13 13.84
CA GLU F 297 28.15 78.88 13.64
C GLU F 297 27.20 77.69 13.72
N GLU F 298 26.48 77.57 14.84
CA GLU F 298 25.53 76.48 15.03
C GLU F 298 24.33 76.56 14.10
N ALA F 299 24.05 77.78 13.64
CA ALA F 299 22.95 78.02 12.72
C ALA F 299 23.34 77.49 11.34
N GLU F 300 24.49 77.96 10.84
CA GLU F 300 24.99 77.54 9.54
C GLU F 300 25.09 76.02 9.45
N LEU F 301 25.55 75.40 10.52
CA LEU F 301 25.67 73.96 10.53
C LEU F 301 24.29 73.37 10.28
N GLU F 302 23.38 73.58 11.24
CA GLU F 302 22.00 73.10 11.14
C GLU F 302 21.46 73.29 9.74
N LEU F 303 21.56 74.51 9.21
CA LEU F 303 21.07 74.77 7.87
C LEU F 303 21.65 73.73 6.91
N ALA F 304 22.97 73.73 6.75
CA ALA F 304 23.63 72.77 5.86
C ALA F 304 23.31 71.34 6.28
N GLU F 305 23.16 71.12 7.58
CA GLU F 305 22.83 69.80 8.07
C GLU F 305 21.51 69.45 7.40
N ASN F 306 20.52 70.35 7.49
CA ASN F 306 19.22 70.13 6.87
C ASN F 306 19.31 69.97 5.35
N ARG F 307 19.88 70.96 4.69
CA ARG F 307 20.02 70.94 3.24
C ARG F 307 20.48 69.58 2.73
N GLU F 308 21.23 68.85 3.56
CA GLU F 308 21.73 67.52 3.21
C GLU F 308 20.58 66.51 3.21
N ILE F 309 19.81 66.51 4.29
CA ILE F 309 18.67 65.60 4.46
C ILE F 309 17.72 65.62 3.26
N LEU F 310 17.47 66.81 2.70
CA LEU F 310 16.56 66.99 1.57
C LEU F 310 16.98 66.28 0.27
N LYS F 311 18.07 65.53 0.36
CA LYS F 311 18.60 64.79 -0.78
C LYS F 311 18.08 63.34 -0.76
N GLU F 312 18.20 62.69 0.39
CA GLU F 312 17.76 61.32 0.52
C GLU F 312 16.23 61.25 0.66
N PRO F 313 15.53 60.67 -0.35
CA PRO F 313 14.06 60.59 -0.26
C PRO F 313 13.60 59.84 1.00
N VAL F 314 12.39 60.14 1.44
CA VAL F 314 11.84 59.50 2.63
C VAL F 314 11.90 57.97 2.61
N HIS F 315 11.45 57.38 3.70
CA HIS F 315 11.45 55.93 3.87
C HIS F 315 10.03 55.46 4.19
N GLY F 316 9.55 54.46 3.45
CA GLY F 316 8.21 53.94 3.65
C GLY F 316 7.35 54.20 2.43
N VAL F 317 8.03 54.62 1.36
CA VAL F 317 7.37 54.92 0.10
C VAL F 317 7.32 53.66 -0.78
N TYR F 318 6.48 52.72 -0.36
CA TYR F 318 6.29 51.44 -1.04
C TYR F 318 4.90 51.43 -1.70
N TYR F 319 4.84 51.36 -3.03
CA TYR F 319 3.53 51.33 -3.70
C TYR F 319 2.64 50.18 -3.21
N ASP F 320 1.34 50.45 -3.06
CA ASP F 320 0.40 49.43 -2.60
C ASP F 320 -0.84 49.45 -3.46
N PRO F 321 -0.96 48.48 -4.38
CA PRO F 321 -2.08 48.32 -5.30
C PRO F 321 -3.47 48.38 -4.68
N SER F 322 -3.58 48.08 -3.39
CA SER F 322 -4.88 48.12 -2.73
C SER F 322 -5.40 49.53 -2.42
N LYS F 323 -4.66 50.56 -2.83
CA LYS F 323 -5.04 51.95 -2.57
C LYS F 323 -5.07 52.82 -3.84
N ASP F 324 -5.80 53.94 -3.78
CA ASP F 324 -5.87 54.83 -4.93
C ASP F 324 -4.56 55.55 -5.11
N LEU F 325 -4.44 56.28 -6.22
CA LEU F 325 -3.22 57.05 -6.48
C LEU F 325 -3.64 58.53 -6.59
N ILE F 326 -3.08 59.40 -5.74
CA ILE F 326 -3.41 60.82 -5.71
C ILE F 326 -2.38 61.76 -6.33
N ALA F 327 -2.81 62.62 -7.24
CA ALA F 327 -1.88 63.54 -7.88
C ALA F 327 -2.22 65.01 -7.59
N GLU F 328 -1.23 65.79 -7.17
CA GLU F 328 -1.47 67.18 -6.87
C GLU F 328 -0.64 68.10 -7.75
N ILE F 329 -1.27 69.16 -8.25
CA ILE F 329 -0.60 70.13 -9.09
C ILE F 329 -0.54 71.50 -8.40
N GLN F 330 0.60 72.16 -8.48
CA GLN F 330 0.80 73.49 -7.92
C GLN F 330 1.11 74.44 -9.06
N LYS F 331 0.43 75.57 -9.12
CA LYS F 331 0.70 76.51 -10.18
C LYS F 331 1.84 77.40 -9.73
N GLN F 332 2.98 77.29 -10.40
CA GLN F 332 4.15 78.09 -10.05
C GLN F 332 4.26 79.34 -10.91
N GLY F 333 3.39 79.43 -11.91
CA GLY F 333 3.43 80.60 -12.77
C GLY F 333 4.68 80.62 -13.60
N GLN F 334 4.73 81.57 -14.54
CA GLN F 334 5.85 81.73 -15.47
C GLN F 334 5.77 80.55 -16.44
N GLY F 335 4.63 79.86 -16.39
CA GLY F 335 4.42 78.70 -17.24
C GLY F 335 5.03 77.46 -16.63
N GLN F 336 5.54 77.60 -15.43
CA GLN F 336 6.16 76.50 -14.71
C GLN F 336 5.11 75.83 -13.82
N TRP F 337 5.16 74.50 -13.70
CA TRP F 337 4.21 73.78 -12.86
C TRP F 337 4.93 72.72 -12.03
N THR F 338 4.30 72.26 -10.95
CA THR F 338 4.89 71.23 -10.10
C THR F 338 3.79 70.32 -9.59
N TYR F 339 4.14 69.07 -9.35
CA TYR F 339 3.16 68.11 -8.88
C TYR F 339 3.78 67.06 -7.99
N GLN F 340 2.94 66.35 -7.24
CA GLN F 340 3.41 65.29 -6.35
C GLN F 340 2.40 64.18 -6.44
N ILE F 341 2.86 62.94 -6.38
CA ILE F 341 1.96 61.80 -6.47
C ILE F 341 2.19 60.95 -5.25
N TYR F 342 1.12 60.64 -4.54
CA TYR F 342 1.23 59.86 -3.32
C TYR F 342 0.05 58.99 -3.03
N GLN F 343 0.15 58.20 -1.98
CA GLN F 343 -0.93 57.32 -1.59
C GLN F 343 -1.36 57.66 -0.19
N GLU F 344 -0.39 58.10 0.61
CA GLU F 344 -0.64 58.52 1.99
C GLU F 344 0.05 59.87 2.14
N PRO F 345 -0.57 60.79 2.88
CA PRO F 345 0.02 62.13 3.07
C PRO F 345 1.47 62.15 3.52
N PHE F 346 2.27 62.98 2.85
CA PHE F 346 3.70 63.15 3.16
C PHE F 346 4.57 61.98 2.73
N LYS F 347 3.93 61.02 2.09
CA LYS F 347 4.61 59.83 1.60
C LYS F 347 4.57 59.87 0.07
N ASN F 348 5.21 60.88 -0.49
CA ASN F 348 5.25 61.06 -1.94
C ASN F 348 5.88 59.85 -2.63
N LEU F 349 5.33 59.47 -3.78
CA LEU F 349 5.89 58.35 -4.52
C LEU F 349 6.68 58.90 -5.69
N LYS F 350 6.47 60.18 -5.99
CA LYS F 350 7.18 60.86 -7.06
C LYS F 350 6.91 62.35 -6.98
N THR F 351 7.76 63.15 -7.61
CA THR F 351 7.61 64.61 -7.63
C THR F 351 8.38 65.26 -8.77
N GLY F 352 7.67 65.86 -9.73
CA GLY F 352 8.35 66.51 -10.84
C GLY F 352 7.85 67.92 -11.14
N LYS F 353 8.16 68.41 -12.33
CA LYS F 353 7.72 69.74 -12.74
C LYS F 353 7.13 69.67 -14.15
N TYR F 354 6.82 70.82 -14.73
CA TYR F 354 6.27 70.86 -16.07
C TYR F 354 6.58 72.21 -16.70
N ALA F 355 7.24 72.17 -17.87
CA ALA F 355 7.68 73.37 -18.60
C ALA F 355 6.73 73.93 -19.65
N ARG F 356 7.26 74.87 -20.44
CA ARG F 356 6.52 75.57 -21.48
C ARG F 356 6.19 74.75 -22.74
N MET F 357 5.24 75.28 -23.50
CA MET F 357 4.78 74.67 -24.74
C MET F 357 5.64 75.05 -25.96
N ARG F 358 5.97 74.02 -26.76
CA ARG F 358 6.77 74.19 -27.98
C ARG F 358 5.84 74.11 -29.21
N GLY F 359 5.75 75.23 -29.94
CA GLY F 359 4.90 75.31 -31.11
C GLY F 359 3.50 75.81 -30.76
N ALA F 360 3.32 76.17 -29.48
CA ALA F 360 2.03 76.67 -28.95
C ALA F 360 2.12 77.91 -28.05
N HIS F 361 0.98 78.28 -27.47
CA HIS F 361 0.84 79.46 -26.60
C HIS F 361 0.72 79.15 -25.10
N THR F 362 0.69 80.23 -24.31
CA THR F 362 0.58 80.16 -22.85
C THR F 362 -0.87 80.46 -22.39
N ASN F 363 -1.70 79.42 -22.43
CA ASN F 363 -3.09 79.49 -22.02
C ASN F 363 -3.14 78.71 -20.71
N ASP F 364 -3.23 79.45 -19.61
CA ASP F 364 -3.28 78.88 -18.28
C ASP F 364 -3.97 77.49 -18.22
N VAL F 365 -5.24 77.43 -18.59
CA VAL F 365 -5.99 76.18 -18.56
C VAL F 365 -5.34 75.07 -19.35
N LYS F 366 -5.16 75.31 -20.65
CA LYS F 366 -4.58 74.32 -21.55
C LYS F 366 -3.38 73.63 -20.90
N GLN F 367 -2.51 74.43 -20.32
CA GLN F 367 -1.32 73.93 -19.64
C GLN F 367 -1.67 72.84 -18.63
N LEU F 368 -2.60 73.13 -17.73
CA LEU F 368 -3.01 72.14 -16.75
C LEU F 368 -3.42 70.89 -17.52
N THR F 369 -4.27 71.09 -18.51
CA THR F 369 -4.73 69.98 -19.31
C THR F 369 -3.56 69.15 -19.80
N GLU F 370 -2.57 69.82 -20.38
CA GLU F 370 -1.40 69.11 -20.87
C GLU F 370 -0.74 68.47 -19.65
N ALA F 371 -0.41 69.29 -18.66
CA ALA F 371 0.22 68.80 -17.44
C ALA F 371 -0.47 67.56 -16.87
N VAL F 372 -1.79 67.58 -16.74
CA VAL F 372 -2.54 66.45 -16.20
C VAL F 372 -2.31 65.18 -16.99
N GLN F 373 -2.32 65.31 -18.31
CA GLN F 373 -2.10 64.16 -19.18
C GLN F 373 -0.69 63.63 -18.95
N LYS F 374 0.27 64.55 -18.91
CA LYS F 374 1.67 64.22 -18.69
C LYS F 374 1.76 63.32 -17.46
N ILE F 375 1.28 63.84 -16.33
CA ILE F 375 1.29 63.11 -15.07
C ILE F 375 0.61 61.75 -15.17
N THR F 376 -0.47 61.68 -15.95
CA THR F 376 -1.20 60.43 -16.07
C THR F 376 -0.41 59.30 -16.73
N THR F 377 0.18 59.54 -17.91
CA THR F 377 0.95 58.51 -18.59
C THR F 377 2.09 58.02 -17.68
N GLU F 378 2.83 58.96 -17.10
CA GLU F 378 3.92 58.60 -16.21
C GLU F 378 3.40 57.62 -15.18
N SER F 379 2.17 57.81 -14.74
CA SER F 379 1.54 56.94 -13.76
C SER F 379 1.27 55.58 -14.38
N ILE F 380 0.79 55.63 -15.60
CA ILE F 380 0.47 54.44 -16.35
C ILE F 380 1.75 53.60 -16.46
N VAL F 381 2.76 54.21 -17.05
CA VAL F 381 4.06 53.59 -17.24
C VAL F 381 4.66 53.02 -15.96
N ILE F 382 4.49 53.75 -14.86
CA ILE F 382 5.06 53.34 -13.57
C ILE F 382 4.23 52.41 -12.69
N TRP F 383 2.91 52.61 -12.61
CA TRP F 383 2.09 51.74 -11.78
C TRP F 383 0.97 51.08 -12.55
N GLY F 384 0.76 51.55 -13.78
CA GLY F 384 -0.30 50.98 -14.58
C GLY F 384 -1.62 51.21 -13.85
N LYS F 385 -1.81 52.46 -13.43
CA LYS F 385 -3.01 52.90 -12.73
C LYS F 385 -3.06 54.39 -12.95
N THR F 386 -4.24 54.96 -12.78
CA THR F 386 -4.40 56.39 -12.97
C THR F 386 -4.58 57.10 -11.63
N PRO F 387 -3.91 58.26 -11.47
CA PRO F 387 -4.05 58.99 -10.21
C PRO F 387 -5.31 59.85 -10.19
N LYS F 388 -5.77 60.19 -8.99
CA LYS F 388 -6.96 61.03 -8.84
C LYS F 388 -6.35 62.41 -8.70
N PHE F 389 -6.65 63.28 -9.64
CA PHE F 389 -6.09 64.63 -9.62
C PHE F 389 -6.82 65.66 -8.77
N LYS F 390 -6.06 66.47 -8.04
CA LYS F 390 -6.63 67.54 -7.24
C LYS F 390 -6.28 68.75 -8.06
N LEU F 391 -7.17 69.12 -8.98
CA LEU F 391 -6.93 70.26 -9.87
C LEU F 391 -7.10 71.65 -9.25
N PRO F 392 -6.07 72.50 -9.40
CA PRO F 392 -6.00 73.87 -8.91
C PRO F 392 -6.68 74.86 -9.86
N ILE F 393 -7.99 74.72 -10.02
CA ILE F 393 -8.77 75.59 -10.89
C ILE F 393 -10.24 75.38 -10.56
N GLN F 394 -11.05 76.43 -10.74
CA GLN F 394 -12.47 76.33 -10.42
C GLN F 394 -13.19 75.31 -11.30
N LYS F 395 -14.13 74.57 -10.72
CA LYS F 395 -14.87 73.57 -11.47
C LYS F 395 -15.34 74.08 -12.83
N GLU F 396 -16.00 75.22 -12.84
CA GLU F 396 -16.50 75.78 -14.09
C GLU F 396 -15.41 76.06 -15.09
N THR F 397 -14.45 76.90 -14.72
CA THR F 397 -13.37 77.24 -15.63
C THR F 397 -12.93 75.99 -16.38
N TRP F 398 -12.62 74.95 -15.61
CA TRP F 398 -12.16 73.67 -16.14
C TRP F 398 -13.22 72.95 -16.94
N GLU F 399 -14.38 72.68 -16.36
CA GLU F 399 -15.42 71.97 -17.10
C GLU F 399 -15.84 72.72 -18.36
N THR F 400 -15.33 73.93 -18.52
CA THR F 400 -15.64 74.74 -19.68
C THR F 400 -14.71 74.47 -20.84
N TRP F 401 -13.42 74.24 -20.56
CA TRP F 401 -12.45 74.03 -21.62
C TRP F 401 -11.49 72.85 -21.59
N TRP F 402 -11.68 71.89 -20.70
CA TRP F 402 -10.70 70.80 -20.69
C TRP F 402 -10.83 69.91 -21.91
N THR F 403 -12.06 69.72 -22.38
CA THR F 403 -12.29 68.89 -23.55
C THR F 403 -11.75 69.57 -24.78
N GLU F 404 -11.80 70.89 -24.79
CA GLU F 404 -11.34 71.65 -25.93
C GLU F 404 -9.84 71.52 -26.14
N TYR F 405 -9.12 70.98 -25.17
CA TYR F 405 -7.68 70.84 -25.29
C TYR F 405 -7.19 69.41 -25.06
N TRP F 406 -8.08 68.56 -24.59
CA TRP F 406 -7.74 67.17 -24.30
C TRP F 406 -7.26 66.38 -25.51
N GLN F 407 -6.33 65.46 -25.28
CA GLN F 407 -5.80 64.65 -26.36
C GLN F 407 -5.46 63.22 -26.02
N ALA F 408 -6.17 62.63 -25.08
CA ALA F 408 -5.90 61.25 -24.72
C ALA F 408 -7.19 60.44 -24.78
N THR F 409 -7.02 59.16 -25.01
CA THR F 409 -8.15 58.24 -25.10
C THR F 409 -8.79 58.00 -23.73
N TRP F 410 -7.98 58.05 -22.67
CA TRP F 410 -8.47 57.87 -21.30
C TRP F 410 -8.71 59.22 -20.65
N ILE F 411 -9.41 59.20 -19.52
CA ILE F 411 -9.67 60.42 -18.77
C ILE F 411 -9.55 60.06 -17.30
N PRO F 412 -8.71 60.80 -16.56
CA PRO F 412 -8.48 60.57 -15.12
C PRO F 412 -9.68 60.96 -14.27
N GLU F 413 -9.63 60.62 -12.98
CA GLU F 413 -10.73 60.95 -12.07
C GLU F 413 -10.28 62.22 -11.35
N TRP F 414 -10.72 63.39 -11.80
CA TRP F 414 -10.29 64.62 -11.14
C TRP F 414 -11.16 65.08 -9.99
N GLU F 415 -10.67 66.10 -9.29
CA GLU F 415 -11.32 66.71 -8.13
C GLU F 415 -10.75 68.12 -8.02
N PHE F 416 -11.58 69.09 -7.66
CA PHE F 416 -11.12 70.48 -7.55
C PHE F 416 -10.78 70.93 -6.16
N VAL F 417 -9.87 71.90 -6.08
CA VAL F 417 -9.44 72.40 -4.78
C VAL F 417 -8.75 73.74 -4.84
N ASN F 418 -8.98 74.55 -3.83
CA ASN F 418 -8.30 75.83 -3.75
C ASN F 418 -7.60 75.93 -2.39
N THR F 419 -6.30 76.18 -2.44
CA THR F 419 -5.48 76.32 -1.24
C THR F 419 -4.15 76.99 -1.64
N PRO F 420 -4.12 78.32 -1.57
CA PRO F 420 -2.95 79.13 -1.91
C PRO F 420 -1.66 78.71 -1.25
N PRO F 421 -0.56 79.37 -1.64
CA PRO F 421 0.79 79.13 -1.12
C PRO F 421 0.99 79.73 0.29
N LEU F 422 0.08 79.39 1.19
CA LEU F 422 0.13 79.88 2.56
C LEU F 422 1.52 79.55 3.07
N VAL F 423 2.00 78.36 2.71
CA VAL F 423 3.33 77.88 3.12
C VAL F 423 4.40 78.63 2.32
N LYS F 424 3.98 79.73 1.70
CA LYS F 424 4.83 80.60 0.90
C LYS F 424 5.79 79.87 -0.06
N LEU F 425 5.27 79.41 -1.20
CA LEU F 425 6.07 78.72 -2.22
C LEU F 425 6.91 77.59 -1.64
N TRP F 426 6.18 76.60 -1.15
CA TRP F 426 6.70 75.41 -0.52
C TRP F 426 7.38 74.37 -1.43
N TYR F 427 7.18 74.51 -2.74
CA TYR F 427 7.75 73.57 -3.72
C TYR F 427 8.58 74.17 -4.86
N GLN F 428 9.00 75.42 -4.70
CA GLN F 428 9.77 76.11 -5.73
C GLN F 428 11.00 76.80 -5.14
N GLY F 429 11.95 77.13 -5.99
CA GLY F 429 13.27 77.54 -5.55
C GLY F 429 13.22 78.77 -4.65
N PRO G 3 55.48 -57.30 46.40
CA PRO G 3 54.79 -57.43 45.11
C PRO G 3 53.29 -57.64 45.28
N ILE G 4 52.48 -56.87 44.56
CA ILE G 4 51.03 -56.98 44.63
C ILE G 4 50.36 -57.13 43.28
N SER G 5 50.18 -56.00 42.59
CA SER G 5 49.54 -56.00 41.27
C SER G 5 49.41 -54.59 40.73
N PRO G 6 49.15 -54.48 39.43
CA PRO G 6 49.04 -53.17 38.77
C PRO G 6 47.63 -52.94 38.22
N ILE G 7 46.68 -53.75 38.67
CA ILE G 7 45.30 -53.62 38.21
C ILE G 7 44.54 -52.58 39.02
N GLU G 8 43.72 -51.79 38.34
CA GLU G 8 42.92 -50.76 38.99
C GLU G 8 42.12 -51.34 40.15
N THR G 9 42.12 -50.61 41.27
CA THR G 9 41.39 -51.03 42.44
C THR G 9 39.89 -50.80 42.21
N VAL G 10 39.06 -51.66 42.81
CA VAL G 10 37.60 -51.50 42.68
C VAL G 10 37.15 -50.58 43.82
N PRO G 11 36.43 -49.49 43.48
CA PRO G 11 35.92 -48.51 44.45
C PRO G 11 34.87 -49.07 45.42
N VAL G 12 35.18 -48.99 46.71
CA VAL G 12 34.31 -49.50 47.77
C VAL G 12 34.01 -48.39 48.78
N LYS G 13 32.81 -48.46 49.35
CA LYS G 13 32.37 -47.49 50.34
C LYS G 13 31.59 -48.13 51.48
N LEU G 14 31.45 -47.39 52.56
CA LEU G 14 30.71 -47.84 53.74
C LEU G 14 29.27 -47.40 53.55
N LYS G 15 28.33 -48.05 54.23
CA LYS G 15 26.95 -47.64 54.11
C LYS G 15 26.80 -46.26 54.76
N PRO G 16 25.95 -45.38 54.16
CA PRO G 16 25.67 -44.02 54.62
C PRO G 16 25.39 -43.87 56.12
N GLY G 17 25.98 -42.86 56.74
CA GLY G 17 25.78 -42.64 58.16
C GLY G 17 26.63 -43.50 59.09
N MET G 18 27.29 -44.51 58.54
CA MET G 18 28.13 -45.40 59.33
C MET G 18 29.62 -45.13 59.17
N ASP G 19 30.35 -45.33 60.27
CA ASP G 19 31.79 -45.10 60.28
C ASP G 19 32.52 -46.46 60.44
N GLY G 20 33.84 -46.42 60.50
CA GLY G 20 34.62 -47.64 60.62
C GLY G 20 34.42 -48.48 61.88
N PRO G 21 35.08 -49.66 61.95
CA PRO G 21 34.98 -50.56 63.10
C PRO G 21 36.03 -50.23 64.16
N LYS G 22 35.63 -50.29 65.42
CA LYS G 22 36.53 -50.01 66.54
C LYS G 22 36.39 -51.13 67.56
N VAL G 23 36.61 -52.37 67.12
CA VAL G 23 36.53 -53.53 68.00
C VAL G 23 37.93 -53.98 68.41
N LYS G 24 38.15 -54.16 69.72
CA LYS G 24 39.46 -54.53 70.22
C LYS G 24 39.96 -55.92 69.84
N GLN G 25 41.27 -56.10 69.92
CA GLN G 25 41.92 -57.37 69.63
C GLN G 25 41.72 -58.31 70.83
N TRP G 26 41.29 -59.54 70.58
CA TRP G 26 41.06 -60.51 71.66
C TRP G 26 42.28 -61.39 71.95
N PRO G 27 42.27 -62.09 73.11
CA PRO G 27 43.35 -63.00 73.56
C PRO G 27 43.80 -64.07 72.52
N LEU G 28 45.08 -64.02 72.19
CA LEU G 28 45.66 -64.93 71.21
C LEU G 28 46.75 -65.85 71.78
N THR G 29 46.83 -67.06 71.23
CA THR G 29 47.83 -68.05 71.63
C THR G 29 49.22 -67.42 71.46
N GLU G 30 50.04 -67.41 72.51
CA GLU G 30 51.39 -66.84 72.41
C GLU G 30 52.12 -67.50 71.23
N GLU G 31 51.93 -68.81 71.13
CA GLU G 31 52.52 -69.64 70.08
C GLU G 31 52.00 -69.18 68.70
N LYS G 32 50.67 -69.11 68.57
CA LYS G 32 50.01 -68.68 67.34
C LYS G 32 50.47 -67.29 66.91
N ILE G 33 50.45 -66.33 67.85
CA ILE G 33 50.88 -64.96 67.61
C ILE G 33 52.12 -64.98 66.71
N LYS G 34 53.09 -65.83 67.08
CA LYS G 34 54.35 -65.99 66.33
C LYS G 34 54.04 -65.99 64.83
N ALA G 35 53.16 -66.90 64.43
CA ALA G 35 52.75 -67.05 63.04
C ALA G 35 52.40 -65.71 62.38
N LEU G 36 51.47 -64.96 63.00
CA LEU G 36 51.03 -63.67 62.49
C LEU G 36 52.17 -62.66 62.39
N VAL G 37 52.96 -62.54 63.46
CA VAL G 37 54.10 -61.61 63.51
C VAL G 37 55.05 -62.00 62.38
N GLU G 38 55.21 -63.30 62.17
CA GLU G 38 56.07 -63.80 61.10
C GLU G 38 55.50 -63.29 59.78
N ILE G 39 54.24 -63.66 59.55
CA ILE G 39 53.49 -63.30 58.34
C ILE G 39 53.44 -61.80 58.04
N CYS G 40 53.13 -61.01 59.07
CA CYS G 40 53.04 -59.56 58.94
C CYS G 40 54.35 -58.89 58.53
N THR G 41 55.47 -59.52 58.89
CA THR G 41 56.82 -59.01 58.58
C THR G 41 57.10 -59.21 57.08
N GLU G 42 56.52 -60.29 56.56
CA GLU G 42 56.63 -60.66 55.14
C GLU G 42 55.76 -59.72 54.30
N LEU G 43 54.46 -59.70 54.62
CA LEU G 43 53.49 -58.86 53.90
C LEU G 43 53.89 -57.38 53.96
N GLU G 44 54.75 -57.05 54.91
CA GLU G 44 55.24 -55.69 55.08
C GLU G 44 56.26 -55.36 54.00
N LYS G 45 57.34 -56.12 53.96
CA LYS G 45 58.38 -55.90 52.97
C LYS G 45 57.83 -56.07 51.56
N GLU G 46 56.81 -56.92 51.42
CA GLU G 46 56.18 -57.18 50.13
C GLU G 46 55.27 -56.01 49.75
N GLY G 47 55.01 -55.14 50.70
CA GLY G 47 54.17 -53.96 50.48
C GLY G 47 52.69 -54.29 50.43
N LYS G 48 52.32 -55.45 50.94
CA LYS G 48 50.92 -55.87 50.95
C LYS G 48 50.13 -55.16 52.05
N ILE G 49 50.81 -54.86 53.15
CA ILE G 49 50.19 -54.12 54.25
C ILE G 49 51.15 -52.98 54.59
N SER G 50 50.77 -52.17 55.57
CA SER G 50 51.60 -51.04 55.98
C SER G 50 51.41 -50.75 57.47
N LYS G 51 52.50 -50.36 58.13
CA LYS G 51 52.42 -50.03 59.55
C LYS G 51 51.67 -48.69 59.56
N ILE G 52 50.91 -48.42 60.62
CA ILE G 52 50.17 -47.16 60.68
C ILE G 52 50.36 -46.37 61.97
N GLY G 53 50.11 -45.07 61.86
CA GLY G 53 50.25 -44.16 62.98
C GLY G 53 49.16 -44.26 64.02
N PRO G 54 49.23 -43.39 65.04
CA PRO G 54 48.31 -43.29 66.19
C PRO G 54 46.88 -42.80 65.84
N GLU G 55 46.81 -41.84 64.92
CA GLU G 55 45.55 -41.24 64.49
C GLU G 55 44.46 -42.21 64.06
N ASN G 56 44.83 -43.33 63.42
CA ASN G 56 43.84 -44.32 62.98
C ASN G 56 43.11 -44.98 64.17
N PRO G 57 41.83 -44.60 64.40
CA PRO G 57 40.99 -45.12 65.49
C PRO G 57 40.30 -46.48 65.26
N TYR G 58 40.50 -47.06 64.07
CA TYR G 58 39.89 -48.35 63.72
C TYR G 58 40.77 -49.55 64.04
N ASN G 59 40.11 -50.69 64.24
CA ASN G 59 40.80 -51.94 64.52
C ASN G 59 39.80 -53.08 64.37
N THR G 60 40.35 -54.27 64.19
CA THR G 60 39.55 -55.48 64.01
C THR G 60 40.37 -56.68 64.46
N PRO G 61 39.82 -57.51 65.36
CA PRO G 61 40.54 -58.68 65.84
C PRO G 61 40.93 -59.62 64.69
N VAL G 62 42.16 -60.13 64.76
CA VAL G 62 42.70 -61.04 63.74
C VAL G 62 43.08 -62.37 64.38
N PHE G 63 43.41 -63.34 63.54
CA PHE G 63 43.80 -64.66 64.02
C PHE G 63 44.34 -65.54 62.89
N ALA G 64 44.94 -66.65 63.27
CA ALA G 64 45.56 -67.55 62.30
C ALA G 64 44.84 -68.90 62.26
N ILE G 65 44.94 -69.58 61.13
CA ILE G 65 44.38 -70.91 60.99
C ILE G 65 45.24 -71.78 60.08
N LYS G 66 45.25 -73.09 60.34
CA LYS G 66 46.04 -74.02 59.55
C LYS G 66 45.57 -74.05 58.10
N LYS G 67 46.49 -74.36 57.20
CA LYS G 67 46.18 -74.43 55.77
C LYS G 67 45.98 -75.90 55.44
N LYS G 68 45.95 -76.21 54.15
CA LYS G 68 45.77 -77.59 53.70
C LYS G 68 46.75 -78.65 54.17
N ASN G 69 47.90 -78.21 54.67
CA ASN G 69 48.92 -79.14 55.16
C ASN G 69 49.22 -78.93 56.64
N SER G 70 49.08 -77.69 57.11
CA SER G 70 49.33 -77.37 58.50
C SER G 70 50.80 -77.07 58.80
N THR G 71 51.60 -76.99 57.73
CA THR G 71 53.03 -76.70 57.87
C THR G 71 53.08 -75.19 58.00
N ARG G 72 52.06 -74.52 57.48
CA ARG G 72 51.99 -73.06 57.54
C ARG G 72 50.58 -72.59 57.91
N TRP G 73 50.31 -71.32 57.67
CA TRP G 73 49.33 -70.58 58.46
C TRP G 73 48.57 -69.59 57.60
N ARG G 74 47.33 -69.28 57.99
CA ARG G 74 46.46 -68.38 57.21
C ARG G 74 45.89 -67.22 58.06
N LYS G 75 46.29 -65.99 57.73
CA LYS G 75 45.83 -64.78 58.43
C LYS G 75 44.36 -64.49 58.16
N LEU G 76 43.56 -64.45 59.23
CA LEU G 76 42.13 -64.19 59.14
C LEU G 76 41.63 -63.06 60.06
N VAL G 77 40.99 -62.07 59.45
CA VAL G 77 40.44 -60.91 60.18
C VAL G 77 38.90 -61.05 60.36
N ASP G 78 38.44 -60.90 61.60
CA ASP G 78 37.03 -60.99 61.91
C ASP G 78 36.31 -59.67 61.55
N PHE G 79 36.36 -59.31 60.26
CA PHE G 79 35.73 -58.07 59.79
C PHE G 79 34.21 -58.14 59.92
N ARG G 80 33.70 -59.10 60.68
CA ARG G 80 32.25 -59.23 60.86
C ARG G 80 31.60 -57.90 61.20
N GLU G 81 32.33 -57.06 61.92
CA GLU G 81 31.81 -55.76 62.30
C GLU G 81 31.95 -54.83 61.09
N LEU G 82 33.03 -55.00 60.31
CA LEU G 82 33.25 -54.18 59.13
C LEU G 82 32.17 -54.51 58.07
N ASN G 83 32.06 -55.80 57.74
CA ASN G 83 31.11 -56.32 56.74
C ASN G 83 29.66 -55.76 56.85
N LYS G 84 29.19 -55.59 58.08
CA LYS G 84 27.84 -55.08 58.33
C LYS G 84 27.67 -53.61 57.96
N ARG G 85 28.78 -52.87 58.01
CA ARG G 85 28.77 -51.44 57.72
C ARG G 85 29.23 -51.08 56.29
N THR G 86 29.58 -52.09 55.49
CA THR G 86 30.04 -51.85 54.12
C THR G 86 28.93 -52.06 53.08
N GLN G 87 29.01 -51.27 51.99
CA GLN G 87 28.09 -51.31 50.85
C GLN G 87 27.92 -52.77 50.41
N ASP G 88 26.80 -53.08 49.77
CA ASP G 88 26.52 -54.44 49.29
C ASP G 88 27.24 -54.67 47.95
N PHE G 89 27.51 -55.92 47.64
CA PHE G 89 28.16 -56.25 46.38
C PHE G 89 27.30 -57.31 45.71
N TRP G 90 27.34 -57.38 44.40
CA TRP G 90 26.59 -58.42 43.75
C TRP G 90 27.64 -59.50 43.52
N GLU G 91 27.43 -60.70 44.07
CA GLU G 91 28.42 -61.77 43.87
C GLU G 91 28.47 -62.23 42.41
N VAL G 92 29.68 -62.38 41.91
CA VAL G 92 29.89 -62.80 40.52
C VAL G 92 30.15 -64.31 40.43
N GLN G 93 30.25 -64.98 41.58
CA GLN G 93 30.45 -66.43 41.59
C GLN G 93 29.07 -67.07 41.53
N LEU G 94 28.71 -67.59 40.36
CA LEU G 94 27.38 -68.18 40.16
C LEU G 94 27.18 -69.66 40.49
N GLY G 95 28.24 -70.45 40.41
CA GLY G 95 28.09 -71.87 40.70
C GLY G 95 29.46 -72.51 40.84
N ILE G 96 29.49 -73.83 40.88
CA ILE G 96 30.76 -74.52 41.03
C ILE G 96 31.02 -75.47 39.87
N PRO G 97 32.23 -75.40 39.30
CA PRO G 97 32.56 -76.28 38.19
C PRO G 97 32.34 -77.72 38.62
N HIS G 98 32.29 -78.62 37.65
CA HIS G 98 32.10 -80.03 37.95
C HIS G 98 32.82 -80.84 36.89
N PRO G 99 33.64 -81.81 37.33
CA PRO G 99 34.41 -82.68 36.42
C PRO G 99 33.55 -83.35 35.34
N ALA G 100 32.34 -83.77 35.70
CA ALA G 100 31.44 -84.42 34.76
C ALA G 100 31.06 -83.49 33.61
N GLY G 101 31.33 -82.20 33.78
CA GLY G 101 31.01 -81.23 32.75
C GLY G 101 32.23 -80.87 31.95
N LEU G 102 33.35 -81.51 32.27
CA LEU G 102 34.62 -81.29 31.60
C LEU G 102 34.84 -82.19 30.39
N LYS G 103 35.50 -81.64 29.37
CA LYS G 103 35.81 -82.37 28.14
C LYS G 103 37.28 -82.79 28.17
N LYS G 104 37.65 -83.76 27.35
CA LYS G 104 39.02 -84.23 27.32
C LYS G 104 39.91 -83.29 26.53
N LYS G 105 41.16 -83.22 26.97
CA LYS G 105 42.19 -82.37 26.36
C LYS G 105 43.52 -83.12 26.44
N LYS G 106 44.22 -83.19 25.30
CA LYS G 106 45.49 -83.89 25.23
C LYS G 106 46.45 -83.48 26.36
N SER G 107 46.49 -82.19 26.66
CA SER G 107 47.38 -81.68 27.72
C SER G 107 46.63 -80.85 28.76
N VAL G 108 47.06 -80.95 30.02
CA VAL G 108 46.41 -80.24 31.12
C VAL G 108 47.40 -79.78 32.19
N THR G 109 47.05 -78.70 32.87
CA THR G 109 47.86 -78.15 33.95
C THR G 109 46.92 -77.36 34.85
N VAL G 110 47.34 -77.17 36.10
CA VAL G 110 46.53 -76.42 37.06
C VAL G 110 47.46 -75.58 37.92
N LEU G 111 47.17 -74.29 38.03
CA LEU G 111 47.99 -73.39 38.82
C LEU G 111 47.20 -72.73 39.93
N ASP G 112 47.91 -72.18 40.88
CA ASP G 112 47.29 -71.49 42.00
C ASP G 112 48.12 -70.22 42.18
N VAL G 113 47.54 -69.22 42.83
CA VAL G 113 48.20 -67.93 43.01
C VAL G 113 48.66 -67.74 44.45
N GLY G 114 49.97 -67.69 44.64
CA GLY G 114 50.53 -67.41 45.96
C GLY G 114 50.00 -66.12 46.55
N ASP G 115 49.40 -66.23 47.73
CA ASP G 115 48.80 -65.08 48.39
C ASP G 115 47.94 -64.27 47.42
N ALA G 116 46.81 -64.84 47.02
CA ALA G 116 46.06 -64.35 45.87
C ALA G 116 45.39 -63.01 46.18
N TYR G 117 44.53 -63.01 47.19
CA TYR G 117 43.98 -61.77 47.72
C TYR G 117 45.05 -60.71 47.89
N PHE G 118 46.17 -61.09 48.50
CA PHE G 118 47.18 -60.14 48.94
C PHE G 118 47.87 -59.48 47.75
N SER G 119 47.39 -59.78 46.55
CA SER G 119 48.06 -59.36 45.32
C SER G 119 47.23 -58.33 44.56
N VAL G 120 45.98 -58.16 44.99
CA VAL G 120 45.08 -57.20 44.35
C VAL G 120 44.92 -55.94 45.20
N PRO G 121 45.40 -54.82 44.68
CA PRO G 121 45.37 -53.55 45.42
C PRO G 121 43.98 -53.27 45.99
N LEU G 122 43.93 -52.79 47.23
CA LEU G 122 42.66 -52.41 47.84
C LEU G 122 42.45 -50.90 47.77
N ASP G 123 41.24 -50.50 47.40
CA ASP G 123 40.90 -49.09 47.30
C ASP G 123 41.61 -48.32 48.42
N GLU G 124 42.32 -47.27 48.03
CA GLU G 124 43.09 -46.46 48.97
C GLU G 124 42.31 -45.97 50.19
N ASP G 125 41.46 -44.97 50.01
CA ASP G 125 40.70 -44.40 51.11
C ASP G 125 40.00 -45.41 52.02
N PHE G 126 39.68 -46.59 51.49
CA PHE G 126 39.01 -47.58 52.31
C PHE G 126 39.97 -48.27 53.27
N ARG G 127 41.25 -48.30 52.89
CA ARG G 127 42.28 -48.94 53.69
C ARG G 127 42.25 -48.61 55.20
N LYS G 128 41.85 -47.38 55.53
CA LYS G 128 41.80 -46.92 56.93
C LYS G 128 41.20 -47.97 57.88
N TYR G 129 39.99 -48.39 57.53
CA TYR G 129 39.21 -49.34 58.30
C TYR G 129 39.76 -50.76 58.39
N THR G 130 40.65 -51.12 57.47
CA THR G 130 41.24 -52.46 57.49
C THR G 130 42.34 -52.56 58.53
N ALA G 131 42.41 -51.56 59.41
CA ALA G 131 43.43 -51.52 60.45
C ALA G 131 43.23 -52.59 61.51
N PHE G 132 44.32 -53.24 61.89
CA PHE G 132 44.30 -54.27 62.92
C PHE G 132 45.52 -54.11 63.82
N THR G 133 45.67 -55.01 64.79
CA THR G 133 46.80 -54.96 65.72
C THR G 133 47.36 -56.35 66.09
N ILE G 134 48.67 -56.53 65.89
CA ILE G 134 49.36 -57.79 66.20
C ILE G 134 50.03 -57.73 67.57
N PRO G 135 49.63 -58.63 68.48
CA PRO G 135 50.22 -58.64 69.83
C PRO G 135 51.68 -59.06 69.87
N SER G 136 52.36 -58.62 70.94
CA SER G 136 53.77 -58.93 71.16
C SER G 136 53.82 -60.39 71.63
N ILE G 137 54.93 -61.07 71.36
CA ILE G 137 55.11 -62.49 71.75
C ILE G 137 54.82 -62.74 73.23
N ASN G 138 55.03 -61.73 74.07
CA ASN G 138 54.78 -61.89 75.49
C ASN G 138 53.68 -60.98 76.05
N ASN G 139 53.15 -60.11 75.18
CA ASN G 139 52.04 -59.21 75.53
C ASN G 139 52.36 -58.15 76.58
N GLU G 140 53.61 -57.68 76.58
CA GLU G 140 54.04 -56.64 77.53
C GLU G 140 53.49 -55.26 77.13
N THR G 141 53.74 -54.86 75.88
CA THR G 141 53.28 -53.58 75.34
C THR G 141 52.60 -53.77 73.98
N PRO G 142 51.75 -52.80 73.57
CA PRO G 142 51.04 -52.88 72.29
C PRO G 142 51.97 -53.31 71.15
N GLY G 143 51.50 -54.28 70.36
CA GLY G 143 52.29 -54.75 69.24
C GLY G 143 52.31 -53.72 68.12
N ILE G 144 52.35 -54.21 66.88
CA ILE G 144 52.37 -53.33 65.72
C ILE G 144 50.99 -53.21 65.06
N ARG G 145 50.58 -51.96 64.85
CA ARG G 145 49.31 -51.70 64.19
C ARG G 145 49.61 -51.66 62.68
N TYR G 146 48.92 -52.53 61.95
CA TYR G 146 49.06 -52.62 60.50
C TYR G 146 47.72 -52.26 59.84
N GLN G 147 47.75 -51.99 58.55
CA GLN G 147 46.56 -51.63 57.80
C GLN G 147 46.65 -52.20 56.38
N TYR G 148 45.78 -53.15 56.03
CA TYR G 148 45.82 -53.76 54.69
C TYR G 148 45.84 -52.79 53.52
N ASN G 149 46.57 -53.18 52.48
CA ASN G 149 46.72 -52.40 51.25
C ASN G 149 46.20 -53.23 50.10
N VAL G 150 45.80 -54.46 50.42
CA VAL G 150 45.27 -55.37 49.40
C VAL G 150 44.07 -56.13 49.93
N LEU G 151 43.31 -56.73 49.02
CA LEU G 151 42.13 -57.50 49.39
C LEU G 151 42.39 -58.39 50.60
N PRO G 152 41.79 -58.03 51.74
CA PRO G 152 41.96 -58.80 52.97
C PRO G 152 40.91 -59.89 53.12
N GLN G 153 41.33 -61.07 53.57
CA GLN G 153 40.41 -62.19 53.75
C GLN G 153 39.39 -61.90 54.85
N GLY G 154 38.17 -62.39 54.65
CA GLY G 154 37.11 -62.18 55.62
C GLY G 154 36.40 -60.86 55.43
N TRP G 155 36.05 -60.56 54.17
CA TRP G 155 35.37 -59.31 53.85
C TRP G 155 34.49 -59.46 52.62
N LYS G 156 33.25 -58.99 52.72
CA LYS G 156 32.26 -59.23 51.68
C LYS G 156 32.85 -59.05 50.29
N GLY G 157 33.72 -58.05 50.15
CA GLY G 157 34.13 -57.58 48.85
C GLY G 157 35.27 -58.40 48.25
N SER G 158 36.03 -59.05 49.12
CA SER G 158 37.28 -59.70 48.70
C SER G 158 37.01 -60.71 47.59
N PRO G 159 36.22 -61.74 47.90
CA PRO G 159 35.94 -62.81 46.94
C PRO G 159 35.51 -62.27 45.58
N ALA G 160 34.51 -61.39 45.59
CA ALA G 160 33.90 -60.91 44.34
C ALA G 160 34.84 -59.97 43.60
N ILE G 161 35.46 -59.05 44.33
CA ILE G 161 36.47 -58.18 43.77
C ILE G 161 37.53 -58.98 43.02
N PHE G 162 38.19 -59.89 43.72
CA PHE G 162 39.22 -60.72 43.12
C PHE G 162 38.71 -61.41 41.87
N GLN G 163 37.74 -62.30 42.03
CA GLN G 163 37.21 -63.07 40.92
C GLN G 163 36.92 -62.19 39.71
N SER G 164 36.35 -61.02 39.96
CA SER G 164 36.07 -60.05 38.90
C SER G 164 37.36 -59.52 38.29
N SER G 165 38.32 -59.21 39.14
CA SER G 165 39.60 -58.67 38.69
C SER G 165 40.46 -59.75 38.04
N MET G 166 40.31 -60.99 38.51
CA MET G 166 41.05 -62.11 37.97
C MET G 166 40.55 -62.48 36.57
N THR G 167 39.32 -62.09 36.27
CA THR G 167 38.74 -62.36 34.97
C THR G 167 39.24 -61.31 33.99
N LYS G 168 39.37 -60.07 34.46
CA LYS G 168 39.86 -58.99 33.61
C LYS G 168 41.29 -59.28 33.17
N ILE G 169 42.06 -59.87 34.07
CA ILE G 169 43.45 -60.23 33.80
C ILE G 169 43.55 -61.31 32.71
N LEU G 170 42.69 -62.31 32.78
CA LEU G 170 42.72 -63.39 31.80
C LEU G 170 42.04 -63.05 30.47
N GLU G 171 41.40 -61.87 30.37
CA GLU G 171 40.70 -61.46 29.15
C GLU G 171 41.59 -61.37 27.90
N PRO G 172 42.75 -60.69 28.02
CA PRO G 172 43.64 -60.58 26.87
C PRO G 172 44.04 -61.99 26.45
N PHE G 173 44.76 -62.67 27.35
CA PHE G 173 45.22 -64.03 27.11
C PHE G 173 44.18 -64.94 26.45
N LYS G 174 42.94 -64.85 26.94
CA LYS G 174 41.85 -65.68 26.42
C LYS G 174 41.58 -65.35 24.95
N LYS G 175 41.55 -64.06 24.65
CA LYS G 175 41.32 -63.60 23.28
C LYS G 175 42.32 -64.21 22.29
N GLN G 176 43.61 -64.06 22.59
CA GLN G 176 44.67 -64.58 21.73
C GLN G 176 44.64 -66.09 21.51
N ASN G 177 44.35 -66.86 22.56
CA ASN G 177 44.32 -68.32 22.45
C ASN G 177 42.90 -68.88 22.63
N PRO G 178 41.97 -68.51 21.73
CA PRO G 178 40.58 -68.98 21.80
C PRO G 178 40.49 -70.47 22.05
N ASP G 179 41.44 -71.21 21.49
CA ASP G 179 41.46 -72.66 21.61
C ASP G 179 41.90 -73.24 22.95
N ILE G 180 42.35 -72.41 23.89
CA ILE G 180 42.74 -72.93 25.19
C ILE G 180 41.52 -72.91 26.10
N VAL G 181 41.43 -73.89 26.99
CA VAL G 181 40.30 -73.94 27.92
C VAL G 181 40.79 -73.61 29.32
N ILE G 182 40.19 -72.59 29.93
CA ILE G 182 40.59 -72.19 31.29
C ILE G 182 39.43 -72.05 32.26
N TYR G 183 39.39 -72.96 33.23
CA TYR G 183 38.37 -72.93 34.27
C TYR G 183 38.95 -72.14 35.44
N GLN G 184 38.30 -71.05 35.80
CA GLN G 184 38.79 -70.27 36.91
C GLN G 184 37.82 -70.19 38.07
N TYR G 185 38.26 -70.74 39.20
CA TYR G 185 37.50 -70.75 40.42
C TYR G 185 38.45 -69.99 41.32
N MET G 186 38.09 -68.76 41.64
CA MET G 186 38.96 -67.92 42.47
C MET G 186 40.30 -67.71 41.77
N ASP G 187 41.37 -68.20 42.40
CA ASP G 187 42.72 -68.06 41.86
C ASP G 187 43.18 -69.40 41.28
N ASP G 188 42.29 -70.38 41.35
CA ASP G 188 42.60 -71.72 40.85
C ASP G 188 42.37 -71.83 39.34
N LEU G 189 43.46 -72.09 38.63
CA LEU G 189 43.41 -72.21 37.17
C LEU G 189 43.62 -73.63 36.64
N TYR G 190 42.72 -74.04 35.75
CA TYR G 190 42.78 -75.34 35.09
C TYR G 190 42.91 -74.98 33.61
N VAL G 191 44.07 -75.25 33.01
CA VAL G 191 44.28 -74.95 31.60
C VAL G 191 44.47 -76.25 30.80
N GLY G 192 43.51 -76.53 29.92
CA GLY G 192 43.57 -77.74 29.12
C GLY G 192 43.47 -77.45 27.63
N SER G 193 44.33 -78.10 26.86
CA SER G 193 44.36 -77.91 25.42
C SER G 193 44.63 -79.21 24.66
N ASP G 194 44.62 -79.11 23.32
CA ASP G 194 44.88 -80.25 22.45
C ASP G 194 46.20 -80.13 21.69
N LEU G 195 47.12 -79.36 22.28
CA LEU G 195 48.46 -79.17 21.72
C LEU G 195 49.28 -80.36 22.18
N GLU G 196 50.57 -80.37 21.88
CA GLU G 196 51.42 -81.44 22.34
C GLU G 196 52.05 -81.01 23.64
N ILE G 197 52.35 -81.99 24.51
CA ILE G 197 52.93 -81.71 25.82
C ILE G 197 53.88 -80.51 25.84
N GLY G 198 54.84 -80.49 24.92
CA GLY G 198 55.79 -79.38 24.87
C GLY G 198 55.15 -78.05 24.52
N GLN G 199 54.37 -78.01 23.43
CA GLN G 199 53.69 -76.80 23.01
C GLN G 199 52.83 -76.26 24.17
N HIS G 200 52.19 -77.19 24.88
CA HIS G 200 51.35 -76.86 26.03
C HIS G 200 52.20 -76.01 26.97
N ARG G 201 53.21 -76.64 27.58
CA ARG G 201 54.13 -75.99 28.51
C ARG G 201 54.45 -74.56 28.10
N THR G 202 54.57 -74.35 26.79
CA THR G 202 54.85 -73.03 26.23
C THR G 202 53.77 -72.05 26.66
N LYS G 203 52.56 -72.30 26.18
CA LYS G 203 51.42 -71.45 26.51
C LYS G 203 51.39 -71.25 28.02
N ILE G 204 51.49 -72.36 28.74
CA ILE G 204 51.49 -72.36 30.20
C ILE G 204 52.53 -71.35 30.72
N GLU G 205 53.63 -71.21 29.98
CA GLU G 205 54.69 -70.27 30.35
C GLU G 205 54.26 -68.85 30.04
N GLU G 206 53.55 -68.67 28.93
CA GLU G 206 53.06 -67.35 28.55
C GLU G 206 52.11 -66.89 29.65
N LEU G 207 51.12 -67.74 29.92
CA LEU G 207 50.11 -67.51 30.93
C LEU G 207 50.76 -67.18 32.28
N ARG G 208 51.53 -68.13 32.80
CA ARG G 208 52.20 -67.98 34.09
C ARG G 208 52.98 -66.65 34.14
N GLN G 209 53.53 -66.25 33.00
CA GLN G 209 54.29 -64.99 32.90
C GLN G 209 53.29 -63.85 32.75
N HIS G 210 52.29 -64.06 31.89
CA HIS G 210 51.25 -63.07 31.67
C HIS G 210 50.73 -62.60 33.02
N LEU G 211 50.47 -63.55 33.92
CA LEU G 211 49.98 -63.24 35.25
C LEU G 211 51.04 -62.42 35.98
N LEU G 212 52.28 -62.91 35.93
CA LEU G 212 53.40 -62.26 36.60
C LEU G 212 53.52 -60.76 36.28
N ARG G 213 53.15 -60.38 35.06
CA ARG G 213 53.21 -58.96 34.69
C ARG G 213 52.11 -58.22 35.45
N TRP G 214 51.10 -58.97 35.88
CA TRP G 214 49.99 -58.39 36.62
C TRP G 214 50.08 -58.53 38.12
N GLY G 215 51.18 -59.09 38.61
CA GLY G 215 51.35 -59.25 40.05
C GLY G 215 50.94 -60.62 40.55
N LEU G 216 50.32 -61.40 39.67
CA LEU G 216 49.89 -62.75 40.02
C LEU G 216 51.09 -63.71 40.01
N TYR G 217 51.78 -63.78 41.14
CA TYR G 217 52.93 -64.66 41.30
C TYR G 217 52.44 -66.09 41.06
N THR G 218 53.33 -67.00 40.71
CA THR G 218 52.89 -68.38 40.44
C THR G 218 53.86 -69.43 41.01
N PRO G 219 53.74 -69.78 42.31
CA PRO G 219 54.65 -70.78 42.91
C PRO G 219 54.69 -72.08 42.11
N ASP G 220 55.78 -72.84 42.23
CA ASP G 220 55.90 -74.09 41.50
C ASP G 220 55.12 -75.26 42.14
N GLN G 221 54.04 -74.91 42.85
CA GLN G 221 53.14 -75.89 43.49
C GLN G 221 51.85 -75.90 42.65
N LYS G 222 52.01 -76.31 41.39
CA LYS G 222 50.92 -76.42 40.44
C LYS G 222 51.22 -77.66 39.60
N HIS G 223 50.21 -78.51 39.47
CA HIS G 223 50.34 -79.75 38.70
C HIS G 223 50.81 -79.49 37.28
N GLN G 224 51.83 -80.24 36.87
CA GLN G 224 52.41 -80.15 35.53
C GLN G 224 52.15 -81.41 34.71
N LYS G 225 53.06 -82.38 34.78
CA LYS G 225 52.88 -83.63 34.03
C LYS G 225 52.43 -84.76 34.96
N GLU G 226 51.25 -84.60 35.56
CA GLU G 226 50.72 -85.64 36.45
C GLU G 226 49.30 -86.05 36.06
N PRO G 227 49.07 -87.37 35.80
CA PRO G 227 47.73 -87.85 35.44
C PRO G 227 46.78 -87.54 36.60
N PRO G 228 47.16 -87.91 37.85
CA PRO G 228 46.27 -87.60 38.99
C PRO G 228 46.27 -86.09 39.30
N PHE G 229 45.34 -85.36 38.68
CA PHE G 229 45.21 -83.92 38.88
C PHE G 229 44.29 -83.66 40.05
N LEU G 230 44.77 -82.95 41.07
CA LEU G 230 43.91 -82.62 42.19
C LEU G 230 43.24 -81.29 41.84
N TRP G 231 41.95 -81.36 41.53
CA TRP G 231 41.17 -80.18 41.13
C TRP G 231 39.79 -80.12 41.75
N MET G 232 39.47 -78.99 42.36
CA MET G 232 38.17 -78.76 42.98
C MET G 232 37.65 -79.91 43.85
N GLY G 233 38.58 -80.64 44.47
CA GLY G 233 38.17 -81.74 45.33
C GLY G 233 38.03 -83.08 44.61
N TYR G 234 38.62 -83.20 43.42
CA TYR G 234 38.55 -84.45 42.68
C TYR G 234 39.93 -84.83 42.18
N GLU G 235 40.00 -86.02 41.60
CA GLU G 235 41.23 -86.53 41.01
C GLU G 235 40.90 -86.68 39.52
N LEU G 236 41.54 -85.83 38.71
CA LEU G 236 41.31 -85.81 37.28
C LEU G 236 42.32 -86.65 36.50
N HIS G 237 41.84 -87.76 35.94
CA HIS G 237 42.67 -88.67 35.15
C HIS G 237 42.42 -88.48 33.67
N PRO G 238 43.39 -88.87 32.84
CA PRO G 238 43.27 -88.72 31.38
C PRO G 238 41.91 -89.09 30.78
N ASP G 239 41.36 -90.21 31.23
CA ASP G 239 40.08 -90.71 30.74
C ASP G 239 38.95 -90.71 31.78
N LYS G 240 39.28 -90.77 33.07
CA LYS G 240 38.28 -90.77 34.14
C LYS G 240 38.60 -89.88 35.33
N TRP G 241 37.64 -89.76 36.25
CA TRP G 241 37.82 -88.96 37.46
C TRP G 241 37.02 -89.54 38.62
N THR G 242 37.27 -89.02 39.82
CA THR G 242 36.53 -89.44 41.00
C THR G 242 36.75 -88.47 42.15
N VAL G 243 35.95 -88.61 43.20
CA VAL G 243 36.11 -87.80 44.40
C VAL G 243 37.44 -88.10 45.10
N GLN G 244 37.95 -87.10 45.82
CA GLN G 244 39.20 -87.27 46.57
C GLN G 244 38.94 -88.05 47.87
N PRO G 245 39.98 -88.73 48.35
CA PRO G 245 39.81 -89.73 49.41
C PRO G 245 38.65 -89.38 50.34
N ILE G 246 37.64 -90.25 50.38
CA ILE G 246 36.46 -90.01 51.20
C ILE G 246 36.45 -90.93 52.42
N VAL G 247 36.64 -90.33 53.60
CA VAL G 247 36.89 -91.09 54.81
C VAL G 247 35.71 -90.98 55.77
N LEU G 248 34.85 -91.99 55.76
CA LEU G 248 33.75 -92.08 56.72
C LEU G 248 34.26 -92.33 58.13
N PRO G 249 33.74 -91.57 59.09
CA PRO G 249 34.10 -91.76 60.51
C PRO G 249 33.65 -93.10 61.10
N GLU G 250 34.51 -93.66 61.95
CA GLU G 250 34.24 -94.94 62.59
C GLU G 250 34.15 -94.76 64.11
N LYS G 251 32.94 -94.95 64.66
CA LYS G 251 32.76 -94.82 66.10
C LYS G 251 31.53 -95.57 66.63
N ASP G 252 31.65 -96.02 67.88
CA ASP G 252 30.61 -96.77 68.60
C ASP G 252 29.31 -95.97 68.74
N SER G 253 29.35 -94.93 69.59
CA SER G 253 28.21 -94.06 69.83
C SER G 253 28.41 -92.76 69.03
N TRP G 254 27.30 -92.12 68.66
CA TRP G 254 27.36 -90.89 67.87
C TRP G 254 26.58 -89.73 68.48
N THR G 255 27.06 -88.51 68.25
CA THR G 255 26.38 -87.31 68.72
C THR G 255 25.69 -86.73 67.51
N VAL G 256 24.72 -85.86 67.75
CA VAL G 256 23.99 -85.20 66.67
C VAL G 256 24.97 -84.71 65.59
N ASN G 257 25.88 -83.83 65.97
CA ASN G 257 26.88 -83.30 65.05
C ASN G 257 27.57 -84.40 64.25
N ASP G 258 27.88 -85.52 64.90
CA ASP G 258 28.54 -86.64 64.22
C ASP G 258 27.71 -87.15 63.05
N ILE G 259 26.39 -87.18 63.23
CA ILE G 259 25.49 -87.65 62.19
C ILE G 259 25.53 -86.70 61.00
N CYS G 260 25.64 -85.39 61.30
CA CYS G 260 25.72 -84.35 60.27
C CYS G 260 26.93 -84.64 59.41
N LYS G 261 28.12 -84.49 60.01
CA LYS G 261 29.37 -84.75 59.32
C LYS G 261 29.24 -85.99 58.43
N LEU G 262 28.54 -87.00 58.95
CA LEU G 262 28.33 -88.26 58.21
C LEU G 262 27.54 -88.04 56.91
N VAL G 263 26.27 -87.68 57.07
CA VAL G 263 25.40 -87.46 55.91
C VAL G 263 25.97 -86.43 54.93
N GLY G 264 26.66 -85.42 55.44
CA GLY G 264 27.25 -84.43 54.57
C GLY G 264 28.33 -85.10 53.73
N LYS G 265 29.03 -86.05 54.36
CA LYS G 265 30.08 -86.80 53.68
C LYS G 265 29.39 -87.69 52.65
N LEU G 266 28.47 -88.53 53.11
CA LEU G 266 27.75 -89.43 52.21
C LEU G 266 27.08 -88.72 51.03
N ASN G 267 26.51 -87.55 51.29
CA ASN G 267 25.83 -86.81 50.21
C ASN G 267 26.80 -86.31 49.16
N TRP G 268 28.00 -85.94 49.59
CA TRP G 268 29.04 -85.47 48.69
C TRP G 268 29.57 -86.63 47.86
N ALA G 269 29.28 -87.84 48.32
CA ALA G 269 29.72 -89.04 47.62
C ALA G 269 28.66 -89.45 46.59
N SER G 270 27.44 -88.95 46.76
CA SER G 270 26.32 -89.24 45.85
C SER G 270 26.61 -88.74 44.44
N GLN G 271 27.67 -87.94 44.32
CA GLN G 271 28.12 -87.37 43.06
C GLN G 271 28.35 -88.46 42.02
N ILE G 272 29.07 -89.50 42.44
CA ILE G 272 29.44 -90.59 41.55
C ILE G 272 29.11 -91.98 42.11
N TYR G 273 29.08 -92.10 43.44
CA TYR G 273 28.77 -93.37 44.08
C TYR G 273 27.26 -93.62 44.04
N PRO G 274 26.81 -94.43 43.07
CA PRO G 274 25.38 -94.72 42.95
C PRO G 274 24.74 -95.38 44.18
N GLY G 275 23.43 -95.18 44.30
CA GLY G 275 22.66 -95.77 45.38
C GLY G 275 22.88 -95.33 46.81
N ILE G 276 23.73 -94.34 47.06
CA ILE G 276 23.94 -93.88 48.45
C ILE G 276 22.64 -93.26 48.98
N LYS G 277 22.25 -93.70 50.18
CA LYS G 277 21.04 -93.21 50.82
C LYS G 277 21.34 -92.73 52.24
N VAL G 278 20.73 -91.61 52.62
CA VAL G 278 20.92 -91.06 53.96
C VAL G 278 19.59 -90.79 54.64
N ARG G 279 18.51 -91.26 54.01
CA ARG G 279 17.14 -91.10 54.52
C ARG G 279 17.01 -91.33 56.04
N GLN G 280 17.08 -92.59 56.45
CA GLN G 280 16.94 -92.95 57.85
C GLN G 280 17.94 -92.20 58.70
N LEU G 281 19.20 -92.26 58.33
CA LEU G 281 20.24 -91.56 59.08
C LEU G 281 19.82 -90.13 59.39
N SER G 282 19.13 -89.50 58.45
CA SER G 282 18.68 -88.13 58.61
C SER G 282 17.57 -87.93 59.66
N LYS G 283 16.73 -88.95 59.82
CA LYS G 283 15.62 -88.89 60.79
C LYS G 283 16.12 -88.77 62.23
N LEU G 284 17.33 -89.28 62.49
CA LEU G 284 17.89 -89.22 63.81
C LEU G 284 17.99 -87.77 64.29
N LEU G 285 18.22 -86.84 63.36
CA LEU G 285 18.35 -85.44 63.72
C LEU G 285 17.02 -84.68 63.61
N ARG G 286 15.92 -85.41 63.65
CA ARG G 286 14.61 -84.75 63.56
C ARG G 286 14.30 -84.04 64.87
N GLY G 287 13.54 -82.95 64.77
CA GLY G 287 13.18 -82.19 65.94
C GLY G 287 14.38 -81.51 66.59
N THR G 288 14.09 -80.43 67.30
CA THR G 288 15.14 -79.69 67.99
C THR G 288 16.08 -80.65 68.72
N LYS G 289 17.38 -80.48 68.49
CA LYS G 289 18.41 -81.30 69.13
C LYS G 289 19.57 -80.35 69.37
N ALA G 290 20.72 -80.91 69.73
CA ALA G 290 21.93 -80.13 69.97
C ALA G 290 23.10 -80.93 69.39
N LEU G 291 24.03 -80.23 68.75
CA LEU G 291 25.20 -80.90 68.15
C LEU G 291 25.83 -81.90 69.12
N THR G 292 25.93 -81.53 70.39
CA THR G 292 26.54 -82.39 71.42
C THR G 292 25.71 -83.62 71.80
N GLU G 293 24.42 -83.41 72.08
CA GLU G 293 23.53 -84.50 72.47
C GLU G 293 23.96 -85.80 71.74
N VAL G 294 23.92 -86.92 72.47
CA VAL G 294 24.32 -88.18 71.87
C VAL G 294 23.12 -89.04 71.46
N ILE G 295 22.74 -88.91 70.20
CA ILE G 295 21.61 -89.66 69.65
C ILE G 295 22.06 -91.11 69.32
N PRO G 296 21.17 -92.11 69.56
CA PRO G 296 21.44 -93.53 69.30
C PRO G 296 21.01 -94.01 67.90
N LEU G 297 21.91 -94.72 67.22
CA LEU G 297 21.62 -95.25 65.87
C LEU G 297 20.60 -96.37 65.89
N THR G 298 19.40 -96.04 65.42
CA THR G 298 18.29 -97.00 65.38
C THR G 298 18.61 -98.21 64.49
N GLU G 299 17.61 -99.08 64.32
CA GLU G 299 17.78 -100.27 63.49
C GLU G 299 18.26 -99.82 62.09
N GLU G 300 17.33 -99.25 61.32
CA GLU G 300 17.59 -98.78 59.96
C GLU G 300 18.95 -98.14 59.81
N ALA G 301 19.12 -96.99 60.48
CA ALA G 301 20.38 -96.24 60.43
C ALA G 301 21.60 -97.15 60.50
N GLU G 302 21.65 -98.01 61.52
CA GLU G 302 22.77 -98.92 61.67
C GLU G 302 22.96 -99.72 60.40
N LEU G 303 21.83 -100.19 59.86
CA LEU G 303 21.81 -100.97 58.62
C LEU G 303 22.19 -100.11 57.41
N GLU G 304 21.52 -98.97 57.27
CA GLU G 304 21.78 -98.04 56.18
C GLU G 304 23.26 -97.68 56.12
N LEU G 305 23.77 -97.07 57.20
CA LEU G 305 25.18 -96.69 57.27
C LEU G 305 26.05 -97.86 56.80
N ALA G 306 25.58 -99.08 57.07
CA ALA G 306 26.29 -100.30 56.70
C ALA G 306 26.28 -100.55 55.19
N GLU G 307 25.08 -100.69 54.61
CA GLU G 307 24.90 -100.93 53.19
C GLU G 307 25.55 -99.80 52.41
N ASN G 308 25.43 -98.60 52.98
CA ASN G 308 25.99 -97.38 52.40
C ASN G 308 27.51 -97.39 52.57
N ARG G 309 27.99 -98.15 53.55
CA ARG G 309 29.42 -98.24 53.81
C ARG G 309 30.07 -99.29 52.90
N GLU G 310 29.26 -100.27 52.48
CA GLU G 310 29.72 -101.33 51.60
C GLU G 310 29.78 -100.87 50.15
N ILE G 311 29.25 -99.68 49.87
CA ILE G 311 29.27 -99.13 48.51
C ILE G 311 30.58 -98.39 48.27
N LEU G 312 31.07 -97.70 49.31
CA LEU G 312 32.32 -96.94 49.23
C LEU G 312 33.53 -97.86 49.23
N LYS G 313 33.28 -99.17 49.25
CA LYS G 313 34.36 -100.15 49.22
C LYS G 313 35.05 -100.10 47.85
N GLU G 314 34.35 -100.57 46.83
CA GLU G 314 34.89 -100.56 45.48
C GLU G 314 34.71 -99.17 44.85
N PRO G 315 35.82 -98.39 44.77
CA PRO G 315 35.80 -97.04 44.21
C PRO G 315 35.25 -96.98 42.78
N VAL G 316 34.67 -95.82 42.45
CA VAL G 316 34.10 -95.60 41.14
C VAL G 316 34.81 -94.43 40.48
N HIS G 317 34.48 -94.23 39.21
CA HIS G 317 35.06 -93.17 38.41
C HIS G 317 33.98 -92.58 37.50
N GLY G 318 34.19 -91.34 37.07
CA GLY G 318 33.30 -90.70 36.12
C GLY G 318 33.99 -90.39 34.80
N VAL G 319 33.23 -90.45 33.71
CA VAL G 319 33.77 -90.16 32.39
C VAL G 319 33.43 -88.73 31.97
N TYR G 320 34.34 -88.12 31.21
CA TYR G 320 34.23 -86.70 30.90
C TYR G 320 33.12 -86.44 29.88
N TYR G 321 32.90 -85.16 29.57
CA TYR G 321 31.77 -84.77 28.72
C TYR G 321 32.18 -84.73 27.25
N ASP G 322 31.37 -85.36 26.41
CA ASP G 322 31.57 -85.28 24.96
C ASP G 322 30.37 -84.65 24.27
N PRO G 323 30.53 -83.40 23.84
CA PRO G 323 29.41 -82.64 23.28
C PRO G 323 28.90 -83.25 21.98
N SER G 324 29.57 -84.29 21.50
CA SER G 324 29.33 -84.81 20.16
C SER G 324 28.15 -85.78 20.15
N LYS G 325 27.55 -85.98 21.33
CA LYS G 325 26.42 -86.88 21.47
C LYS G 325 25.55 -86.51 22.67
N ASP G 326 24.25 -86.44 22.46
CA ASP G 326 23.33 -85.99 23.50
C ASP G 326 23.48 -86.81 24.77
N LEU G 327 23.02 -86.26 25.89
CA LEU G 327 23.17 -86.92 27.18
C LEU G 327 21.96 -87.79 27.50
N ILE G 328 22.12 -88.69 28.46
CA ILE G 328 21.01 -89.52 28.93
C ILE G 328 20.94 -89.53 30.45
N ALA G 329 19.73 -89.31 30.98
CA ALA G 329 19.50 -89.40 32.42
C ALA G 329 18.44 -90.45 32.73
N GLU G 330 18.81 -91.41 33.59
CA GLU G 330 17.90 -92.49 33.95
C GLU G 330 17.63 -92.42 35.45
N ILE G 331 16.38 -92.64 35.82
CA ILE G 331 15.98 -92.58 37.22
C ILE G 331 15.23 -93.87 37.60
N GLN G 332 15.34 -94.26 38.87
CA GLN G 332 14.64 -95.46 39.35
C GLN G 332 14.09 -95.15 40.75
N LYS G 333 13.05 -95.88 41.15
CA LYS G 333 12.44 -95.67 42.46
C LYS G 333 13.20 -96.43 43.54
N GLN G 334 14.02 -95.70 44.30
CA GLN G 334 14.82 -96.31 45.37
C GLN G 334 14.01 -96.98 46.46
N GLY G 335 13.21 -96.17 47.14
CA GLY G 335 12.39 -96.70 48.20
C GLY G 335 11.19 -95.79 48.23
N GLN G 336 10.29 -96.01 49.19
CA GLN G 336 9.13 -95.17 49.28
C GLN G 336 9.63 -93.73 49.46
N GLY G 337 9.36 -92.90 48.46
CA GLY G 337 9.80 -91.51 48.50
C GLY G 337 11.15 -91.28 47.85
N GLN G 338 12.08 -92.21 48.02
CA GLN G 338 13.44 -92.08 47.46
C GLN G 338 13.64 -92.42 45.98
N TRP G 339 14.51 -91.65 45.33
CA TRP G 339 14.85 -91.83 43.91
C TRP G 339 16.33 -91.57 43.65
N THR G 340 16.92 -92.38 42.77
CA THR G 340 18.31 -92.23 42.39
C THR G 340 18.39 -92.17 40.88
N TYR G 341 19.37 -91.44 40.37
CA TYR G 341 19.56 -91.30 38.94
C TYR G 341 21.04 -91.26 38.58
N GLN G 342 21.31 -91.36 37.29
CA GLN G 342 22.66 -91.28 36.76
C GLN G 342 22.59 -90.82 35.33
N ILE G 343 23.47 -89.88 35.00
CA ILE G 343 23.53 -89.31 33.66
C ILE G 343 24.77 -89.87 32.96
N TYR G 344 24.59 -90.35 31.74
CA TYR G 344 25.69 -90.92 30.97
C TYR G 344 25.58 -90.62 29.49
N GLN G 345 26.64 -90.95 28.75
CA GLN G 345 26.67 -90.78 27.30
C GLN G 345 26.83 -92.19 26.71
N GLU G 346 27.62 -93.01 27.40
CA GLU G 346 27.81 -94.39 27.01
C GLU G 346 27.14 -95.19 28.12
N PRO G 347 26.46 -96.29 27.78
CA PRO G 347 25.75 -97.15 28.73
C PRO G 347 26.42 -97.30 30.11
N PHE G 348 27.48 -98.09 30.19
CA PHE G 348 28.18 -98.31 31.46
C PHE G 348 28.82 -97.05 32.04
N LYS G 349 29.51 -96.29 31.19
CA LYS G 349 30.20 -95.09 31.63
C LYS G 349 29.29 -93.97 32.16
N ASN G 350 29.00 -94.04 33.46
CA ASN G 350 28.16 -93.03 34.11
C ASN G 350 28.94 -91.72 34.10
N LEU G 351 28.27 -90.66 33.67
CA LEU G 351 28.87 -89.34 33.61
C LEU G 351 28.85 -88.72 35.00
N LYS G 352 27.77 -89.00 35.73
CA LYS G 352 27.58 -88.51 37.09
C LYS G 352 26.29 -89.10 37.64
N THR G 353 26.20 -89.27 38.97
CA THR G 353 24.98 -89.81 39.57
C THR G 353 24.43 -88.86 40.62
N GLY G 354 23.28 -89.22 41.16
CA GLY G 354 22.64 -88.39 42.17
C GLY G 354 21.38 -89.06 42.67
N LYS G 355 20.65 -88.38 43.52
CA LYS G 355 19.42 -88.92 44.08
C LYS G 355 18.48 -87.77 44.38
N TYR G 356 17.21 -88.08 44.55
CA TYR G 356 16.21 -87.08 44.90
C TYR G 356 15.20 -87.68 45.88
N ALA G 357 15.28 -87.24 47.14
CA ALA G 357 14.40 -87.77 48.18
C ALA G 357 13.39 -86.76 48.67
N ARG G 358 13.74 -85.47 48.62
CA ARG G 358 12.85 -84.40 49.09
C ARG G 358 11.39 -84.79 48.82
N MET G 359 10.62 -84.94 49.90
CA MET G 359 9.22 -85.28 49.81
C MET G 359 8.50 -83.94 50.05
N ARG G 360 7.90 -83.43 48.99
CA ARG G 360 7.19 -82.14 49.00
C ARG G 360 5.66 -82.26 49.01
N GLY G 361 5.05 -81.81 50.11
CA GLY G 361 3.61 -81.86 50.25
C GLY G 361 3.15 -82.82 51.35
N ALA G 362 1.86 -82.83 51.65
CA ALA G 362 1.32 -83.72 52.66
C ALA G 362 0.97 -85.03 51.98
N HIS G 363 0.12 -84.96 50.97
CA HIS G 363 -0.29 -86.13 50.22
C HIS G 363 0.07 -85.95 48.75
N THR G 364 0.82 -86.89 48.20
CA THR G 364 1.21 -86.85 46.79
C THR G 364 1.22 -88.28 46.31
N ASN G 365 1.89 -88.52 45.20
CA ASN G 365 1.98 -89.88 44.70
C ASN G 365 3.33 -90.01 44.02
N ASP G 366 3.52 -91.09 43.27
CA ASP G 366 4.81 -91.28 42.62
C ASP G 366 4.99 -90.47 41.34
N VAL G 367 3.97 -90.38 40.51
CA VAL G 367 4.08 -89.61 39.27
C VAL G 367 4.62 -88.22 39.54
N LYS G 368 3.91 -87.50 40.41
CA LYS G 368 4.27 -86.13 40.77
C LYS G 368 5.69 -86.03 41.33
N GLN G 369 6.10 -86.98 42.16
CA GLN G 369 7.45 -86.95 42.71
C GLN G 369 8.43 -87.28 41.58
N LEU G 370 8.03 -88.21 40.69
CA LEU G 370 8.86 -88.60 39.57
C LEU G 370 9.10 -87.36 38.71
N THR G 371 8.03 -86.61 38.46
CA THR G 371 8.08 -85.37 37.70
C THR G 371 9.04 -84.39 38.36
N GLU G 372 9.02 -84.32 39.68
CA GLU G 372 9.90 -83.42 40.43
C GLU G 372 11.36 -83.72 40.14
N ALA G 373 11.77 -84.99 40.26
CA ALA G 373 13.14 -85.38 39.97
C ALA G 373 13.54 -84.97 38.56
N VAL G 374 12.68 -85.28 37.59
CA VAL G 374 12.94 -84.91 36.21
C VAL G 374 13.35 -83.44 36.17
N GLN G 375 12.53 -82.60 36.80
CA GLN G 375 12.79 -81.16 36.82
C GLN G 375 14.05 -80.81 37.59
N LYS G 376 14.31 -81.55 38.66
CA LYS G 376 15.49 -81.30 39.49
C LYS G 376 16.75 -81.57 38.69
N ILE G 377 16.76 -82.70 37.98
CA ILE G 377 17.90 -83.10 37.14
C ILE G 377 18.03 -82.17 35.93
N THR G 378 16.90 -81.88 35.27
CA THR G 378 16.92 -81.00 34.11
C THR G 378 17.73 -79.76 34.47
N THR G 379 17.30 -79.06 35.53
CA THR G 379 18.02 -77.86 36.00
C THR G 379 19.51 -78.18 36.18
N GLU G 380 19.82 -79.07 37.12
CA GLU G 380 21.21 -79.42 37.39
C GLU G 380 22.00 -79.72 36.12
N SER G 381 21.33 -80.24 35.11
CA SER G 381 21.99 -80.56 33.84
C SER G 381 22.36 -79.33 33.05
N ILE G 382 21.47 -78.35 33.04
CA ILE G 382 21.73 -77.12 32.34
C ILE G 382 22.86 -76.36 33.00
N VAL G 383 22.97 -76.51 34.32
CA VAL G 383 24.04 -75.83 35.05
C VAL G 383 25.41 -76.40 34.71
N ILE G 384 25.48 -77.70 34.47
CA ILE G 384 26.75 -78.33 34.15
C ILE G 384 27.07 -78.39 32.67
N TRP G 385 26.07 -78.77 31.88
CA TRP G 385 26.27 -78.91 30.44
C TRP G 385 25.57 -77.87 29.57
N GLY G 386 24.56 -77.19 30.12
CA GLY G 386 23.86 -76.19 29.34
C GLY G 386 22.73 -76.70 28.49
N LYS G 387 22.42 -77.99 28.61
CA LYS G 387 21.32 -78.55 27.86
C LYS G 387 20.50 -79.46 28.75
N THR G 388 19.39 -79.93 28.23
CA THR G 388 18.54 -80.84 28.96
C THR G 388 18.72 -82.21 28.32
N PRO G 389 19.01 -83.22 29.13
CA PRO G 389 19.21 -84.57 28.60
C PRO G 389 17.91 -85.29 28.30
N LYS G 390 18.05 -86.44 27.64
CA LYS G 390 16.92 -87.29 27.29
C LYS G 390 16.71 -88.15 28.53
N PHE G 391 15.46 -88.47 28.83
CA PHE G 391 15.16 -89.26 30.02
C PHE G 391 14.66 -90.67 29.79
N LYS G 392 15.20 -91.58 30.60
CA LYS G 392 14.80 -92.99 30.59
C LYS G 392 14.05 -93.16 31.92
N LEU G 393 12.71 -93.17 31.84
CA LEU G 393 11.88 -93.25 33.04
C LEU G 393 11.09 -94.55 33.20
N PRO G 394 11.14 -95.13 34.40
CA PRO G 394 10.42 -96.37 34.68
C PRO G 394 8.92 -96.14 34.82
N ILE G 395 8.31 -95.55 33.81
CA ILE G 395 6.87 -95.29 33.86
C ILE G 395 6.21 -95.48 32.50
N GLN G 396 5.10 -96.20 32.48
CA GLN G 396 4.37 -96.47 31.23
C GLN G 396 3.93 -95.24 30.47
N LYS G 397 4.29 -95.18 29.19
CA LYS G 397 3.90 -94.05 28.37
C LYS G 397 2.40 -93.85 28.46
N GLU G 398 1.67 -94.93 28.71
CA GLU G 398 0.23 -94.83 28.80
C GLU G 398 -0.14 -94.28 30.18
N THR G 399 0.57 -94.72 31.20
CA THR G 399 0.32 -94.24 32.55
C THR G 399 0.33 -92.73 32.56
N TRP G 400 1.46 -92.17 32.16
CA TRP G 400 1.67 -90.72 32.11
C TRP G 400 0.65 -89.93 31.29
N GLU G 401 0.33 -90.41 30.09
CA GLU G 401 -0.64 -89.69 29.27
C GLU G 401 -1.96 -89.57 30.03
N THR G 402 -2.43 -90.65 30.63
CA THR G 402 -3.66 -90.62 31.40
C THR G 402 -3.54 -89.46 32.36
N TRP G 403 -2.45 -89.46 33.12
CA TRP G 403 -2.14 -88.44 34.12
C TRP G 403 -2.23 -86.98 33.67
N TRP G 404 -1.28 -86.55 32.84
CA TRP G 404 -1.25 -85.17 32.37
C TRP G 404 -2.52 -84.72 31.64
N THR G 405 -3.28 -85.69 31.14
CA THR G 405 -4.52 -85.37 30.45
C THR G 405 -5.70 -85.37 31.40
N GLU G 406 -5.45 -85.67 32.67
CA GLU G 406 -6.54 -85.71 33.64
C GLU G 406 -6.27 -84.83 34.86
N TYR G 407 -5.00 -84.52 35.10
CA TYR G 407 -4.67 -83.68 36.23
C TYR G 407 -5.07 -82.27 35.85
N TRP G 408 -5.60 -81.50 36.79
CA TRP G 408 -6.04 -80.15 36.48
C TRP G 408 -4.93 -79.09 36.33
N GLN G 409 -3.72 -79.42 36.78
CA GLN G 409 -2.61 -78.47 36.68
C GLN G 409 -1.85 -78.73 35.40
N ALA G 410 -1.16 -77.71 34.88
CA ALA G 410 -0.38 -77.91 33.67
C ALA G 410 0.79 -78.79 34.08
N THR G 411 1.31 -79.58 33.16
CA THR G 411 2.42 -80.45 33.52
C THR G 411 3.11 -80.98 32.28
N TRP G 412 4.39 -81.33 32.42
CA TRP G 412 5.14 -81.86 31.28
C TRP G 412 6.53 -82.39 31.60
N ILE G 413 6.93 -83.36 30.79
CA ILE G 413 8.23 -84.03 30.87
C ILE G 413 8.87 -83.89 29.47
N PRO G 414 10.18 -83.62 29.39
CA PRO G 414 10.86 -83.49 28.09
C PRO G 414 10.83 -84.79 27.30
N GLU G 415 11.68 -84.88 26.29
CA GLU G 415 11.74 -86.09 25.49
C GLU G 415 12.15 -87.20 26.46
N TRP G 416 11.34 -88.25 26.53
CA TRP G 416 11.66 -89.36 27.42
C TRP G 416 11.15 -90.69 26.85
N GLU G 417 11.82 -91.78 27.21
CA GLU G 417 11.42 -93.10 26.74
C GLU G 417 11.17 -94.05 27.91
N PHE G 418 10.29 -95.02 27.70
CA PHE G 418 9.97 -95.97 28.75
C PHE G 418 11.01 -97.07 28.89
N VAL G 419 11.30 -97.42 30.14
CA VAL G 419 12.25 -98.48 30.47
C VAL G 419 11.59 -99.38 31.52
N ASN G 420 11.48 -100.68 31.22
CA ASN G 420 10.84 -101.63 32.12
C ASN G 420 11.77 -102.16 33.21
N THR G 421 12.29 -101.26 34.03
CA THR G 421 13.20 -101.64 35.11
C THR G 421 12.53 -101.45 36.48
N PRO G 422 11.80 -102.50 36.96
CA PRO G 422 11.07 -102.56 38.24
C PRO G 422 11.84 -102.07 39.48
N PRO G 423 11.14 -101.39 40.41
CA PRO G 423 9.71 -101.07 40.38
C PRO G 423 9.29 -100.11 39.27
N LEU G 424 7.98 -100.00 39.05
CA LEU G 424 7.46 -99.11 38.01
C LEU G 424 6.40 -98.17 38.60
N VAL G 425 6.45 -96.92 38.16
CA VAL G 425 5.50 -95.93 38.63
C VAL G 425 4.15 -96.10 37.93
N LYS G 426 3.07 -96.00 38.69
CA LYS G 426 1.73 -96.14 38.14
C LYS G 426 0.71 -95.58 39.12
N LEU G 427 -0.41 -95.11 38.60
CA LEU G 427 -1.45 -94.60 39.48
C LEU G 427 -2.12 -95.83 40.08
N TRP G 428 -2.33 -95.84 41.39
CA TRP G 428 -2.91 -97.00 42.05
C TRP G 428 -4.40 -97.26 41.84
N TYR G 429 -5.15 -96.24 41.45
CA TYR G 429 -6.58 -96.38 41.19
C TYR G 429 -7.05 -95.12 40.54
N GLN G 430 -8.24 -95.15 39.96
CA GLN G 430 -8.78 -94.00 39.28
C GLN G 430 -10.23 -93.86 39.67
N LEU G 431 -10.66 -92.63 39.89
CA LEU G 431 -12.04 -92.41 40.24
C LEU G 431 -12.86 -92.44 38.96
N GLU G 432 -14.04 -93.06 39.02
CA GLU G 432 -14.90 -93.16 37.86
C GLU G 432 -15.34 -91.80 37.40
N LYS G 433 -15.53 -91.67 36.09
CA LYS G 433 -15.94 -90.40 35.51
C LYS G 433 -17.43 -90.17 35.72
N GLU G 434 -18.20 -91.26 35.61
CA GLU G 434 -19.65 -91.22 35.78
C GLU G 434 -20.11 -92.19 36.90
N PRO G 435 -21.24 -91.89 37.57
CA PRO G 435 -21.74 -92.74 38.65
C PRO G 435 -21.93 -94.19 38.22
N ILE G 436 -21.75 -95.12 39.16
CA ILE G 436 -21.91 -96.55 38.85
C ILE G 436 -23.33 -97.00 39.12
N VAL G 437 -23.98 -97.57 38.10
CA VAL G 437 -25.35 -98.03 38.27
C VAL G 437 -25.40 -99.18 39.26
N GLY G 438 -26.50 -99.25 39.99
CA GLY G 438 -26.69 -100.32 40.97
C GLY G 438 -25.55 -100.50 41.97
N ALA G 439 -25.24 -99.45 42.71
CA ALA G 439 -24.18 -99.50 43.72
C ALA G 439 -24.65 -98.62 44.88
N GLU G 440 -24.32 -99.01 46.12
CA GLU G 440 -24.71 -98.21 47.28
C GLU G 440 -24.14 -96.81 47.13
N THR G 441 -25.00 -95.81 47.30
CA THR G 441 -24.62 -94.41 47.20
C THR G 441 -24.46 -93.88 48.61
N PHE G 442 -23.24 -93.78 49.11
CA PHE G 442 -23.04 -93.29 50.46
C PHE G 442 -22.97 -91.79 50.57
N TYR G 443 -23.84 -91.20 51.39
CA TYR G 443 -23.83 -89.77 51.63
C TYR G 443 -23.09 -89.66 52.95
N VAL G 444 -21.97 -88.98 52.98
CA VAL G 444 -21.27 -88.90 54.25
C VAL G 444 -20.82 -87.53 54.66
N ASP G 445 -20.66 -87.36 55.96
CA ASP G 445 -20.17 -86.11 56.51
C ASP G 445 -19.78 -86.35 57.95
N GLY G 446 -19.42 -85.28 58.63
CA GLY G 446 -19.02 -85.35 60.02
C GLY G 446 -18.92 -83.93 60.51
N ALA G 447 -18.72 -83.75 61.80
CA ALA G 447 -18.62 -82.42 62.34
C ALA G 447 -17.92 -82.53 63.67
N ALA G 448 -17.59 -81.40 64.28
CA ALA G 448 -16.88 -81.44 65.55
C ALA G 448 -17.00 -80.15 66.32
N ASN G 449 -16.73 -80.22 67.62
CA ASN G 449 -16.79 -79.04 68.45
C ASN G 449 -15.38 -78.52 68.72
N ARG G 450 -15.09 -77.35 68.18
CA ARG G 450 -13.78 -76.71 68.32
C ARG G 450 -13.46 -76.29 69.75
N GLU G 451 -14.20 -76.80 70.72
CA GLU G 451 -13.97 -76.49 72.13
C GLU G 451 -13.84 -77.78 72.93
N THR G 452 -14.70 -78.75 72.61
CA THR G 452 -14.70 -80.04 73.28
C THR G 452 -13.83 -81.00 72.48
N LYS G 453 -13.63 -80.68 71.20
CA LYS G 453 -12.82 -81.47 70.29
C LYS G 453 -13.45 -82.81 69.96
N LEU G 454 -14.69 -83.00 70.38
CA LEU G 454 -15.44 -84.22 70.07
C LEU G 454 -16.10 -84.11 68.70
N GLY G 455 -16.40 -85.27 68.10
CA GLY G 455 -16.80 -85.33 66.71
C GLY G 455 -17.59 -86.58 66.38
N LYS G 456 -18.54 -86.46 65.46
CA LYS G 456 -19.28 -87.61 64.97
C LYS G 456 -19.20 -87.72 63.46
N ALA G 457 -18.54 -88.77 62.98
CA ALA G 457 -18.44 -89.02 61.54
C ALA G 457 -19.31 -90.18 61.12
N GLY G 458 -20.10 -89.98 60.07
CA GLY G 458 -21.29 -90.77 59.84
C GLY G 458 -21.66 -90.86 58.38
N TYR G 459 -22.36 -91.93 58.00
CA TYR G 459 -22.86 -92.10 56.65
C TYR G 459 -24.27 -92.65 56.64
N VAL G 460 -24.92 -92.58 55.49
CA VAL G 460 -26.29 -93.07 55.34
C VAL G 460 -26.67 -93.25 53.88
N THR G 461 -26.94 -94.49 53.49
CA THR G 461 -27.05 -94.83 52.08
C THR G 461 -28.51 -94.91 51.64
N ASN G 462 -28.73 -94.96 50.34
CA ASN G 462 -30.08 -95.05 49.78
C ASN G 462 -30.75 -96.38 50.13
N LYS G 463 -29.94 -97.39 50.37
CA LYS G 463 -30.45 -98.71 50.74
C LYS G 463 -30.80 -98.77 52.22
N GLY G 464 -30.75 -97.62 52.88
CA GLY G 464 -31.32 -97.49 54.21
C GLY G 464 -30.28 -97.73 55.30
N ARG G 465 -29.11 -98.20 54.91
CA ARG G 465 -28.03 -98.47 55.85
C ARG G 465 -27.47 -97.18 56.44
N GLN G 466 -26.96 -97.26 57.65
CA GLN G 466 -26.74 -96.07 58.47
C GLN G 466 -25.67 -96.33 59.53
N LYS G 467 -24.96 -95.27 59.92
CA LYS G 467 -23.85 -95.39 60.86
C LYS G 467 -23.43 -94.02 61.37
N VAL G 468 -23.03 -93.98 62.64
CA VAL G 468 -22.25 -92.86 63.16
C VAL G 468 -21.31 -93.32 64.28
N VAL G 469 -20.06 -92.90 64.19
CA VAL G 469 -19.10 -93.13 65.27
C VAL G 469 -18.70 -91.81 65.94
N PRO G 470 -18.36 -91.89 67.21
CA PRO G 470 -17.88 -90.71 67.96
C PRO G 470 -16.36 -90.64 67.99
N LEU G 471 -15.83 -89.42 68.08
CA LEU G 471 -14.39 -89.21 67.99
C LEU G 471 -13.89 -88.34 69.14
N THR G 472 -12.84 -88.80 69.81
CA THR G 472 -12.30 -88.08 70.98
C THR G 472 -11.97 -86.59 70.78
N ASN G 473 -10.87 -86.33 70.07
CA ASN G 473 -10.44 -84.98 69.80
C ASN G 473 -10.06 -84.93 68.35
N THR G 474 -10.95 -84.35 67.55
CA THR G 474 -10.72 -84.27 66.13
C THR G 474 -10.95 -82.86 65.60
N THR G 475 -10.81 -82.72 64.30
CA THR G 475 -10.99 -81.45 63.64
C THR G 475 -12.14 -81.56 62.68
N ASN G 476 -12.91 -80.50 62.57
CA ASN G 476 -14.06 -80.49 61.69
C ASN G 476 -13.67 -81.04 60.32
N GLN G 477 -12.39 -80.97 59.98
CA GLN G 477 -11.94 -81.47 58.69
C GLN G 477 -11.78 -82.99 58.74
N LYS G 478 -10.98 -83.48 59.68
CA LYS G 478 -10.73 -84.92 59.79
C LYS G 478 -12.01 -85.76 59.79
N THR G 479 -13.03 -85.28 60.49
CA THR G 479 -14.28 -86.01 60.56
C THR G 479 -14.76 -86.30 59.15
N GLU G 480 -14.87 -85.24 58.34
CA GLU G 480 -15.29 -85.36 56.96
C GLU G 480 -14.44 -86.43 56.29
N LEU G 481 -13.18 -86.52 56.69
CA LEU G 481 -12.32 -87.55 56.18
C LEU G 481 -12.80 -88.90 56.70
N GLN G 482 -12.85 -89.03 58.03
CA GLN G 482 -13.29 -90.25 58.66
C GLN G 482 -14.51 -90.78 57.94
N ALA G 483 -15.53 -89.93 57.82
CA ALA G 483 -16.75 -90.32 57.15
C ALA G 483 -16.39 -91.11 55.90
N ILE G 484 -15.71 -90.46 54.96
CA ILE G 484 -15.37 -91.15 53.73
C ILE G 484 -14.66 -92.49 53.99
N TYR G 485 -13.93 -92.58 55.09
CA TYR G 485 -13.23 -93.81 55.40
C TYR G 485 -14.30 -94.85 55.70
N LEU G 486 -15.14 -94.55 56.69
CA LEU G 486 -16.22 -95.44 57.07
C LEU G 486 -16.98 -95.89 55.84
N ALA G 487 -17.44 -94.92 55.06
CA ALA G 487 -18.19 -95.19 53.85
C ALA G 487 -17.43 -96.16 52.95
N LEU G 488 -16.11 -96.07 52.95
CA LEU G 488 -15.30 -96.96 52.12
C LEU G 488 -15.11 -98.32 52.79
N GLN G 489 -14.98 -98.33 54.11
CA GLN G 489 -14.83 -99.58 54.82
C GLN G 489 -16.10 -100.36 54.57
N ASP G 490 -17.19 -99.89 55.18
CA ASP G 490 -18.47 -100.54 55.04
C ASP G 490 -18.98 -100.53 53.61
N SER G 491 -18.19 -99.98 52.68
CA SER G 491 -18.62 -99.93 51.29
C SER G 491 -18.55 -101.29 50.65
N GLY G 492 -18.98 -101.35 49.39
CA GLY G 492 -18.95 -102.61 48.67
C GLY G 492 -17.67 -102.71 47.86
N LEU G 493 -17.84 -102.95 46.56
CA LEU G 493 -16.70 -103.07 45.65
C LEU G 493 -16.87 -102.01 44.58
N GLU G 494 -18.09 -101.47 44.53
CA GLU G 494 -18.46 -100.42 43.61
C GLU G 494 -19.32 -99.47 44.44
N VAL G 495 -18.77 -98.31 44.77
CA VAL G 495 -19.50 -97.36 45.59
C VAL G 495 -19.55 -95.92 45.10
N ASN G 496 -20.56 -95.21 45.54
CA ASN G 496 -20.71 -93.82 45.18
C ASN G 496 -20.71 -93.08 46.49
N ILE G 497 -19.88 -92.05 46.57
CA ILE G 497 -19.75 -91.31 47.79
C ILE G 497 -19.91 -89.82 47.56
N VAL G 498 -20.95 -89.22 48.11
CA VAL G 498 -21.10 -87.79 47.96
C VAL G 498 -20.67 -87.11 49.26
N THR G 499 -20.12 -85.91 49.14
CA THR G 499 -19.66 -85.19 50.31
C THR G 499 -19.77 -83.68 50.09
N ASP G 500 -19.60 -82.92 51.17
CA ASP G 500 -19.66 -81.47 51.12
C ASP G 500 -18.27 -80.93 51.41
N SER G 501 -17.36 -81.83 51.77
CA SER G 501 -15.99 -81.45 52.08
C SER G 501 -15.08 -81.35 50.89
N GLN G 502 -14.77 -80.12 50.48
CA GLN G 502 -13.87 -79.93 49.36
C GLN G 502 -12.53 -80.43 49.87
N TYR G 503 -12.16 -79.98 51.07
CA TYR G 503 -10.90 -80.36 51.69
C TYR G 503 -10.62 -81.83 51.44
N ALA G 504 -11.57 -82.64 51.84
CA ALA G 504 -11.45 -84.06 51.67
C ALA G 504 -11.39 -84.32 50.18
N LEU G 505 -12.50 -84.04 49.51
CA LEU G 505 -12.60 -84.26 48.08
C LEU G 505 -11.32 -83.88 47.36
N GLY G 506 -10.73 -82.77 47.77
CA GLY G 506 -9.50 -82.30 47.16
C GLY G 506 -8.34 -83.28 47.28
N ILE G 507 -8.05 -83.74 48.50
CA ILE G 507 -6.96 -84.66 48.72
C ILE G 507 -7.10 -85.88 47.83
N ILE G 508 -8.27 -86.50 47.87
CA ILE G 508 -8.53 -87.69 47.08
C ILE G 508 -8.47 -87.56 45.57
N GLN G 509 -8.95 -86.44 45.02
CA GLN G 509 -8.95 -86.24 43.57
C GLN G 509 -7.57 -86.19 42.90
N ALA G 510 -6.54 -85.90 43.69
CA ALA G 510 -5.18 -85.84 43.15
C ALA G 510 -4.54 -87.22 43.18
N GLN G 511 -5.34 -88.23 43.47
CA GLN G 511 -4.88 -89.61 43.51
C GLN G 511 -3.58 -89.77 44.28
N PRO G 512 -3.64 -89.70 45.62
CA PRO G 512 -2.44 -89.84 46.44
C PRO G 512 -2.07 -91.32 46.59
N ASP G 513 -0.78 -91.58 46.82
CA ASP G 513 -0.29 -92.94 47.04
C ASP G 513 0.67 -92.93 48.23
N LYS G 514 0.77 -91.85 48.91
CA LYS G 514 1.59 -91.62 50.11
C LYS G 514 1.02 -90.51 50.97
N SER G 515 1.43 -90.32 52.14
CA SER G 515 0.89 -89.27 52.96
C SER G 515 1.47 -89.33 54.35
N GLU G 516 1.46 -88.19 55.03
CA GLU G 516 1.95 -88.14 56.40
C GLU G 516 0.76 -88.33 57.32
N SER G 517 -0.44 -88.41 56.74
CA SER G 517 -1.67 -88.59 57.52
C SER G 517 -2.16 -90.03 57.63
N GLU G 518 -2.02 -90.58 58.83
CA GLU G 518 -2.44 -91.94 59.10
C GLU G 518 -3.74 -92.25 58.34
N LEU G 519 -4.80 -91.52 58.70
CA LEU G 519 -6.13 -91.67 58.11
C LEU G 519 -6.11 -91.82 56.59
N VAL G 520 -5.46 -90.88 55.93
CA VAL G 520 -5.40 -90.88 54.47
C VAL G 520 -4.83 -92.18 53.89
N ASN G 521 -3.78 -92.69 54.51
CA ASN G 521 -3.15 -93.93 54.03
C ASN G 521 -4.18 -95.04 54.09
N GLN G 522 -5.03 -94.97 55.11
CA GLN G 522 -6.07 -95.95 55.27
C GLN G 522 -7.05 -95.75 54.12
N ILE G 523 -7.46 -94.51 53.89
CA ILE G 523 -8.39 -94.21 52.82
C ILE G 523 -7.77 -94.65 51.52
N ILE G 524 -6.47 -94.38 51.38
CA ILE G 524 -5.73 -94.75 50.18
C ILE G 524 -5.87 -96.25 50.01
N GLU G 525 -5.28 -96.98 50.95
CA GLU G 525 -5.30 -98.43 50.94
C GLU G 525 -6.68 -98.91 50.53
N GLN G 526 -7.70 -98.43 51.23
CA GLN G 526 -9.08 -98.84 50.96
C GLN G 526 -9.49 -98.57 49.51
N LEU G 527 -9.01 -97.46 48.94
CA LEU G 527 -9.37 -97.15 47.58
C LEU G 527 -8.76 -98.12 46.58
N ILE G 528 -7.49 -98.52 46.79
CA ILE G 528 -6.85 -99.47 45.88
C ILE G 528 -7.71 -100.72 45.78
N LYS G 529 -8.03 -101.27 46.95
CA LYS G 529 -8.85 -102.46 47.06
C LYS G 529 -10.18 -102.35 46.31
N LYS G 530 -10.73 -101.14 46.26
CA LYS G 530 -11.99 -100.91 45.57
C LYS G 530 -11.91 -101.33 44.11
N GLU G 531 -13.06 -101.36 43.44
CA GLU G 531 -13.12 -101.73 42.03
C GLU G 531 -13.66 -100.58 41.18
N LYS G 532 -14.59 -99.82 41.75
CA LYS G 532 -15.19 -98.68 41.06
C LYS G 532 -15.84 -97.72 42.05
N VAL G 533 -15.13 -96.64 42.36
CA VAL G 533 -15.63 -95.65 43.31
C VAL G 533 -15.92 -94.32 42.63
N TYR G 534 -17.07 -93.73 42.96
CA TYR G 534 -17.47 -92.45 42.40
C TYR G 534 -17.60 -91.39 43.50
N LEU G 535 -16.93 -90.26 43.30
CA LEU G 535 -16.95 -89.19 44.29
C LEU G 535 -17.64 -87.93 43.75
N ALA G 536 -18.74 -87.54 44.39
CA ALA G 536 -19.48 -86.35 44.01
C ALA G 536 -19.46 -85.33 45.14
N TRP G 537 -19.70 -84.07 44.78
CA TRP G 537 -19.70 -83.00 45.77
C TRP G 537 -20.99 -82.22 45.74
N VAL G 538 -21.37 -81.70 46.91
CA VAL G 538 -22.56 -80.90 47.01
C VAL G 538 -22.42 -79.89 48.15
N PRO G 539 -22.93 -78.67 47.94
CA PRO G 539 -22.91 -77.56 48.89
C PRO G 539 -23.45 -77.91 50.25
N ALA G 540 -22.63 -77.72 51.28
CA ALA G 540 -23.06 -77.99 52.64
C ALA G 540 -24.27 -77.12 52.98
N HIS G 541 -24.97 -77.45 54.06
CA HIS G 541 -26.16 -76.71 54.52
C HIS G 541 -27.00 -76.14 53.41
N LYS G 542 -27.37 -76.98 52.45
CA LYS G 542 -28.23 -76.56 51.35
C LYS G 542 -29.42 -77.49 51.18
N GLY G 543 -29.50 -78.51 52.05
CA GLY G 543 -30.67 -79.35 52.14
C GLY G 543 -30.80 -80.29 50.95
N ILE G 544 -29.69 -80.89 50.56
CA ILE G 544 -29.62 -81.63 49.30
C ILE G 544 -29.70 -83.13 49.55
N GLY G 545 -30.74 -83.76 49.00
CA GLY G 545 -30.88 -85.21 49.06
C GLY G 545 -30.45 -85.78 50.40
N GLY G 546 -29.52 -86.72 50.36
CA GLY G 546 -29.08 -87.40 51.57
C GLY G 546 -28.14 -86.55 52.40
N ASN G 547 -27.42 -85.66 51.74
CA ASN G 547 -26.52 -84.74 52.43
C ASN G 547 -27.16 -84.13 53.67
N GLU G 548 -28.39 -83.64 53.53
CA GLU G 548 -29.12 -83.04 54.64
C GLU G 548 -29.17 -83.94 55.87
N GLN G 549 -29.53 -85.19 55.64
CA GLN G 549 -29.69 -86.19 56.69
C GLN G 549 -28.44 -86.41 57.51
N VAL G 550 -27.43 -87.00 56.88
CA VAL G 550 -26.17 -87.28 57.56
C VAL G 550 -25.82 -86.14 58.51
N ASP G 551 -25.88 -84.91 58.00
CA ASP G 551 -25.57 -83.74 58.80
C ASP G 551 -26.37 -83.80 60.08
N LYS G 552 -27.69 -83.80 59.93
CA LYS G 552 -28.58 -83.86 61.08
C LYS G 552 -28.03 -84.86 62.07
N LEU G 553 -27.62 -86.02 61.56
CA LEU G 553 -27.08 -87.07 62.41
C LEU G 553 -25.76 -86.65 63.04
N VAL G 554 -24.70 -86.62 62.23
CA VAL G 554 -23.38 -86.29 62.70
C VAL G 554 -23.20 -85.04 63.55
N SER G 555 -24.01 -84.02 63.31
CA SER G 555 -23.90 -82.77 64.08
C SER G 555 -24.69 -82.75 65.38
N ALA G 556 -25.17 -83.93 65.78
CA ALA G 556 -25.97 -84.13 66.99
C ALA G 556 -25.43 -83.50 68.27
N GLY G 557 -24.39 -84.08 68.85
CA GLY G 557 -23.86 -83.52 70.09
C GLY G 557 -23.04 -82.25 70.04
N ILE G 558 -23.01 -81.56 68.91
CA ILE G 558 -22.21 -80.33 68.79
C ILE G 558 -23.00 -79.01 68.73
N ARG G 559 -23.66 -78.77 67.60
CA ARG G 559 -24.43 -77.56 67.33
C ARG G 559 -25.73 -77.41 68.12
N LYS G 560 -26.28 -76.20 68.14
CA LYS G 560 -27.55 -75.91 68.82
C LYS G 560 -28.21 -74.62 68.30
N VAL G 561 -29.32 -74.21 68.92
CA VAL G 561 -30.07 -73.00 68.55
C VAL G 561 -30.79 -72.43 69.79
N LEU G 562 -30.65 -71.12 70.04
CA LEU G 562 -31.30 -70.51 71.21
C LEU G 562 -32.56 -69.74 70.81
N SER H 3 27.52 -40.75 23.95
CA SER H 3 27.11 -39.35 24.29
C SER H 3 25.64 -39.07 23.96
N PRO H 4 24.84 -38.74 24.99
CA PRO H 4 23.40 -38.42 24.90
C PRO H 4 22.96 -37.03 24.39
N ILE H 5 22.19 -37.04 23.30
CA ILE H 5 21.63 -35.83 22.67
C ILE H 5 21.00 -34.88 23.73
N GLU H 6 20.52 -35.55 24.77
CA GLU H 6 19.85 -35.08 25.98
C GLU H 6 19.42 -36.38 26.66
N THR H 7 18.89 -36.29 27.88
CA THR H 7 18.40 -37.47 28.58
C THR H 7 17.34 -37.06 29.59
N VAL H 8 16.43 -37.98 29.88
CA VAL H 8 15.37 -37.73 30.83
C VAL H 8 15.73 -38.40 32.15
N PRO H 9 15.76 -37.63 33.25
CA PRO H 9 16.09 -38.23 34.55
C PRO H 9 14.93 -39.12 35.03
N VAL H 10 15.26 -40.34 35.47
CA VAL H 10 14.24 -41.27 35.96
C VAL H 10 14.24 -41.37 37.48
N LYS H 11 13.51 -40.44 38.10
CA LYS H 11 13.38 -40.41 39.55
C LYS H 11 12.76 -41.73 39.98
N LEU H 12 13.44 -42.44 40.87
CA LEU H 12 12.93 -43.71 41.34
C LEU H 12 12.02 -43.37 42.52
N LYS H 13 10.95 -44.14 42.73
CA LYS H 13 10.01 -43.89 43.83
C LYS H 13 10.67 -43.96 45.22
N PRO H 14 10.25 -43.06 46.13
CA PRO H 14 10.81 -43.03 47.49
C PRO H 14 10.70 -44.39 48.19
N GLY H 15 11.70 -44.73 49.00
CA GLY H 15 11.68 -46.00 49.70
C GLY H 15 11.64 -47.18 48.73
N MET H 16 12.14 -46.96 47.53
CA MET H 16 12.20 -47.99 46.50
C MET H 16 13.64 -48.35 46.25
N ASP H 17 13.94 -49.62 46.38
CA ASP H 17 15.29 -50.12 46.17
C ASP H 17 15.25 -50.77 44.79
N GLY H 18 16.37 -50.71 44.07
CA GLY H 18 16.41 -51.32 42.74
C GLY H 18 16.16 -52.82 42.76
N PRO H 19 16.27 -53.50 41.61
CA PRO H 19 16.03 -54.94 41.58
C PRO H 19 17.31 -55.73 41.87
N LYS H 20 17.15 -56.87 42.50
CA LYS H 20 18.27 -57.74 42.82
C LYS H 20 17.78 -59.17 42.61
N VAL H 21 17.80 -59.59 41.36
CA VAL H 21 17.35 -60.94 41.00
C VAL H 21 18.52 -61.79 40.50
N LYS H 22 18.66 -63.01 41.05
CA LYS H 22 19.74 -63.90 40.62
C LYS H 22 19.47 -64.33 39.17
N GLN H 23 20.54 -64.62 38.44
CA GLN H 23 20.42 -65.04 37.05
C GLN H 23 20.08 -66.52 36.96
N TRP H 24 19.11 -66.87 36.12
CA TRP H 24 18.77 -68.26 35.97
C TRP H 24 19.55 -68.89 34.83
N PRO H 25 20.20 -70.01 35.12
CA PRO H 25 21.03 -70.79 34.19
C PRO H 25 20.43 -70.93 32.77
N LEU H 26 21.20 -70.55 31.77
CA LEU H 26 20.75 -70.64 30.39
C LEU H 26 21.39 -71.84 29.70
N THR H 27 20.85 -72.20 28.54
CA THR H 27 21.38 -73.34 27.78
C THR H 27 22.58 -72.98 26.92
N GLU H 28 23.22 -74.01 26.35
CA GLU H 28 24.38 -73.85 25.48
C GLU H 28 24.16 -72.77 24.44
N GLU H 29 23.15 -72.95 23.58
CA GLU H 29 22.88 -71.95 22.56
C GLU H 29 22.45 -70.61 23.13
N LYS H 30 21.47 -70.63 24.03
CA LYS H 30 21.00 -69.39 24.65
C LYS H 30 22.20 -68.52 25.08
N ILE H 31 23.14 -69.12 25.81
CA ILE H 31 24.32 -68.39 26.26
C ILE H 31 25.13 -67.89 25.06
N LYS H 32 25.59 -68.82 24.21
CA LYS H 32 26.36 -68.47 23.02
C LYS H 32 25.79 -67.20 22.39
N ALA H 33 24.57 -67.30 21.87
CA ALA H 33 23.86 -66.19 21.22
C ALA H 33 23.82 -64.93 22.07
N LEU H 34 23.61 -65.11 23.37
CA LEU H 34 23.54 -63.97 24.27
C LEU H 34 24.87 -63.26 24.41
N VAL H 35 25.96 -64.03 24.40
CA VAL H 35 27.32 -63.47 24.52
C VAL H 35 27.65 -62.64 23.29
N GLU H 36 27.21 -63.13 22.13
CA GLU H 36 27.41 -62.46 20.86
C GLU H 36 26.62 -61.16 20.84
N ILE H 37 25.31 -61.27 21.08
CA ILE H 37 24.46 -60.09 21.11
C ILE H 37 25.09 -59.03 22.01
N CYS H 38 25.65 -59.46 23.13
CA CYS H 38 26.28 -58.54 24.08
C CYS H 38 27.60 -57.94 23.66
N THR H 39 28.41 -58.67 22.88
CA THR H 39 29.70 -58.12 22.44
C THR H 39 29.44 -56.91 21.53
N GLU H 40 28.53 -57.06 20.57
CA GLU H 40 28.20 -55.96 19.66
C GLU H 40 27.58 -54.80 20.42
N MET H 41 26.50 -55.06 21.15
CA MET H 41 25.87 -54.00 21.92
C MET H 41 26.91 -53.22 22.71
N GLU H 42 27.93 -53.91 23.20
CA GLU H 42 28.99 -53.27 23.98
C GLU H 42 29.93 -52.48 23.08
N LYS H 43 30.03 -52.93 21.83
CA LYS H 43 30.86 -52.30 20.79
C LYS H 43 30.15 -51.04 20.28
N GLU H 44 28.86 -51.20 20.00
CA GLU H 44 28.00 -50.10 19.53
C GLU H 44 27.69 -49.14 20.68
N GLY H 45 28.40 -49.31 21.80
CA GLY H 45 28.22 -48.46 22.96
C GLY H 45 26.85 -48.49 23.62
N LYS H 46 26.05 -49.51 23.31
CA LYS H 46 24.71 -49.63 23.89
C LYS H 46 24.83 -49.92 25.39
N ILE H 47 25.70 -50.86 25.73
CA ILE H 47 25.93 -51.27 27.11
C ILE H 47 27.43 -51.19 27.46
N SER H 48 27.73 -51.22 28.76
CA SER H 48 29.11 -51.16 29.25
C SER H 48 29.32 -52.18 30.37
N LYS H 49 30.56 -52.67 30.50
CA LYS H 49 30.86 -53.63 31.55
C LYS H 49 30.95 -52.95 32.91
N ILE H 50 30.36 -53.60 33.90
CA ILE H 50 30.35 -53.12 35.27
C ILE H 50 30.96 -54.13 36.21
N GLY H 51 31.19 -53.71 37.44
CA GLY H 51 31.77 -54.60 38.43
C GLY H 51 30.75 -55.05 39.46
N PRO H 52 31.21 -55.47 40.63
CA PRO H 52 30.33 -55.93 41.70
C PRO H 52 29.97 -54.81 42.66
N GLU H 53 30.54 -53.62 42.44
CA GLU H 53 30.25 -52.49 43.32
C GLU H 53 28.79 -52.11 43.11
N ASN H 54 28.25 -52.48 41.94
CA ASN H 54 26.84 -52.25 41.59
C ASN H 54 26.05 -53.36 42.30
N PRO H 55 25.13 -53.00 43.20
CA PRO H 55 24.35 -54.02 43.92
C PRO H 55 23.09 -54.55 43.22
N TYR H 56 22.83 -54.13 41.99
CA TYR H 56 21.61 -54.54 41.33
C TYR H 56 21.73 -55.59 40.24
N ASN H 57 20.60 -56.23 39.94
CA ASN H 57 20.55 -57.23 38.89
C ASN H 57 19.15 -57.53 38.37
N THR H 58 19.14 -58.09 37.17
CA THR H 58 17.92 -58.47 36.48
C THR H 58 18.33 -59.61 35.58
N PRO H 59 17.47 -60.62 35.47
CA PRO H 59 17.84 -61.73 34.60
C PRO H 59 17.63 -61.44 33.13
N VAL H 60 18.31 -62.21 32.29
CA VAL H 60 18.21 -62.06 30.86
C VAL H 60 18.25 -63.43 30.23
N PHE H 61 17.76 -63.50 29.00
CA PHE H 61 17.79 -64.74 28.25
C PHE H 61 17.59 -64.37 26.80
N ALA H 62 17.45 -65.39 25.96
CA ALA H 62 17.24 -65.17 24.52
C ALA H 62 16.01 -65.93 24.03
N ILE H 63 15.70 -65.78 22.75
CA ILE H 63 14.56 -66.45 22.14
C ILE H 63 14.59 -66.35 20.62
N LYS H 64 13.95 -67.31 19.96
CA LYS H 64 13.91 -67.34 18.51
C LYS H 64 12.48 -67.20 18.00
N LYS H 65 12.17 -66.06 17.39
CA LYS H 65 10.83 -65.81 16.87
C LYS H 65 10.39 -66.93 15.93
N LYS H 66 9.14 -66.87 15.49
CA LYS H 66 8.59 -67.87 14.59
C LYS H 66 9.16 -67.99 13.18
N ASP H 67 8.98 -66.95 12.39
CA ASP H 67 9.48 -66.92 11.02
C ASP H 67 10.87 -66.31 11.10
N SER H 68 11.33 -66.03 12.32
CA SER H 68 12.64 -65.45 12.54
C SER H 68 13.66 -66.52 12.95
N THR H 69 14.87 -66.41 12.43
CA THR H 69 15.93 -67.36 12.73
C THR H 69 17.07 -66.69 13.49
N LYS H 70 16.81 -65.46 13.97
CA LYS H 70 17.82 -64.72 14.71
C LYS H 70 17.49 -64.68 16.19
N TRP H 71 18.51 -64.75 17.04
CA TRP H 71 18.33 -64.71 18.48
C TRP H 71 18.16 -63.28 18.99
N ARG H 72 17.12 -63.05 19.78
CA ARG H 72 16.85 -61.74 20.33
C ARG H 72 17.09 -61.71 21.84
N LYS H 73 17.82 -60.71 22.30
CA LYS H 73 18.12 -60.56 23.70
C LYS H 73 16.82 -60.20 24.38
N LEU H 74 16.61 -60.72 25.58
CA LEU H 74 15.41 -60.42 26.33
C LEU H 74 15.71 -60.27 27.81
N VAL H 75 15.46 -59.07 28.32
CA VAL H 75 15.68 -58.81 29.73
C VAL H 75 14.34 -58.89 30.44
N ASP H 76 14.37 -59.38 31.69
CA ASP H 76 13.15 -59.49 32.48
C ASP H 76 13.05 -58.31 33.46
N PHE H 77 12.97 -57.11 32.89
CA PHE H 77 12.86 -55.89 33.69
C PHE H 77 11.51 -55.81 34.41
N ARG H 78 10.77 -56.92 34.36
CA ARG H 78 9.46 -57.01 34.99
C ARG H 78 9.44 -56.42 36.40
N GLU H 79 10.49 -56.69 37.16
CA GLU H 79 10.64 -56.21 38.53
C GLU H 79 11.06 -54.74 38.57
N LEU H 80 11.81 -54.31 37.56
CA LEU H 80 12.23 -52.92 37.47
C LEU H 80 11.03 -52.10 37.06
N ASN H 81 10.22 -52.66 36.16
CA ASN H 81 9.02 -51.98 35.70
C ASN H 81 8.17 -51.66 36.91
N LYS H 82 8.05 -52.63 37.81
CA LYS H 82 7.24 -52.46 39.01
C LYS H 82 7.72 -51.33 39.89
N ARG H 83 9.03 -51.17 40.00
CA ARG H 83 9.61 -50.12 40.84
C ARG H 83 9.70 -48.77 40.14
N THR H 84 9.54 -48.77 38.82
CA THR H 84 9.61 -47.55 38.03
C THR H 84 8.25 -47.23 37.44
N GLN H 85 7.25 -47.88 37.99
CA GLN H 85 5.89 -47.67 37.53
C GLN H 85 5.49 -46.20 37.58
N ASP H 86 5.77 -45.52 38.68
CA ASP H 86 5.40 -44.11 38.77
C ASP H 86 5.96 -43.36 37.56
N PHE H 87 7.14 -43.75 37.09
CA PHE H 87 7.77 -43.11 35.95
C PHE H 87 6.95 -43.24 34.66
N TRP H 88 6.64 -44.48 34.24
CA TRP H 88 5.88 -44.69 33.00
C TRP H 88 4.37 -44.75 33.14
N GLU H 89 3.85 -44.65 34.36
CA GLU H 89 2.40 -44.69 34.51
C GLU H 89 1.90 -43.34 34.99
N VAL H 90 2.83 -42.48 35.37
CA VAL H 90 2.44 -41.17 35.86
C VAL H 90 3.18 -40.03 35.16
N GLN H 91 4.49 -39.93 35.37
CA GLN H 91 5.27 -38.86 34.76
C GLN H 91 5.00 -38.84 33.25
N LEU H 92 5.33 -39.93 32.59
CA LEU H 92 5.14 -40.04 31.15
C LEU H 92 4.30 -41.27 30.80
N GLY H 93 2.99 -41.11 30.68
CA GLY H 93 2.15 -42.26 30.37
C GLY H 93 1.41 -42.29 29.04
N ILE H 94 1.62 -43.36 28.28
CA ILE H 94 0.94 -43.55 26.99
C ILE H 94 -0.55 -43.79 27.26
N PRO H 95 -1.42 -42.89 26.73
CA PRO H 95 -2.88 -43.03 26.92
C PRO H 95 -3.48 -44.12 26.05
N HIS H 96 -4.46 -44.85 26.60
CA HIS H 96 -5.14 -45.93 25.88
C HIS H 96 -6.50 -45.48 25.32
N PRO H 97 -6.63 -45.51 23.98
CA PRO H 97 -7.85 -45.12 23.28
C PRO H 97 -8.80 -46.31 23.17
N ALA H 98 -10.04 -46.09 23.57
CA ALA H 98 -11.07 -47.11 23.52
C ALA H 98 -11.36 -47.56 22.09
N GLY H 99 -10.63 -46.98 21.14
CA GLY H 99 -10.85 -47.27 19.73
C GLY H 99 -10.70 -48.66 19.14
N LEU H 100 -9.47 -49.15 19.05
CA LEU H 100 -9.24 -50.46 18.45
C LEU H 100 -9.99 -51.58 19.12
N LYS H 101 -10.54 -51.31 20.31
CA LYS H 101 -11.34 -52.31 20.97
C LYS H 101 -12.48 -52.55 19.98
N LYS H 102 -12.90 -51.46 19.35
CA LYS H 102 -14.00 -51.41 18.38
C LYS H 102 -13.66 -51.67 16.90
N LYS H 103 -12.50 -51.21 16.44
CA LYS H 103 -12.10 -51.42 15.04
C LYS H 103 -12.33 -52.85 14.54
N LYS H 104 -12.44 -53.00 13.22
CA LYS H 104 -12.70 -54.32 12.63
C LYS H 104 -11.44 -55.15 12.42
N SER H 105 -10.28 -54.50 12.49
CA SER H 105 -9.02 -55.20 12.32
C SER H 105 -7.85 -54.41 12.88
N VAL H 106 -7.01 -55.11 13.64
CA VAL H 106 -5.83 -54.51 14.26
C VAL H 106 -4.59 -55.32 13.89
N THR H 107 -3.51 -54.63 13.58
CA THR H 107 -2.22 -55.26 13.26
C THR H 107 -1.23 -54.76 14.30
N VAL H 108 -0.25 -55.62 14.62
CA VAL H 108 0.76 -55.28 15.61
C VAL H 108 2.15 -55.25 14.98
N LEU H 109 2.82 -54.11 15.13
CA LEU H 109 4.15 -53.95 14.58
C LEU H 109 5.20 -53.87 15.66
N ASP H 110 6.33 -54.55 15.44
CA ASP H 110 7.43 -54.53 16.40
C ASP H 110 8.32 -53.31 16.14
N VAL H 111 7.79 -52.13 16.43
CA VAL H 111 8.53 -50.89 16.24
C VAL H 111 9.67 -50.77 17.24
N GLY H 112 9.65 -51.62 18.25
CA GLY H 112 10.45 -51.40 19.44
C GLY H 112 11.88 -50.99 19.12
N ASP H 113 12.38 -51.48 17.99
CA ASP H 113 13.77 -51.23 17.61
C ASP H 113 14.11 -49.75 17.71
N ALA H 114 13.12 -48.90 17.46
CA ALA H 114 13.32 -47.46 17.51
C ALA H 114 14.14 -47.05 18.72
N TYR H 115 13.88 -47.69 19.85
CA TYR H 115 14.27 -47.16 21.15
C TYR H 115 15.78 -47.10 21.29
N PHE H 116 16.47 -48.03 20.63
CA PHE H 116 17.93 -48.03 20.61
C PHE H 116 18.47 -46.67 20.18
N SER H 117 17.61 -45.86 19.57
CA SER H 117 18.03 -44.60 18.97
C SER H 117 18.35 -43.55 20.03
N VAL H 118 17.55 -43.55 21.11
CA VAL H 118 17.72 -42.60 22.19
C VAL H 118 18.65 -43.17 23.27
N PRO H 119 19.53 -42.33 23.82
CA PRO H 119 20.46 -42.78 24.87
C PRO H 119 19.72 -42.75 26.21
N LEU H 120 20.13 -43.62 27.13
CA LEU H 120 19.48 -43.68 28.43
C LEU H 120 20.16 -42.74 29.42
N ASP H 121 19.38 -42.18 30.34
CA ASP H 121 19.93 -41.28 31.35
C ASP H 121 21.10 -41.97 32.04
N GLU H 122 22.07 -41.18 32.46
CA GLU H 122 23.22 -41.76 33.13
C GLU H 122 22.85 -42.34 34.48
N ASP H 123 22.15 -41.56 35.30
CA ASP H 123 21.78 -42.03 36.64
C ASP H 123 20.95 -43.30 36.63
N PHE H 124 19.89 -43.33 35.81
CA PHE H 124 19.02 -44.51 35.75
C PHE H 124 19.73 -45.77 35.23
N ARG H 125 20.87 -45.58 34.54
CA ARG H 125 21.58 -46.72 33.99
C ARG H 125 22.00 -47.80 34.96
N LYS H 126 22.45 -47.41 36.15
CA LYS H 126 22.86 -48.39 37.15
C LYS H 126 21.84 -49.54 37.30
N TYR H 127 20.55 -49.22 37.15
CA TYR H 127 19.45 -50.19 37.30
C TYR H 127 19.22 -51.19 36.18
N THR H 128 19.85 -50.97 35.03
CA THR H 128 19.66 -51.86 33.91
C THR H 128 20.68 -53.00 33.89
N ALA H 129 21.42 -53.13 34.98
CA ALA H 129 22.44 -54.15 35.10
C ALA H 129 21.88 -55.54 34.85
N PHE H 130 22.71 -56.40 34.26
CA PHE H 130 22.35 -57.79 34.02
C PHE H 130 23.65 -58.60 34.01
N THR H 131 23.56 -59.88 34.38
CA THR H 131 24.75 -60.73 34.47
C THR H 131 24.65 -61.99 33.61
N ILE H 132 25.55 -62.17 32.65
CA ILE H 132 25.50 -63.38 31.84
C ILE H 132 26.24 -64.51 32.55
N PRO H 133 25.59 -65.67 32.70
CA PRO H 133 26.18 -66.83 33.37
C PRO H 133 27.09 -67.58 32.39
N SER H 134 27.80 -68.58 32.90
CA SER H 134 28.70 -69.38 32.07
C SER H 134 28.40 -70.87 32.31
N ILE H 135 28.54 -71.68 31.27
CA ILE H 135 28.27 -73.12 31.40
C ILE H 135 29.23 -73.78 32.39
N ASN H 136 28.68 -74.68 33.20
CA ASN H 136 29.43 -75.40 34.24
C ASN H 136 30.28 -74.44 35.04
N ASN H 137 29.92 -73.17 34.96
CA ASN H 137 30.64 -72.14 35.68
C ASN H 137 32.14 -72.09 35.39
N GLU H 138 32.51 -71.87 34.13
CA GLU H 138 33.93 -71.78 33.79
C GLU H 138 34.43 -70.49 34.46
N THR H 139 33.64 -69.44 34.31
CA THR H 139 33.97 -68.12 34.83
C THR H 139 32.82 -67.39 35.50
N PRO H 140 33.15 -66.47 36.42
CA PRO H 140 32.15 -65.68 37.14
C PRO H 140 31.40 -64.81 36.14
N GLY H 141 30.08 -64.75 36.30
CA GLY H 141 29.23 -63.98 35.42
C GLY H 141 29.71 -62.60 35.00
N ILE H 142 29.53 -62.30 33.72
CA ILE H 142 29.92 -61.00 33.20
C ILE H 142 28.74 -60.06 33.39
N ARG H 143 29.04 -58.83 33.81
CA ARG H 143 27.98 -57.86 34.05
C ARG H 143 28.05 -56.67 33.12
N TYR H 144 26.88 -56.28 32.63
CA TYR H 144 26.73 -55.17 31.71
C TYR H 144 25.52 -54.34 32.16
N GLN H 145 25.41 -53.12 31.60
CA GLN H 145 24.29 -52.23 31.86
C GLN H 145 24.05 -51.40 30.60
N TYR H 146 22.79 -51.14 30.29
CA TYR H 146 22.43 -50.37 29.11
C TYR H 146 22.81 -48.89 29.20
N ASN H 147 23.02 -48.27 28.04
CA ASN H 147 23.39 -46.86 27.93
C ASN H 147 22.39 -46.22 26.99
N VAL H 148 21.44 -47.02 26.54
CA VAL H 148 20.41 -46.58 25.62
C VAL H 148 19.11 -47.26 26.05
N LEU H 149 17.97 -46.72 25.62
CA LEU H 149 16.69 -47.31 25.97
C LEU H 149 16.76 -48.82 25.69
N PRO H 150 16.42 -49.64 26.68
CA PRO H 150 16.48 -51.10 26.44
C PRO H 150 15.11 -51.64 25.96
N GLN H 151 15.05 -52.29 24.81
CA GLN H 151 13.79 -52.87 24.31
C GLN H 151 13.13 -53.73 25.40
N GLY H 152 12.07 -53.22 26.01
CA GLY H 152 11.41 -54.00 27.04
C GLY H 152 11.08 -53.20 28.28
N TRP H 153 11.75 -52.07 28.44
CA TRP H 153 11.46 -51.22 29.60
C TRP H 153 10.30 -50.33 29.23
N LYS H 154 9.33 -50.18 30.13
CA LYS H 154 8.18 -49.33 29.81
C LYS H 154 8.60 -47.86 29.73
N GLY H 155 9.74 -47.53 30.32
CA GLY H 155 10.23 -46.16 30.28
C GLY H 155 10.75 -45.75 28.92
N SER H 156 11.14 -46.72 28.09
CA SER H 156 11.64 -46.40 26.75
C SER H 156 10.49 -45.81 25.93
N PRO H 157 9.35 -46.54 25.80
CA PRO H 157 8.27 -45.92 25.01
C PRO H 157 7.81 -44.58 25.60
N ALA H 158 8.05 -44.37 26.89
CA ALA H 158 7.65 -43.12 27.51
C ALA H 158 8.46 -41.94 26.95
N ILE H 159 9.76 -42.16 26.76
CA ILE H 159 10.68 -41.14 26.24
C ILE H 159 10.43 -40.79 24.76
N PHE H 160 10.48 -41.82 23.91
CA PHE H 160 10.28 -41.72 22.47
C PHE H 160 8.93 -41.13 22.05
N GLN H 161 7.98 -41.07 22.99
CA GLN H 161 6.65 -40.52 22.74
C GLN H 161 6.74 -39.22 21.94
N SER H 162 7.63 -38.33 22.40
CA SER H 162 7.88 -37.03 21.79
C SER H 162 8.14 -37.21 20.30
N SER H 163 9.10 -38.09 19.98
CA SER H 163 9.48 -38.38 18.61
C SER H 163 8.39 -39.12 17.85
N MET H 164 8.09 -40.35 18.28
CA MET H 164 7.08 -41.15 17.60
C MET H 164 5.87 -40.36 17.11
N THR H 165 5.34 -39.48 17.97
CA THR H 165 4.19 -38.66 17.59
C THR H 165 4.48 -37.85 16.33
N LYS H 166 5.63 -37.17 16.30
CA LYS H 166 6.00 -36.39 15.14
C LYS H 166 6.12 -37.26 13.89
N ILE H 167 6.83 -38.39 14.01
CA ILE H 167 7.00 -39.32 12.89
C ILE H 167 5.66 -39.71 12.31
N LEU H 168 4.63 -39.72 13.16
CA LEU H 168 3.30 -40.14 12.73
C LEU H 168 2.30 -39.04 12.35
N GLU H 169 2.52 -37.79 12.77
CA GLU H 169 1.58 -36.70 12.43
C GLU H 169 1.20 -36.71 10.94
N PRO H 170 2.18 -36.98 10.04
CA PRO H 170 1.84 -37.02 8.62
C PRO H 170 0.87 -38.19 8.34
N PHE H 171 1.35 -39.42 8.55
CA PHE H 171 0.52 -40.61 8.33
C PHE H 171 -0.88 -40.50 8.98
N LYS H 172 -0.92 -39.95 10.18
CA LYS H 172 -2.18 -39.77 10.89
C LYS H 172 -3.05 -38.73 10.20
N LYS H 173 -2.41 -37.86 9.43
CA LYS H 173 -3.12 -36.81 8.69
C LYS H 173 -3.84 -37.37 7.46
N GLN H 174 -3.10 -38.04 6.58
CA GLN H 174 -3.67 -38.63 5.36
C GLN H 174 -4.68 -39.75 5.68
N ASN H 175 -4.45 -40.48 6.76
CA ASN H 175 -5.36 -41.55 7.17
C ASN H 175 -6.00 -41.18 8.53
N PRO H 176 -7.06 -40.36 8.50
CA PRO H 176 -7.78 -39.92 9.70
C PRO H 176 -8.64 -40.95 10.42
N ASP H 177 -8.69 -42.18 9.93
CA ASP H 177 -9.49 -43.20 10.59
C ASP H 177 -8.66 -44.24 11.31
N ILE H 178 -7.49 -44.54 10.75
CA ILE H 178 -6.63 -45.53 11.39
C ILE H 178 -6.20 -45.04 12.78
N VAL H 179 -6.31 -45.95 13.74
CA VAL H 179 -5.91 -45.67 15.11
C VAL H 179 -4.65 -46.47 15.39
N ILE H 180 -3.72 -45.82 16.06
CA ILE H 180 -2.47 -46.47 16.37
C ILE H 180 -2.21 -46.33 17.85
N TYR H 181 -1.85 -47.46 18.47
CA TYR H 181 -1.56 -47.48 19.89
C TYR H 181 -0.15 -47.98 20.11
N GLN H 182 0.59 -47.30 20.95
CA GLN H 182 1.93 -47.73 21.21
C GLN H 182 2.07 -48.22 22.63
N TYR H 183 2.19 -49.54 22.77
CA TYR H 183 2.36 -50.15 24.07
C TYR H 183 3.73 -50.82 24.02
N MET H 184 4.65 -50.29 24.82
CA MET H 184 6.00 -50.83 24.86
C MET H 184 6.60 -50.90 23.47
N ASP H 185 7.29 -52.01 23.20
CA ASP H 185 7.95 -52.25 21.93
C ASP H 185 7.01 -52.41 20.75
N ASP H 186 5.70 -52.26 20.96
CA ASP H 186 4.77 -52.45 19.85
C ASP H 186 3.88 -51.29 19.44
N LEU H 187 3.35 -51.42 18.23
CA LEU H 187 2.48 -50.43 17.65
C LEU H 187 1.28 -51.19 17.16
N TYR H 188 0.12 -50.90 17.73
CA TYR H 188 -1.11 -51.56 17.30
C TYR H 188 -1.78 -50.64 16.30
N VAL H 189 -1.84 -51.09 15.05
CA VAL H 189 -2.46 -50.30 13.97
C VAL H 189 -3.82 -50.89 13.58
N GLY H 190 -4.89 -50.16 13.87
CA GLY H 190 -6.22 -50.65 13.56
C GLY H 190 -7.06 -49.80 12.63
N SER H 191 -7.77 -50.46 11.72
CA SER H 191 -8.62 -49.79 10.73
C SER H 191 -9.91 -50.59 10.49
N ASP H 192 -10.85 -49.97 9.79
CA ASP H 192 -12.12 -50.61 9.44
C ASP H 192 -12.05 -51.05 7.98
N LEU H 193 -10.98 -50.65 7.29
CA LEU H 193 -10.76 -50.99 5.87
C LEU H 193 -10.86 -52.47 5.60
N GLU H 194 -10.76 -52.82 4.32
CA GLU H 194 -10.82 -54.21 3.97
C GLU H 194 -9.43 -54.79 4.18
N ILE H 195 -9.38 -56.05 4.59
CA ILE H 195 -8.12 -56.74 4.86
C ILE H 195 -7.04 -56.46 3.81
N GLY H 196 -7.40 -56.53 2.53
CA GLY H 196 -6.45 -56.27 1.45
C GLY H 196 -5.90 -54.86 1.52
N GLN H 197 -6.80 -53.88 1.67
CA GLN H 197 -6.43 -52.47 1.77
C GLN H 197 -5.76 -52.20 3.13
N HIS H 198 -6.22 -52.90 4.16
CA HIS H 198 -5.67 -52.76 5.50
C HIS H 198 -4.19 -53.10 5.47
N ARG H 199 -3.89 -54.32 5.03
CA ARG H 199 -2.50 -54.77 4.94
C ARG H 199 -1.68 -53.73 4.18
N THR H 200 -2.25 -53.25 3.08
CA THR H 200 -1.57 -52.26 2.26
C THR H 200 -1.25 -50.99 3.06
N LYS H 201 -2.22 -50.48 3.83
CA LYS H 201 -2.02 -49.27 4.65
C LYS H 201 -0.94 -49.53 5.68
N ILE H 202 -0.84 -50.79 6.09
CA ILE H 202 0.18 -51.24 7.02
C ILE H 202 1.53 -51.18 6.31
N GLU H 203 1.58 -51.73 5.09
CA GLU H 203 2.78 -51.74 4.29
C GLU H 203 3.23 -50.31 4.04
N GLU H 204 2.25 -49.39 3.98
CA GLU H 204 2.56 -47.97 3.78
C GLU H 204 3.12 -47.39 5.08
N LEU H 205 2.60 -47.87 6.22
CA LEU H 205 3.08 -47.42 7.52
C LEU H 205 4.53 -47.89 7.70
N ARG H 206 4.81 -49.16 7.40
CA ARG H 206 6.17 -49.68 7.50
C ARG H 206 7.07 -48.73 6.73
N GLN H 207 6.70 -48.47 5.48
CA GLN H 207 7.41 -47.53 4.62
C GLN H 207 7.60 -46.18 5.27
N HIS H 208 6.50 -45.54 5.66
CA HIS H 208 6.55 -44.25 6.32
C HIS H 208 7.64 -44.25 7.39
N LEU H 209 7.72 -45.34 8.13
CA LEU H 209 8.72 -45.49 9.18
C LEU H 209 10.16 -45.50 8.63
N LEU H 210 10.40 -46.23 7.55
CA LEU H 210 11.72 -46.29 6.96
C LEU H 210 12.30 -44.94 6.59
N ARG H 211 11.49 -44.05 6.04
CA ARG H 211 12.00 -42.74 5.67
C ARG H 211 12.59 -42.02 6.87
N TRP H 212 12.09 -42.37 8.07
CA TRP H 212 12.55 -41.76 9.32
C TRP H 212 13.51 -42.67 10.10
N GLY H 213 14.44 -43.31 9.39
CA GLY H 213 15.43 -44.18 10.00
C GLY H 213 14.99 -45.34 10.88
N LEU H 214 13.68 -45.59 10.99
CA LEU H 214 13.19 -46.68 11.84
C LEU H 214 13.09 -48.03 11.11
N THR H 215 13.52 -49.10 11.80
CA THR H 215 13.51 -50.47 11.26
C THR H 215 12.46 -51.40 11.89
N THR H 216 11.70 -52.05 11.00
CA THR H 216 10.67 -52.99 11.38
C THR H 216 11.09 -54.38 10.84
N PRO H 217 11.56 -55.23 11.75
CA PRO H 217 12.05 -56.56 11.37
C PRO H 217 11.04 -57.29 10.48
N ASP H 218 11.51 -57.86 9.38
CA ASP H 218 10.64 -58.43 8.37
C ASP H 218 10.73 -59.95 8.34
N LYS H 219 9.65 -60.60 7.90
CA LYS H 219 9.48 -62.03 8.12
C LYS H 219 9.78 -62.83 6.86
N LYS H 220 10.11 -64.10 7.04
CA LYS H 220 10.36 -64.99 5.91
C LYS H 220 9.05 -65.41 5.24
N HIS H 221 7.94 -64.89 5.74
CA HIS H 221 6.69 -64.92 5.01
C HIS H 221 6.29 -66.36 4.65
N GLN H 222 6.69 -67.31 5.49
CA GLN H 222 6.28 -68.69 5.32
C GLN H 222 6.75 -69.25 3.97
N GLY H 231 -5.92 -63.82 9.14
CA GLY H 231 -4.74 -64.62 9.46
C GLY H 231 -4.01 -64.08 10.67
N TYR H 232 -2.80 -63.58 10.46
CA TYR H 232 -2.02 -63.01 11.55
C TYR H 232 -2.84 -62.01 12.37
N GLU H 233 -3.02 -60.80 11.81
CA GLU H 233 -3.71 -59.69 12.47
C GLU H 233 -4.95 -60.03 13.31
N LEU H 234 -5.06 -59.31 14.43
CA LEU H 234 -6.15 -59.49 15.38
C LEU H 234 -7.41 -58.83 14.85
N HIS H 235 -8.54 -59.50 15.08
CA HIS H 235 -9.86 -59.00 14.66
C HIS H 235 -10.77 -58.87 15.88
N PRO H 236 -10.79 -57.66 16.51
CA PRO H 236 -11.59 -57.33 17.70
C PRO H 236 -13.10 -57.45 17.51
N ASP H 237 -13.52 -58.31 16.58
CA ASP H 237 -14.95 -58.53 16.29
C ASP H 237 -15.38 -59.96 16.65
N LYS H 238 -14.53 -60.92 16.32
CA LYS H 238 -14.83 -62.31 16.62
C LYS H 238 -14.60 -62.56 18.11
N TRP H 239 -14.28 -61.48 18.85
CA TRP H 239 -14.06 -61.58 20.30
C TRP H 239 -15.43 -61.46 20.97
N THR H 240 -15.93 -62.57 21.50
CA THR H 240 -17.22 -62.59 22.19
C THR H 240 -17.06 -63.05 23.63
N VAL H 241 -17.75 -62.38 24.55
CA VAL H 241 -17.71 -62.77 25.96
C VAL H 241 -18.83 -63.80 26.11
N GLN H 242 -18.43 -65.07 26.21
CA GLN H 242 -19.36 -66.19 26.37
C GLN H 242 -19.35 -66.67 27.84
N PRO H 243 -20.51 -66.58 28.51
CA PRO H 243 -20.61 -66.99 29.91
C PRO H 243 -21.12 -68.44 30.11
N ILE H 244 -21.09 -68.87 31.37
CA ILE H 244 -21.53 -70.20 31.76
C ILE H 244 -22.85 -70.64 31.12
N VAL H 245 -22.89 -71.92 30.76
CA VAL H 245 -24.05 -72.52 30.11
C VAL H 245 -24.49 -73.85 30.76
N LEU H 246 -25.68 -73.82 31.34
CA LEU H 246 -26.27 -74.99 31.99
C LEU H 246 -26.58 -76.07 30.96
N PRO H 247 -25.97 -77.25 31.10
CA PRO H 247 -26.20 -78.35 30.15
C PRO H 247 -27.68 -78.64 29.97
N GLU H 248 -28.08 -79.06 28.78
CA GLU H 248 -29.48 -79.41 28.54
C GLU H 248 -29.56 -80.84 28.02
N LYS H 249 -30.29 -81.67 28.75
CA LYS H 249 -30.46 -83.08 28.43
C LYS H 249 -31.95 -83.47 28.40
N ASP H 250 -32.24 -84.61 27.76
CA ASP H 250 -33.60 -85.13 27.62
C ASP H 250 -34.10 -85.59 28.98
N SER H 251 -33.39 -86.56 29.56
CA SER H 251 -33.72 -87.10 30.88
C SER H 251 -32.72 -86.58 31.92
N TRP H 252 -33.02 -86.81 33.20
CA TRP H 252 -32.14 -86.36 34.26
C TRP H 252 -32.03 -87.35 35.41
N THR H 253 -30.83 -87.46 35.98
CA THR H 253 -30.61 -88.36 37.11
C THR H 253 -30.27 -87.52 38.31
N VAL H 254 -30.34 -88.12 39.48
CA VAL H 254 -30.02 -87.41 40.70
C VAL H 254 -28.64 -86.77 40.59
N ASN H 255 -27.66 -87.57 40.20
CA ASN H 255 -26.30 -87.09 40.03
C ASN H 255 -26.33 -85.78 39.29
N ASP H 256 -26.99 -85.81 38.14
CA ASP H 256 -27.14 -84.67 37.26
C ASP H 256 -27.74 -83.44 37.94
N ILE H 257 -28.90 -83.60 38.57
CA ILE H 257 -29.53 -82.48 39.24
C ILE H 257 -28.60 -81.94 40.31
N GLN H 258 -27.91 -82.81 41.03
CA GLN H 258 -26.99 -82.36 42.06
C GLN H 258 -25.97 -81.48 41.39
N LYS H 259 -25.23 -82.05 40.45
CA LYS H 259 -24.23 -81.27 39.73
C LYS H 259 -24.83 -79.94 39.27
N LEU H 260 -25.99 -79.99 38.62
CA LEU H 260 -26.63 -78.75 38.14
C LEU H 260 -26.73 -77.77 39.30
N VAL H 261 -27.30 -78.21 40.42
CA VAL H 261 -27.43 -77.32 41.57
C VAL H 261 -26.04 -76.84 41.94
N GLY H 262 -25.04 -77.63 41.59
CA GLY H 262 -23.69 -77.22 41.88
C GLY H 262 -23.44 -75.89 41.19
N LYS H 263 -23.32 -75.94 39.86
CA LYS H 263 -23.10 -74.74 39.05
C LYS H 263 -24.01 -73.60 39.46
N LEU H 264 -25.31 -73.84 39.38
CA LEU H 264 -26.29 -72.84 39.74
C LEU H 264 -25.94 -72.21 41.06
N ASN H 265 -25.56 -73.02 42.03
CA ASN H 265 -25.22 -72.44 43.32
C ASN H 265 -24.02 -71.53 43.20
N TRP H 266 -22.98 -72.03 42.54
CA TRP H 266 -21.77 -71.25 42.36
C TRP H 266 -22.12 -69.97 41.60
N ALA H 267 -22.96 -70.14 40.59
CA ALA H 267 -23.39 -69.04 39.76
C ALA H 267 -24.07 -67.96 40.59
N SER H 268 -24.94 -68.36 41.51
CA SER H 268 -25.64 -67.40 42.35
C SER H 268 -24.69 -66.37 42.95
N GLN H 269 -23.38 -66.66 42.90
CA GLN H 269 -22.37 -65.74 43.40
C GLN H 269 -22.15 -64.60 42.39
N ILE H 270 -22.12 -64.95 41.10
CA ILE H 270 -21.94 -63.98 40.03
C ILE H 270 -23.21 -63.16 39.89
N TYR H 271 -24.27 -63.81 39.41
CA TYR H 271 -25.59 -63.21 39.24
C TYR H 271 -26.43 -63.59 40.49
N PRO H 272 -27.08 -62.62 41.14
CA PRO H 272 -27.88 -62.97 42.32
C PRO H 272 -29.29 -63.47 41.98
N GLY H 273 -29.63 -63.44 40.70
CA GLY H 273 -30.95 -63.90 40.27
C GLY H 273 -31.18 -65.40 40.32
N ILE H 274 -30.12 -66.18 40.22
CA ILE H 274 -30.25 -67.62 40.24
C ILE H 274 -31.00 -68.09 41.47
N LYS H 275 -32.00 -68.93 41.25
CA LYS H 275 -32.70 -69.59 42.35
C LYS H 275 -32.63 -71.11 42.23
N VAL H 276 -32.47 -71.78 43.36
CA VAL H 276 -32.30 -73.23 43.38
C VAL H 276 -33.46 -73.91 44.09
N ARG H 277 -34.43 -73.12 44.52
CA ARG H 277 -35.45 -73.59 45.45
C ARG H 277 -36.18 -74.81 44.88
N GLN H 278 -36.72 -74.68 43.67
CA GLN H 278 -37.57 -75.70 43.10
C GLN H 278 -36.77 -76.95 42.73
N LEU H 279 -35.60 -76.75 42.15
CA LEU H 279 -34.76 -77.85 41.70
C LEU H 279 -34.28 -78.70 42.87
N SER H 280 -33.98 -78.05 43.99
CA SER H 280 -33.62 -78.75 45.21
C SER H 280 -34.70 -79.74 45.64
N LYS H 281 -35.96 -79.35 45.50
CA LYS H 281 -37.07 -80.21 45.88
C LYS H 281 -37.01 -81.56 45.16
N LEU H 282 -36.42 -81.56 43.97
CA LEU H 282 -36.31 -82.78 43.18
C LEU H 282 -35.48 -83.83 43.90
N LEU H 283 -34.51 -83.37 44.69
CA LEU H 283 -33.65 -84.28 45.43
C LEU H 283 -34.12 -84.38 46.88
N ARG H 284 -35.39 -84.06 47.08
CA ARG H 284 -35.99 -84.09 48.41
C ARG H 284 -36.02 -85.52 48.98
N GLY H 285 -34.93 -85.93 49.63
CA GLY H 285 -34.87 -87.28 50.17
C GLY H 285 -33.69 -88.06 49.61
N THR H 286 -33.09 -88.90 50.45
CA THR H 286 -31.92 -89.68 50.04
C THR H 286 -32.19 -90.82 49.06
N LYS H 287 -31.83 -90.57 47.79
CA LYS H 287 -32.01 -91.55 46.71
C LYS H 287 -30.67 -91.99 46.12
N ALA H 288 -30.72 -92.93 45.19
CA ALA H 288 -29.51 -93.43 44.54
C ALA H 288 -29.11 -92.41 43.48
N LEU H 289 -27.85 -92.46 43.05
CA LEU H 289 -27.35 -91.53 42.05
C LEU H 289 -27.82 -91.80 40.63
N THR H 290 -27.66 -93.04 40.19
CA THR H 290 -28.07 -93.40 38.85
C THR H 290 -29.57 -93.34 38.64
N GLU H 291 -30.32 -93.42 39.73
CA GLU H 291 -31.78 -93.37 39.66
C GLU H 291 -32.24 -92.14 38.86
N VAL H 292 -33.16 -92.35 37.92
CA VAL H 292 -33.69 -91.29 37.07
C VAL H 292 -34.80 -90.46 37.73
N ILE H 293 -34.78 -89.16 37.45
CA ILE H 293 -35.76 -88.22 37.99
C ILE H 293 -36.36 -87.34 36.90
N PRO H 294 -37.70 -87.19 36.90
CA PRO H 294 -38.41 -86.37 35.92
C PRO H 294 -38.55 -84.94 36.46
N LEU H 295 -38.16 -83.96 35.65
CA LEU H 295 -38.25 -82.57 36.07
C LEU H 295 -39.70 -82.11 36.07
N THR H 296 -40.13 -81.56 37.20
CA THR H 296 -41.51 -81.10 37.34
C THR H 296 -41.79 -79.79 36.64
N GLU H 297 -43.05 -79.38 36.72
CA GLU H 297 -43.50 -78.15 36.10
C GLU H 297 -42.75 -76.96 36.67
N GLU H 298 -42.81 -76.79 37.99
CA GLU H 298 -42.14 -75.67 38.66
C GLU H 298 -40.62 -75.79 38.60
N ALA H 299 -40.14 -77.00 38.40
CA ALA H 299 -38.71 -77.26 38.30
C ALA H 299 -38.24 -76.78 36.93
N GLU H 300 -38.90 -77.26 35.89
CA GLU H 300 -38.57 -76.90 34.51
C GLU H 300 -38.58 -75.39 34.30
N LEU H 301 -39.57 -74.74 34.89
CA LEU H 301 -39.66 -73.28 34.79
C LEU H 301 -38.38 -72.70 35.37
N GLU H 302 -38.19 -72.87 36.68
CA GLU H 302 -37.00 -72.37 37.37
C GLU H 302 -35.75 -72.61 36.54
N LEU H 303 -35.55 -73.85 36.09
CA LEU H 303 -34.38 -74.15 35.28
C LEU H 303 -34.30 -73.14 34.15
N ALA H 304 -35.28 -73.17 33.25
CA ALA H 304 -35.30 -72.26 32.12
C ALA H 304 -35.26 -70.81 32.60
N GLU H 305 -35.90 -70.54 33.72
CA GLU H 305 -35.89 -69.19 34.28
C GLU H 305 -34.42 -68.84 34.48
N ASN H 306 -33.67 -69.74 35.13
CA ASN H 306 -32.25 -69.51 35.37
C ASN H 306 -31.46 -69.40 34.08
N ARG H 307 -31.57 -70.42 33.23
CA ARG H 307 -30.84 -70.45 31.96
C ARG H 307 -30.92 -69.12 31.22
N GLU H 308 -31.99 -68.37 31.45
CA GLU H 308 -32.18 -67.06 30.84
C GLU H 308 -31.23 -66.04 31.47
N ILE H 309 -31.21 -65.99 32.79
CA ILE H 309 -30.37 -65.07 33.55
C ILE H 309 -28.91 -65.11 33.12
N LEU H 310 -28.41 -66.31 32.83
CA LEU H 310 -27.01 -66.51 32.43
C LEU H 310 -26.61 -65.84 31.12
N LYS H 311 -27.56 -65.12 30.53
CA LYS H 311 -27.33 -64.41 29.28
C LYS H 311 -26.90 -62.96 29.53
N GLU H 312 -27.65 -62.27 30.39
CA GLU H 312 -27.35 -60.89 30.72
C GLU H 312 -26.18 -60.80 31.70
N PRO H 313 -25.03 -60.24 31.26
CA PRO H 313 -23.86 -60.12 32.16
C PRO H 313 -24.20 -59.33 33.43
N VAL H 314 -23.46 -59.61 34.49
CA VAL H 314 -23.68 -58.95 35.77
C VAL H 314 -23.71 -57.43 35.66
N HIS H 315 -23.96 -56.78 36.79
CA HIS H 315 -24.05 -55.33 36.89
C HIS H 315 -23.06 -54.83 37.96
N GLY H 316 -22.24 -53.85 37.59
CA GLY H 316 -21.25 -53.30 38.51
C GLY H 316 -19.85 -53.57 37.98
N VAL H 317 -19.81 -54.04 36.75
CA VAL H 317 -18.54 -54.37 36.09
C VAL H 317 -17.99 -53.14 35.37
N TYR H 318 -17.54 -52.17 36.15
CA TYR H 318 -16.97 -50.92 35.66
C TYR H 318 -15.47 -50.91 35.93
N TYR H 319 -14.65 -50.87 34.87
CA TYR H 319 -13.19 -50.86 35.06
C TYR H 319 -12.73 -49.68 35.94
N ASP H 320 -11.75 -49.93 36.80
CA ASP H 320 -11.23 -48.91 37.68
C ASP H 320 -9.72 -48.92 37.70
N PRO H 321 -9.11 -47.99 36.97
CA PRO H 321 -7.65 -47.85 36.85
C PRO H 321 -6.87 -47.86 38.16
N SER H 322 -7.52 -47.56 39.29
CA SER H 322 -6.81 -47.56 40.56
C SER H 322 -6.61 -48.93 41.21
N LYS H 323 -7.10 -50.02 40.57
CA LYS H 323 -6.95 -51.40 41.10
C LYS H 323 -6.19 -52.32 40.14
N ASP H 324 -5.65 -53.42 40.66
CA ASP H 324 -4.92 -54.34 39.81
C ASP H 324 -5.89 -55.11 38.90
N LEU H 325 -5.35 -55.89 37.98
CA LEU H 325 -6.18 -56.68 37.05
C LEU H 325 -5.80 -58.16 37.27
N ILE H 326 -6.77 -58.99 37.65
CA ILE H 326 -6.51 -60.41 37.92
C ILE H 326 -7.01 -61.38 36.83
N ALA H 327 -6.13 -62.26 36.37
CA ALA H 327 -6.50 -63.22 35.32
C ALA H 327 -6.40 -64.67 35.83
N GLU H 328 -7.46 -65.44 35.60
CA GLU H 328 -7.44 -66.82 36.04
C GLU H 328 -7.60 -67.78 34.88
N ILE H 329 -6.81 -68.86 34.88
CA ILE H 329 -6.86 -69.85 33.83
C ILE H 329 -7.31 -71.20 34.42
N GLN H 330 -8.21 -71.87 33.70
CA GLN H 330 -8.70 -73.20 34.10
C GLN H 330 -8.29 -74.19 33.02
N LYS H 331 -7.70 -75.31 33.42
CA LYS H 331 -7.31 -76.31 32.45
C LYS H 331 -8.51 -77.19 32.16
N GLN H 332 -9.03 -77.11 30.94
CA GLN H 332 -10.20 -77.92 30.56
C GLN H 332 -9.78 -79.19 29.84
N GLY H 333 -8.49 -79.32 29.56
CA GLY H 333 -8.02 -80.52 28.88
C GLY H 333 -8.54 -80.57 27.46
N GLN H 334 -8.05 -81.56 26.71
CA GLN H 334 -8.40 -81.75 25.31
C GLN H 334 -7.76 -80.60 24.53
N GLY H 335 -6.85 -79.89 25.21
CA GLY H 335 -6.15 -78.77 24.62
C GLY H 335 -6.99 -77.51 24.73
N GLN H 336 -8.13 -77.63 25.38
CA GLN H 336 -9.05 -76.50 25.57
C GLN H 336 -8.73 -75.79 26.88
N TRP H 337 -8.80 -74.46 26.88
CA TRP H 337 -8.53 -73.70 28.11
C TRP H 337 -9.58 -72.62 28.31
N THR H 338 -9.71 -72.12 29.53
CA THR H 338 -10.68 -71.06 29.83
C THR H 338 -10.08 -70.13 30.85
N TYR H 339 -10.49 -68.87 30.79
CA TYR H 339 -9.99 -67.88 31.73
C TYR H 339 -11.01 -66.80 32.04
N GLN H 340 -10.79 -66.08 33.12
CA GLN H 340 -11.67 -64.99 33.52
C GLN H 340 -10.79 -63.87 34.01
N ILE H 341 -11.19 -62.64 33.74
CA ILE H 341 -10.40 -61.49 34.15
C ILE H 341 -11.29 -60.60 34.97
N TYR H 342 -10.85 -60.24 36.17
CA TYR H 342 -11.66 -59.43 37.05
C TYR H 342 -10.85 -58.53 37.95
N GLN H 343 -11.55 -57.71 38.71
CA GLN H 343 -10.91 -56.81 39.64
C GLN H 343 -11.38 -57.09 41.06
N GLU H 344 -12.63 -57.54 41.14
CA GLU H 344 -13.26 -57.90 42.41
C GLU H 344 -13.92 -59.26 42.15
N PRO H 345 -13.88 -60.15 43.14
CA PRO H 345 -14.47 -61.49 43.01
C PRO H 345 -15.91 -61.50 42.54
N PHE H 346 -16.19 -62.35 41.54
CA PHE H 346 -17.51 -62.53 40.95
C PHE H 346 -17.96 -61.39 40.04
N LYS H 347 -17.05 -60.44 39.85
CA LYS H 347 -17.30 -59.28 39.03
C LYS H 347 -16.36 -59.36 37.82
N ASN H 348 -16.56 -60.41 37.02
CA ASN H 348 -15.74 -60.62 35.84
C ASN H 348 -15.83 -59.45 34.86
N LEU H 349 -14.70 -59.10 34.25
CA LEU H 349 -14.70 -58.02 33.28
C LEU H 349 -14.64 -58.62 31.89
N LYS H 350 -14.28 -59.90 31.83
CA LYS H 350 -14.23 -60.64 30.57
C LYS H 350 -14.07 -62.12 30.86
N THR H 351 -14.41 -62.96 29.88
CA THR H 351 -14.30 -64.41 30.00
C THR H 351 -14.25 -65.11 28.63
N GLY H 352 -13.13 -65.74 28.30
CA GLY H 352 -13.01 -66.43 27.03
C GLY H 352 -12.44 -67.83 27.14
N LYS H 353 -12.00 -68.38 26.01
CA LYS H 353 -11.40 -69.71 25.97
C LYS H 353 -10.10 -69.68 25.18
N TYR H 354 -9.51 -70.85 24.95
CA TYR H 354 -8.27 -70.92 24.20
C TYR H 354 -8.17 -72.30 23.55
N ALA H 355 -8.00 -72.29 22.22
CA ALA H 355 -7.92 -73.52 21.41
C ALA H 355 -6.55 -74.11 21.15
N ARG H 356 -6.53 -75.08 20.23
CA ARG H 356 -5.31 -75.80 19.84
C ARG H 356 -4.30 -75.03 19.00
N MET H 357 -3.07 -75.56 18.97
CA MET H 357 -1.96 -74.99 18.22
C MET H 357 -1.94 -75.41 16.76
N ARG H 358 -1.72 -74.43 15.89
CA ARG H 358 -1.65 -74.65 14.44
C ARG H 358 -0.17 -74.60 13.99
N GLY H 359 0.32 -75.74 13.51
CA GLY H 359 1.71 -75.84 13.06
C GLY H 359 2.61 -76.30 14.20
N ALA H 360 2.00 -76.63 15.35
CA ALA H 360 2.71 -77.08 16.54
C ALA H 360 2.10 -78.31 17.24
N HIS H 361 2.67 -78.64 18.41
CA HIS H 361 2.27 -79.78 19.23
C HIS H 361 1.48 -79.43 20.50
N THR H 362 1.01 -80.48 21.17
CA THR H 362 0.24 -80.37 22.42
C THR H 362 1.13 -80.62 23.65
N ASN H 363 1.83 -79.57 24.07
CA ASN H 363 2.71 -79.62 25.24
C ASN H 363 1.98 -78.80 26.29
N ASP H 364 1.40 -79.50 27.26
CA ASP H 364 0.66 -78.88 28.35
C ASP H 364 1.19 -77.49 28.76
N VAL H 365 2.45 -77.43 29.21
CA VAL H 365 3.04 -76.16 29.64
C VAL H 365 3.00 -75.08 28.57
N LYS H 366 3.63 -75.36 27.44
CA LYS H 366 3.69 -74.41 26.33
C LYS H 366 2.35 -73.73 26.12
N GLN H 367 1.29 -74.53 26.12
CA GLN H 367 -0.07 -74.02 25.93
C GLN H 367 -0.37 -72.88 26.90
N LEU H 368 -0.15 -73.12 28.20
CA LEU H 368 -0.39 -72.10 29.19
C LEU H 368 0.40 -70.86 28.77
N THR H 369 1.67 -71.07 28.50
CA THR H 369 2.54 -69.98 28.08
C THR H 369 1.87 -69.19 26.94
N GLU H 370 1.40 -69.90 25.92
CA GLU H 370 0.76 -69.23 24.82
C GLU H 370 -0.48 -68.56 25.37
N ALA H 371 -1.34 -69.34 26.01
CA ALA H 371 -2.57 -68.83 26.59
C ALA H 371 -2.35 -67.55 27.41
N VAL H 372 -1.35 -67.56 28.30
CA VAL H 372 -1.05 -66.39 29.15
C VAL H 372 -0.75 -65.15 28.32
N GLN H 373 0.05 -65.32 27.28
CA GLN H 373 0.40 -64.20 26.42
C GLN H 373 -0.87 -63.69 25.74
N LYS H 374 -1.68 -64.62 25.24
CA LYS H 374 -2.94 -64.31 24.57
C LYS H 374 -3.73 -63.37 25.49
N ILE H 375 -4.01 -63.84 26.70
CA ILE H 375 -4.77 -63.07 27.69
C ILE H 375 -4.14 -61.71 27.95
N THR H 376 -2.81 -61.64 27.98
CA THR H 376 -2.14 -60.38 28.27
C THR H 376 -2.37 -59.28 27.23
N THR H 377 -2.16 -59.58 25.94
CA THR H 377 -2.38 -58.58 24.88
C THR H 377 -3.82 -58.08 24.92
N GLU H 378 -4.77 -59.00 24.97
CA GLU H 378 -6.19 -58.64 25.03
C GLU H 378 -6.38 -57.62 26.14
N SER H 379 -5.63 -57.79 27.23
CA SER H 379 -5.71 -56.88 28.37
C SER H 379 -5.09 -55.55 27.99
N ILE H 380 -3.99 -55.61 27.24
CA ILE H 380 -3.33 -54.41 26.76
C ILE H 380 -4.24 -53.60 25.83
N VAL H 381 -4.81 -54.29 24.85
CA VAL H 381 -5.70 -53.65 23.89
C VAL H 381 -6.86 -52.97 24.59
N ILE H 382 -7.29 -53.54 25.72
CA ILE H 382 -8.60 -53.24 26.28
C ILE H 382 -8.51 -52.25 27.43
N TRP H 383 -7.43 -52.35 28.21
CA TRP H 383 -7.28 -51.55 29.41
C TRP H 383 -5.91 -50.87 29.45
N GLY H 384 -5.04 -51.26 28.52
CA GLY H 384 -3.64 -50.86 28.57
C GLY H 384 -3.00 -51.16 29.91
N LYS H 385 -3.38 -52.28 30.50
CA LYS H 385 -2.71 -52.79 31.70
C LYS H 385 -2.54 -54.30 31.65
N THR H 386 -1.61 -54.81 32.45
CA THR H 386 -1.36 -56.24 32.51
C THR H 386 -2.01 -56.87 33.73
N PRO H 387 -2.69 -58.00 33.53
CA PRO H 387 -3.29 -58.74 34.64
C PRO H 387 -2.26 -59.53 35.42
N LYS H 388 -2.47 -59.67 36.72
CA LYS H 388 -1.76 -60.67 37.52
C LYS H 388 -2.37 -62.05 37.33
N PHE H 389 -1.59 -62.97 36.76
CA PHE H 389 -2.07 -64.31 36.49
C PHE H 389 -1.99 -65.29 37.64
N LYS H 390 -3.05 -66.09 37.80
CA LYS H 390 -3.09 -67.13 38.81
C LYS H 390 -2.88 -68.40 37.99
N LEU H 391 -1.63 -68.77 37.81
CA LEU H 391 -1.27 -69.94 37.00
C LEU H 391 -1.53 -71.31 37.63
N PRO H 392 -2.27 -72.17 36.92
CA PRO H 392 -2.63 -73.53 37.32
C PRO H 392 -1.54 -74.55 37.00
N ILE H 393 -0.40 -74.39 37.64
CA ILE H 393 0.74 -75.28 37.43
C ILE H 393 1.73 -75.05 38.56
N GLN H 394 2.50 -76.07 38.93
CA GLN H 394 3.45 -75.95 40.03
C GLN H 394 4.54 -74.94 39.70
N LYS H 395 4.97 -74.18 40.71
CA LYS H 395 6.01 -73.19 40.50
C LYS H 395 7.20 -73.73 39.70
N GLU H 396 7.73 -74.87 40.13
CA GLU H 396 8.87 -75.46 39.44
C GLU H 396 8.58 -75.79 37.99
N THR H 397 7.59 -76.66 37.75
CA THR H 397 7.25 -77.03 36.38
C THR H 397 7.34 -75.80 35.48
N TRP H 398 6.63 -74.74 35.88
CA TRP H 398 6.60 -73.50 35.13
C TRP H 398 7.93 -72.78 35.07
N GLU H 399 8.52 -72.48 36.22
CA GLU H 399 9.81 -71.78 36.24
C GLU H 399 10.89 -72.56 35.49
N THR H 400 10.55 -73.79 35.11
CA THR H 400 11.49 -74.63 34.39
C THR H 400 11.43 -74.41 32.88
N TRP H 401 10.24 -74.19 32.35
CA TRP H 401 10.08 -74.02 30.90
C TRP H 401 9.29 -72.84 30.32
N TRP H 402 8.92 -71.85 31.13
CA TRP H 402 8.13 -70.80 30.51
C TRP H 402 8.98 -69.96 29.59
N THR H 403 10.24 -69.77 29.94
CA THR H 403 11.12 -68.96 29.10
C THR H 403 11.42 -69.68 27.79
N GLU H 404 11.47 -71.00 27.86
CA GLU H 404 11.77 -71.79 26.69
C GLU H 404 10.68 -71.69 25.62
N TYR H 405 9.52 -71.15 25.98
CA TYR H 405 8.43 -71.03 25.02
C TYR H 405 7.91 -69.60 24.87
N TRP H 406 8.36 -68.71 25.75
CA TRP H 406 7.93 -67.31 25.74
C TRP H 406 8.27 -66.57 24.44
N GLN H 407 7.38 -65.67 24.05
CA GLN H 407 7.58 -64.90 22.82
C GLN H 407 7.12 -63.45 22.83
N ALA H 408 7.14 -62.81 23.99
CA ALA H 408 6.73 -61.43 24.09
C ALA H 408 7.81 -60.60 24.78
N THR H 409 7.84 -59.31 24.45
CA THR H 409 8.81 -58.39 25.01
C THR H 409 8.51 -58.11 26.49
N TRP H 410 7.24 -58.12 26.86
CA TRP H 410 6.84 -57.90 28.25
C TRP H 410 6.62 -59.23 28.96
N ILE H 411 6.52 -59.17 30.29
CA ILE H 411 6.26 -60.37 31.07
C ILE H 411 5.29 -59.96 32.19
N PRO H 412 4.16 -60.68 32.31
CA PRO H 412 3.14 -60.41 33.32
C PRO H 412 3.61 -60.75 34.74
N GLU H 413 2.82 -60.37 35.73
CA GLU H 413 3.16 -60.65 37.12
C GLU H 413 2.34 -61.90 37.48
N TRP H 414 2.97 -63.07 37.43
CA TRP H 414 2.21 -64.28 37.74
C TRP H 414 2.23 -64.70 39.21
N GLU H 415 1.40 -65.70 39.51
CA GLU H 415 1.23 -66.26 40.85
C GLU H 415 0.69 -67.68 40.64
N PHE H 416 1.14 -68.63 41.47
CA PHE H 416 0.71 -70.02 41.33
C PHE H 416 -0.39 -70.42 42.28
N VAL H 417 -1.18 -71.40 41.84
CA VAL H 417 -2.29 -71.86 42.65
C VAL H 417 -2.84 -73.21 42.23
N ASN H 418 -3.27 -73.99 43.22
CA ASN H 418 -3.88 -75.28 42.93
C ASN H 418 -5.24 -75.34 43.61
N THR H 419 -6.26 -75.62 42.82
CA THR H 419 -7.63 -75.73 43.31
C THR H 419 -8.47 -76.42 42.21
N PRO H 420 -8.56 -77.74 42.30
CA PRO H 420 -9.30 -78.59 41.35
C PRO H 420 -10.73 -78.15 41.11
N PRO H 421 -11.41 -78.83 40.18
CA PRO H 421 -12.79 -78.59 39.78
C PRO H 421 -13.76 -79.16 40.81
N LEU H 422 -13.57 -78.77 42.07
CA LEU H 422 -14.42 -79.22 43.16
C LEU H 422 -15.84 -78.90 42.74
N VAL H 423 -16.01 -77.73 42.12
CA VAL H 423 -17.31 -77.26 41.64
C VAL H 423 -17.72 -78.04 40.38
N LYS H 424 -17.04 -79.17 40.18
CA LYS H 424 -17.26 -80.07 39.05
C LYS H 424 -17.45 -79.39 37.68
N LEU H 425 -16.35 -78.96 37.07
CA LEU H 425 -16.39 -78.33 35.75
C LEU H 425 -17.41 -77.18 35.70
N TRP H 426 -17.07 -76.16 36.46
CA TRP H 426 -17.86 -74.95 36.63
C TRP H 426 -17.84 -73.96 35.45
N TYR H 427 -16.91 -74.13 34.53
CA TYR H 427 -16.77 -73.23 33.38
C TYR H 427 -16.78 -73.88 32.00
N GLN H 428 -17.21 -75.14 31.93
CA GLN H 428 -17.18 -75.89 30.67
C GLN H 428 -18.54 -76.53 30.39
N GLY H 429 -18.79 -76.82 29.11
CA GLY H 429 -20.13 -77.11 28.65
C GLY H 429 -20.75 -78.30 29.35
#